data_8DF5
#
_entry.id   8DF5
#
_cell.length_a   78.531
_cell.length_b   126.773
_cell.length_c   145.663
_cell.angle_alpha   91.780
_cell.angle_beta   103.660
_cell.angle_gamma   96.020
#
_symmetry.space_group_name_H-M   'P 1'
#
loop_
_entity.id
_entity.type
_entity.pdbx_description
1 polymer 'S309 Fab Heavy Chain'
2 polymer 'S309 Fab Light Chain'
3 polymer 'Angiotensin-converting enzyme 2'
4 polymer 'S304 Fab Heavy Chain'
5 polymer 'S304 Fab Light Chain'
6 polymer 'Spike protein S1'
7 branched 2-acetamido-2-deoxy-beta-D-glucopyranose-(1-4)-2-acetamido-2-deoxy-beta-D-glucopyranose
8 non-polymer 1,2-ETHANEDIOL
9 non-polymer 'CHLORIDE ION'
10 non-polymer 'ZINC ION'
11 non-polymer 2-acetamido-2-deoxy-beta-D-glucopyranose
12 water water
#
loop_
_entity_poly.entity_id
_entity_poly.type
_entity_poly.pdbx_seq_one_letter_code
_entity_poly.pdbx_strand_id
1 'polypeptide(L)'
;QVQLVQSGAEVKKPGASVKVSCKASGYPFTSYGISWVRQAPGQGLEWMGWISTYNGNTNYAQKFQGRVTMTTDTSTTTGY
MELRRLRSDDTAVYYCARDYTRGAWFGESLIGGFDNWGQGTLVTVSSASTKGPSVFPLAPSSKSTSGGTAALGCLVKDYF
PEPVTVSWNSGALTSGVHTFPAVLQSSGLYSLSSVVTVPSSSLGTQTYICNVNHKPSNTKVDKKVEPKSC
;
A,C
2 'polypeptide(L)'
;EIVLTQSPGTLSLSPGERATLSCRASQTVSSTSLAWYQQKPGQAPRLLIYGASSRATGIPDRFSGSGSGTDFTLTISRLE
PEDFAVYYCQQHDTSLTFGGGTKVEIKRTVAAPSVFIFPPSDEQLKSGTASVVCLLNNFYPREAKVQWKVDNALQSGNSQ
ESVTEQDSKDSTYSLSSTLTLSKADYEKHKVYACEVTHQGLSSPVTKSFNRGEC
;
B,D
3 'polypeptide(L)'
;MSSSSWLLLSLVAVTAAQSTIEEQAKTFLDKFNHEAEDLFYQSSLASWNYNTNITEENVQNMNNAGDKWSAFLKEQSTLA
QMYPLQEIQNLTVKLQLQALQQNGSSVLSEDKSKRLNTILNTMSTIYSTGKVCNPDNPQECLLLEPGLNEIMANSLDYNE
RLWAWESWRSEVGKQLRPLYEEYVVLKNEMARANHYEDYGDYWRGDYEVNGVDGYDYSRGQLIEDVEHTFEEIKPLYEHL
HAYVRAKLMNAYPSYISPIGCLPAHLLGDMWGRFWTNLYSLTVPFGQKPNIDVTDAMVDQAWDAQRIFKEAEKFFVSVGL
PNMTQGFWENSMLTDPGNVQKAVCHPTAWDLGKGDFRILMCTKVTMDDFLTAHHEMGHIQYDMAYAAQPFLLRNGANEGF
HEAVGEIMSLSAATPKHLKSIGLLSPDFQEDNETEINFLLKQALTIVGTLPFTYMLEKWRWMVFKGEIPKDQWMKKWWEM
KREIVGVVEPVPHDETYCDPASLFHVSNDYSFIRYYTRTLYQFQFQEALCQAAKHEGPLHKCDISNSTEAGQKLFNMLRL
GKSEPWTLALENVVGAKNMNVRPLLNYFEPLFTWLKDQNKNSFVGWSTDWSPYADQSIKVRISLKSALGDKAYEWNDNEM
YLFRSSVAYAMRQYFLKVKNQMILFGEEDVRVANLKPRISFNFFVTAPKNVSDIIPRTEVEKAIRMSRSRINDAFRLNDN
SLEFLGIQPTLGPPNQPPVSIWLIVFGVVMGVIVVGIVILIFTGIRDRKKKNKARSGENPYASIDISKGENNPGFQNTDD
VQTSF
;
E,F
4 'polypeptide(L)'
;QVQLVESGGGLVQPGGSLRLSCAASGFTFSSYDMHWVRQTTGKGLEWVSTIGTAGDTYYPDSVKGRFTISREDAKNSLYL
QMNSLRAGDTAVYYCARGDSSGYYYYFDYWGQGTLLTVSSASTKGPSVFPLAPSSKSTSGGTAALGCLVKDYFPEPVTVS
WNSGALTSGVHTFPAVLQSSGLYSLSSVVTVPSSSLGTQTYICNVNHKPSNTKVDKKVEPKAC
;
H,M
5 'polypeptide(L)'
;DIQMTQSPSSLSAAVGDRVTITCRASQSIGSYLNWYQQKPGKAPKLLIYAASSLQSGVPSRFSGSGSGTDFTLTISSLQP
EDFAIYYCQQSYVSPTYTFGPGTKVDIKRTVAAPSVFIFPPSDEQLKSGTASVVCLLNNFYPREAKVQWKVDNALQSGNS
QESVTEQDSKDSTYSLSSTLTLSKADYEKHKVYACEVTHQGLSSPVTKSFNRGEC
;
L,N
6 'polypeptide(L)'
;MGILPSPGMPALLSLVSLLSVLLMGCVAETGTRFPNITNLCPFGEVFNATRFASVYAWNRKRISNCVADYSVLYNSASFS
TFKCYGVSPTKLNDLCFTNVYADSFVIRGDEVRQIAPGQTGNIADYNYKLPDDFTGCVIAWNSNNLDSKVGGNYNYLYRL
FRKSNLKPFERDISTEIYQAGSTPCNGVKGFNCYFPLQSYGFQPTYGVGYQPYRVVVLSFELLHAPATVCGPKKSTHHHH
HHHHGGSSGLNDIFEAQKIEWHE
;
R,S
#
loop_
_chem_comp.id
_chem_comp.type
_chem_comp.name
_chem_comp.formula
CL non-polymer 'CHLORIDE ION' 'Cl -1'
EDO non-polymer 1,2-ETHANEDIOL 'C2 H6 O2'
NAG D-saccharide, beta linking 2-acetamido-2-deoxy-beta-D-glucopyranose 'C8 H15 N O6'
ZN non-polymer 'ZINC ION' 'Zn 2'
#
# COMPACT_ATOMS: atom_id res chain seq x y z
N GLN A 1 64.03 16.89 9.42
CA GLN A 1 63.29 16.62 10.65
C GLN A 1 63.83 15.36 11.37
N VAL A 2 64.00 14.23 10.67
CA VAL A 2 64.55 13.03 11.31
C VAL A 2 66.05 13.19 11.48
N GLN A 3 66.55 12.92 12.68
CA GLN A 3 67.96 13.13 12.99
C GLN A 3 68.42 12.17 14.07
N LEU A 4 69.56 11.50 13.81
CA LEU A 4 70.22 10.65 14.78
C LEU A 4 71.61 11.22 15.05
N VAL A 5 71.90 11.52 16.31
CA VAL A 5 73.16 12.15 16.70
C VAL A 5 73.94 11.21 17.62
N GLN A 6 75.12 10.79 17.17
CA GLN A 6 75.91 9.82 17.92
C GLN A 6 76.93 10.54 18.78
N SER A 7 77.36 9.88 19.85
CA SER A 7 78.33 10.45 20.78
C SER A 7 79.71 10.57 20.11
N GLY A 8 80.64 11.25 20.80
CA GLY A 8 81.92 11.59 20.23
C GLY A 8 82.87 10.41 20.15
N ALA A 9 84.03 10.65 19.56
CA ALA A 9 85.02 9.60 19.31
C ALA A 9 85.58 9.06 20.62
N GLU A 10 86.08 7.82 20.55
CA GLU A 10 86.55 7.09 21.71
C GLU A 10 87.88 6.42 21.39
N VAL A 11 88.75 6.38 22.40
CA VAL A 11 89.99 5.62 22.36
C VAL A 11 90.01 4.71 23.57
N LYS A 12 90.29 3.43 23.36
CA LYS A 12 90.21 2.43 24.40
C LYS A 12 91.37 1.46 24.27
N LYS A 13 91.80 0.90 25.40
CA LYS A 13 92.85 -0.12 25.36
C LYS A 13 92.22 -1.50 25.14
N PRO A 14 93.00 -2.49 24.70
CA PRO A 14 92.42 -3.83 24.46
C PRO A 14 91.86 -4.42 25.74
N GLY A 15 90.71 -5.10 25.61
CA GLY A 15 90.07 -5.68 26.76
C GLY A 15 89.17 -4.72 27.54
N ALA A 16 89.18 -3.44 27.22
CA ALA A 16 88.26 -2.45 27.78
C ALA A 16 86.90 -2.57 27.10
N SER A 17 85.95 -1.73 27.52
CA SER A 17 84.63 -1.67 26.90
C SER A 17 84.32 -0.24 26.46
N VAL A 18 83.38 -0.09 25.52
CA VAL A 18 82.96 1.22 25.02
C VAL A 18 81.43 1.24 24.94
N LYS A 19 80.84 2.38 25.28
CA LYS A 19 79.41 2.61 25.14
C LYS A 19 79.20 3.81 24.24
N VAL A 20 78.54 3.58 23.10
CA VAL A 20 78.23 4.63 22.13
C VAL A 20 76.73 4.91 22.18
N SER A 21 76.37 6.20 22.19
CA SER A 21 74.99 6.61 22.26
C SER A 21 74.52 7.16 20.92
N CYS A 22 73.19 7.18 20.78
CA CYS A 22 72.53 7.54 19.52
C CYS A 22 71.21 8.23 19.90
N LYS A 23 71.21 9.57 19.88
CA LYS A 23 70.04 10.36 20.23
C LYS A 23 69.14 10.53 19.00
N ALA A 24 67.92 10.02 19.08
CA ALA A 24 66.96 10.07 17.99
C ALA A 24 66.01 11.25 18.15
N SER A 25 65.60 11.82 17.02
CA SER A 25 64.62 12.92 17.08
C SER A 25 63.90 13.05 15.74
N GLY A 26 62.68 13.57 15.81
CA GLY A 26 61.92 13.88 14.62
C GLY A 26 60.99 12.81 14.12
N TYR A 27 60.73 11.78 14.92
CA TYR A 27 59.85 10.68 14.52
C TYR A 27 59.39 9.98 15.78
N PRO A 28 58.32 9.17 15.71
CA PRO A 28 57.89 8.42 16.92
C PRO A 28 58.94 7.38 17.28
N PHE A 29 59.57 7.54 18.44
CA PHE A 29 60.79 6.79 18.73
C PHE A 29 60.53 5.30 18.84
N THR A 30 59.48 4.91 19.58
CA THR A 30 59.16 3.52 19.88
C THR A 30 58.48 2.80 18.73
N SER A 31 58.29 3.45 17.58
CA SER A 31 57.71 2.76 16.43
C SER A 31 58.75 2.11 15.51
N TYR A 32 60.01 2.52 15.59
CA TYR A 32 61.06 2.00 14.74
C TYR A 32 62.14 1.40 15.61
N GLY A 33 62.66 0.25 15.21
CA GLY A 33 63.82 -0.28 15.88
C GLY A 33 65.06 0.52 15.56
N ILE A 34 66.15 0.20 16.25
CA ILE A 34 67.45 0.79 15.95
C ILE A 34 68.41 -0.32 15.61
N SER A 35 69.04 -0.22 14.43
CA SER A 35 70.08 -1.15 14.03
C SER A 35 71.45 -0.48 14.15
N TRP A 36 72.48 -1.29 14.32
CA TRP A 36 73.84 -0.81 14.47
C TRP A 36 74.75 -1.55 13.50
N VAL A 37 75.63 -0.76 12.85
CA VAL A 37 76.53 -1.20 11.79
C VAL A 37 77.89 -0.58 12.07
N ARG A 38 78.96 -1.26 11.66
CA ARG A 38 80.30 -0.72 11.87
C ARG A 38 81.11 -0.87 10.58
N GLN A 39 82.16 -0.06 10.47
CA GLN A 39 82.99 0.01 9.27
C GLN A 39 84.45 0.25 9.66
N ALA A 40 85.28 -0.77 9.46
CA ALA A 40 86.70 -0.64 9.76
C ALA A 40 87.36 0.25 8.72
N PRO A 41 88.50 0.86 9.04
CA PRO A 41 89.15 1.77 8.09
C PRO A 41 89.35 1.11 6.74
N GLY A 42 88.72 1.65 5.71
CA GLY A 42 88.89 1.19 4.34
C GLY A 42 88.18 -0.08 3.98
N GLN A 43 87.24 -0.55 4.78
CA GLN A 43 86.57 -1.83 4.55
C GLN A 43 85.07 -1.60 4.36
N GLY A 44 84.32 -2.68 4.19
CA GLY A 44 82.88 -2.59 3.96
C GLY A 44 82.09 -2.41 5.23
N LEU A 45 80.76 -2.39 5.06
CA LEU A 45 79.82 -2.26 6.18
C LEU A 45 79.60 -3.62 6.82
N GLU A 46 79.46 -3.62 8.15
CA GLU A 46 79.30 -4.86 8.92
C GLU A 46 78.17 -4.70 9.91
N TRP A 47 77.15 -5.54 9.79
CA TRP A 47 76.00 -5.42 10.66
C TRP A 47 76.34 -5.95 12.03
N MET A 48 75.94 -5.20 13.06
CA MET A 48 76.15 -5.60 14.45
C MET A 48 74.87 -6.13 15.09
N GLY A 49 73.76 -5.42 14.96
CA GLY A 49 72.55 -5.94 15.57
C GLY A 49 71.39 -4.97 15.52
N TRP A 50 70.30 -5.38 16.16
CA TRP A 50 69.04 -4.63 16.13
C TRP A 50 68.41 -4.66 17.51
N ILE A 51 67.73 -3.58 17.88
CA ILE A 51 67.04 -3.51 19.16
C ILE A 51 65.65 -2.90 18.93
N SER A 52 64.66 -3.43 19.65
CA SER A 52 63.32 -2.85 19.64
C SER A 52 63.25 -1.72 20.65
N THR A 53 62.86 -0.53 20.18
CA THR A 53 62.58 0.59 21.06
C THR A 53 61.28 0.41 21.82
N TYR A 54 60.46 -0.57 21.45
CA TYR A 54 59.18 -0.75 22.10
C TYR A 54 59.30 -1.67 23.32
N ASN A 55 59.99 -2.80 23.17
CA ASN A 55 60.07 -3.80 24.23
C ASN A 55 61.50 -4.23 24.56
N GLY A 56 62.51 -3.60 23.97
CA GLY A 56 63.87 -3.91 24.34
C GLY A 56 64.39 -5.24 23.84
N ASN A 57 63.63 -5.95 23.01
CA ASN A 57 64.13 -7.18 22.41
C ASN A 57 65.34 -6.88 21.53
N THR A 58 66.26 -7.83 21.46
CA THR A 58 67.47 -7.62 20.69
C THR A 58 67.70 -8.78 19.75
N ASN A 59 68.52 -8.53 18.75
CA ASN A 59 68.94 -9.56 17.79
C ASN A 59 70.34 -9.19 17.36
N TYR A 60 71.31 -10.00 17.75
CA TYR A 60 72.71 -9.67 17.52
C TYR A 60 73.29 -10.57 16.44
N ALA A 61 74.26 -10.01 15.72
CA ALA A 61 75.01 -10.81 14.77
C ALA A 61 75.82 -11.83 15.55
N GLN A 62 75.85 -13.07 15.05
CA GLN A 62 76.56 -14.14 15.75
C GLN A 62 78.00 -13.73 16.09
N LYS A 63 78.62 -12.88 15.26
CA LYS A 63 80.02 -12.48 15.47
C LYS A 63 80.23 -11.75 16.79
N PHE A 64 79.20 -11.08 17.33
CA PHE A 64 79.36 -10.31 18.56
C PHE A 64 78.45 -10.81 19.67
N GLN A 65 77.96 -12.05 19.58
CA GLN A 65 76.83 -12.47 20.41
C GLN A 65 77.12 -12.33 21.90
N GLY A 66 78.30 -12.71 22.34
CA GLY A 66 78.60 -12.62 23.74
C GLY A 66 79.32 -11.36 24.19
N ARG A 67 79.55 -10.40 23.29
CA ARG A 67 80.36 -9.25 23.64
C ARG A 67 79.63 -7.92 23.55
N VAL A 68 78.45 -7.88 22.92
CA VAL A 68 77.74 -6.63 22.67
C VAL A 68 76.44 -6.64 23.43
N THR A 69 75.98 -5.45 23.81
CA THR A 69 74.72 -5.26 24.51
C THR A 69 74.09 -3.95 24.06
N MET A 70 72.86 -4.01 23.57
CA MET A 70 72.14 -2.85 23.10
C MET A 70 71.05 -2.47 24.10
N THR A 71 70.82 -1.18 24.28
CA THR A 71 69.79 -0.71 25.20
C THR A 71 69.11 0.52 24.60
N THR A 72 67.96 0.88 25.17
CA THR A 72 67.26 2.10 24.77
C THR A 72 66.68 2.77 26.00
N ASP A 73 66.59 4.09 25.93
CA ASP A 73 65.88 4.88 26.92
C ASP A 73 64.79 5.66 26.20
N THR A 74 63.53 5.43 26.58
CA THR A 74 62.42 6.09 25.92
C THR A 74 62.36 7.56 26.28
N SER A 75 62.61 7.88 27.56
CA SER A 75 62.54 9.27 28.01
C SER A 75 63.41 10.18 27.16
N THR A 76 64.64 9.75 26.87
CA THR A 76 65.58 10.56 26.10
C THR A 76 65.66 10.13 24.65
N THR A 77 64.76 9.24 24.22
CA THR A 77 64.76 8.68 22.86
C THR A 77 66.19 8.42 22.38
N THR A 78 66.91 7.64 23.18
CA THR A 78 68.31 7.39 22.92
C THR A 78 68.59 5.90 22.92
N GLY A 79 69.33 5.44 21.93
CA GLY A 79 69.82 4.08 21.92
C GLY A 79 71.27 4.04 22.32
N TYR A 80 71.70 2.87 22.77
CA TYR A 80 73.07 2.67 23.21
C TYR A 80 73.57 1.32 22.73
N MET A 81 74.84 1.28 22.32
CA MET A 81 75.53 0.06 21.95
C MET A 81 76.80 -0.03 22.79
N GLU A 82 76.89 -1.06 23.63
CA GLU A 82 78.08 -1.32 24.43
C GLU A 82 78.81 -2.53 23.85
N LEU A 83 80.09 -2.35 23.56
CA LEU A 83 80.94 -3.46 23.12
C LEU A 83 82.09 -3.61 24.10
N ARG A 84 82.28 -4.81 24.61
CA ARG A 84 83.28 -5.06 25.65
C ARG A 84 84.31 -6.05 25.12
N ARG A 85 85.32 -6.32 25.95
CA ARG A 85 86.46 -7.16 25.58
C ARG A 85 87.02 -6.70 24.23
N LEU A 86 87.28 -5.40 24.15
CA LEU A 86 87.60 -4.77 22.87
C LEU A 86 88.90 -5.34 22.32
N ARG A 87 88.88 -5.70 21.04
CA ARG A 87 90.07 -6.14 20.33
C ARG A 87 90.61 -4.98 19.49
N SER A 88 91.89 -5.08 19.12
CA SER A 88 92.49 -4.07 18.26
C SER A 88 91.66 -3.87 17.00
N ASP A 89 91.31 -4.97 16.32
CA ASP A 89 90.59 -4.88 15.07
C ASP A 89 89.11 -4.59 15.26
N ASP A 90 88.69 -4.24 16.47
CA ASP A 90 87.40 -3.60 16.66
C ASP A 90 87.45 -2.13 16.33
N THR A 91 88.63 -1.61 15.97
CA THR A 91 88.75 -0.22 15.59
C THR A 91 87.92 0.05 14.35
N ALA A 92 86.99 0.99 14.44
CA ALA A 92 86.09 1.25 13.31
C ALA A 92 85.19 2.43 13.64
N VAL A 93 84.48 2.89 12.61
CA VAL A 93 83.39 3.84 12.80
C VAL A 93 82.10 3.06 13.03
N TYR A 94 81.37 3.41 14.08
CA TYR A 94 80.15 2.73 14.50
C TYR A 94 78.96 3.65 14.21
N TYR A 95 78.05 3.19 13.35
CA TYR A 95 76.82 3.90 13.00
C TYR A 95 75.61 3.27 13.68
N CYS A 96 74.72 4.11 14.18
CA CYS A 96 73.35 3.71 14.45
C CYS A 96 72.45 4.13 13.29
N ALA A 97 71.32 3.45 13.16
CA ALA A 97 70.41 3.76 12.07
C ALA A 97 69.00 3.38 12.47
N ARG A 98 68.04 4.15 11.96
CA ARG A 98 66.64 3.82 12.18
C ARG A 98 66.27 2.64 11.32
N ASP A 99 65.68 1.62 11.94
CA ASP A 99 65.44 0.35 11.27
C ASP A 99 63.99 0.23 10.80
N TYR A 100 63.82 -0.21 9.56
CA TYR A 100 62.56 -0.69 9.01
C TYR A 100 62.80 -2.01 8.27
N THR A 101 63.52 -2.92 8.94
CA THR A 101 63.69 -4.29 8.50
C THR A 101 63.10 -5.29 9.48
N ARG A 102 62.90 -4.90 10.75
CA ARG A 102 62.35 -5.75 11.80
C ARG A 102 61.46 -4.92 12.71
N GLY A 103 60.28 -5.45 13.00
CA GLY A 103 59.26 -4.66 13.68
C GLY A 103 59.59 -4.45 15.14
N ALA A 104 59.32 -3.23 15.61
CA ALA A 104 59.57 -2.91 17.01
C ALA A 104 58.69 -3.74 17.94
N TRP A 105 57.40 -3.87 17.60
CA TRP A 105 56.45 -4.59 18.45
C TRP A 105 56.55 -6.10 18.26
N PHE A 106 56.53 -6.57 17.02
CA PHE A 106 56.38 -7.98 16.77
C PHE A 106 57.65 -8.65 16.30
N GLY A 107 58.65 -7.87 15.88
CA GLY A 107 59.92 -8.45 15.54
C GLY A 107 59.93 -9.28 14.29
N GLU A 108 59.01 -9.02 13.36
CA GLU A 108 58.93 -9.73 12.09
C GLU A 108 59.39 -8.83 10.94
N SER A 109 59.72 -9.44 9.81
CA SER A 109 60.45 -8.71 8.78
C SER A 109 59.58 -7.70 8.05
N LEU A 110 60.17 -6.55 7.74
CA LEU A 110 59.45 -5.44 7.11
C LEU A 110 60.06 -5.12 5.76
N ILE A 111 59.23 -4.63 4.85
CA ILE A 111 59.69 -4.12 3.56
C ILE A 111 60.31 -2.74 3.79
N GLY A 112 61.63 -2.65 3.72
CA GLY A 112 62.32 -1.42 4.01
C GLY A 112 63.78 -1.72 4.29
N GLY A 113 64.49 -0.68 4.72
CA GLY A 113 65.92 -0.83 4.98
C GLY A 113 66.36 -0.05 6.19
N PHE A 114 67.64 0.32 6.25
CA PHE A 114 68.12 1.28 7.25
C PHE A 114 67.97 2.67 6.62
N ASP A 115 66.96 3.43 7.03
CA ASP A 115 66.58 4.60 6.24
C ASP A 115 67.16 5.91 6.72
N ASN A 116 67.63 5.98 7.96
CA ASN A 116 68.26 7.20 8.47
C ASN A 116 69.45 6.76 9.28
N TRP A 117 70.58 7.46 9.13
CA TRP A 117 71.85 7.05 9.73
C TRP A 117 72.42 8.17 10.57
N GLY A 118 73.01 7.80 11.70
CA GLY A 118 73.81 8.75 12.44
C GLY A 118 75.07 9.11 11.69
N GLN A 119 75.77 10.13 12.21
CA GLN A 119 76.99 10.59 11.57
C GLN A 119 78.16 9.64 11.79
N GLY A 120 78.05 8.73 12.75
CA GLY A 120 79.06 7.73 13.05
C GLY A 120 79.95 8.14 14.21
N THR A 121 80.51 7.15 14.89
CA THR A 121 81.37 7.36 16.05
C THR A 121 82.62 6.51 15.89
N LEU A 122 83.78 7.17 15.82
CA LEU A 122 85.04 6.45 15.69
C LEU A 122 85.49 5.88 17.03
N VAL A 123 85.74 4.58 17.08
CA VAL A 123 86.29 3.91 18.25
C VAL A 123 87.62 3.30 17.85
N THR A 124 88.70 3.77 18.48
CA THR A 124 90.06 3.33 18.22
C THR A 124 90.52 2.43 19.37
N VAL A 125 90.81 1.17 19.07
CA VAL A 125 91.27 0.22 20.08
C VAL A 125 92.75 -0.05 19.84
N SER A 126 93.57 0.38 20.78
CA SER A 126 95.01 0.25 20.63
C SER A 126 95.65 0.29 22.00
N SER A 127 96.69 -0.52 22.18
CA SER A 127 97.49 -0.41 23.40
C SER A 127 98.29 0.87 23.46
N ALA A 128 98.31 1.67 22.38
CA ALA A 128 99.10 2.88 22.36
C ALA A 128 98.51 3.92 23.33
N SER A 129 99.24 5.01 23.50
CA SER A 129 98.81 6.14 24.33
C SER A 129 99.01 7.41 23.52
N THR A 130 98.23 8.43 23.87
CA THR A 130 98.21 9.67 23.10
C THR A 130 99.61 10.25 22.94
N LYS A 131 99.97 10.58 21.70
CA LYS A 131 101.27 11.16 21.36
C LYS A 131 101.14 12.02 20.11
N GLY A 132 101.68 13.24 20.18
CA GLY A 132 101.68 14.14 19.05
C GLY A 132 102.76 13.81 18.05
N PRO A 133 102.55 14.20 16.79
CA PRO A 133 103.47 13.80 15.73
C PRO A 133 104.77 14.58 15.74
N SER A 134 105.81 13.91 15.24
CA SER A 134 107.03 14.58 14.82
C SER A 134 106.89 14.96 13.34
N VAL A 135 107.23 16.20 13.03
CA VAL A 135 107.08 16.71 11.67
C VAL A 135 108.48 16.92 11.10
N PHE A 136 108.78 16.20 10.02
CA PHE A 136 110.07 16.27 9.35
C PHE A 136 109.89 16.77 7.93
N PRO A 137 110.89 17.45 7.38
CA PRO A 137 110.74 17.98 6.02
C PRO A 137 111.08 16.98 4.92
N LEU A 138 110.26 17.01 3.87
CA LEU A 138 110.53 16.34 2.59
C LEU A 138 110.95 17.45 1.64
N ALA A 139 112.26 17.70 1.57
CA ALA A 139 112.86 18.87 0.95
C ALA A 139 112.90 18.71 -0.56
N PRO A 140 112.68 19.80 -1.30
CA PRO A 140 112.75 19.73 -2.76
C PRO A 140 114.16 19.42 -3.26
N SER A 141 114.23 18.63 -4.32
CA SER A 141 115.50 18.12 -4.81
C SER A 141 116.33 19.19 -5.51
N SER A 142 117.65 19.10 -5.36
CA SER A 142 118.57 19.90 -6.16
C SER A 142 118.48 19.54 -7.64
N LYS A 143 117.94 18.36 -7.96
CA LYS A 143 117.74 17.94 -9.34
C LYS A 143 116.36 18.41 -9.83
N GLY A 148 110.59 24.42 -14.52
CA GLY A 148 109.56 23.39 -14.42
C GLY A 148 108.86 23.33 -13.08
N THR A 149 108.56 22.13 -12.60
CA THR A 149 107.79 21.93 -11.38
C THR A 149 108.62 21.15 -10.37
N ALA A 150 108.60 21.62 -9.12
CA ALA A 150 109.24 20.93 -8.02
C ALA A 150 108.19 20.42 -7.05
N ALA A 151 108.58 19.47 -6.20
CA ALA A 151 107.67 18.90 -5.21
C ALA A 151 108.32 18.95 -3.84
N LEU A 152 107.54 19.32 -2.82
CA LEU A 152 108.05 19.36 -1.45
C LEU A 152 106.93 18.88 -0.52
N GLY A 153 107.26 18.68 0.74
CA GLY A 153 106.25 18.16 1.63
C GLY A 153 106.72 18.04 3.07
N CYS A 154 105.85 17.41 3.85
CA CYS A 154 106.03 17.20 5.28
C CYS A 154 105.69 15.76 5.62
N LEU A 155 106.58 15.11 6.36
CA LEU A 155 106.30 13.80 6.95
C LEU A 155 105.82 14.01 8.38
N VAL A 156 104.59 13.56 8.67
CA VAL A 156 103.95 13.71 9.98
C VAL A 156 103.90 12.31 10.57
N LYS A 157 104.82 12.00 11.48
CA LYS A 157 105.10 10.61 11.86
C LYS A 157 104.91 10.36 13.35
N ASP A 158 104.53 9.13 13.68
CA ASP A 158 104.54 8.61 15.06
C ASP A 158 103.61 9.41 15.96
N TYR A 159 102.32 9.44 15.58
CA TYR A 159 101.29 10.10 16.36
C TYR A 159 100.14 9.14 16.63
N PHE A 160 99.35 9.47 17.66
CA PHE A 160 98.23 8.62 18.05
C PHE A 160 97.34 9.39 18.98
N PRO A 161 96.02 9.34 18.82
CA PRO A 161 95.27 8.63 17.78
C PRO A 161 95.05 9.48 16.54
N GLU A 162 94.24 9.00 15.61
CA GLU A 162 93.70 9.85 14.56
C GLU A 162 92.79 10.90 15.18
N PRO A 163 92.59 12.04 14.49
CA PRO A 163 93.19 12.49 13.24
C PRO A 163 94.11 13.70 13.42
N VAL A 164 94.92 13.98 12.42
CA VAL A 164 95.60 15.27 12.30
C VAL A 164 95.06 15.96 11.06
N THR A 165 95.24 17.27 11.02
CA THR A 165 94.96 18.05 9.84
C THR A 165 96.21 18.80 9.42
N VAL A 166 96.34 19.05 8.13
CA VAL A 166 97.53 19.68 7.57
C VAL A 166 97.10 20.71 6.54
N SER A 167 97.63 21.94 6.67
CA SER A 167 97.46 22.97 5.66
C SER A 167 98.82 23.52 5.26
N TRP A 168 98.82 24.39 4.25
CA TRP A 168 100.05 24.98 3.73
C TRP A 168 99.93 26.49 3.68
N ASN A 169 100.94 27.17 4.22
CA ASN A 169 100.94 28.63 4.32
C ASN A 169 99.64 29.14 4.96
N SER A 170 99.17 28.41 5.97
CA SER A 170 98.00 28.75 6.75
C SER A 170 96.74 28.80 5.89
N GLY A 171 96.73 28.03 4.80
CA GLY A 171 95.61 27.98 3.91
C GLY A 171 95.77 28.80 2.65
N ALA A 172 96.85 29.56 2.51
CA ALA A 172 97.02 30.33 1.29
C ALA A 172 97.40 29.44 0.12
N LEU A 173 97.98 28.29 0.40
CA LEU A 173 98.45 27.37 -0.62
C LEU A 173 97.54 26.14 -0.60
N THR A 174 96.74 25.99 -1.67
CA THR A 174 95.84 24.84 -1.74
C THR A 174 96.05 24.08 -3.04
N SER A 175 96.37 24.80 -4.12
CA SER A 175 96.57 24.17 -5.40
C SER A 175 97.74 23.20 -5.34
N GLY A 176 97.54 22.01 -5.91
CA GLY A 176 98.62 21.05 -5.99
C GLY A 176 98.89 20.28 -4.71
N VAL A 177 98.04 20.41 -3.70
CA VAL A 177 98.27 19.75 -2.41
C VAL A 177 97.63 18.37 -2.40
N HIS A 178 98.38 17.41 -1.89
CA HIS A 178 97.89 16.07 -1.61
C HIS A 178 98.30 15.72 -0.19
N THR A 179 97.35 15.58 0.71
CA THR A 179 97.62 15.10 2.06
C THR A 179 97.15 13.65 2.15
N PHE A 180 98.10 12.75 2.28
CA PHE A 180 97.79 11.34 2.12
C PHE A 180 97.04 10.80 3.34
N PRO A 181 96.17 9.82 3.14
CA PRO A 181 95.60 9.11 4.28
C PRO A 181 96.70 8.49 5.12
N ALA A 182 96.51 8.54 6.43
CA ALA A 182 97.48 7.97 7.35
C ALA A 182 97.58 6.46 7.17
N VAL A 183 98.73 5.91 7.52
CA VAL A 183 98.93 4.48 7.59
C VAL A 183 99.20 4.14 9.04
N LEU A 184 98.85 2.92 9.42
CA LEU A 184 99.12 2.45 10.77
C LEU A 184 100.46 1.72 10.74
N GLN A 185 101.45 2.28 11.43
CA GLN A 185 102.77 1.67 11.45
C GLN A 185 102.76 0.43 12.34
N SER A 186 103.77 -0.42 12.16
CA SER A 186 103.89 -1.61 13.00
C SER A 186 104.11 -1.26 14.47
N SER A 187 104.49 -0.02 14.77
CA SER A 187 104.63 0.46 16.13
C SER A 187 103.30 0.75 16.80
N GLY A 188 102.19 0.67 16.05
CA GLY A 188 100.90 1.11 16.53
C GLY A 188 100.66 2.60 16.44
N LEU A 189 101.60 3.35 15.90
CA LEU A 189 101.41 4.79 15.73
C LEU A 189 101.15 5.11 14.26
N TYR A 190 100.44 6.20 14.03
CA TYR A 190 100.06 6.59 12.70
C TYR A 190 101.13 7.46 12.05
N SER A 191 101.11 7.49 10.73
CA SER A 191 102.03 8.34 9.98
C SER A 191 101.42 8.72 8.64
N LEU A 192 101.65 9.96 8.22
CA LEU A 192 101.18 10.43 6.92
C LEU A 192 102.20 11.39 6.33
N SER A 193 101.93 11.80 5.09
CA SER A 193 102.75 12.77 4.38
C SER A 193 101.82 13.74 3.68
N SER A 194 102.19 15.01 3.66
CA SER A 194 101.48 16.01 2.87
C SER A 194 102.46 16.62 1.89
N VAL A 195 102.12 16.61 0.61
CA VAL A 195 103.03 17.11 -0.41
C VAL A 195 102.32 18.17 -1.26
N VAL A 196 103.12 18.96 -1.95
CA VAL A 196 102.62 19.99 -2.85
C VAL A 196 103.66 20.22 -3.94
N THR A 197 103.18 20.46 -5.16
CA THR A 197 104.03 20.83 -6.27
C THR A 197 103.96 22.34 -6.46
N VAL A 198 105.12 22.95 -6.71
CA VAL A 198 105.22 24.41 -6.83
C VAL A 198 106.11 24.72 -8.03
N PRO A 199 106.11 25.96 -8.53
CA PRO A 199 107.12 26.34 -9.52
C PRO A 199 108.51 26.30 -8.91
N SER A 200 109.46 25.69 -9.62
CA SER A 200 110.83 25.64 -9.13
C SER A 200 111.38 27.03 -8.85
N SER A 201 111.06 28.00 -9.72
CA SER A 201 111.47 29.38 -9.50
C SER A 201 111.03 29.90 -8.12
N SER A 202 109.88 29.43 -7.62
CA SER A 202 109.39 29.94 -6.35
C SER A 202 110.29 29.53 -5.18
N LEU A 203 111.02 28.41 -5.29
CA LEU A 203 111.64 27.79 -4.13
C LEU A 203 112.64 28.71 -3.44
N GLY A 204 113.40 29.47 -4.20
CA GLY A 204 114.38 30.36 -3.59
C GLY A 204 113.75 31.49 -2.79
N THR A 205 112.61 31.98 -3.24
CA THR A 205 112.01 33.18 -2.67
C THR A 205 110.79 32.90 -1.82
N GLN A 206 109.82 32.16 -2.36
CA GLN A 206 108.60 31.91 -1.62
C GLN A 206 108.89 30.98 -0.45
N THR A 207 108.20 31.19 0.65
CA THR A 207 108.31 30.33 1.83
C THR A 207 107.22 29.26 1.80
N TYR A 208 107.56 28.07 2.28
CA TYR A 208 106.62 26.97 2.30
C TYR A 208 106.59 26.36 3.70
N ILE A 209 105.47 26.53 4.38
CA ILE A 209 105.28 26.01 5.75
C ILE A 209 104.09 25.07 5.75
N CYS A 210 104.26 23.88 6.33
CA CYS A 210 103.14 22.99 6.59
C CYS A 210 102.71 23.22 8.03
N ASN A 211 101.44 23.51 8.21
CA ASN A 211 100.84 23.69 9.53
C ASN A 211 100.12 22.40 9.86
N VAL A 212 100.60 21.69 10.87
CA VAL A 212 100.06 20.40 11.28
C VAL A 212 99.44 20.58 12.66
N ASN A 213 98.20 20.11 12.79
CA ASN A 213 97.48 20.20 14.05
C ASN A 213 96.94 18.82 14.41
N HIS A 214 97.25 18.37 15.62
CA HIS A 214 96.78 17.08 16.15
C HIS A 214 96.13 17.40 17.51
N LYS A 215 94.82 17.69 17.48
CA LYS A 215 94.12 18.05 18.71
C LYS A 215 94.14 16.97 19.79
N PRO A 216 94.09 15.65 19.48
CA PRO A 216 94.09 14.66 20.58
C PRO A 216 95.23 14.79 21.57
N SER A 217 96.38 15.34 21.17
CA SER A 217 97.45 15.65 22.09
C SER A 217 97.63 17.16 22.27
N ASN A 218 96.71 17.94 21.68
CA ASN A 218 96.80 19.41 21.63
C ASN A 218 98.16 19.86 21.11
N THR A 219 98.63 19.17 20.06
CA THR A 219 99.90 19.50 19.43
C THR A 219 99.66 20.35 18.18
N LYS A 220 100.44 21.41 18.03
CA LYS A 220 100.44 22.21 16.83
C LYS A 220 101.87 22.49 16.42
N VAL A 221 102.20 22.27 15.15
CA VAL A 221 103.58 22.40 14.68
C VAL A 221 103.56 23.06 13.30
N ASP A 222 104.41 24.05 13.09
CA ASP A 222 104.58 24.67 11.80
C ASP A 222 106.01 24.40 11.33
N LYS A 223 106.14 23.70 10.22
CA LYS A 223 107.46 23.31 9.73
C LYS A 223 107.75 24.02 8.42
N LYS A 224 108.84 24.79 8.39
CA LYS A 224 109.32 25.43 7.18
C LYS A 224 110.16 24.46 6.37
N VAL A 225 109.84 24.32 5.09
CA VAL A 225 110.47 23.34 4.22
C VAL A 225 111.26 24.09 3.15
N GLU A 226 112.59 24.01 3.23
CA GLU A 226 113.51 24.67 2.31
C GLU A 226 114.41 23.66 1.61
N PRO A 227 114.98 24.02 0.46
CA PRO A 227 115.82 23.07 -0.26
C PRO A 227 117.16 22.87 0.44
N LYS A 228 117.78 21.72 0.13
CA LYS A 228 119.15 21.41 0.55
C LYS A 228 119.43 21.55 2.05
N GLU B 1 74.32 -18.56 6.70
CA GLU B 1 74.51 -17.18 6.28
C GLU B 1 74.19 -17.00 4.80
N ILE B 2 73.50 -15.93 4.45
CA ILE B 2 73.37 -15.55 3.05
C ILE B 2 74.48 -14.57 2.74
N VAL B 3 75.39 -14.94 1.84
CA VAL B 3 76.50 -14.07 1.49
C VAL B 3 76.17 -13.36 0.19
N LEU B 4 76.27 -12.04 0.21
CA LEU B 4 76.06 -11.22 -0.97
C LEU B 4 77.41 -10.85 -1.56
N THR B 5 77.60 -11.18 -2.83
CA THR B 5 78.84 -10.89 -3.55
C THR B 5 78.59 -9.78 -4.55
N GLN B 6 79.34 -8.69 -4.44
CA GLN B 6 79.26 -7.59 -5.38
C GLN B 6 80.50 -7.62 -6.26
N SER B 7 80.30 -7.64 -7.57
CA SER B 7 81.43 -7.68 -8.48
C SER B 7 81.22 -6.77 -9.67
N PRO B 8 82.26 -6.03 -10.10
CA PRO B 8 83.61 -5.99 -9.53
C PRO B 8 83.66 -5.08 -8.31
N GLY B 9 84.76 -5.11 -7.56
CA GLY B 9 84.92 -4.17 -6.46
C GLY B 9 85.01 -2.73 -6.92
N THR B 10 85.71 -2.49 -8.04
CA THR B 10 85.75 -1.16 -8.62
C THR B 10 85.31 -1.19 -10.09
N LEU B 11 84.34 -0.36 -10.40
CA LEU B 11 83.79 -0.21 -11.74
C LEU B 11 84.20 1.16 -12.27
N SER B 12 84.84 1.17 -13.45
CA SER B 12 85.38 2.39 -14.05
C SER B 12 84.49 2.83 -15.20
N LEU B 13 83.85 3.99 -15.04
CA LEU B 13 82.89 4.48 -16.01
C LEU B 13 83.04 5.98 -16.16
N SER B 14 82.62 6.52 -17.36
CA SER B 14 82.66 7.97 -17.58
C SER B 14 81.36 8.62 -17.13
N PRO B 15 81.40 9.90 -16.75
CA PRO B 15 80.14 10.57 -16.41
C PRO B 15 79.23 10.63 -17.62
N GLY B 16 77.93 10.44 -17.37
CA GLY B 16 76.96 10.31 -18.42
C GLY B 16 76.66 8.90 -18.85
N GLU B 17 77.54 7.94 -18.53
CA GLU B 17 77.31 6.56 -18.91
C GLU B 17 76.25 5.91 -18.01
N ARG B 18 75.64 4.85 -18.53
CA ARG B 18 74.80 3.97 -17.73
C ARG B 18 75.67 3.04 -16.89
N ALA B 19 75.25 2.79 -15.65
CA ALA B 19 75.97 1.88 -14.75
C ALA B 19 75.03 0.83 -14.19
N THR B 20 75.41 -0.43 -14.28
CA THR B 20 74.66 -1.52 -13.65
C THR B 20 75.58 -2.26 -12.70
N LEU B 21 75.19 -2.29 -11.43
CA LEU B 21 75.96 -2.89 -10.35
C LEU B 21 75.27 -4.19 -9.94
N SER B 22 76.05 -5.25 -9.78
CA SER B 22 75.54 -6.58 -9.53
C SER B 22 75.61 -6.96 -8.06
N CYS B 23 74.56 -7.59 -7.56
CA CYS B 23 74.56 -8.23 -6.24
C CYS B 23 74.08 -9.64 -6.44
N ARG B 24 74.93 -10.61 -6.11
CA ARG B 24 74.60 -12.02 -6.29
C ARG B 24 74.55 -12.69 -4.92
N ALA B 25 73.42 -13.30 -4.58
CA ALA B 25 73.26 -13.94 -3.28
C ALA B 25 73.61 -15.41 -3.35
N SER B 26 74.12 -15.97 -2.24
CA SER B 26 74.46 -17.39 -2.21
C SER B 26 73.23 -18.30 -2.11
N GLN B 27 72.07 -17.76 -1.73
CA GLN B 27 70.79 -18.47 -1.74
C GLN B 27 69.71 -17.49 -2.17
N THR B 28 68.54 -18.02 -2.52
CA THR B 28 67.45 -17.16 -2.96
C THR B 28 67.10 -16.17 -1.85
N VAL B 29 66.86 -14.92 -2.25
CA VAL B 29 66.53 -13.84 -1.34
C VAL B 29 65.18 -13.28 -1.73
N SER B 30 64.25 -13.20 -0.78
CA SER B 30 62.96 -12.56 -1.08
C SER B 30 63.16 -11.11 -1.51
N SER B 31 62.49 -10.73 -2.59
CA SER B 31 62.66 -9.38 -3.11
C SER B 31 62.21 -8.34 -2.09
N THR B 32 61.26 -8.70 -1.22
CA THR B 32 60.82 -7.81 -0.15
C THR B 32 61.96 -7.38 0.75
N SER B 33 63.14 -8.02 0.66
CA SER B 33 64.16 -7.94 1.69
C SER B 33 65.55 -7.72 1.09
N LEU B 34 65.64 -6.94 0.00
CA LEU B 34 66.94 -6.56 -0.54
C LEU B 34 66.99 -5.06 -0.74
N ALA B 35 68.07 -4.42 -0.28
CA ALA B 35 68.19 -2.97 -0.29
C ALA B 35 69.56 -2.57 -0.82
N TRP B 36 69.66 -1.32 -1.26
CA TRP B 36 70.89 -0.74 -1.80
C TRP B 36 71.16 0.57 -1.07
N TYR B 37 72.44 0.77 -0.71
CA TYR B 37 72.95 1.96 -0.04
C TYR B 37 74.06 2.62 -0.86
N GLN B 38 74.12 3.94 -0.80
CA GLN B 38 75.25 4.69 -1.31
C GLN B 38 76.08 5.25 -0.16
N GLN B 39 77.41 5.29 -0.35
CA GLN B 39 78.30 5.91 0.62
C GLN B 39 79.40 6.67 -0.11
N LYS B 40 79.53 7.94 0.22
CA LYS B 40 80.56 8.82 -0.28
C LYS B 40 81.66 8.94 0.75
N PRO B 41 82.88 9.23 0.33
CA PRO B 41 84.01 9.24 1.28
C PRO B 41 83.77 10.22 2.42
N GLY B 42 83.97 9.74 3.64
CA GLY B 42 83.80 10.54 4.83
C GLY B 42 82.37 10.79 5.27
N GLN B 43 81.39 10.15 4.64
CA GLN B 43 79.99 10.36 4.94
C GLN B 43 79.33 9.06 5.36
N ALA B 44 78.23 9.18 6.08
CA ALA B 44 77.46 8.02 6.46
C ALA B 44 76.73 7.44 5.24
N PRO B 45 76.39 6.15 5.27
CA PRO B 45 75.64 5.59 4.15
C PRO B 45 74.24 6.18 4.07
N ARG B 46 73.70 6.15 2.85
CA ARG B 46 72.37 6.65 2.62
C ARG B 46 71.58 5.53 1.93
N LEU B 47 70.33 5.35 2.34
CA LEU B 47 69.46 4.33 1.75
C LEU B 47 69.04 4.77 0.35
N LEU B 48 69.31 3.91 -0.64
CA LEU B 48 68.86 4.20 -2.01
C LEU B 48 67.61 3.42 -2.40
N ILE B 49 67.62 2.11 -2.22
CA ILE B 49 66.54 1.26 -2.68
C ILE B 49 66.16 0.30 -1.56
N TYR B 50 64.87 0.07 -1.37
CA TYR B 50 64.42 -0.96 -0.44
C TYR B 50 63.43 -1.83 -1.20
N GLY B 51 63.22 -3.05 -0.69
CA GLY B 51 62.34 -3.99 -1.38
C GLY B 51 62.75 -4.34 -2.80
N ALA B 52 64.04 -4.22 -3.12
CA ALA B 52 64.68 -4.61 -4.38
C ALA B 52 64.44 -3.57 -5.47
N SER B 53 63.25 -2.95 -5.50
CA SER B 53 62.90 -2.06 -6.59
C SER B 53 62.35 -0.71 -6.15
N SER B 54 62.05 -0.49 -4.88
CA SER B 54 61.44 0.74 -4.40
C SER B 54 62.49 1.82 -4.09
N ARG B 55 62.25 3.03 -4.56
CA ARG B 55 63.18 4.13 -4.30
C ARG B 55 62.93 4.72 -2.92
N ALA B 56 64.01 5.04 -2.22
CA ALA B 56 63.86 5.66 -0.92
C ALA B 56 63.56 7.15 -1.08
N THR B 57 63.15 7.79 0.03
CA THR B 57 62.78 9.19 -0.03
C THR B 57 63.95 10.03 -0.52
N GLY B 58 63.66 10.98 -1.41
CA GLY B 58 64.69 11.90 -1.88
C GLY B 58 65.75 11.29 -2.76
N ILE B 59 65.48 10.14 -3.36
CA ILE B 59 66.42 9.48 -4.25
C ILE B 59 65.99 9.76 -5.68
N PRO B 60 66.87 10.29 -6.53
CA PRO B 60 66.46 10.72 -7.87
C PRO B 60 65.99 9.56 -8.74
N ASP B 61 65.34 9.93 -9.85
CA ASP B 61 64.75 8.94 -10.73
C ASP B 61 65.78 8.03 -11.38
N ARG B 62 66.99 8.54 -11.63
CA ARG B 62 67.98 7.77 -12.36
C ARG B 62 68.38 6.49 -11.63
N PHE B 63 68.16 6.42 -10.33
CA PHE B 63 68.43 5.20 -9.58
C PHE B 63 67.25 4.24 -9.70
N SER B 64 67.53 2.99 -10.02
CA SER B 64 66.49 1.98 -10.13
C SER B 64 67.04 0.65 -9.65
N GLY B 65 66.22 -0.11 -8.94
CA GLY B 65 66.61 -1.42 -8.46
C GLY B 65 65.77 -2.49 -9.15
N SER B 66 66.41 -3.58 -9.53
CA SER B 66 65.70 -4.71 -10.12
C SER B 66 66.35 -6.01 -9.68
N GLY B 67 65.69 -7.12 -9.96
CA GLY B 67 66.25 -8.42 -9.67
C GLY B 67 65.28 -9.31 -8.92
N SER B 68 65.70 -10.57 -8.79
CA SER B 68 64.89 -11.57 -8.12
C SER B 68 65.77 -12.80 -7.92
N GLY B 69 65.25 -13.74 -7.13
CA GLY B 69 65.98 -14.95 -6.83
C GLY B 69 67.32 -14.68 -6.19
N THR B 70 68.40 -14.85 -6.94
CA THR B 70 69.73 -14.60 -6.42
C THR B 70 70.43 -13.45 -7.11
N ASP B 71 69.81 -12.83 -8.12
CA ASP B 71 70.49 -11.82 -8.93
C ASP B 71 69.77 -10.49 -8.89
N PHE B 72 70.46 -9.47 -8.39
CA PHE B 72 69.90 -8.14 -8.25
C PHE B 72 70.84 -7.12 -8.87
N THR B 73 70.27 -6.01 -9.30
CA THR B 73 70.97 -5.01 -10.09
C THR B 73 70.56 -3.63 -9.63
N LEU B 74 71.55 -2.78 -9.40
CA LEU B 74 71.35 -1.35 -9.23
C LEU B 74 71.70 -0.67 -10.55
N THR B 75 70.75 0.05 -11.13
CA THR B 75 70.98 0.77 -12.38
C THR B 75 70.97 2.28 -12.11
N ILE B 76 72.03 2.95 -12.52
CA ILE B 76 72.08 4.40 -12.61
C ILE B 76 72.03 4.73 -14.10
N SER B 77 70.91 5.31 -14.53
CA SER B 77 70.71 5.50 -15.96
C SER B 77 71.77 6.40 -16.57
N ARG B 78 72.02 7.55 -15.95
CA ARG B 78 72.98 8.51 -16.46
C ARG B 78 73.81 9.01 -15.29
N LEU B 79 75.08 8.61 -15.22
CA LEU B 79 75.91 8.95 -14.08
C LEU B 79 76.15 10.46 -13.99
N GLU B 80 75.77 11.06 -12.86
CA GLU B 80 76.19 12.40 -12.53
C GLU B 80 77.51 12.36 -11.76
N PRO B 81 78.26 13.47 -11.69
CA PRO B 81 79.51 13.43 -10.93
C PRO B 81 79.32 13.00 -9.48
N GLU B 82 78.23 13.46 -8.83
CA GLU B 82 77.98 13.10 -7.45
C GLU B 82 77.67 11.63 -7.26
N ASP B 83 77.52 10.86 -8.33
CA ASP B 83 77.16 9.46 -8.20
C ASP B 83 78.36 8.54 -8.11
N PHE B 84 79.56 9.08 -8.32
CA PHE B 84 80.76 8.26 -8.25
C PHE B 84 81.07 8.05 -6.78
N ALA B 85 80.70 6.89 -6.25
CA ALA B 85 80.74 6.61 -4.82
C ALA B 85 80.80 5.10 -4.65
N VAL B 86 80.61 4.64 -3.43
CA VAL B 86 80.57 3.21 -3.17
C VAL B 86 79.12 2.80 -2.99
N TYR B 87 78.79 1.59 -3.41
CA TYR B 87 77.42 1.09 -3.34
C TYR B 87 77.41 -0.28 -2.67
N TYR B 88 76.55 -0.44 -1.66
CA TYR B 88 76.43 -1.68 -0.91
C TYR B 88 75.03 -2.27 -1.10
N CYS B 89 74.95 -3.55 -1.39
CA CYS B 89 73.66 -4.21 -1.27
C CYS B 89 73.54 -4.81 0.12
N GLN B 90 72.32 -5.16 0.50
CA GLN B 90 72.04 -5.63 1.85
C GLN B 90 70.81 -6.50 1.81
N GLN B 91 70.82 -7.64 2.49
CA GLN B 91 69.64 -8.49 2.53
C GLN B 91 69.22 -8.76 3.97
N HIS B 92 67.91 -8.90 4.19
CA HIS B 92 67.46 -9.36 5.49
C HIS B 92 66.38 -10.42 5.34
N ASP B 93 66.45 -11.18 4.27
CA ASP B 93 65.64 -12.39 4.16
C ASP B 93 65.95 -13.33 5.30
N THR B 94 67.23 -13.53 5.58
CA THR B 94 67.67 -14.42 6.66
C THR B 94 68.78 -13.70 7.40
N SER B 95 68.56 -13.41 8.67
CA SER B 95 69.49 -12.56 9.46
C SER B 95 69.68 -11.27 8.67
N LEU B 96 70.87 -10.68 8.67
CA LEU B 96 71.12 -9.45 7.92
C LEU B 96 72.58 -9.43 7.50
N THR B 97 72.85 -9.13 6.23
CA THR B 97 74.22 -9.10 5.73
C THR B 97 74.34 -8.01 4.67
N PHE B 98 75.55 -7.50 4.52
CA PHE B 98 75.87 -6.51 3.50
C PHE B 98 76.78 -7.15 2.45
N GLY B 99 76.73 -6.60 1.24
CA GLY B 99 77.75 -6.93 0.25
C GLY B 99 79.05 -6.22 0.55
N GLY B 100 80.11 -6.65 -0.14
CA GLY B 100 81.41 -6.02 0.05
C GLY B 100 81.53 -4.61 -0.51
N GLY B 101 80.56 -4.18 -1.32
CA GLY B 101 80.59 -2.86 -1.92
C GLY B 101 81.23 -2.81 -3.29
N THR B 102 80.69 -1.96 -4.17
CA THR B 102 81.29 -1.66 -5.46
C THR B 102 81.51 -0.16 -5.54
N LYS B 103 82.73 0.24 -5.88
CA LYS B 103 83.06 1.65 -6.07
C LYS B 103 82.97 1.99 -7.55
N VAL B 104 82.33 3.10 -7.87
CA VAL B 104 82.25 3.57 -9.24
C VAL B 104 83.23 4.73 -9.37
N GLU B 105 84.32 4.53 -10.11
CA GLU B 105 85.33 5.58 -10.31
C GLU B 105 85.18 6.16 -11.71
N ILE B 106 85.61 7.40 -11.85
CA ILE B 106 85.58 8.07 -13.15
C ILE B 106 86.66 7.47 -14.04
N LYS B 107 86.25 6.84 -15.15
CA LYS B 107 87.23 6.40 -16.12
C LYS B 107 87.84 7.62 -16.80
N ARG B 108 89.14 7.60 -16.94
CA ARG B 108 89.92 8.72 -17.44
C ARG B 108 90.89 8.19 -18.48
N THR B 109 91.40 9.07 -19.33
CA THR B 109 92.49 8.65 -20.19
C THR B 109 93.76 8.41 -19.37
N VAL B 110 94.60 7.51 -19.86
CA VAL B 110 95.80 7.12 -19.11
C VAL B 110 96.70 8.33 -18.91
N ALA B 111 97.20 8.47 -17.68
CA ALA B 111 98.13 9.54 -17.33
C ALA B 111 99.28 8.95 -16.51
N ALA B 112 100.49 9.16 -16.96
CA ALA B 112 101.64 8.61 -16.26
C ALA B 112 101.93 9.41 -14.99
N PRO B 113 102.48 8.77 -13.96
CA PRO B 113 102.81 9.50 -12.74
C PRO B 113 104.06 10.36 -12.90
N SER B 114 104.10 11.46 -12.15
CA SER B 114 105.35 12.17 -11.93
C SER B 114 105.99 11.60 -10.67
N VAL B 115 107.27 11.21 -10.76
CA VAL B 115 107.92 10.49 -9.68
C VAL B 115 108.94 11.40 -9.00
N PHE B 116 108.94 11.37 -7.67
CA PHE B 116 109.85 12.16 -6.85
C PHE B 116 110.35 11.29 -5.71
N ILE B 117 111.57 11.55 -5.26
CA ILE B 117 112.15 10.82 -4.14
C ILE B 117 112.66 11.81 -3.11
N PHE B 118 112.42 11.52 -1.83
CA PHE B 118 112.79 12.41 -0.72
C PHE B 118 113.65 11.64 0.25
N PRO B 119 114.89 12.06 0.48
CA PRO B 119 115.77 11.40 1.47
C PRO B 119 115.37 11.76 2.90
N PRO B 120 115.91 11.03 3.90
CA PRO B 120 115.59 11.38 5.29
C PRO B 120 116.15 12.74 5.65
N SER B 121 115.47 13.42 6.56
CA SER B 121 115.99 14.65 7.12
C SER B 121 117.04 14.34 8.18
N ASP B 122 118.02 15.23 8.31
CA ASP B 122 119.02 15.05 9.35
C ASP B 122 118.39 15.02 10.73
N GLU B 123 117.35 15.85 10.90
CA GLU B 123 116.60 15.90 12.16
C GLU B 123 116.06 14.53 12.52
N GLN B 124 115.42 13.84 11.56
CA GLN B 124 114.92 12.50 11.84
C GLN B 124 116.07 11.55 12.16
N LEU B 125 117.17 11.63 11.40
CA LEU B 125 118.31 10.76 11.65
C LEU B 125 118.78 10.89 13.09
N LYS B 126 118.77 12.10 13.63
CA LYS B 126 119.10 12.30 15.04
C LYS B 126 118.25 11.43 15.97
N SER B 127 117.08 10.97 15.53
CA SER B 127 116.18 10.20 16.40
C SER B 127 116.42 8.70 16.34
N GLY B 128 117.20 8.20 15.37
CA GLY B 128 117.49 6.79 15.24
C GLY B 128 116.72 6.03 14.18
N THR B 129 115.92 6.70 13.35
CA THR B 129 115.23 6.08 12.23
C THR B 129 115.30 7.00 11.03
N ALA B 130 115.23 6.40 9.85
CA ALA B 130 115.23 7.13 8.59
C ALA B 130 114.00 6.73 7.79
N SER B 131 113.30 7.72 7.25
CA SER B 131 112.17 7.49 6.36
C SER B 131 112.54 8.03 4.98
N VAL B 132 112.49 7.16 3.96
CA VAL B 132 112.66 7.57 2.57
C VAL B 132 111.29 7.54 1.89
N VAL B 133 110.96 8.59 1.13
CA VAL B 133 109.61 8.71 0.58
C VAL B 133 109.68 8.81 -0.94
N CYS B 134 108.79 8.07 -1.60
CA CYS B 134 108.64 8.09 -3.04
C CYS B 134 107.22 8.56 -3.37
N LEU B 135 107.16 9.59 -4.23
CA LEU B 135 105.85 10.22 -4.55
C LEU B 135 105.47 10.05 -6.02
N LEU B 136 104.38 9.36 -6.28
CA LEU B 136 103.81 9.21 -7.62
C LEU B 136 102.63 10.18 -7.69
N ASN B 137 102.72 11.15 -8.60
CA ASN B 137 101.80 12.26 -8.63
C ASN B 137 100.92 12.22 -9.88
N ASN B 138 99.59 12.24 -9.65
CA ASN B 138 98.56 12.51 -10.66
C ASN B 138 98.66 11.55 -11.85
N PHE B 139 98.24 10.31 -11.60
CA PHE B 139 98.31 9.26 -12.59
C PHE B 139 97.00 8.49 -12.61
N TYR B 140 96.68 7.92 -13.77
CA TYR B 140 95.53 7.05 -13.91
C TYR B 140 95.97 6.04 -14.97
N PRO B 141 95.68 4.75 -14.77
CA PRO B 141 94.89 4.19 -13.66
C PRO B 141 95.61 4.08 -12.30
N ARG B 142 94.84 3.62 -11.30
CA ARG B 142 95.32 3.57 -9.93
C ARG B 142 96.42 2.53 -9.74
N GLU B 143 96.37 1.44 -10.50
CA GLU B 143 97.32 0.37 -10.30
C GLU B 143 98.73 0.78 -10.69
N ALA B 144 99.69 0.49 -9.81
CA ALA B 144 101.07 0.86 -10.03
C ALA B 144 101.97 -0.04 -9.20
N LYS B 145 103.19 -0.24 -9.68
CA LYS B 145 104.18 -1.07 -8.99
C LYS B 145 105.32 -0.17 -8.55
N VAL B 146 105.60 -0.17 -7.25
CA VAL B 146 106.67 0.62 -6.66
C VAL B 146 107.61 -0.33 -5.97
N GLN B 147 108.88 -0.29 -6.35
CA GLN B 147 109.90 -1.17 -5.77
C GLN B 147 111.03 -0.33 -5.17
N TRP B 148 111.40 -0.65 -3.94
CA TRP B 148 112.52 0.03 -3.29
C TRP B 148 113.77 -0.81 -3.45
N LYS B 149 114.87 -0.14 -3.76
CA LYS B 149 116.17 -0.81 -3.85
C LYS B 149 117.19 -0.03 -3.04
N VAL B 150 117.99 -0.74 -2.26
CA VAL B 150 119.03 -0.15 -1.43
C VAL B 150 120.32 -0.86 -1.79
N ASP B 151 121.24 -0.14 -2.43
CA ASP B 151 122.46 -0.74 -2.98
C ASP B 151 122.12 -1.98 -3.80
N ASN B 152 121.08 -1.88 -4.62
CA ASN B 152 120.56 -2.88 -5.53
C ASN B 152 119.75 -3.96 -4.81
N ALA B 153 119.71 -3.98 -3.47
CA ALA B 153 118.95 -5.01 -2.78
C ALA B 153 117.47 -4.63 -2.76
N LEU B 154 116.62 -5.52 -3.28
CA LEU B 154 115.20 -5.28 -3.30
C LEU B 154 114.62 -5.41 -1.88
N GLN B 155 113.96 -4.35 -1.41
CA GLN B 155 113.43 -4.26 -0.06
C GLN B 155 112.05 -4.89 0.05
N SER B 156 111.79 -5.54 1.18
CA SER B 156 110.48 -6.16 1.38
C SER B 156 110.08 -6.11 2.84
N GLY B 157 108.81 -5.83 3.09
CA GLY B 157 108.27 -5.81 4.42
C GLY B 157 108.55 -4.56 5.22
N ASN B 158 109.26 -3.58 4.65
CA ASN B 158 109.67 -2.41 5.41
C ASN B 158 109.18 -1.11 4.78
N SER B 159 108.19 -1.18 3.91
CA SER B 159 107.61 0.01 3.31
C SER B 159 106.10 -0.04 3.42
N GLN B 160 105.49 1.14 3.45
CA GLN B 160 104.04 1.24 3.47
C GLN B 160 103.58 2.23 2.40
N GLU B 161 102.48 1.89 1.73
CA GLU B 161 101.93 2.73 0.67
C GLU B 161 100.64 3.39 1.14
N SER B 162 100.37 4.56 0.58
CA SER B 162 99.12 5.29 0.80
C SER B 162 98.66 5.92 -0.50
N VAL B 163 97.36 5.85 -0.79
CA VAL B 163 96.80 6.37 -2.03
C VAL B 163 95.69 7.35 -1.68
N THR B 164 95.63 8.46 -2.42
CA THR B 164 94.59 9.47 -2.27
C THR B 164 93.29 8.99 -2.89
N GLU B 165 92.19 9.64 -2.53
CA GLU B 165 90.95 9.50 -3.28
C GLU B 165 91.16 10.10 -4.66
N GLN B 166 90.37 9.61 -5.62
CA GLN B 166 90.44 10.17 -6.97
C GLN B 166 90.17 11.66 -6.93
N ASP B 167 90.95 12.43 -7.68
CA ASP B 167 90.76 13.87 -7.66
C ASP B 167 89.43 14.24 -8.29
N SER B 168 88.77 15.25 -7.72
CA SER B 168 87.45 15.66 -8.21
C SER B 168 87.53 16.32 -9.57
N LYS B 169 88.63 17.02 -9.88
CA LYS B 169 88.77 17.75 -11.13
C LYS B 169 89.63 16.99 -12.13
N ASP B 170 90.78 16.47 -11.70
CA ASP B 170 91.73 15.81 -12.57
C ASP B 170 91.37 14.37 -12.85
N SER B 171 90.61 13.73 -11.96
CA SER B 171 90.29 12.31 -12.05
C SER B 171 91.55 11.45 -12.03
N THR B 172 92.60 11.94 -11.35
CA THR B 172 93.85 11.22 -11.19
C THR B 172 94.01 10.77 -9.75
N TYR B 173 95.01 9.92 -9.54
CA TYR B 173 95.37 9.40 -8.23
C TYR B 173 96.79 9.81 -7.90
N SER B 174 97.07 9.92 -6.60
CA SER B 174 98.44 10.10 -6.13
C SER B 174 98.72 9.04 -5.08
N LEU B 175 100.00 8.66 -4.99
CA LEU B 175 100.43 7.56 -4.15
C LEU B 175 101.78 7.89 -3.52
N SER B 176 101.95 7.47 -2.27
CA SER B 176 103.21 7.60 -1.55
C SER B 176 103.67 6.22 -1.12
N SER B 177 104.98 6.00 -1.17
CA SER B 177 105.59 4.78 -0.63
C SER B 177 106.69 5.22 0.32
N THR B 178 106.60 4.77 1.56
CA THR B 178 107.56 5.17 2.59
C THR B 178 108.35 3.95 3.05
N LEU B 179 109.64 3.97 2.79
CA LEU B 179 110.57 2.96 3.27
C LEU B 179 111.14 3.41 4.62
N THR B 180 111.13 2.50 5.60
CA THR B 180 111.55 2.83 6.95
C THR B 180 112.76 1.97 7.32
N LEU B 181 113.85 2.62 7.71
CA LEU B 181 115.07 1.94 8.11
C LEU B 181 115.54 2.46 9.46
N SER B 182 116.40 1.67 10.12
CA SER B 182 117.14 2.21 11.25
C SER B 182 118.25 3.13 10.75
N LYS B 183 118.62 4.10 11.59
CA LYS B 183 119.76 4.96 11.28
C LYS B 183 120.99 4.15 10.92
N ALA B 184 121.23 3.06 11.66
CA ALA B 184 122.36 2.18 11.36
C ALA B 184 122.26 1.62 9.94
N ASP B 185 121.10 1.05 9.60
CA ASP B 185 120.92 0.49 8.28
C ASP B 185 121.04 1.57 7.21
N TYR B 186 120.43 2.73 7.44
CA TYR B 186 120.48 3.80 6.44
C TYR B 186 121.92 4.21 6.18
N GLU B 187 122.70 4.43 7.25
CA GLU B 187 124.09 4.84 7.12
C GLU B 187 125.00 3.73 6.65
N LYS B 188 124.55 2.47 6.69
CA LYS B 188 125.36 1.39 6.15
C LYS B 188 125.39 1.40 4.62
N HIS B 189 124.38 1.97 3.97
CA HIS B 189 124.23 1.86 2.52
C HIS B 189 124.28 3.21 1.83
N LYS B 190 124.42 3.18 0.51
CA LYS B 190 124.68 4.39 -0.25
C LYS B 190 123.55 4.75 -1.20
N VAL B 191 123.13 3.85 -2.08
CA VAL B 191 122.24 4.19 -3.19
C VAL B 191 120.82 3.76 -2.86
N TYR B 192 119.89 4.74 -2.84
CA TYR B 192 118.48 4.52 -2.51
C TYR B 192 117.65 4.87 -3.73
N ALA B 193 116.91 3.88 -4.22
CA ALA B 193 116.20 4.03 -5.48
C ALA B 193 114.77 3.55 -5.32
N CYS B 194 113.86 4.29 -5.96
CA CYS B 194 112.47 3.92 -6.09
C CYS B 194 112.17 3.74 -7.56
N GLU B 195 111.74 2.54 -7.94
CA GLU B 195 111.40 2.23 -9.33
C GLU B 195 109.88 2.10 -9.46
N VAL B 196 109.33 2.79 -10.46
CA VAL B 196 107.89 2.92 -10.66
C VAL B 196 107.56 2.32 -12.02
N THR B 197 106.70 1.30 -12.01
CA THR B 197 106.16 0.71 -13.22
C THR B 197 104.68 1.04 -13.30
N HIS B 198 104.27 1.57 -14.46
CA HIS B 198 102.91 2.02 -14.67
C HIS B 198 102.60 2.00 -16.15
N GLN B 199 101.31 1.82 -16.45
CA GLN B 199 100.85 1.68 -17.83
C GLN B 199 101.19 2.91 -18.66
N GLY B 200 101.21 4.11 -18.06
CA GLY B 200 101.49 5.33 -18.77
C GLY B 200 102.93 5.64 -19.00
N LEU B 201 103.83 4.75 -18.57
CA LEU B 201 105.27 4.89 -18.74
C LEU B 201 105.74 3.89 -19.78
N SER B 202 106.49 4.37 -20.77
CA SER B 202 107.03 3.47 -21.78
C SER B 202 107.98 2.46 -21.15
N SER B 203 108.80 2.92 -20.21
CA SER B 203 109.72 2.08 -19.46
C SER B 203 109.63 2.48 -18.01
N PRO B 204 109.99 1.59 -17.09
CA PRO B 204 109.92 1.92 -15.66
C PRO B 204 110.81 3.11 -15.36
N VAL B 205 110.34 3.99 -14.48
CA VAL B 205 111.06 5.20 -14.14
C VAL B 205 111.74 5.00 -12.79
N THR B 206 113.02 5.31 -12.73
CA THR B 206 113.79 5.18 -11.49
C THR B 206 114.15 6.57 -10.97
N LYS B 207 113.94 6.81 -9.67
CA LYS B 207 114.42 8.00 -9.00
C LYS B 207 115.32 7.57 -7.84
N SER B 208 116.48 8.19 -7.71
CA SER B 208 117.42 7.70 -6.70
C SER B 208 118.26 8.85 -6.15
N PHE B 209 118.94 8.55 -5.04
CA PHE B 209 119.96 9.43 -4.49
C PHE B 209 121.02 8.59 -3.80
N ASN B 210 122.18 9.19 -3.60
CA ASN B 210 123.27 8.57 -2.87
C ASN B 210 123.39 9.29 -1.53
N ARG B 211 123.21 8.54 -0.43
CA ARG B 211 123.29 9.11 0.91
C ARG B 211 124.55 9.96 1.05
N GLY B 212 124.35 11.23 1.36
CA GLY B 212 125.42 12.16 1.60
C GLY B 212 125.66 13.08 0.43
N GLU B 213 125.24 12.69 -0.77
CA GLU B 213 125.37 13.53 -1.93
C GLU B 213 124.31 14.61 -1.86
N CYS B 214 124.60 15.77 -2.48
CA CYS B 214 123.66 16.91 -2.51
C CYS B 214 123.26 17.31 -3.97
N GLN C 1 -51.23 -30.40 27.03
CA GLN C 1 -50.45 -31.30 27.89
C GLN C 1 -50.42 -30.84 29.33
N VAL C 2 -50.54 -29.53 29.56
CA VAL C 2 -50.57 -29.00 30.92
C VAL C 2 -51.86 -29.47 31.59
N GLN C 3 -51.73 -30.02 32.80
CA GLN C 3 -52.88 -30.64 33.46
C GLN C 3 -52.69 -30.57 34.97
N LEU C 4 -53.72 -30.08 35.66
CA LEU C 4 -53.75 -30.09 37.12
C LEU C 4 -54.95 -30.91 37.59
N VAL C 5 -54.68 -31.97 38.33
CA VAL C 5 -55.72 -32.89 38.77
C VAL C 5 -55.81 -32.83 40.29
N GLN C 6 -56.96 -32.43 40.79
CA GLN C 6 -57.18 -32.21 42.21
C GLN C 6 -57.77 -33.44 42.88
N SER C 7 -57.58 -33.52 44.20
CA SER C 7 -58.10 -34.63 44.99
C SER C 7 -59.64 -34.62 45.01
N GLY C 8 -60.23 -35.68 45.56
CA GLY C 8 -61.67 -35.82 45.55
C GLY C 8 -62.38 -34.97 46.59
N ALA C 9 -63.70 -34.99 46.53
CA ALA C 9 -64.55 -34.14 47.37
C ALA C 9 -64.46 -34.56 48.84
N GLU C 10 -64.73 -33.60 49.73
CA GLU C 10 -64.53 -33.78 51.16
C GLU C 10 -65.71 -33.28 51.96
N VAL C 11 -66.01 -33.99 53.04
CA VAL C 11 -67.02 -33.58 54.02
C VAL C 11 -66.35 -33.51 55.39
N LYS C 12 -66.53 -32.38 56.07
CA LYS C 12 -65.85 -32.12 57.33
C LYS C 12 -66.84 -31.45 58.27
N LYS C 13 -66.66 -31.72 59.56
CA LYS C 13 -67.41 -31.09 60.64
C LYS C 13 -66.72 -29.81 61.04
N PRO C 14 -67.42 -28.88 61.71
CA PRO C 14 -66.79 -27.61 62.08
C PRO C 14 -65.60 -27.87 63.00
N GLY C 15 -64.51 -27.14 62.74
CA GLY C 15 -63.27 -27.28 63.47
C GLY C 15 -62.35 -28.38 62.97
N ALA C 16 -62.83 -29.25 62.07
CA ALA C 16 -61.92 -30.20 61.46
C ALA C 16 -60.99 -29.46 60.51
N SER C 17 -60.08 -30.21 59.91
CA SER C 17 -59.15 -29.68 58.92
C SER C 17 -59.28 -30.46 57.61
N VAL C 18 -58.87 -29.83 56.51
CA VAL C 18 -58.92 -30.46 55.20
C VAL C 18 -57.62 -30.21 54.45
N LYS C 19 -57.13 -31.23 53.77
CA LYS C 19 -55.95 -31.14 52.91
C LYS C 19 -56.36 -31.51 51.49
N VAL C 20 -56.23 -30.56 50.56
CA VAL C 20 -56.54 -30.78 49.15
C VAL C 20 -55.22 -30.87 48.39
N SER C 21 -55.12 -31.85 47.51
CA SER C 21 -53.92 -32.09 46.73
C SER C 21 -54.15 -31.68 45.28
N CYS C 22 -53.04 -31.46 44.58
CA CYS C 22 -53.07 -30.90 43.23
C CYS C 22 -51.88 -31.46 42.47
N LYS C 23 -52.10 -32.49 41.64
CA LYS C 23 -51.04 -33.10 40.86
C LYS C 23 -50.87 -32.33 39.56
N ALA C 24 -49.69 -31.75 39.38
CA ALA C 24 -49.36 -30.98 38.20
C ALA C 24 -48.64 -31.88 37.21
N SER C 25 -48.83 -31.62 35.92
CA SER C 25 -48.15 -32.41 34.90
C SER C 25 -48.08 -31.62 33.61
N GLY C 26 -47.06 -31.93 32.81
CA GLY C 26 -46.96 -31.37 31.47
C GLY C 26 -46.19 -30.08 31.35
N TYR C 27 -45.45 -29.69 32.40
CA TYR C 27 -44.66 -28.46 32.40
C TYR C 27 -43.61 -28.57 33.50
N PRO C 28 -42.58 -27.73 33.48
CA PRO C 28 -41.58 -27.77 34.56
C PRO C 28 -42.15 -27.28 35.88
N PHE C 29 -42.24 -28.20 36.84
CA PHE C 29 -43.02 -27.95 38.05
C PHE C 29 -42.42 -26.80 38.85
N THR C 30 -41.10 -26.80 39.01
CA THR C 30 -40.38 -25.83 39.84
C THR C 30 -40.19 -24.47 39.19
N SER C 31 -40.69 -24.24 37.99
CA SER C 31 -40.58 -22.92 37.37
C SER C 31 -41.79 -22.03 37.65
N TYR C 32 -42.91 -22.61 38.08
CA TYR C 32 -44.12 -21.87 38.33
C TYR C 32 -44.58 -22.10 39.77
N GLY C 33 -45.06 -21.06 40.40
CA GLY C 33 -45.77 -21.25 41.64
C GLY C 33 -47.14 -21.88 41.41
N ILE C 34 -47.79 -22.21 42.52
CA ILE C 34 -49.17 -22.67 42.50
C ILE C 34 -50.01 -21.71 43.34
N SER C 35 -51.10 -21.23 42.77
CA SER C 35 -52.05 -20.38 43.47
C SER C 35 -53.30 -21.19 43.79
N TRP C 36 -54.03 -20.78 44.81
CA TRP C 36 -55.27 -21.44 45.19
C TRP C 36 -56.39 -20.42 45.33
N VAL C 37 -57.58 -20.78 44.82
CA VAL C 37 -58.74 -19.91 44.77
C VAL C 37 -59.94 -20.73 45.24
N ARG C 38 -60.93 -20.06 45.83
CA ARG C 38 -62.10 -20.82 46.27
C ARG C 38 -63.36 -20.08 45.87
N GLN C 39 -64.45 -20.83 45.78
CA GLN C 39 -65.70 -20.30 45.26
C GLN C 39 -66.84 -20.94 46.04
N ALA C 40 -67.50 -20.16 46.88
CA ALA C 40 -68.61 -20.67 47.67
C ALA C 40 -69.85 -20.81 46.78
N PRO C 41 -70.81 -21.69 47.17
CA PRO C 41 -71.97 -21.93 46.30
C PRO C 41 -72.66 -20.65 45.87
N GLY C 42 -72.62 -20.38 44.57
CA GLY C 42 -73.30 -19.23 44.02
C GLY C 42 -72.60 -17.90 44.22
N GLN C 43 -71.34 -17.90 44.60
CA GLN C 43 -70.62 -16.67 44.93
C GLN C 43 -69.40 -16.52 44.02
N GLY C 44 -68.67 -15.43 44.21
CA GLY C 44 -67.53 -15.11 43.36
C GLY C 44 -66.26 -15.86 43.73
N LEU C 45 -65.18 -15.51 43.04
CA LEU C 45 -63.89 -16.12 43.29
C LEU C 45 -63.19 -15.42 44.45
N GLU C 46 -62.48 -16.19 45.26
CA GLU C 46 -61.79 -15.64 46.44
C GLU C 46 -60.40 -16.23 46.51
N TRP C 47 -59.40 -15.37 46.47
CA TRP C 47 -58.01 -15.81 46.48
C TRP C 47 -57.61 -16.29 47.87
N MET C 48 -56.86 -17.39 47.92
CA MET C 48 -56.37 -17.95 49.18
C MET C 48 -54.88 -17.74 49.39
N GLY C 49 -54.06 -18.05 48.40
CA GLY C 49 -52.64 -17.88 48.56
C GLY C 49 -51.85 -18.43 47.38
N TRP C 50 -50.54 -18.35 47.53
CA TRP C 50 -49.56 -18.66 46.50
C TRP C 50 -48.39 -19.36 47.16
N ILE C 51 -47.79 -20.29 46.44
CA ILE C 51 -46.61 -20.98 46.93
C ILE C 51 -45.60 -21.13 45.80
N SER C 52 -44.32 -20.98 46.14
CA SER C 52 -43.25 -21.27 45.18
C SER C 52 -42.92 -22.76 45.21
N THR C 53 -42.94 -23.39 44.03
CA THR C 53 -42.49 -24.78 43.90
C THR C 53 -40.97 -24.90 43.96
N TYR C 54 -40.24 -23.80 43.88
CA TYR C 54 -38.79 -23.82 43.85
C TYR C 54 -38.17 -23.74 45.24
N ASN C 55 -38.66 -22.83 46.07
CA ASN C 55 -38.08 -22.61 47.39
C ASN C 55 -39.14 -22.59 48.47
N GLY C 56 -40.39 -22.92 48.14
CA GLY C 56 -41.41 -23.06 49.16
C GLY C 56 -41.88 -21.77 49.78
N ASN C 57 -41.45 -20.61 49.27
CA ASN C 57 -41.97 -19.34 49.76
C ASN C 57 -43.47 -19.27 49.50
N THR C 58 -44.19 -18.60 50.41
CA THR C 58 -45.64 -18.52 50.36
C THR C 58 -46.11 -17.08 50.52
N ASN C 59 -47.34 -16.86 50.08
CA ASN C 59 -47.99 -15.57 50.26
C ASN C 59 -49.48 -15.84 50.42
N TYR C 60 -50.03 -15.60 51.61
CA TYR C 60 -51.42 -15.95 51.90
C TYR C 60 -52.28 -14.69 52.01
N ALA C 61 -53.54 -14.84 51.66
CA ALA C 61 -54.51 -13.77 51.86
C ALA C 61 -54.74 -13.55 53.35
N GLN C 62 -54.76 -12.27 53.76
CA GLN C 62 -54.89 -11.95 55.17
C GLN C 62 -56.05 -12.69 55.82
N LYS C 63 -57.12 -12.95 55.06
CA LYS C 63 -58.31 -13.59 55.60
C LYS C 63 -58.02 -14.99 56.13
N PHE C 64 -56.99 -15.67 55.63
CA PHE C 64 -56.68 -17.03 56.05
C PHE C 64 -55.31 -17.15 56.69
N GLN C 65 -54.75 -16.04 57.19
CA GLN C 65 -53.35 -16.02 57.60
C GLN C 65 -53.04 -17.07 58.66
N GLY C 66 -53.90 -17.21 59.65
CA GLY C 66 -53.58 -18.20 60.67
C GLY C 66 -54.17 -19.59 60.48
N ARG C 67 -54.87 -19.88 59.37
CA ARG C 67 -55.57 -21.16 59.22
C ARG C 67 -55.12 -22.01 58.05
N VAL C 68 -54.37 -21.44 57.09
CA VAL C 68 -54.04 -22.17 55.87
C VAL C 68 -52.54 -22.43 55.82
N THR C 69 -52.18 -23.52 55.16
CA THR C 69 -50.79 -23.95 55.00
C THR C 69 -50.63 -24.57 53.62
N MET C 70 -49.73 -24.02 52.80
CA MET C 70 -49.51 -24.53 51.47
C MET C 70 -48.15 -25.21 51.41
N THR C 71 -48.09 -26.35 50.72
CA THR C 71 -46.85 -27.12 50.63
C THR C 71 -46.75 -27.73 49.25
N THR C 72 -45.56 -28.23 48.92
CA THR C 72 -45.30 -28.91 47.65
C THR C 72 -44.38 -30.10 47.85
N ASP C 73 -44.54 -31.08 46.98
CA ASP C 73 -43.61 -32.21 46.88
C ASP C 73 -43.10 -32.23 45.45
N THR C 74 -41.78 -32.08 45.28
CA THR C 74 -41.19 -31.99 43.95
C THR C 74 -41.20 -33.33 43.25
N SER C 75 -40.78 -34.38 43.95
CA SER C 75 -40.73 -35.71 43.35
C SER C 75 -42.08 -36.11 42.75
N THR C 76 -43.19 -35.73 43.42
CA THR C 76 -44.52 -36.05 42.92
C THR C 76 -45.17 -34.87 42.21
N THR C 77 -44.43 -33.79 41.98
CA THR C 77 -44.95 -32.58 41.33
C THR C 77 -46.38 -32.26 41.79
N THR C 78 -46.55 -32.22 43.11
CA THR C 78 -47.87 -32.05 43.71
C THR C 78 -47.85 -30.88 44.67
N GLY C 79 -48.90 -30.08 44.63
CA GLY C 79 -49.14 -29.05 45.61
C GLY C 79 -50.23 -29.47 46.59
N TYR C 80 -50.23 -28.84 47.75
CA TYR C 80 -51.18 -29.12 48.80
C TYR C 80 -51.64 -27.83 49.44
N MET C 81 -52.93 -27.77 49.77
CA MET C 81 -53.53 -26.68 50.53
C MET C 81 -54.24 -27.29 51.72
N GLU C 82 -53.80 -26.96 52.94
CA GLU C 82 -54.48 -27.39 54.16
C GLU C 82 -55.18 -26.19 54.79
N LEU C 83 -56.48 -26.32 55.01
CA LEU C 83 -57.26 -25.29 55.68
C LEU C 83 -57.77 -25.89 56.98
N ARG C 84 -57.58 -25.15 58.08
CA ARG C 84 -57.80 -25.65 59.42
C ARG C 84 -58.94 -24.89 60.11
N ARG C 85 -59.31 -25.36 61.31
CA ARG C 85 -60.39 -24.76 62.11
C ARG C 85 -61.60 -24.43 61.25
N LEU C 86 -62.07 -25.43 60.52
CA LEU C 86 -63.04 -25.18 59.44
C LEU C 86 -64.35 -24.67 60.00
N ARG C 87 -64.85 -23.60 59.39
CA ARG C 87 -66.15 -23.02 59.71
C ARG C 87 -67.18 -23.45 58.66
N SER C 88 -68.44 -23.26 59.02
CA SER C 88 -69.54 -23.53 58.09
C SER C 88 -69.30 -22.87 56.74
N ASP C 89 -68.98 -21.57 56.75
CA ASP C 89 -68.84 -20.80 55.51
C ASP C 89 -67.51 -21.07 54.80
N ASP C 90 -66.74 -22.07 55.23
CA ASP C 90 -65.64 -22.57 54.42
C ASP C 90 -66.10 -23.53 53.34
N THR C 91 -67.40 -23.83 53.30
CA THR C 91 -67.95 -24.68 52.26
C THR C 91 -67.81 -24.02 50.91
N ALA C 92 -67.12 -24.70 49.99
CA ALA C 92 -66.84 -24.10 48.68
C ALA C 92 -66.12 -25.11 47.81
N VAL C 93 -65.98 -24.77 46.54
CA VAL C 93 -65.09 -25.49 45.64
C VAL C 93 -63.72 -24.85 45.75
N TYR C 94 -62.69 -25.66 45.89
CA TYR C 94 -61.32 -25.19 46.04
C TYR C 94 -60.53 -25.57 44.78
N TYR C 95 -60.05 -24.55 44.06
CA TYR C 95 -59.24 -24.71 42.86
C TYR C 95 -57.76 -24.45 43.15
N CYS C 96 -56.90 -25.31 42.61
CA CYS C 96 -55.49 -24.97 42.46
C CYS C 96 -55.28 -24.49 41.01
N ALA C 97 -54.20 -23.73 40.80
CA ALA C 97 -53.92 -23.20 39.48
C ALA C 97 -52.42 -22.93 39.33
N ARG C 98 -51.94 -23.12 38.10
CA ARG C 98 -50.56 -22.78 37.79
C ARG C 98 -50.43 -21.27 37.73
N ASP C 99 -49.48 -20.74 38.48
CA ASP C 99 -49.38 -19.31 38.70
C ASP C 99 -48.32 -18.68 37.80
N TYR C 100 -48.67 -17.56 37.19
CA TYR C 100 -47.72 -16.67 36.56
C TYR C 100 -47.99 -15.24 36.99
N THR C 101 -48.15 -15.04 38.31
CA THR C 101 -48.23 -13.71 38.89
C THR C 101 -47.09 -13.38 39.84
N ARG C 102 -46.39 -14.39 40.36
CA ARG C 102 -45.29 -14.17 41.31
C ARG C 102 -44.23 -15.23 41.03
N GLY C 103 -42.97 -14.81 40.97
CA GLY C 103 -41.93 -15.68 40.46
C GLY C 103 -41.56 -16.78 41.44
N ALA C 104 -41.32 -17.98 40.90
CA ALA C 104 -40.96 -19.12 41.73
C ALA C 104 -39.60 -18.91 42.40
N TRP C 105 -38.62 -18.41 41.65
CA TRP C 105 -37.27 -18.23 42.17
C TRP C 105 -37.16 -17.00 43.03
N PHE C 106 -37.62 -15.86 42.53
CA PHE C 106 -37.35 -14.59 43.17
C PHE C 106 -38.55 -14.00 43.88
N GLY C 107 -39.74 -14.54 43.65
CA GLY C 107 -40.90 -14.10 44.38
C GLY C 107 -41.37 -12.70 44.05
N GLU C 108 -41.03 -12.21 42.86
CA GLU C 108 -41.44 -10.88 42.43
C GLU C 108 -42.54 -10.98 41.38
N SER C 109 -43.31 -9.91 41.23
CA SER C 109 -44.55 -9.97 40.48
C SER C 109 -44.29 -10.12 38.98
N LEU C 110 -45.17 -10.88 38.32
CA LEU C 110 -45.01 -11.22 36.91
C LEU C 110 -46.20 -10.72 36.12
N ILE C 111 -45.96 -10.38 34.85
CA ILE C 111 -47.02 -10.04 33.91
C ILE C 111 -47.69 -11.35 33.50
N GLY C 112 -48.93 -11.56 33.95
CA GLY C 112 -49.59 -12.83 33.72
C GLY C 112 -50.75 -13.02 34.71
N GLY C 113 -51.29 -14.24 34.70
CA GLY C 113 -52.41 -14.59 35.56
C GLY C 113 -52.33 -16.02 36.09
N PHE C 114 -53.48 -16.62 36.43
CA PHE C 114 -53.56 -18.06 36.67
C PHE C 114 -53.94 -18.71 35.35
N ASP C 115 -53.00 -19.41 34.71
CA ASP C 115 -53.25 -19.81 33.32
C ASP C 115 -53.78 -21.23 33.17
N ASN C 116 -53.66 -22.07 34.17
CA ASN C 116 -54.20 -23.43 34.12
C ASN C 116 -54.82 -23.70 35.47
N TRP C 117 -56.01 -24.34 35.49
CA TRP C 117 -56.75 -24.57 36.72
C TRP C 117 -57.11 -26.03 36.86
N GLY C 118 -57.06 -26.53 38.10
CA GLY C 118 -57.61 -27.85 38.37
C GLY C 118 -59.13 -27.86 38.25
N GLN C 119 -59.69 -29.08 38.27
CA GLN C 119 -61.13 -29.25 38.16
C GLN C 119 -61.88 -28.83 39.42
N GLY C 120 -61.18 -28.63 40.53
CA GLY C 120 -61.81 -28.18 41.75
C GLY C 120 -62.12 -29.32 42.71
N THR C 121 -62.23 -28.96 43.99
CA THR C 121 -62.51 -29.94 45.04
C THR C 121 -63.60 -29.35 45.92
N LEU C 122 -64.76 -29.98 45.97
CA LEU C 122 -65.81 -29.48 46.83
C LEU C 122 -65.51 -29.88 48.27
N VAL C 123 -65.51 -28.90 49.17
CA VAL C 123 -65.37 -29.13 50.60
C VAL C 123 -66.64 -28.63 51.27
N THR C 124 -67.35 -29.56 51.91
CA THR C 124 -68.61 -29.25 52.58
C THR C 124 -68.34 -29.30 54.08
N VAL C 125 -68.53 -28.17 54.76
CA VAL C 125 -68.34 -28.06 56.19
C VAL C 125 -69.71 -27.91 56.82
N SER C 126 -70.13 -28.91 57.59
CA SER C 126 -71.45 -28.95 58.18
C SER C 126 -71.40 -29.83 59.42
N SER C 127 -72.14 -29.43 60.46
CA SER C 127 -72.33 -30.33 61.57
C SER C 127 -73.27 -31.48 61.20
N ALA C 128 -73.85 -31.45 59.99
CA ALA C 128 -74.80 -32.47 59.59
C ALA C 128 -74.10 -33.81 59.41
N SER C 129 -74.91 -34.84 59.21
CA SER C 129 -74.40 -36.19 59.00
C SER C 129 -75.08 -36.78 57.77
N THR C 130 -74.41 -37.76 57.16
CA THR C 130 -74.87 -38.35 55.92
C THR C 130 -76.31 -38.81 56.04
N LYS C 131 -77.14 -38.44 55.06
CA LYS C 131 -78.55 -38.81 55.08
C LYS C 131 -79.07 -38.91 53.66
N GLY C 132 -79.78 -40.01 53.36
CA GLY C 132 -80.40 -40.18 52.07
C GLY C 132 -81.72 -39.42 51.98
N PRO C 133 -82.10 -39.01 50.77
CA PRO C 133 -83.28 -38.15 50.61
C PRO C 133 -84.56 -38.93 50.75
N SER C 134 -85.59 -38.23 51.22
CA SER C 134 -86.97 -38.68 51.06
C SER C 134 -87.51 -38.13 49.74
N VAL C 135 -88.17 -38.99 48.97
CA VAL C 135 -88.68 -38.60 47.67
C VAL C 135 -90.21 -38.63 47.73
N PHE C 136 -90.83 -37.48 47.50
CA PHE C 136 -92.27 -37.31 47.49
C PHE C 136 -92.74 -36.85 46.12
N PRO C 137 -93.97 -37.17 45.74
CA PRO C 137 -94.47 -36.76 44.42
C PRO C 137 -95.10 -35.37 44.43
N LEU C 138 -94.86 -34.63 43.35
CA LEU C 138 -95.58 -33.40 43.05
C LEU C 138 -96.56 -33.78 41.94
N ALA C 139 -97.78 -34.14 42.36
CA ALA C 139 -98.76 -34.78 41.49
C ALA C 139 -99.38 -33.76 40.53
N PRO C 140 -99.67 -34.17 39.30
CA PRO C 140 -100.29 -33.26 38.33
C PRO C 140 -101.69 -32.88 38.74
N SER C 141 -102.07 -31.64 38.42
CA SER C 141 -103.32 -31.10 38.92
C SER C 141 -104.50 -31.79 38.25
N SER C 142 -105.56 -32.02 39.02
CA SER C 142 -106.82 -32.42 38.44
C SER C 142 -107.41 -31.31 37.58
N LYS C 143 -106.97 -30.07 37.79
CA LYS C 143 -107.39 -28.93 37.00
C LYS C 143 -106.52 -28.73 35.75
N SER C 144 -105.77 -29.75 35.35
CA SER C 144 -104.95 -29.65 34.15
C SER C 144 -105.83 -29.48 32.91
N THR C 145 -105.34 -28.70 31.96
CA THR C 145 -106.13 -28.35 30.78
C THR C 145 -106.24 -29.54 29.83
N SER C 146 -107.49 -29.91 29.49
CA SER C 146 -107.71 -30.94 28.48
C SER C 146 -107.14 -30.50 27.14
N GLY C 147 -106.30 -31.36 26.54
CA GLY C 147 -105.58 -31.01 25.33
C GLY C 147 -104.41 -30.07 25.52
N GLY C 148 -104.13 -29.63 26.76
CA GLY C 148 -103.05 -28.72 27.02
C GLY C 148 -101.89 -29.38 27.75
N THR C 149 -101.27 -28.65 28.67
CA THR C 149 -100.03 -29.09 29.32
C THR C 149 -100.22 -29.22 30.82
N ALA C 150 -99.69 -30.31 31.37
CA ALA C 150 -99.68 -30.51 32.80
C ALA C 150 -98.25 -30.51 33.31
N ALA C 151 -98.09 -30.32 34.61
CA ALA C 151 -96.78 -30.29 35.23
C ALA C 151 -96.78 -31.28 36.39
N LEU C 152 -95.70 -32.06 36.50
CA LEU C 152 -95.55 -32.98 37.61
C LEU C 152 -94.09 -32.99 38.03
N GLY C 153 -93.79 -33.64 39.15
CA GLY C 153 -92.42 -33.63 39.60
C GLY C 153 -92.17 -34.48 40.82
N CYS C 154 -90.97 -34.31 41.35
CA CYS C 154 -90.48 -35.03 42.51
C CYS C 154 -89.84 -34.03 43.44
N LEU C 155 -90.24 -34.07 44.71
CA LEU C 155 -89.56 -33.35 45.76
C LEU C 155 -88.55 -34.29 46.42
N VAL C 156 -87.27 -33.95 46.34
CA VAL C 156 -86.17 -34.74 46.86
C VAL C 156 -85.66 -33.97 48.08
N LYS C 157 -86.04 -34.38 49.28
CA LYS C 157 -85.88 -33.56 50.47
C LYS C 157 -85.03 -34.22 51.55
N ASP C 158 -84.38 -33.37 52.36
CA ASP C 158 -83.69 -33.81 53.58
C ASP C 158 -82.56 -34.79 53.28
N TYR C 159 -81.60 -34.38 52.46
CA TYR C 159 -80.42 -35.19 52.17
C TYR C 159 -79.15 -34.39 52.42
N PHE C 160 -78.05 -35.12 52.58
CA PHE C 160 -76.75 -34.54 52.88
C PHE C 160 -75.68 -35.60 52.75
N PRO C 161 -74.54 -35.26 52.12
CA PRO C 161 -74.26 -33.98 51.50
C PRO C 161 -74.74 -33.94 50.05
N GLU C 162 -74.40 -32.89 49.32
CA GLU C 162 -74.53 -32.91 47.88
C GLU C 162 -73.58 -33.95 47.29
N PRO C 163 -73.85 -34.44 46.08
CA PRO C 163 -75.00 -34.13 45.24
C PRO C 163 -75.96 -35.30 45.11
N VAL C 164 -77.15 -35.02 44.59
CA VAL C 164 -78.03 -36.07 44.08
C VAL C 164 -78.11 -35.91 42.58
N THR C 165 -78.57 -36.97 41.93
CA THR C 165 -78.87 -36.94 40.52
C THR C 165 -80.32 -37.38 40.34
N VAL C 166 -80.95 -36.86 39.30
CA VAL C 166 -82.37 -37.10 39.05
C VAL C 166 -82.55 -37.31 37.56
N SER C 167 -83.19 -38.42 37.19
CA SER C 167 -83.61 -38.67 35.82
C SER C 167 -85.10 -39.02 35.82
N TRP C 168 -85.66 -39.13 34.62
CA TRP C 168 -87.08 -39.43 34.47
C TRP C 168 -87.24 -40.61 33.53
N ASN C 169 -88.03 -41.60 33.97
CA ASN C 169 -88.26 -42.83 33.20
C ASN C 169 -86.94 -43.44 32.77
N SER C 170 -85.95 -43.38 33.68
CA SER C 170 -84.62 -43.96 33.50
C SER C 170 -83.86 -43.32 32.33
N GLY C 171 -84.14 -42.05 32.05
CA GLY C 171 -83.47 -41.34 30.98
C GLY C 171 -84.26 -41.25 29.69
N ALA C 172 -85.43 -41.88 29.62
CA ALA C 172 -86.23 -41.82 28.40
C ALA C 172 -86.91 -40.47 28.26
N LEU C 173 -87.19 -39.80 29.38
CA LEU C 173 -87.90 -38.54 29.36
C LEU C 173 -86.92 -37.45 29.75
N THR C 174 -86.58 -36.60 28.79
CA THR C 174 -85.65 -35.49 29.03
C THR C 174 -86.24 -34.15 28.64
N SER C 175 -87.03 -34.11 27.56
CA SER C 175 -87.62 -32.86 27.12
C SER C 175 -88.57 -32.32 28.18
N GLY C 176 -88.47 -31.02 28.46
CA GLY C 176 -89.37 -30.39 29.39
C GLY C 176 -89.01 -30.57 30.86
N VAL C 177 -87.87 -31.14 31.15
CA VAL C 177 -87.43 -31.39 32.53
C VAL C 177 -86.66 -30.18 33.04
N HIS C 178 -86.90 -29.81 34.29
CA HIS C 178 -86.10 -28.84 35.02
C HIS C 178 -85.78 -29.46 36.38
N THR C 179 -84.51 -29.76 36.63
CA THR C 179 -84.09 -30.22 37.95
C THR C 179 -83.42 -29.03 38.61
N PHE C 180 -84.04 -28.53 39.68
CA PHE C 180 -83.64 -27.27 40.27
C PHE C 180 -82.36 -27.43 41.08
N PRO C 181 -81.53 -26.38 41.14
CA PRO C 181 -80.40 -26.40 42.08
C PRO C 181 -80.90 -26.57 43.50
N ALA C 182 -80.25 -27.43 44.26
CA ALA C 182 -80.67 -27.67 45.63
C ALA C 182 -80.49 -26.40 46.46
N VAL C 183 -81.28 -26.31 47.52
CA VAL C 183 -81.13 -25.26 48.53
C VAL C 183 -80.80 -25.91 49.87
N LEU C 184 -80.08 -25.17 50.70
CA LEU C 184 -79.74 -25.66 52.03
C LEU C 184 -80.82 -25.21 53.01
N GLN C 185 -81.56 -26.17 53.55
CA GLN C 185 -82.65 -25.85 54.45
C GLN C 185 -82.12 -25.37 55.79
N SER C 186 -83.01 -24.77 56.58
CA SER C 186 -82.62 -24.35 57.92
C SER C 186 -82.17 -25.50 58.79
N SER C 187 -82.51 -26.74 58.42
CA SER C 187 -82.08 -27.94 59.11
C SER C 187 -80.64 -28.34 58.80
N GLY C 188 -79.97 -27.66 57.86
CA GLY C 188 -78.69 -28.15 57.43
C GLY C 188 -78.74 -29.29 56.45
N LEU C 189 -79.93 -29.70 56.00
CA LEU C 189 -80.10 -30.72 54.97
C LEU C 189 -80.53 -30.04 53.67
N TYR C 190 -80.18 -30.67 52.55
CA TYR C 190 -80.48 -30.12 51.24
C TYR C 190 -81.84 -30.62 50.76
N SER C 191 -82.44 -29.85 49.86
CA SER C 191 -83.62 -30.32 49.17
C SER C 191 -83.72 -29.64 47.81
N LEU C 192 -84.23 -30.38 46.82
CA LEU C 192 -84.45 -29.88 45.49
C LEU C 192 -85.75 -30.46 44.95
N SER C 193 -86.11 -29.99 43.76
CA SER C 193 -87.28 -30.48 43.06
C SER C 193 -86.89 -30.72 41.61
N SER C 194 -87.44 -31.77 41.03
CA SER C 194 -87.33 -31.99 39.60
C SER C 194 -88.74 -31.99 39.04
N VAL C 195 -88.99 -31.16 38.03
CA VAL C 195 -90.31 -31.04 37.45
C VAL C 195 -90.21 -31.28 35.95
N VAL C 196 -91.34 -31.60 35.35
CA VAL C 196 -91.44 -31.79 33.91
C VAL C 196 -92.87 -31.51 33.49
N THR C 197 -93.00 -30.90 32.31
CA THR C 197 -94.28 -30.64 31.67
C THR C 197 -94.52 -31.72 30.62
N VAL C 198 -95.77 -32.19 30.57
CA VAL C 198 -96.18 -33.28 29.67
C VAL C 198 -97.52 -32.93 29.05
N PRO C 199 -97.91 -33.63 27.98
CA PRO C 199 -99.28 -33.52 27.48
C PRO C 199 -100.29 -34.04 28.50
N SER C 200 -101.34 -33.26 28.76
CA SER C 200 -102.34 -33.69 29.73
C SER C 200 -102.94 -35.03 29.36
N SER C 201 -103.21 -35.25 28.07
CA SER C 201 -103.69 -36.55 27.61
C SER C 201 -102.76 -37.68 28.02
N SER C 202 -101.47 -37.40 28.13
CA SER C 202 -100.51 -38.44 28.46
C SER C 202 -100.74 -39.00 29.86
N LEU C 203 -101.29 -38.21 30.78
CA LEU C 203 -101.35 -38.62 32.18
C LEU C 203 -102.16 -39.90 32.35
N GLY C 204 -103.21 -40.06 31.54
CA GLY C 204 -104.01 -41.26 31.60
C GLY C 204 -103.27 -42.51 31.13
N THR C 205 -102.33 -42.35 30.19
CA THR C 205 -101.68 -43.49 29.54
C THR C 205 -100.24 -43.71 30.03
N GLN C 206 -99.41 -42.68 29.93
CA GLN C 206 -98.00 -42.79 30.28
C GLN C 206 -97.79 -42.84 31.79
N THR C 207 -96.77 -43.59 32.20
CA THR C 207 -96.30 -43.61 33.58
C THR C 207 -95.12 -42.67 33.70
N TYR C 208 -94.99 -42.00 34.83
CA TYR C 208 -93.89 -41.06 35.04
C TYR C 208 -93.21 -41.40 36.36
N ILE C 209 -91.96 -41.85 36.26
CA ILE C 209 -91.14 -42.22 37.42
C ILE C 209 -89.91 -41.34 37.44
N CYS C 210 -89.61 -40.76 38.59
CA CYS C 210 -88.35 -40.07 38.77
C CYS C 210 -87.37 -41.02 39.47
N ASN C 211 -86.17 -41.15 38.89
CA ASN C 211 -85.09 -41.94 39.46
C ASN C 211 -84.10 -41.00 40.13
N VAL C 212 -83.95 -41.13 41.44
CA VAL C 212 -83.12 -40.28 42.28
C VAL C 212 -81.96 -41.12 42.81
N ASN C 213 -80.74 -40.62 42.68
CA ASN C 213 -79.57 -41.32 43.18
C ASN C 213 -78.74 -40.40 44.05
N HIS C 214 -78.44 -40.84 45.27
CA HIS C 214 -77.62 -40.09 46.22
C HIS C 214 -76.48 -41.03 46.61
N LYS C 215 -75.39 -40.98 45.85
CA LYS C 215 -74.28 -41.88 46.11
C LYS C 215 -73.68 -41.72 47.49
N PRO C 216 -73.58 -40.52 48.09
CA PRO C 216 -72.97 -40.43 49.44
C PRO C 216 -73.62 -41.32 50.47
N SER C 217 -74.90 -41.62 50.33
CA SER C 217 -75.58 -42.55 51.24
C SER C 217 -75.91 -43.87 50.56
N ASN C 218 -75.43 -44.08 49.32
CA ASN C 218 -75.79 -45.24 48.52
C ASN C 218 -77.30 -45.44 48.47
N THR C 219 -78.03 -44.32 48.32
CA THR C 219 -79.47 -44.33 48.22
C THR C 219 -79.89 -44.27 46.76
N LYS C 220 -80.81 -45.13 46.38
CA LYS C 220 -81.40 -45.03 45.06
C LYS C 220 -82.89 -45.24 45.21
N VAL C 221 -83.67 -44.37 44.57
CA VAL C 221 -85.11 -44.33 44.76
C VAL C 221 -85.76 -44.12 43.41
N ASP C 222 -86.79 -44.89 43.10
CA ASP C 222 -87.61 -44.65 41.92
C ASP C 222 -89.02 -44.39 42.41
N LYS C 223 -89.53 -43.20 42.11
CA LYS C 223 -90.85 -42.76 42.59
C LYS C 223 -91.79 -42.59 41.41
N LYS C 224 -92.91 -43.32 41.43
CA LYS C 224 -93.98 -43.16 40.47
C LYS C 224 -94.88 -42.00 40.88
N VAL C 225 -95.15 -41.09 39.96
CA VAL C 225 -95.87 -39.85 40.27
C VAL C 225 -97.23 -39.96 39.59
N GLU C 226 -98.32 -40.12 40.41
CA GLU C 226 -99.62 -40.39 39.82
C GLU C 226 -100.58 -39.21 39.99
N PRO C 227 -101.52 -39.05 39.05
CA PRO C 227 -102.49 -37.95 39.13
C PRO C 227 -103.70 -38.31 39.99
N LYS C 228 -104.43 -37.29 40.44
CA LYS C 228 -105.75 -37.42 41.10
C LYS C 228 -105.66 -38.47 42.21
N SER C 229 -106.46 -39.54 42.16
CA SER C 229 -106.70 -40.63 43.14
C SER C 229 -107.57 -40.18 44.31
N CYS C 230 -108.13 -38.97 44.21
CA CYS C 230 -109.14 -38.40 45.13
C CYS C 230 -110.51 -39.12 45.19
N GLU D 1 -56.30 -3.17 51.05
CA GLU D 1 -56.90 -3.97 49.99
C GLU D 1 -57.34 -3.11 48.80
N ILE D 2 -57.06 -3.58 47.59
CA ILE D 2 -57.60 -2.98 46.37
C ILE D 2 -58.84 -3.75 45.99
N VAL D 3 -59.99 -3.08 46.01
CA VAL D 3 -61.28 -3.70 45.70
C VAL D 3 -61.63 -3.43 44.25
N LEU D 4 -61.92 -4.49 43.49
CA LEU D 4 -62.39 -4.37 42.11
C LEU D 4 -63.91 -4.48 42.11
N THR D 5 -64.58 -3.48 41.53
CA THR D 5 -66.03 -3.47 41.41
C THR D 5 -66.42 -3.67 39.95
N GLN D 6 -67.21 -4.71 39.68
CA GLN D 6 -67.71 -4.99 38.35
C GLN D 6 -69.21 -4.70 38.28
N SER D 7 -69.60 -3.87 37.31
CA SER D 7 -70.98 -3.48 37.15
C SER D 7 -71.31 -3.51 35.67
N PRO D 8 -72.52 -3.95 35.31
CA PRO D 8 -73.52 -4.46 36.25
C PRO D 8 -73.22 -5.89 36.65
N GLY D 9 -73.92 -6.41 37.66
CA GLY D 9 -73.75 -7.81 37.99
C GLY D 9 -74.22 -8.71 36.87
N THR D 10 -75.34 -8.37 36.24
CA THR D 10 -75.87 -9.11 35.10
C THR D 10 -76.03 -8.16 33.92
N LEU D 11 -75.40 -8.50 32.81
CA LEU D 11 -75.50 -7.74 31.57
C LEU D 11 -76.28 -8.58 30.57
N SER D 12 -77.40 -8.05 30.07
CA SER D 12 -78.29 -8.80 29.19
C SER D 12 -78.16 -8.31 27.77
N LEU D 13 -77.65 -9.16 26.88
CA LEU D 13 -77.39 -8.78 25.50
C LEU D 13 -77.81 -9.90 24.55
N SER D 14 -78.02 -9.53 23.34
CA SER D 14 -78.35 -10.51 22.33
C SER D 14 -77.08 -11.09 21.70
N PRO D 15 -77.12 -12.30 21.16
CA PRO D 15 -75.94 -12.84 20.45
C PRO D 15 -75.63 -12.00 19.21
N GLY D 16 -74.33 -11.82 18.97
CA GLY D 16 -73.86 -10.96 17.91
C GLY D 16 -73.59 -9.53 18.32
N GLU D 17 -74.08 -9.11 19.48
CA GLU D 17 -73.86 -7.75 19.94
C GLU D 17 -72.45 -7.60 20.49
N ARG D 18 -71.99 -6.34 20.54
CA ARG D 18 -70.79 -6.03 21.28
C ARG D 18 -71.10 -6.06 22.78
N ALA D 19 -70.11 -6.49 23.57
CA ALA D 19 -70.19 -6.48 25.02
C ALA D 19 -68.97 -5.73 25.56
N THR D 20 -69.20 -4.74 26.43
CA THR D 20 -68.10 -4.09 27.14
C THR D 20 -68.36 -4.26 28.64
N LEU D 21 -67.43 -4.91 29.32
CA LEU D 21 -67.53 -5.24 30.74
C LEU D 21 -66.55 -4.36 31.50
N SER D 22 -67.04 -3.73 32.56
CA SER D 22 -66.28 -2.73 33.30
C SER D 22 -65.70 -3.33 34.57
N CYS D 23 -64.45 -2.99 34.85
CA CYS D 23 -63.80 -3.29 36.12
C CYS D 23 -63.22 -2.00 36.66
N ARG D 24 -63.72 -1.53 37.80
CA ARG D 24 -63.25 -0.28 38.38
C ARG D 24 -62.54 -0.59 39.70
N ALA D 25 -61.29 -0.18 39.81
CA ALA D 25 -60.49 -0.46 41.00
C ALA D 25 -60.60 0.70 41.97
N SER D 26 -60.53 0.37 43.27
CA SER D 26 -60.65 1.40 44.30
C SER D 26 -59.44 2.32 44.37
N GLN D 27 -58.30 1.90 43.83
CA GLN D 27 -57.16 2.77 43.64
C GLN D 27 -56.44 2.28 42.38
N THR D 28 -55.51 3.09 41.89
CA THR D 28 -54.86 2.78 40.63
C THR D 28 -54.20 1.40 40.66
N VAL D 29 -54.33 0.69 39.54
CA VAL D 29 -53.78 -0.65 39.38
C VAL D 29 -52.83 -0.61 38.19
N SER D 30 -51.60 -1.07 38.40
CA SER D 30 -50.67 -1.17 37.29
C SER D 30 -51.20 -2.09 36.20
N SER D 31 -51.08 -1.63 34.94
CA SER D 31 -51.63 -2.39 33.82
C SER D 31 -50.94 -3.74 33.69
N THR D 32 -49.68 -3.84 34.13
CA THR D 32 -48.98 -5.11 34.14
C THR D 32 -49.72 -6.20 34.91
N SER D 33 -50.70 -5.82 35.76
CA SER D 33 -51.14 -6.72 36.82
C SER D 33 -52.67 -6.76 36.91
N LEU D 34 -53.35 -6.72 35.78
CA LEU D 34 -54.81 -6.90 35.76
C LEU D 34 -55.18 -7.94 34.71
N ALA D 35 -55.99 -8.89 35.11
CA ALA D 35 -56.33 -10.04 34.27
C ALA D 35 -57.84 -10.26 34.26
N TRP D 36 -58.30 -10.97 33.24
CA TRP D 36 -59.71 -11.30 33.09
C TRP D 36 -59.84 -12.80 32.90
N TYR D 37 -60.82 -13.38 33.61
CA TYR D 37 -61.14 -14.80 33.60
C TYR D 37 -62.58 -15.00 33.13
N GLN D 38 -62.80 -16.09 32.42
CA GLN D 38 -64.14 -16.54 32.10
C GLN D 38 -64.47 -17.77 32.94
N GLN D 39 -65.73 -17.90 33.34
CA GLN D 39 -66.20 -19.09 34.03
C GLN D 39 -67.62 -19.40 33.57
N LYS D 40 -67.83 -20.67 33.10
CA LYS D 40 -69.11 -21.25 32.73
C LYS D 40 -69.64 -22.11 33.88
N PRO D 41 -70.95 -22.31 33.98
CA PRO D 41 -71.50 -23.06 35.13
C PRO D 41 -70.93 -24.46 35.23
N GLY D 42 -70.47 -24.82 36.43
CA GLY D 42 -69.92 -26.13 36.62
C GLY D 42 -68.53 -26.34 36.08
N GLN D 43 -67.84 -25.27 35.66
CA GLN D 43 -66.51 -25.36 35.09
C GLN D 43 -65.53 -24.49 35.87
N ALA D 44 -64.26 -24.84 35.78
CA ALA D 44 -63.24 -24.00 36.38
C ALA D 44 -63.08 -22.72 35.57
N PRO D 45 -62.58 -21.66 36.19
CA PRO D 45 -62.33 -20.44 35.42
C PRO D 45 -61.24 -20.65 34.40
N ARG D 46 -61.26 -19.83 33.35
CA ARG D 46 -60.26 -19.89 32.30
C ARG D 46 -59.65 -18.50 32.14
N LEU D 47 -58.33 -18.44 31.98
CA LEU D 47 -57.68 -17.16 31.78
C LEU D 47 -57.98 -16.66 30.38
N LEU D 48 -58.55 -15.44 30.29
CA LEU D 48 -58.80 -14.77 29.01
C LEU D 48 -57.74 -13.74 28.70
N ILE D 49 -57.51 -12.78 29.60
CA ILE D 49 -56.61 -11.65 29.36
C ILE D 49 -55.67 -11.50 30.55
N TYR D 50 -54.41 -11.20 30.27
CA TYR D 50 -53.44 -10.84 31.30
C TYR D 50 -52.71 -9.59 30.85
N GLY D 51 -52.08 -8.89 31.81
CA GLY D 51 -51.43 -7.64 31.48
C GLY D 51 -52.35 -6.57 30.91
N ALA D 52 -53.65 -6.63 31.24
CA ALA D 52 -54.68 -5.67 30.87
C ALA D 52 -55.13 -5.85 29.42
N SER D 53 -54.21 -6.13 28.51
CA SER D 53 -54.56 -6.21 27.09
C SER D 53 -54.04 -7.46 26.38
N SER D 54 -53.19 -8.28 27.00
CA SER D 54 -52.61 -9.42 26.32
C SER D 54 -53.55 -10.62 26.39
N ARG D 55 -53.75 -11.29 25.26
CA ARG D 55 -54.61 -12.46 25.21
C ARG D 55 -53.89 -13.71 25.67
N ALA D 56 -54.59 -14.58 26.39
CA ALA D 56 -54.03 -15.85 26.79
C ALA D 56 -54.14 -16.85 25.64
N THR D 57 -53.41 -17.95 25.74
CA THR D 57 -53.38 -18.93 24.64
C THR D 57 -54.77 -19.50 24.38
N GLY D 58 -55.10 -19.65 23.09
CA GLY D 58 -56.37 -20.22 22.68
C GLY D 58 -57.58 -19.34 22.92
N ILE D 59 -57.39 -18.05 23.12
CA ILE D 59 -58.48 -17.11 23.31
C ILE D 59 -58.72 -16.38 22.00
N PRO D 60 -59.94 -16.37 21.47
CA PRO D 60 -60.19 -15.81 20.13
C PRO D 60 -60.00 -14.31 20.07
N ASP D 61 -59.89 -13.82 18.82
CA ASP D 61 -59.64 -12.41 18.58
C ASP D 61 -60.76 -11.51 19.09
N ARG D 62 -62.00 -12.00 19.11
CA ARG D 62 -63.10 -11.13 19.54
C ARG D 62 -62.94 -10.65 20.97
N PHE D 63 -62.13 -11.33 21.78
CA PHE D 63 -61.84 -10.89 23.13
C PHE D 63 -60.73 -9.84 23.12
N SER D 64 -60.94 -8.76 23.85
CA SER D 64 -60.01 -7.64 23.90
C SER D 64 -59.98 -7.07 25.31
N GLY D 65 -58.80 -6.69 25.77
CA GLY D 65 -58.65 -6.02 27.05
C GLY D 65 -58.07 -4.62 26.86
N SER D 66 -58.63 -3.65 27.58
CA SER D 66 -58.06 -2.31 27.55
C SER D 66 -58.25 -1.66 28.91
N GLY D 67 -57.60 -0.52 29.10
CA GLY D 67 -57.79 0.24 30.32
C GLY D 67 -56.49 0.60 30.98
N SER D 68 -56.62 1.41 32.03
CA SER D 68 -55.47 1.90 32.79
C SER D 68 -56.00 2.59 34.04
N GLY D 69 -55.07 2.91 34.94
CA GLY D 69 -55.42 3.56 36.19
C GLY D 69 -56.43 2.77 37.02
N THR D 70 -57.67 3.24 37.05
CA THR D 70 -58.73 2.57 37.79
C THR D 70 -59.82 2.01 36.91
N ASP D 71 -59.77 2.23 35.60
CA ASP D 71 -60.86 1.82 34.72
C ASP D 71 -60.34 0.82 33.72
N PHE D 72 -60.89 -0.38 33.74
CA PHE D 72 -60.48 -1.43 32.82
C PHE D 72 -61.71 -2.04 32.14
N THR D 73 -61.53 -2.55 30.93
CA THR D 73 -62.66 -3.01 30.14
C THR D 73 -62.31 -4.28 29.39
N LEU D 74 -63.21 -5.26 29.50
CA LEU D 74 -63.17 -6.46 28.67
C LEU D 74 -64.21 -6.32 27.57
N THR D 75 -63.76 -6.33 26.31
CA THR D 75 -64.67 -6.20 25.17
C THR D 75 -64.76 -7.54 24.44
N ILE D 76 -65.99 -7.97 24.19
CA ILE D 76 -66.28 -9.06 23.26
C ILE D 76 -66.97 -8.45 22.04
N SER D 77 -66.25 -8.40 20.92
CA SER D 77 -66.75 -7.66 19.76
C SER D 77 -68.04 -8.26 19.21
N ARG D 78 -68.11 -9.58 19.08
CA ARG D 78 -69.31 -10.22 18.55
C ARG D 78 -69.64 -11.42 19.44
N LEU D 79 -70.70 -11.32 20.22
CA LEU D 79 -71.02 -12.39 21.15
C LEU D 79 -71.40 -13.66 20.37
N GLU D 80 -70.65 -14.75 20.62
CA GLU D 80 -71.09 -16.06 20.20
C GLU D 80 -71.94 -16.68 21.31
N PRO D 81 -72.74 -17.70 20.98
CA PRO D 81 -73.52 -18.37 22.04
C PRO D 81 -72.66 -18.85 23.19
N GLU D 82 -71.48 -19.38 22.90
CA GLU D 82 -70.55 -19.89 23.90
C GLU D 82 -69.99 -18.82 24.81
N ASP D 83 -70.24 -17.54 24.53
CA ASP D 83 -69.66 -16.47 25.32
C ASP D 83 -70.52 -16.06 26.50
N PHE D 84 -71.75 -16.54 26.58
CA PHE D 84 -72.65 -16.14 27.65
C PHE D 84 -72.24 -16.91 28.90
N ALA D 85 -71.55 -16.23 29.80
CA ALA D 85 -70.93 -16.84 30.97
C ALA D 85 -70.68 -15.73 31.98
N VAL D 86 -69.91 -16.04 33.03
CA VAL D 86 -69.49 -15.06 34.02
C VAL D 86 -68.06 -14.66 33.73
N TYR D 87 -67.72 -13.40 34.00
CA TYR D 87 -66.38 -12.87 33.76
C TYR D 87 -65.89 -12.18 35.01
N TYR D 88 -64.68 -12.52 35.45
CA TYR D 88 -64.08 -11.93 36.65
C TYR D 88 -62.84 -11.15 36.28
N CYS D 89 -62.70 -9.95 36.82
CA CYS D 89 -61.40 -9.31 36.74
C CYS D 89 -60.57 -9.64 37.99
N GLN D 90 -59.27 -9.38 37.88
CA GLN D 90 -58.33 -9.77 38.93
C GLN D 90 -57.14 -8.82 38.89
N GLN D 91 -56.69 -8.37 40.06
CA GLN D 91 -55.50 -7.53 40.13
C GLN D 91 -54.51 -8.17 41.07
N HIS D 92 -53.23 -7.97 40.78
CA HIS D 92 -52.20 -8.32 41.74
C HIS D 92 -51.16 -7.21 41.78
N ASP D 93 -51.61 -5.98 41.57
CA ASP D 93 -50.79 -4.81 41.87
C ASP D 93 -50.45 -4.75 43.36
N THR D 94 -51.45 -4.97 44.22
CA THR D 94 -51.27 -4.99 45.67
C THR D 94 -52.03 -6.19 46.24
N SER D 95 -51.28 -7.13 46.84
CA SER D 95 -51.82 -8.44 47.18
C SER D 95 -52.47 -9.00 45.92
N LEU D 96 -53.60 -9.68 46.08
CA LEU D 96 -54.36 -10.20 44.94
C LEU D 96 -55.83 -10.23 45.30
N THR D 97 -56.68 -9.74 44.40
CA THR D 97 -58.12 -9.73 44.64
C THR D 97 -58.85 -9.96 43.31
N PHE D 98 -60.08 -10.46 43.43
CA PHE D 98 -60.96 -10.68 42.29
C PHE D 98 -62.11 -9.68 42.32
N GLY D 99 -62.64 -9.38 41.15
CA GLY D 99 -63.89 -8.66 41.10
C GLY D 99 -65.04 -9.58 41.44
N GLY D 100 -66.22 -8.98 41.65
CA GLY D 100 -67.41 -9.74 41.96
C GLY D 100 -67.97 -10.54 40.82
N GLY D 101 -67.54 -10.27 39.59
CA GLY D 101 -68.02 -10.96 38.41
C GLY D 101 -69.18 -10.27 37.73
N THR D 102 -69.22 -10.37 36.41
CA THR D 102 -70.36 -9.95 35.62
C THR D 102 -70.87 -11.13 34.81
N LYS D 103 -72.18 -11.39 34.89
CA LYS D 103 -72.82 -12.41 34.09
C LYS D 103 -73.37 -11.79 32.82
N VAL D 104 -73.09 -12.42 31.69
CA VAL D 104 -73.69 -11.99 30.43
C VAL D 104 -74.74 -13.03 30.09
N GLU D 105 -76.00 -12.61 30.12
CA GLU D 105 -77.14 -13.47 29.80
C GLU D 105 -77.69 -13.11 28.43
N ILE D 106 -78.37 -14.07 27.83
CA ILE D 106 -79.05 -13.83 26.56
C ILE D 106 -80.27 -12.95 26.81
N LYS D 107 -80.28 -11.75 26.23
CA LYS D 107 -81.49 -10.94 26.23
C LYS D 107 -82.51 -11.55 25.28
N ARG D 108 -83.75 -11.67 25.76
CA ARG D 108 -84.82 -12.36 25.07
C ARG D 108 -86.08 -11.50 25.14
N THR D 109 -87.04 -11.75 24.25
CA THR D 109 -88.34 -11.10 24.39
C THR D 109 -89.04 -11.61 25.66
N VAL D 110 -89.90 -10.76 26.22
CA VAL D 110 -90.57 -11.09 27.47
C VAL D 110 -91.44 -12.33 27.31
N ALA D 111 -91.34 -13.24 28.27
CA ALA D 111 -92.11 -14.48 28.30
C ALA D 111 -92.71 -14.65 29.68
N ALA D 112 -94.03 -14.74 29.74
CA ALA D 112 -94.66 -14.90 31.05
C ALA D 112 -94.50 -16.33 31.56
N PRO D 113 -94.42 -16.53 32.87
CA PRO D 113 -94.29 -17.90 33.39
C PRO D 113 -95.60 -18.66 33.30
N SER D 114 -95.49 -19.98 33.09
CA SER D 114 -96.62 -20.86 33.33
C SER D 114 -96.55 -21.25 34.81
N VAL D 115 -97.64 -21.04 35.56
CA VAL D 115 -97.62 -21.20 37.01
C VAL D 115 -98.38 -22.46 37.39
N PHE D 116 -97.81 -23.22 38.33
CA PHE D 116 -98.44 -24.44 38.85
C PHE D 116 -98.23 -24.50 40.35
N ILE D 117 -99.17 -25.15 41.05
CA ILE D 117 -99.06 -25.33 42.50
C ILE D 117 -99.25 -26.81 42.84
N PHE D 118 -98.46 -27.31 43.79
CA PHE D 118 -98.45 -28.71 44.17
C PHE D 118 -98.67 -28.79 45.68
N PRO D 119 -99.73 -29.43 46.13
CA PRO D 119 -99.95 -29.62 47.57
C PRO D 119 -99.02 -30.69 48.13
N PRO D 120 -98.92 -30.79 49.46
CA PRO D 120 -98.08 -31.85 50.05
C PRO D 120 -98.65 -33.22 49.71
N SER D 121 -97.76 -34.20 49.64
CA SER D 121 -98.15 -35.59 49.50
C SER D 121 -98.61 -36.15 50.84
N ASP D 122 -99.52 -37.12 50.79
CA ASP D 122 -99.96 -37.74 52.05
C ASP D 122 -98.78 -38.41 52.75
N GLU D 123 -97.89 -39.02 51.97
CA GLU D 123 -96.72 -39.67 52.52
C GLU D 123 -95.91 -38.71 53.39
N GLN D 124 -95.64 -37.51 52.86
CA GLN D 124 -94.91 -36.51 53.64
C GLN D 124 -95.68 -36.14 54.91
N LEU D 125 -96.98 -35.90 54.79
CA LEU D 125 -97.78 -35.50 55.95
C LEU D 125 -97.66 -36.50 57.08
N LYS D 126 -97.66 -37.79 56.77
CA LYS D 126 -97.49 -38.80 57.80
C LYS D 126 -96.22 -38.58 58.61
N SER D 127 -95.26 -37.83 58.08
CA SER D 127 -93.97 -37.60 58.73
C SER D 127 -93.96 -36.40 59.67
N GLY D 128 -94.99 -35.54 59.62
CA GLY D 128 -95.03 -34.36 60.46
C GLY D 128 -94.62 -33.05 59.81
N THR D 129 -94.42 -33.01 58.49
CA THR D 129 -94.09 -31.78 57.78
C THR D 129 -94.87 -31.72 56.47
N ALA D 130 -95.19 -30.50 56.02
CA ALA D 130 -95.90 -30.27 54.77
C ALA D 130 -95.07 -29.33 53.89
N SER D 131 -94.88 -29.72 52.63
CA SER D 131 -94.19 -28.89 51.65
C SER D 131 -95.17 -28.55 50.54
N VAL D 132 -95.36 -27.25 50.28
CA VAL D 132 -96.16 -26.76 49.16
C VAL D 132 -95.20 -26.16 48.13
N VAL D 133 -95.36 -26.54 46.86
CA VAL D 133 -94.40 -26.11 45.85
C VAL D 133 -95.12 -25.32 44.76
N CYS D 134 -94.56 -24.17 44.40
CA CYS D 134 -95.11 -23.32 43.35
C CYS D 134 -94.05 -23.22 42.26
N LEU D 135 -94.42 -23.57 41.03
CA LEU D 135 -93.49 -23.66 39.91
C LEU D 135 -93.81 -22.55 38.91
N LEU D 136 -92.80 -21.74 38.60
CA LEU D 136 -92.86 -20.74 37.55
C LEU D 136 -92.03 -21.28 36.39
N ASN D 137 -92.66 -21.53 35.25
CA ASN D 137 -92.00 -22.26 34.17
C ASN D 137 -91.76 -21.39 32.95
N ASN D 138 -90.50 -21.35 32.52
CA ASN D 138 -90.08 -20.85 31.22
C ASN D 138 -90.50 -19.39 31.03
N PHE D 139 -89.83 -18.51 31.75
CA PHE D 139 -90.19 -17.10 31.74
C PHE D 139 -88.95 -16.22 31.59
N TYR D 140 -89.17 -15.03 31.03
CA TYR D 140 -88.10 -14.07 30.89
C TYR D 140 -88.67 -12.67 30.97
N PRO D 141 -88.04 -11.75 31.71
CA PRO D 141 -86.74 -11.87 32.38
C PRO D 141 -86.82 -12.65 33.70
N ARG D 142 -85.66 -12.81 34.31
CA ARG D 142 -85.50 -13.67 35.48
C ARG D 142 -86.25 -13.14 36.71
N GLU D 143 -86.37 -11.83 36.85
CA GLU D 143 -86.97 -11.22 38.04
C GLU D 143 -88.47 -11.49 38.11
N ALA D 144 -88.93 -11.90 39.29
CA ALA D 144 -90.34 -12.24 39.49
C ALA D 144 -90.64 -12.19 40.98
N LYS D 145 -91.91 -11.92 41.31
CA LYS D 145 -92.35 -11.85 42.70
C LYS D 145 -93.29 -13.01 42.97
N VAL D 146 -92.99 -13.79 43.99
CA VAL D 146 -93.78 -14.95 44.36
C VAL D 146 -94.20 -14.79 45.81
N GLN D 147 -95.51 -14.78 46.05
CA GLN D 147 -96.07 -14.57 47.38
C GLN D 147 -96.94 -15.76 47.78
N TRP D 148 -96.71 -16.29 48.98
CA TRP D 148 -97.51 -17.38 49.50
C TRP D 148 -98.57 -16.83 50.43
N LYS D 149 -99.79 -17.36 50.30
CA LYS D 149 -100.86 -16.99 51.20
C LYS D 149 -101.54 -18.25 51.71
N VAL D 150 -101.81 -18.28 53.01
CA VAL D 150 -102.48 -19.39 53.65
C VAL D 150 -103.69 -18.81 54.37
N ASP D 151 -104.89 -19.10 53.86
CA ASP D 151 -106.12 -18.48 54.34
C ASP D 151 -105.98 -16.95 54.42
N ASN D 152 -105.42 -16.38 53.36
CA ASN D 152 -105.20 -14.95 53.15
C ASN D 152 -104.04 -14.41 53.96
N ALA D 153 -103.44 -15.20 54.85
CA ALA D 153 -102.31 -14.71 55.64
C ALA D 153 -101.03 -14.78 54.83
N LEU D 154 -100.38 -13.64 54.64
CA LEU D 154 -99.15 -13.59 53.85
C LEU D 154 -98.01 -14.28 54.61
N GLN D 155 -97.38 -15.28 53.98
CA GLN D 155 -96.32 -16.07 54.60
C GLN D 155 -94.99 -15.36 54.43
N SER D 156 -94.15 -15.42 55.47
CA SER D 156 -92.83 -14.81 55.46
C SER D 156 -91.88 -15.65 56.32
N GLY D 157 -90.66 -15.80 55.86
CA GLY D 157 -89.67 -16.54 56.61
C GLY D 157 -89.77 -18.05 56.51
N ASN D 158 -90.73 -18.58 55.75
CA ASN D 158 -90.88 -20.03 55.69
C ASN D 158 -90.86 -20.57 54.26
N SER D 159 -90.34 -19.80 53.29
CA SER D 159 -90.28 -20.27 51.93
C SER D 159 -88.85 -20.13 51.39
N GLN D 160 -88.49 -21.00 50.45
CA GLN D 160 -87.19 -20.96 49.79
C GLN D 160 -87.33 -21.04 48.28
N GLU D 161 -86.52 -20.26 47.57
CA GLU D 161 -86.60 -20.21 46.12
C GLU D 161 -85.35 -20.83 45.50
N SER D 162 -85.54 -21.44 44.32
CA SER D 162 -84.44 -21.96 43.53
C SER D 162 -84.73 -21.63 42.06
N VAL D 163 -83.70 -21.22 41.32
CA VAL D 163 -83.84 -20.80 39.92
C VAL D 163 -82.87 -21.59 39.05
N THR D 164 -83.35 -22.03 37.89
CA THR D 164 -82.51 -22.75 36.95
C THR D 164 -81.54 -21.81 36.27
N GLU D 165 -80.49 -22.39 35.69
CA GLU D 165 -79.65 -21.64 34.78
C GLU D 165 -80.46 -21.27 33.55
N GLN D 166 -80.07 -20.19 32.87
CA GLN D 166 -80.77 -19.81 31.65
C GLN D 166 -80.71 -20.97 30.66
N ASP D 167 -81.85 -21.27 30.05
CA ASP D 167 -81.94 -22.38 29.13
C ASP D 167 -81.12 -22.12 27.86
N SER D 168 -80.53 -23.18 27.32
CA SER D 168 -79.67 -23.05 26.15
C SER D 168 -80.46 -22.71 24.90
N LYS D 169 -81.68 -23.23 24.81
CA LYS D 169 -82.53 -23.10 23.62
C LYS D 169 -83.57 -22.00 23.74
N ASP D 170 -84.30 -21.96 24.87
CA ASP D 170 -85.35 -20.96 25.03
C ASP D 170 -84.82 -19.63 25.50
N SER D 171 -83.67 -19.64 26.18
CA SER D 171 -83.15 -18.47 26.91
C SER D 171 -84.11 -18.02 28.00
N THR D 172 -84.89 -18.96 28.56
CA THR D 172 -85.83 -18.68 29.64
C THR D 172 -85.31 -19.23 30.96
N TYR D 173 -85.99 -18.84 32.03
CA TYR D 173 -85.69 -19.29 33.37
C TYR D 173 -86.89 -20.03 33.92
N SER D 174 -86.62 -20.93 34.87
CA SER D 174 -87.65 -21.57 35.66
C SER D 174 -87.29 -21.36 37.12
N LEU D 175 -88.32 -21.29 37.96
CA LEU D 175 -88.15 -20.94 39.35
C LEU D 175 -89.11 -21.78 40.18
N SER D 176 -88.66 -22.23 41.35
CA SER D 176 -89.49 -22.95 42.28
C SER D 176 -89.50 -22.23 43.63
N SER D 177 -90.66 -22.22 44.27
CA SER D 177 -90.81 -21.67 45.61
C SER D 177 -91.40 -22.78 46.47
N THR D 178 -90.69 -23.12 47.55
CA THR D 178 -91.13 -24.21 48.42
C THR D 178 -91.45 -23.63 49.78
N LEU D 179 -92.73 -23.70 50.14
CA LEU D 179 -93.21 -23.28 51.46
C LEU D 179 -93.17 -24.49 52.38
N THR D 180 -92.61 -24.31 53.56
CA THR D 180 -92.46 -25.39 54.51
C THR D 180 -93.34 -25.10 55.71
N LEU D 181 -94.26 -26.01 56.02
CA LEU D 181 -95.17 -25.86 57.14
C LEU D 181 -95.10 -27.11 58.00
N SER D 182 -95.53 -26.97 59.26
CA SER D 182 -95.80 -28.14 60.09
C SER D 182 -97.08 -28.82 59.63
N LYS D 183 -97.16 -30.13 59.82
CA LYS D 183 -98.40 -30.84 59.56
C LYS D 183 -99.57 -30.17 60.30
N ALA D 184 -99.36 -29.77 61.54
CA ALA D 184 -100.41 -29.11 62.31
C ALA D 184 -100.93 -27.87 61.60
N ASP D 185 -100.03 -26.98 61.17
CA ASP D 185 -100.49 -25.78 60.47
C ASP D 185 -101.20 -26.13 59.18
N TYR D 186 -100.62 -27.07 58.41
CA TYR D 186 -101.22 -27.39 57.12
C TYR D 186 -102.64 -27.89 57.30
N GLU D 187 -102.85 -28.79 58.26
CA GLU D 187 -104.19 -29.32 58.47
C GLU D 187 -105.09 -28.31 59.16
N LYS D 188 -104.54 -27.30 59.80
CA LYS D 188 -105.38 -26.26 60.39
C LYS D 188 -105.99 -25.31 59.36
N HIS D 189 -105.40 -25.18 58.17
CA HIS D 189 -105.84 -24.15 57.22
C HIS D 189 -106.35 -24.79 55.94
N LYS D 190 -107.05 -24.00 55.12
CA LYS D 190 -107.82 -24.51 54.00
C LYS D 190 -107.27 -24.11 52.65
N VAL D 191 -107.07 -22.81 52.40
CA VAL D 191 -106.74 -22.29 51.07
C VAL D 191 -105.24 -21.98 51.02
N TYR D 192 -104.55 -22.58 50.04
CA TYR D 192 -103.13 -22.40 49.81
C TYR D 192 -102.95 -21.76 48.45
N ALA D 193 -102.35 -20.56 48.41
CA ALA D 193 -102.24 -19.82 47.15
C ALA D 193 -100.82 -19.34 46.97
N CYS D 194 -100.32 -19.40 45.73
CA CYS D 194 -99.11 -18.67 45.37
C CYS D 194 -99.49 -17.69 44.27
N GLU D 195 -99.18 -16.42 44.52
CA GLU D 195 -99.46 -15.32 43.61
C GLU D 195 -98.15 -14.90 42.96
N VAL D 196 -98.16 -14.76 41.63
CA VAL D 196 -96.98 -14.51 40.85
C VAL D 196 -97.16 -13.17 40.15
N THR D 197 -96.25 -12.24 40.41
CA THR D 197 -96.20 -10.96 39.69
C THR D 197 -94.99 -10.99 38.78
N HIS D 198 -95.22 -10.73 37.50
CA HIS D 198 -94.11 -10.77 36.54
C HIS D 198 -94.46 -9.86 35.37
N GLN D 199 -93.41 -9.35 34.73
CA GLN D 199 -93.56 -8.33 33.71
C GLN D 199 -94.42 -8.79 32.54
N GLY D 200 -94.34 -10.07 32.19
CA GLY D 200 -95.13 -10.58 31.10
C GLY D 200 -96.57 -10.90 31.43
N LEU D 201 -97.03 -10.62 32.65
CA LEU D 201 -98.40 -10.93 33.04
C LEU D 201 -99.22 -9.65 33.13
N SER D 202 -100.39 -9.65 32.50
CA SER D 202 -101.25 -8.47 32.51
C SER D 202 -101.64 -8.09 33.93
N SER D 203 -101.99 -9.06 34.76
CA SER D 203 -102.23 -8.87 36.18
C SER D 203 -101.63 -10.09 36.88
N PRO D 204 -101.36 -10.00 38.18
CA PRO D 204 -100.74 -11.14 38.87
C PRO D 204 -101.60 -12.40 38.75
N VAL D 205 -100.94 -13.54 38.58
CA VAL D 205 -101.65 -14.80 38.41
C VAL D 205 -101.61 -15.53 39.75
N THR D 206 -102.78 -16.00 40.20
CA THR D 206 -102.85 -16.73 41.45
C THR D 206 -103.19 -18.18 41.16
N LYS D 207 -102.46 -19.11 41.78
CA LYS D 207 -102.79 -20.53 41.74
C LYS D 207 -103.03 -20.99 43.16
N SER D 208 -104.10 -21.76 43.37
CA SER D 208 -104.47 -22.12 44.72
C SER D 208 -105.07 -23.52 44.74
N PHE D 209 -105.15 -24.07 45.94
CA PHE D 209 -105.91 -25.29 46.16
C PHE D 209 -106.48 -25.20 47.56
N ASN D 210 -107.57 -25.91 47.79
CA ASN D 210 -108.20 -26.02 49.10
C ASN D 210 -107.91 -27.43 49.61
N ARG D 211 -107.24 -27.54 50.77
CA ARG D 211 -106.89 -28.84 51.33
C ARG D 211 -108.12 -29.74 51.29
N GLY D 212 -108.04 -30.88 50.60
CA GLY D 212 -109.19 -31.71 50.38
C GLY D 212 -109.71 -31.73 48.94
N GLU D 213 -109.26 -30.85 48.05
CA GLU D 213 -109.93 -30.71 46.78
C GLU D 213 -109.69 -31.90 45.86
N CYS D 214 -110.68 -32.27 45.04
CA CYS D 214 -110.50 -33.47 44.21
C CYS D 214 -110.45 -33.12 42.70
N SER E 19 25.86 -39.25 1.87
CA SER E 19 26.74 -39.01 0.73
C SER E 19 26.25 -39.76 -0.51
N THR E 20 25.47 -39.07 -1.35
CA THR E 20 24.96 -39.67 -2.58
C THR E 20 26.06 -39.73 -3.64
N ILE E 21 25.75 -40.42 -4.74
CA ILE E 21 26.68 -40.47 -5.86
C ILE E 21 26.86 -39.08 -6.47
N GLU E 22 25.76 -38.34 -6.60
CA GLU E 22 25.83 -37.00 -7.19
C GLU E 22 26.68 -36.06 -6.34
N GLU E 23 26.55 -36.17 -5.01
CA GLU E 23 27.35 -35.35 -4.11
C GLU E 23 28.83 -35.71 -4.18
N GLN E 24 29.14 -37.01 -4.17
CA GLN E 24 30.52 -37.46 -4.38
C GLN E 24 31.08 -36.93 -5.68
N ALA E 25 30.27 -36.96 -6.74
CA ALA E 25 30.72 -36.50 -8.04
C ALA E 25 30.98 -35.00 -8.02
N LYS E 26 30.13 -34.24 -7.31
CA LYS E 26 30.35 -32.80 -7.19
C LYS E 26 31.70 -32.53 -6.52
N THR E 27 31.97 -33.21 -5.42
CA THR E 27 33.25 -33.04 -4.72
C THR E 27 34.42 -33.41 -5.63
N PHE E 28 34.29 -34.54 -6.35
CA PHE E 28 35.34 -34.96 -7.27
C PHE E 28 35.60 -33.88 -8.32
N LEU E 29 34.54 -33.32 -8.89
CA LEU E 29 34.70 -32.29 -9.92
C LEU E 29 35.34 -31.04 -9.34
N ASP E 30 35.02 -30.70 -8.08
CA ASP E 30 35.70 -29.60 -7.42
C ASP E 30 37.21 -29.79 -7.42
N LYS E 31 37.65 -30.93 -6.87
CA LYS E 31 39.09 -31.21 -6.85
C LYS E 31 39.66 -31.21 -8.26
N PHE E 32 38.91 -31.79 -9.22
CA PHE E 32 39.38 -31.85 -10.60
C PHE E 32 39.61 -30.45 -11.16
N ASN E 33 38.63 -29.57 -10.99
CA ASN E 33 38.74 -28.22 -11.51
C ASN E 33 39.96 -27.52 -10.96
N HIS E 34 40.15 -27.61 -9.65
CA HIS E 34 41.27 -26.87 -9.09
C HIS E 34 42.61 -27.43 -9.58
N GLU E 35 42.72 -28.76 -9.70
CA GLU E 35 43.98 -29.32 -10.20
C GLU E 35 44.17 -29.03 -11.69
N ALA E 36 43.08 -29.12 -12.44
CA ALA E 36 43.14 -29.01 -13.90
C ALA E 36 43.47 -27.60 -14.34
N GLU E 37 42.89 -26.58 -13.70
CA GLU E 37 43.18 -25.20 -14.11
C GLU E 37 44.68 -24.92 -13.98
N ASP E 38 45.29 -25.38 -12.90
CA ASP E 38 46.72 -25.14 -12.70
C ASP E 38 47.54 -25.87 -13.76
N LEU E 39 47.27 -27.16 -13.95
CA LEU E 39 48.07 -27.92 -14.90
C LEU E 39 47.87 -27.41 -16.32
N PHE E 40 46.63 -27.06 -16.67
CA PHE E 40 46.34 -26.54 -17.98
C PHE E 40 47.03 -25.20 -18.21
N TYR E 41 47.10 -24.36 -17.17
CA TYR E 41 47.83 -23.11 -17.31
C TYR E 41 49.31 -23.35 -17.55
N GLN E 42 49.94 -24.23 -16.76
CA GLN E 42 51.36 -24.50 -16.98
C GLN E 42 51.61 -25.04 -18.39
N SER E 43 50.73 -25.93 -18.88
CA SER E 43 50.94 -26.44 -20.22
C SER E 43 50.73 -25.37 -21.27
N SER E 44 49.69 -24.55 -21.11
CA SER E 44 49.40 -23.52 -22.11
C SER E 44 50.53 -22.50 -22.16
N LEU E 45 51.13 -22.19 -21.01
CA LEU E 45 52.24 -21.25 -20.96
C LEU E 45 53.49 -21.84 -21.60
N ALA E 46 53.76 -23.13 -21.37
CA ALA E 46 54.86 -23.79 -22.09
C ALA E 46 54.64 -23.73 -23.60
N SER E 47 53.41 -24.01 -24.04
CA SER E 47 53.10 -23.96 -25.45
C SER E 47 53.27 -22.56 -26.01
N TRP E 48 52.87 -21.55 -25.25
CA TRP E 48 53.04 -20.16 -25.69
C TRP E 48 54.52 -19.81 -25.80
N ASN E 49 55.32 -20.21 -24.80
CA ASN E 49 56.75 -19.95 -24.82
C ASN E 49 57.41 -20.57 -26.05
N TYR E 50 56.93 -21.75 -26.47
CA TYR E 50 57.43 -22.34 -27.71
C TYR E 50 56.99 -21.53 -28.93
N ASN E 51 55.68 -21.32 -29.07
CA ASN E 51 55.14 -20.77 -30.30
C ASN E 51 55.61 -19.34 -30.57
N THR E 52 56.07 -18.64 -29.53
CA THR E 52 56.59 -17.29 -29.68
C THR E 52 58.10 -17.24 -29.64
N ASN E 53 58.76 -18.38 -29.46
CA ASN E 53 60.20 -18.43 -29.25
C ASN E 53 60.68 -19.84 -29.53
N ILE E 54 60.77 -20.20 -30.81
CA ILE E 54 61.05 -21.57 -31.21
C ILE E 54 62.49 -21.92 -30.87
N THR E 55 62.67 -22.85 -29.92
CA THR E 55 63.97 -23.35 -29.48
C THR E 55 63.79 -24.76 -28.92
N GLU E 56 64.90 -25.51 -28.89
CA GLU E 56 64.83 -26.88 -28.39
C GLU E 56 64.44 -26.93 -26.92
N GLU E 57 64.98 -26.02 -26.11
CA GLU E 57 64.58 -25.98 -24.71
C GLU E 57 63.08 -25.78 -24.59
N ASN E 58 62.54 -24.86 -25.40
CA ASN E 58 61.11 -24.56 -25.31
C ASN E 58 60.27 -25.71 -25.86
N VAL E 59 60.74 -26.43 -26.89
CA VAL E 59 60.00 -27.60 -27.36
C VAL E 59 59.96 -28.68 -26.30
N GLN E 60 61.08 -28.93 -25.63
CA GLN E 60 61.10 -29.94 -24.59
C GLN E 60 60.18 -29.56 -23.43
N ASN E 61 60.21 -28.30 -23.01
CA ASN E 61 59.30 -27.85 -21.95
C ASN E 61 57.85 -28.02 -22.38
N MET E 62 57.52 -27.63 -23.60
CA MET E 62 56.15 -27.76 -24.08
C MET E 62 55.73 -29.22 -24.10
N ASN E 63 56.59 -30.09 -24.60
CA ASN E 63 56.22 -31.49 -24.69
C ASN E 63 56.06 -32.12 -23.30
N ASN E 64 56.97 -31.80 -22.38
CA ASN E 64 56.86 -32.34 -21.02
C ASN E 64 55.58 -31.87 -20.34
N ALA E 65 55.26 -30.58 -20.44
CA ALA E 65 54.04 -30.09 -19.83
C ALA E 65 52.80 -30.72 -20.47
N GLY E 66 52.81 -30.87 -21.79
CA GLY E 66 51.68 -31.50 -22.45
C GLY E 66 51.51 -32.95 -22.06
N ASP E 67 52.63 -33.66 -21.90
CA ASP E 67 52.59 -35.04 -21.42
C ASP E 67 52.02 -35.11 -20.01
N LYS E 68 52.44 -34.20 -19.14
CA LYS E 68 51.90 -34.18 -17.78
C LYS E 68 50.39 -33.93 -17.80
N TRP E 69 49.95 -33.02 -18.67
CA TRP E 69 48.52 -32.75 -18.78
C TRP E 69 47.74 -33.97 -19.28
N SER E 70 48.27 -34.64 -20.31
CA SER E 70 47.62 -35.84 -20.83
C SER E 70 47.53 -36.95 -19.79
N ALA E 71 48.61 -37.14 -19.01
CA ALA E 71 48.59 -38.16 -17.97
C ALA E 71 47.56 -37.83 -16.90
N PHE E 72 47.51 -36.55 -16.51
CA PHE E 72 46.50 -36.10 -15.57
C PHE E 72 45.09 -36.41 -16.07
N LEU E 73 44.82 -36.09 -17.34
CA LEU E 73 43.49 -36.34 -17.88
C LEU E 73 43.20 -37.83 -17.94
N LYS E 74 44.21 -38.64 -18.26
CA LYS E 74 44.02 -40.08 -18.27
C LYS E 74 43.57 -40.60 -16.91
N GLU E 75 44.33 -40.26 -15.86
CA GLU E 75 43.98 -40.75 -14.53
C GLU E 75 42.66 -40.14 -14.06
N GLN E 76 42.41 -38.87 -14.37
CA GLN E 76 41.16 -38.25 -13.93
C GLN E 76 39.95 -38.85 -14.64
N SER E 77 40.10 -39.25 -15.90
CA SER E 77 39.00 -39.93 -16.58
C SER E 77 38.75 -41.29 -15.97
N THR E 78 39.83 -42.02 -15.64
CA THR E 78 39.66 -43.28 -14.92
C THR E 78 38.86 -43.08 -13.66
N LEU E 79 39.20 -42.04 -12.89
CA LEU E 79 38.46 -41.79 -11.66
C LEU E 79 37.02 -41.41 -11.96
N ALA E 80 36.80 -40.58 -12.98
CA ALA E 80 35.47 -40.10 -13.30
C ALA E 80 34.54 -41.25 -13.65
N GLN E 81 35.08 -42.29 -14.27
CA GLN E 81 34.25 -43.42 -14.68
C GLN E 81 33.66 -44.18 -13.49
N MET E 82 34.15 -43.95 -12.27
CA MET E 82 33.64 -44.63 -11.09
C MET E 82 32.38 -43.98 -10.53
N TYR E 83 31.86 -42.92 -11.15
CA TYR E 83 30.59 -42.31 -10.78
C TYR E 83 29.58 -42.61 -11.88
N PRO E 84 28.65 -43.54 -11.66
CA PRO E 84 27.68 -43.89 -12.72
C PRO E 84 26.75 -42.72 -13.06
N LEU E 85 26.68 -42.40 -14.36
CA LEU E 85 25.89 -41.25 -14.80
C LEU E 85 24.41 -41.43 -14.50
N GLN E 86 23.89 -42.66 -14.62
CA GLN E 86 22.47 -42.93 -14.44
C GLN E 86 21.98 -42.60 -13.04
N GLU E 87 22.90 -42.37 -12.10
CA GLU E 87 22.55 -41.91 -10.76
C GLU E 87 22.74 -40.40 -10.60
N ILE E 88 23.10 -39.71 -11.66
CA ILE E 88 23.28 -38.25 -11.61
C ILE E 88 22.04 -37.62 -12.20
N GLN E 89 21.35 -36.81 -11.39
CA GLN E 89 20.15 -36.11 -11.83
C GLN E 89 20.42 -34.69 -12.29
N ASN E 90 21.45 -34.06 -11.73
CA ASN E 90 21.83 -32.69 -12.04
C ASN E 90 22.54 -32.67 -13.40
N LEU E 91 21.99 -31.90 -14.36
CA LEU E 91 22.47 -32.01 -15.75
C LEU E 91 23.85 -31.40 -15.93
N THR E 92 24.21 -30.38 -15.14
CA THR E 92 25.54 -29.77 -15.23
C THR E 92 26.61 -30.75 -14.77
N VAL E 93 26.39 -31.37 -13.60
CA VAL E 93 27.31 -32.41 -13.12
C VAL E 93 27.43 -33.52 -14.13
N LYS E 94 26.30 -33.91 -14.73
CA LYS E 94 26.31 -34.97 -15.74
C LYS E 94 27.16 -34.57 -16.94
N LEU E 95 26.99 -33.34 -17.43
CA LEU E 95 27.75 -32.89 -18.58
C LEU E 95 29.25 -32.95 -18.31
N GLN E 96 29.67 -32.45 -17.15
CA GLN E 96 31.10 -32.44 -16.83
C GLN E 96 31.65 -33.86 -16.71
N LEU E 97 30.97 -34.69 -15.91
CA LEU E 97 31.38 -36.08 -15.79
C LEU E 97 31.46 -36.75 -17.16
N GLN E 98 30.51 -36.44 -18.04
CA GLN E 98 30.51 -37.05 -19.37
C GLN E 98 31.72 -36.61 -20.17
N ALA E 99 32.02 -35.32 -20.16
CA ALA E 99 33.24 -34.84 -20.82
C ALA E 99 34.47 -35.57 -20.31
N LEU E 100 34.45 -36.00 -19.04
CA LEU E 100 35.63 -36.70 -18.51
C LEU E 100 35.61 -38.18 -18.86
N GLN E 101 34.42 -38.80 -18.87
CA GLN E 101 34.25 -40.25 -18.95
C GLN E 101 34.30 -40.77 -20.37
N GLN E 102 34.69 -39.96 -21.35
CA GLN E 102 34.79 -40.47 -22.70
C GLN E 102 35.87 -41.56 -22.78
N ASN E 103 35.50 -42.74 -23.29
CA ASN E 103 36.43 -43.86 -23.37
C ASN E 103 37.22 -43.83 -24.68
N GLY E 104 36.51 -43.70 -25.80
CA GLY E 104 37.14 -43.62 -27.10
C GLY E 104 37.92 -44.89 -27.42
N SER E 105 39.04 -44.69 -28.13
CA SER E 105 39.86 -45.79 -28.61
C SER E 105 40.25 -46.79 -27.51
N SER E 106 40.13 -46.39 -26.24
CA SER E 106 40.53 -47.28 -25.15
C SER E 106 39.64 -48.52 -25.07
N VAL E 107 38.48 -48.52 -25.71
CA VAL E 107 37.66 -49.73 -25.73
C VAL E 107 38.31 -50.84 -26.55
N LEU E 108 39.22 -50.49 -27.44
CA LEU E 108 39.94 -51.47 -28.24
C LEU E 108 41.03 -52.15 -27.43
N SER E 109 41.34 -53.40 -27.82
CA SER E 109 42.47 -54.11 -27.24
C SER E 109 43.76 -53.30 -27.46
N GLU E 110 44.77 -53.62 -26.62
CA GLU E 110 46.06 -52.94 -26.74
C GLU E 110 46.63 -53.10 -28.15
N ASP E 111 46.47 -54.29 -28.73
CA ASP E 111 47.01 -54.51 -30.07
C ASP E 111 46.20 -53.75 -31.12
N LYS E 112 44.87 -53.71 -30.97
CA LYS E 112 44.03 -53.01 -31.93
C LYS E 112 44.24 -51.50 -31.86
N SER E 113 44.34 -50.95 -30.64
CA SER E 113 44.64 -49.52 -30.52
C SER E 113 46.03 -49.20 -31.04
N LYS E 114 47.02 -50.06 -30.78
CA LYS E 114 48.35 -49.84 -31.32
C LYS E 114 48.30 -49.77 -32.84
N ARG E 115 47.60 -50.73 -33.45
CA ARG E 115 47.48 -50.76 -34.90
C ARG E 115 46.76 -49.53 -35.43
N LEU E 116 45.68 -49.11 -34.77
CA LEU E 116 44.93 -47.95 -35.25
C LEU E 116 45.76 -46.68 -35.17
N ASN E 117 46.53 -46.51 -34.08
CA ASN E 117 47.40 -45.34 -33.96
C ASN E 117 48.52 -45.39 -34.99
N THR E 118 49.09 -46.57 -35.23
CA THR E 118 50.07 -46.70 -36.30
C THR E 118 49.47 -46.31 -37.65
N ILE E 119 48.23 -46.76 -37.92
CA ILE E 119 47.56 -46.42 -39.17
C ILE E 119 47.38 -44.91 -39.28
N LEU E 120 46.88 -44.27 -38.22
CA LEU E 120 46.65 -42.84 -38.23
C LEU E 120 47.94 -42.08 -38.44
N ASN E 121 48.99 -42.48 -37.72
CA ASN E 121 50.26 -41.81 -37.90
C ASN E 121 50.76 -41.98 -39.33
N THR E 122 50.66 -43.20 -39.87
CA THR E 122 51.15 -43.48 -41.22
C THR E 122 50.39 -42.65 -42.25
N MET E 123 49.06 -42.59 -42.16
CA MET E 123 48.30 -41.78 -43.10
C MET E 123 48.71 -40.31 -43.02
N SER E 124 48.84 -39.79 -41.80
CA SER E 124 49.28 -38.40 -41.64
C SER E 124 50.66 -38.17 -42.25
N THR E 125 51.63 -39.07 -42.01
CA THR E 125 52.98 -38.86 -42.51
C THR E 125 53.04 -38.95 -44.03
N ILE E 126 52.33 -39.91 -44.63
CA ILE E 126 52.43 -39.99 -46.08
C ILE E 126 51.70 -38.84 -46.73
N TYR E 127 50.63 -38.33 -46.11
CA TYR E 127 50.00 -37.13 -46.66
C TYR E 127 50.95 -35.94 -46.57
N SER E 128 51.64 -35.76 -45.45
CA SER E 128 52.45 -34.57 -45.27
C SER E 128 53.77 -34.63 -46.04
N THR E 129 54.32 -35.83 -46.23
CA THR E 129 55.59 -36.00 -46.92
C THR E 129 55.43 -36.42 -48.38
N GLY E 130 54.19 -36.56 -48.84
CA GLY E 130 53.97 -36.99 -50.22
C GLY E 130 54.50 -35.97 -51.22
N LYS E 131 55.17 -36.48 -52.25
CA LYS E 131 55.72 -35.65 -53.31
C LYS E 131 55.59 -36.37 -54.63
N VAL E 132 55.26 -35.63 -55.69
CA VAL E 132 55.10 -36.17 -57.03
C VAL E 132 56.27 -35.69 -57.87
N CYS E 133 56.81 -36.56 -58.72
CA CYS E 133 58.02 -36.23 -59.48
C CYS E 133 57.72 -35.98 -60.95
N CYS E 141 61.23 -33.33 -57.75
CA CYS E 141 59.91 -33.66 -57.23
C CYS E 141 59.33 -32.49 -56.42
N LEU E 142 58.02 -32.30 -56.52
CA LEU E 142 57.30 -31.20 -55.87
C LEU E 142 56.38 -31.73 -54.78
N LEU E 143 56.25 -30.95 -53.69
CA LEU E 143 55.45 -31.27 -52.52
C LEU E 143 54.20 -30.39 -52.47
N LEU E 144 53.11 -30.92 -51.89
CA LEU E 144 51.79 -30.30 -52.01
C LEU E 144 51.86 -28.81 -51.72
N GLU E 145 52.47 -28.46 -50.60
CA GLU E 145 52.71 -27.06 -50.26
C GLU E 145 54.18 -26.77 -50.46
N PRO E 146 54.55 -25.77 -51.28
CA PRO E 146 53.67 -24.88 -52.03
C PRO E 146 53.40 -25.25 -53.51
N GLY E 147 54.16 -26.19 -54.08
CA GLY E 147 54.15 -26.40 -55.53
C GLY E 147 52.80 -26.71 -56.15
N LEU E 148 52.28 -27.91 -55.87
CA LEU E 148 51.01 -28.31 -56.48
C LEU E 148 49.88 -27.37 -56.10
N ASN E 149 49.90 -26.83 -54.89
CA ASN E 149 48.90 -25.83 -54.50
C ASN E 149 48.96 -24.61 -55.40
N GLU E 150 50.18 -24.14 -55.72
CA GLU E 150 50.34 -23.03 -56.66
C GLU E 150 49.76 -23.37 -58.03
N ILE E 151 50.07 -24.57 -58.52
CA ILE E 151 49.52 -25.02 -59.81
C ILE E 151 47.99 -24.98 -59.78
N MET E 152 47.40 -25.59 -58.76
CA MET E 152 45.93 -25.70 -58.70
C MET E 152 45.26 -24.37 -58.38
N ALA E 153 46.00 -23.39 -57.85
CA ALA E 153 45.41 -22.08 -57.60
C ALA E 153 45.49 -21.16 -58.81
N ASN E 154 46.62 -21.18 -59.54
CA ASN E 154 46.87 -20.15 -60.53
C ASN E 154 47.09 -20.66 -61.95
N SER E 155 47.36 -21.95 -62.15
CA SER E 155 47.64 -22.44 -63.51
C SER E 155 46.38 -22.44 -64.35
N LEU E 156 46.52 -22.02 -65.60
CA LEU E 156 45.43 -22.05 -66.55
C LEU E 156 45.66 -23.08 -67.64
N ASP E 157 46.65 -23.96 -67.47
CA ASP E 157 46.91 -25.06 -68.40
C ASP E 157 46.12 -26.29 -67.95
N TYR E 158 45.24 -26.78 -68.84
CA TYR E 158 44.48 -27.99 -68.55
C TYR E 158 45.39 -29.16 -68.23
N ASN E 159 46.44 -29.34 -69.02
CA ASN E 159 47.30 -30.50 -68.85
C ASN E 159 48.06 -30.45 -67.53
N GLU E 160 48.64 -29.30 -67.18
CA GLU E 160 49.36 -29.16 -65.92
C GLU E 160 48.46 -29.46 -64.74
N ARG E 161 47.29 -28.78 -64.69
CA ARG E 161 46.36 -28.98 -63.59
C ARG E 161 45.91 -30.43 -63.50
N LEU E 162 45.51 -31.01 -64.65
CA LEU E 162 45.07 -32.39 -64.67
C LEU E 162 46.16 -33.32 -64.15
N TRP E 163 47.41 -33.07 -64.56
CA TRP E 163 48.52 -33.91 -64.12
C TRP E 163 48.66 -33.86 -62.61
N ALA E 164 48.68 -32.65 -62.04
CA ALA E 164 48.85 -32.54 -60.60
C ALA E 164 47.71 -33.26 -59.86
N TRP E 165 46.48 -33.06 -60.33
CA TRP E 165 45.33 -33.70 -59.69
C TRP E 165 45.48 -35.21 -59.69
N GLU E 166 45.72 -35.79 -60.87
CA GLU E 166 45.85 -37.24 -60.99
C GLU E 166 47.07 -37.75 -60.21
N SER E 167 48.17 -37.00 -60.25
CA SER E 167 49.40 -37.39 -59.56
C SER E 167 49.16 -37.52 -58.07
N TRP E 168 48.50 -36.52 -57.46
CA TRP E 168 48.25 -36.65 -56.03
C TRP E 168 47.31 -37.81 -55.78
N ARG E 169 46.25 -37.94 -56.59
CA ARG E 169 45.29 -39.01 -56.33
C ARG E 169 45.99 -40.36 -56.33
N SER E 170 46.91 -40.59 -57.28
CA SER E 170 47.52 -41.90 -57.39
C SER E 170 48.67 -42.07 -56.39
N GLU E 171 49.66 -41.17 -56.44
CA GLU E 171 50.85 -41.26 -55.60
C GLU E 171 50.50 -41.33 -54.12
N VAL E 172 49.46 -40.62 -53.69
CA VAL E 172 49.10 -40.60 -52.30
C VAL E 172 47.89 -41.48 -52.01
N GLY E 173 46.81 -41.29 -52.75
CA GLY E 173 45.61 -42.07 -52.52
C GLY E 173 45.85 -43.57 -52.64
N LYS E 174 46.63 -44.00 -53.64
CA LYS E 174 46.86 -45.43 -53.81
C LYS E 174 47.51 -46.00 -52.55
N GLN E 175 48.43 -45.25 -51.95
CA GLN E 175 49.02 -45.66 -50.69
C GLN E 175 47.98 -45.69 -49.58
N LEU E 176 47.11 -44.66 -49.53
CA LEU E 176 46.20 -44.49 -48.39
C LEU E 176 45.06 -45.50 -48.38
N ARG E 177 44.62 -45.95 -49.56
CA ARG E 177 43.46 -46.84 -49.73
C ARG E 177 43.45 -48.01 -48.75
N PRO E 178 44.46 -48.88 -48.73
CA PRO E 178 44.38 -50.03 -47.81
C PRO E 178 44.39 -49.60 -46.35
N LEU E 179 45.25 -48.64 -46.03
CA LEU E 179 45.24 -48.05 -44.70
C LEU E 179 43.86 -47.52 -44.33
N TYR E 180 43.18 -46.86 -45.28
CA TYR E 180 41.87 -46.32 -44.98
C TYR E 180 40.84 -47.43 -44.74
N GLU E 181 40.91 -48.53 -45.49
CA GLU E 181 40.00 -49.66 -45.24
C GLU E 181 40.18 -50.20 -43.83
N GLU E 182 41.44 -50.39 -43.41
CA GLU E 182 41.69 -50.87 -42.06
C GLU E 182 41.24 -49.83 -41.03
N TYR E 183 41.43 -48.55 -41.35
CA TYR E 183 40.99 -47.47 -40.48
C TYR E 183 39.48 -47.52 -40.28
N VAL E 184 38.73 -47.72 -41.36
CA VAL E 184 37.28 -47.81 -41.28
C VAL E 184 36.89 -48.98 -40.36
N VAL E 185 37.49 -50.14 -40.60
CA VAL E 185 37.14 -51.31 -39.79
C VAL E 185 37.36 -51.03 -38.31
N LEU E 186 38.56 -50.54 -37.96
CA LEU E 186 38.88 -50.35 -36.55
C LEU E 186 38.06 -49.24 -35.90
N LYS E 187 37.84 -48.12 -36.63
CA LYS E 187 37.05 -47.03 -36.07
C LYS E 187 35.60 -47.46 -35.82
N ASN E 188 35.02 -48.26 -36.74
CA ASN E 188 33.66 -48.73 -36.52
C ASN E 188 33.61 -49.70 -35.36
N GLU E 189 34.65 -50.51 -35.18
CA GLU E 189 34.68 -51.39 -34.02
C GLU E 189 34.67 -50.57 -32.74
N MET E 190 35.49 -49.51 -32.69
CA MET E 190 35.52 -48.65 -31.51
C MET E 190 34.17 -48.00 -31.26
N ALA E 191 33.51 -47.52 -32.32
CA ALA E 191 32.24 -46.84 -32.17
C ALA E 191 31.17 -47.78 -31.63
N ARG E 192 31.07 -48.99 -32.21
CA ARG E 192 30.08 -49.94 -31.72
C ARG E 192 30.42 -50.45 -30.33
N ALA E 193 31.70 -50.44 -29.96
CA ALA E 193 32.10 -50.82 -28.61
C ALA E 193 31.65 -49.77 -27.60
N ASN E 194 31.48 -48.53 -28.04
CA ASN E 194 30.96 -47.45 -27.22
C ASN E 194 29.45 -47.27 -27.39
N HIS E 195 28.77 -48.24 -28.01
CA HIS E 195 27.31 -48.29 -28.18
C HIS E 195 26.80 -47.36 -29.27
N TYR E 196 27.65 -46.89 -30.17
CA TYR E 196 27.19 -46.15 -31.35
C TYR E 196 26.92 -47.10 -32.51
N GLU E 197 26.14 -46.62 -33.46
CA GLU E 197 25.83 -47.41 -34.64
C GLU E 197 27.04 -47.58 -35.57
N ASP E 198 27.90 -46.56 -35.66
CA ASP E 198 29.14 -46.59 -36.44
C ASP E 198 30.02 -45.38 -36.06
N TYR E 199 31.15 -45.25 -36.76
CA TYR E 199 32.02 -44.11 -36.54
C TYR E 199 31.34 -42.80 -36.96
N GLY E 200 30.50 -42.86 -38.00
CA GLY E 200 29.71 -41.70 -38.36
C GLY E 200 28.71 -41.30 -37.29
N ASP E 201 27.99 -42.28 -36.74
CA ASP E 201 27.12 -42.02 -35.60
C ASP E 201 27.94 -41.47 -34.43
N TYR E 202 29.13 -42.03 -34.20
CA TYR E 202 30.04 -41.52 -33.18
C TYR E 202 30.28 -40.03 -33.36
N TRP E 203 30.62 -39.59 -34.58
CA TRP E 203 30.88 -38.17 -34.85
C TRP E 203 29.61 -37.35 -34.70
N ARG E 204 28.48 -37.85 -35.22
CA ARG E 204 27.22 -37.14 -35.07
C ARG E 204 26.88 -36.91 -33.62
N GLY E 205 27.46 -37.69 -32.71
CA GLY E 205 27.33 -37.44 -31.29
C GLY E 205 27.76 -36.05 -30.86
N ASP E 206 28.60 -35.39 -31.65
CA ASP E 206 29.03 -34.05 -31.27
C ASP E 206 27.93 -33.00 -31.39
N TYR E 207 26.74 -33.37 -31.84
CA TYR E 207 25.60 -32.46 -31.85
C TYR E 207 24.47 -32.95 -30.95
N GLU E 208 24.65 -34.09 -30.29
CA GLU E 208 23.58 -34.71 -29.54
C GLU E 208 23.27 -33.92 -28.27
N VAL E 209 21.99 -33.92 -27.89
CA VAL E 209 21.51 -33.32 -26.64
C VAL E 209 20.43 -34.22 -26.06
N ASN E 210 20.52 -34.47 -24.75
CA ASN E 210 19.54 -35.32 -24.06
C ASN E 210 19.13 -34.67 -22.75
N GLY E 211 17.99 -35.12 -22.22
CA GLY E 211 17.59 -34.76 -20.88
C GLY E 211 17.01 -33.37 -20.69
N VAL E 212 17.02 -32.52 -21.71
CA VAL E 212 16.51 -31.14 -21.58
C VAL E 212 15.31 -31.01 -22.51
N ASP E 213 14.11 -31.12 -21.95
CA ASP E 213 12.89 -31.10 -22.75
C ASP E 213 12.78 -29.80 -23.53
N GLY E 214 12.36 -29.91 -24.79
CA GLY E 214 12.28 -28.76 -25.67
C GLY E 214 13.60 -28.35 -26.30
N TYR E 215 14.67 -29.07 -26.00
CA TYR E 215 16.00 -28.73 -26.50
C TYR E 215 16.80 -29.95 -26.88
N ASP E 216 16.23 -31.15 -26.76
CA ASP E 216 16.94 -32.38 -27.12
C ASP E 216 17.18 -32.42 -28.61
N TYR E 217 18.20 -33.18 -28.99
CA TYR E 217 18.61 -33.30 -30.38
C TYR E 217 19.26 -34.66 -30.56
N SER E 218 18.71 -35.47 -31.45
CA SER E 218 19.18 -36.81 -31.70
C SER E 218 20.25 -36.81 -32.78
N ARG E 219 21.09 -37.85 -32.75
CA ARG E 219 22.17 -37.94 -33.73
C ARG E 219 21.62 -38.09 -35.14
N GLY E 220 20.46 -38.73 -35.30
CA GLY E 220 19.87 -38.80 -36.62
C GLY E 220 19.33 -37.47 -37.12
N GLN E 221 18.83 -36.64 -36.19
CA GLN E 221 18.27 -35.36 -36.59
C GLN E 221 19.25 -34.51 -37.38
N LEU E 222 20.55 -34.64 -37.08
CA LEU E 222 21.57 -33.86 -37.78
C LEU E 222 21.57 -34.14 -39.27
N ILE E 223 21.52 -35.41 -39.65
CA ILE E 223 21.45 -35.73 -41.07
C ILE E 223 20.19 -35.13 -41.65
N GLU E 224 19.05 -35.35 -41.00
CA GLU E 224 17.77 -34.89 -41.60
C GLU E 224 17.84 -33.39 -41.84
N ASP E 225 18.34 -32.65 -40.85
CA ASP E 225 18.39 -31.18 -40.94
C ASP E 225 19.42 -30.71 -41.96
N VAL E 226 20.58 -31.37 -42.03
CA VAL E 226 21.56 -31.02 -43.05
C VAL E 226 20.95 -31.20 -44.43
N GLU E 227 20.24 -32.31 -44.64
CA GLU E 227 19.64 -32.56 -45.94
C GLU E 227 18.49 -31.60 -46.22
N HIS E 228 17.73 -31.20 -45.20
CA HIS E 228 16.69 -30.19 -45.39
C HIS E 228 17.27 -28.85 -45.82
N THR E 229 18.23 -28.31 -45.05
CA THR E 229 18.84 -27.05 -45.41
C THR E 229 19.55 -27.12 -46.75
N PHE E 230 20.11 -28.27 -47.09
CA PHE E 230 20.74 -28.40 -48.40
C PHE E 230 19.71 -28.41 -49.52
N GLU E 231 18.55 -29.04 -49.29
CA GLU E 231 17.46 -28.94 -50.26
C GLU E 231 17.10 -27.49 -50.51
N GLU E 232 17.16 -26.66 -49.46
CA GLU E 232 16.86 -25.24 -49.67
C GLU E 232 18.01 -24.49 -50.35
N ILE E 233 19.26 -24.90 -50.12
CA ILE E 233 20.38 -24.24 -50.79
C ILE E 233 20.51 -24.63 -52.27
N LYS E 234 19.93 -25.77 -52.66
CA LYS E 234 20.09 -26.28 -54.02
C LYS E 234 19.88 -25.27 -55.15
N PRO E 235 18.83 -24.41 -55.16
CA PRO E 235 18.65 -23.49 -56.30
C PRO E 235 19.79 -22.49 -56.47
N LEU E 236 20.20 -21.83 -55.38
CA LEU E 236 21.30 -20.88 -55.45
C LEU E 236 22.58 -21.56 -55.96
N TYR E 237 22.88 -22.75 -55.44
CA TYR E 237 24.07 -23.45 -55.89
C TYR E 237 23.97 -23.83 -57.35
N GLU E 238 22.78 -24.25 -57.79
CA GLU E 238 22.59 -24.61 -59.20
C GLU E 238 22.86 -23.41 -60.11
N HIS E 239 22.41 -22.23 -59.71
CA HIS E 239 22.60 -21.06 -60.56
C HIS E 239 24.06 -20.59 -60.54
N LEU E 240 24.70 -20.62 -59.37
CA LEU E 240 26.13 -20.33 -59.32
C LEU E 240 26.92 -21.32 -60.17
N HIS E 241 26.53 -22.60 -60.13
CA HIS E 241 27.12 -23.65 -60.95
C HIS E 241 27.02 -23.32 -62.43
N ALA E 242 25.82 -22.95 -62.90
CA ALA E 242 25.65 -22.62 -64.32
C ALA E 242 26.50 -21.41 -64.71
N TYR E 243 26.52 -20.37 -63.87
CA TYR E 243 27.35 -19.19 -64.16
C TYR E 243 28.82 -19.57 -64.28
N VAL E 244 29.34 -20.28 -63.27
CA VAL E 244 30.75 -20.62 -63.23
C VAL E 244 31.10 -21.54 -64.40
N ARG E 245 30.16 -22.43 -64.78
CA ARG E 245 30.38 -23.31 -65.92
C ARG E 245 30.52 -22.50 -67.20
N ALA E 246 29.65 -21.51 -67.41
CA ALA E 246 29.76 -20.65 -68.58
C ALA E 246 31.10 -19.92 -68.61
N LYS E 247 31.48 -19.30 -67.48
CA LYS E 247 32.72 -18.53 -67.45
C LYS E 247 33.93 -19.43 -67.67
N LEU E 248 33.94 -20.61 -67.05
CA LEU E 248 35.04 -21.54 -67.25
C LEU E 248 35.10 -22.02 -68.70
N MET E 249 33.93 -22.19 -69.34
CA MET E 249 33.90 -22.49 -70.76
C MET E 249 34.62 -21.41 -71.58
N ASN E 250 34.33 -20.15 -71.27
CA ASN E 250 35.09 -19.07 -71.91
C ASN E 250 36.58 -19.22 -71.62
N ALA E 251 36.93 -19.77 -70.45
CA ALA E 251 38.33 -19.99 -70.11
C ALA E 251 38.88 -21.31 -70.66
N TYR E 252 38.01 -22.33 -70.77
CA TYR E 252 38.38 -23.66 -71.30
C TYR E 252 37.46 -24.03 -72.46
N PRO E 253 37.86 -23.78 -73.70
CA PRO E 253 36.92 -23.87 -74.79
C PRO E 253 36.29 -25.25 -74.98
N SER E 254 37.10 -26.25 -75.36
CA SER E 254 36.61 -27.55 -75.76
C SER E 254 36.28 -28.47 -74.58
N TYR E 255 36.71 -28.15 -73.36
CA TYR E 255 36.78 -29.13 -72.31
C TYR E 255 35.51 -29.25 -71.47
N ILE E 256 34.58 -28.30 -71.54
CA ILE E 256 33.44 -28.27 -70.66
C ILE E 256 32.17 -28.38 -71.49
N SER E 257 31.14 -29.22 -71.01
CA SER E 257 29.83 -29.34 -71.58
C SER E 257 28.86 -28.45 -70.82
N PRO E 258 27.92 -27.83 -71.53
CA PRO E 258 27.01 -26.83 -70.92
C PRO E 258 25.81 -27.44 -70.21
N ILE E 259 25.71 -28.78 -70.20
CA ILE E 259 24.70 -29.52 -69.48
C ILE E 259 25.32 -30.57 -68.56
N GLY E 260 26.65 -30.61 -68.49
CA GLY E 260 27.36 -31.60 -67.73
C GLY E 260 28.04 -31.01 -66.51
N CYS E 261 28.67 -31.91 -65.74
CA CYS E 261 29.40 -31.52 -64.54
C CYS E 261 30.74 -30.86 -64.91
N LEU E 262 31.41 -30.33 -63.89
CA LEU E 262 32.64 -29.54 -64.04
C LEU E 262 33.86 -30.39 -63.70
N PRO E 263 34.87 -30.39 -64.57
CA PRO E 263 36.11 -31.16 -64.30
C PRO E 263 36.76 -30.76 -62.97
N ALA E 264 37.09 -31.78 -62.18
CA ALA E 264 37.52 -31.57 -60.80
C ALA E 264 38.84 -30.78 -60.71
N HIS E 265 39.72 -30.91 -61.71
CA HIS E 265 41.04 -30.30 -61.69
C HIS E 265 41.02 -28.83 -62.11
N LEU E 266 39.84 -28.23 -62.26
CA LEU E 266 39.74 -26.84 -62.71
C LEU E 266 39.05 -25.94 -61.69
N LEU E 267 38.93 -26.38 -60.43
CA LEU E 267 38.05 -25.72 -59.49
C LEU E 267 38.77 -24.78 -58.54
N GLY E 268 40.06 -24.50 -58.76
CA GLY E 268 40.74 -23.45 -58.04
C GLY E 268 41.60 -23.91 -56.88
N ASP E 269 41.41 -25.14 -56.40
CA ASP E 269 42.34 -25.75 -55.46
C ASP E 269 42.40 -27.25 -55.79
N MET E 270 43.08 -28.01 -54.93
CA MET E 270 43.37 -29.39 -55.26
C MET E 270 42.11 -30.28 -55.25
N TRP E 271 41.03 -29.83 -54.63
CA TRP E 271 39.84 -30.68 -54.52
C TRP E 271 38.55 -30.01 -54.95
N GLY E 272 38.56 -28.70 -55.23
CA GLY E 272 37.32 -27.98 -55.40
C GLY E 272 36.63 -27.73 -54.09
N ARG E 273 37.37 -27.69 -52.99
CA ARG E 273 36.77 -27.40 -51.69
C ARG E 273 36.21 -25.99 -51.66
N PHE E 274 37.00 -25.01 -52.09
CA PHE E 274 36.51 -23.65 -52.29
C PHE E 274 36.79 -23.24 -53.73
N TRP E 275 35.88 -22.47 -54.32
CA TRP E 275 36.05 -21.95 -55.66
C TRP E 275 36.70 -20.58 -55.68
N THR E 276 37.42 -20.21 -54.61
CA THR E 276 37.91 -18.84 -54.46
C THR E 276 38.82 -18.44 -55.61
N ASN E 277 39.84 -19.26 -55.89
CA ASN E 277 40.80 -18.91 -56.93
C ASN E 277 40.20 -18.89 -58.33
N LEU E 278 38.92 -19.23 -58.48
CA LEU E 278 38.25 -19.06 -59.75
C LEU E 278 37.84 -17.61 -60.02
N TYR E 279 38.06 -16.71 -59.05
CA TYR E 279 37.65 -15.31 -59.21
C TYR E 279 38.21 -14.71 -60.49
N SER E 280 39.49 -14.94 -60.78
CA SER E 280 40.10 -14.41 -61.99
C SER E 280 39.29 -14.75 -63.23
N LEU E 281 38.73 -15.96 -63.25
CA LEU E 281 37.97 -16.44 -64.39
C LEU E 281 36.47 -16.19 -64.29
N THR E 282 35.98 -15.73 -63.13
CA THR E 282 34.54 -15.62 -62.92
C THR E 282 34.09 -14.25 -62.44
N VAL E 283 35.01 -13.30 -62.23
CA VAL E 283 34.67 -11.97 -61.75
C VAL E 283 33.61 -11.37 -62.66
N PRO E 284 32.47 -10.91 -62.13
CA PRO E 284 31.42 -10.41 -63.02
C PRO E 284 31.80 -9.12 -63.71
N PHE E 285 32.50 -8.22 -63.00
CA PHE E 285 32.87 -6.90 -63.52
C PHE E 285 34.36 -6.71 -63.22
N GLY E 286 35.21 -7.26 -64.10
CA GLY E 286 36.65 -7.23 -63.89
C GLY E 286 37.26 -5.83 -63.91
N GLN E 287 36.55 -4.85 -64.46
CA GLN E 287 37.07 -3.48 -64.47
C GLN E 287 36.78 -2.70 -63.20
N LYS E 288 35.99 -3.27 -62.27
CA LYS E 288 35.65 -2.60 -61.02
C LYS E 288 36.51 -3.16 -59.90
N PRO E 289 37.46 -2.39 -59.36
CA PRO E 289 38.33 -2.92 -58.30
C PRO E 289 37.58 -3.18 -57.00
N ASN E 290 38.16 -4.05 -56.19
CA ASN E 290 37.69 -4.33 -54.84
C ASN E 290 38.20 -3.26 -53.87
N ILE E 291 37.50 -3.12 -52.74
CA ILE E 291 37.89 -2.15 -51.74
C ILE E 291 39.08 -2.72 -50.96
N ASP E 292 40.19 -1.99 -50.93
CA ASP E 292 41.41 -2.44 -50.27
C ASP E 292 42.02 -1.21 -49.59
N VAL E 293 41.79 -1.08 -48.28
CA VAL E 293 42.17 0.11 -47.55
C VAL E 293 43.59 -0.02 -47.01
N THR E 294 44.32 -1.05 -47.46
CA THR E 294 45.71 -1.22 -47.03
C THR E 294 46.50 0.06 -47.26
N ASP E 295 46.34 0.65 -48.45
CA ASP E 295 47.01 1.91 -48.75
C ASP E 295 46.59 2.99 -47.76
N ALA E 296 45.30 3.03 -47.39
CA ALA E 296 44.89 4.00 -46.38
C ALA E 296 45.46 3.64 -45.01
N MET E 297 45.63 2.36 -44.73
CA MET E 297 46.17 2.00 -43.42
C MET E 297 47.64 2.40 -43.30
N VAL E 298 48.40 2.32 -44.39
CA VAL E 298 49.79 2.75 -44.34
C VAL E 298 49.91 4.27 -44.43
N ASP E 299 49.04 4.94 -45.20
CA ASP E 299 49.14 6.40 -45.35
C ASP E 299 48.81 7.12 -44.05
N GLN E 300 47.93 6.56 -43.22
CA GLN E 300 47.64 7.11 -41.90
C GLN E 300 48.61 6.61 -40.84
N ALA E 301 49.65 5.88 -41.25
CA ALA E 301 50.74 5.43 -40.39
C ALA E 301 50.24 4.54 -39.26
N TRP E 302 49.39 3.57 -39.62
CA TRP E 302 48.87 2.63 -38.65
C TRP E 302 49.90 1.56 -38.33
N ASP E 303 49.79 1.00 -37.12
CA ASP E 303 50.62 -0.11 -36.68
C ASP E 303 49.73 -1.15 -36.03
N ALA E 304 50.32 -2.30 -35.67
CA ALA E 304 49.54 -3.38 -35.08
C ALA E 304 48.78 -2.91 -33.84
N GLN E 305 49.44 -2.10 -33.00
CA GLN E 305 48.77 -1.56 -31.82
C GLN E 305 47.47 -0.87 -32.20
N ARG E 306 47.52 0.00 -33.21
CA ARG E 306 46.32 0.72 -33.64
C ARG E 306 45.24 -0.24 -34.13
N ILE E 307 45.63 -1.25 -34.92
CA ILE E 307 44.67 -2.21 -35.44
C ILE E 307 43.93 -2.89 -34.31
N PHE E 308 44.67 -3.41 -33.33
CA PHE E 308 44.03 -4.14 -32.26
C PHE E 308 43.24 -3.21 -31.36
N LYS E 309 43.68 -1.96 -31.22
CA LYS E 309 42.90 -1.01 -30.43
C LYS E 309 41.57 -0.72 -31.11
N GLU E 310 41.57 -0.62 -32.45
CA GLU E 310 40.34 -0.38 -33.21
C GLU E 310 39.40 -1.58 -33.10
N ALA E 311 39.93 -2.80 -33.16
CA ALA E 311 39.09 -3.97 -32.95
C ALA E 311 38.47 -3.95 -31.56
N GLU E 312 39.28 -3.65 -30.55
CA GLU E 312 38.79 -3.53 -29.17
C GLU E 312 37.69 -2.48 -29.07
N LYS E 313 37.89 -1.32 -29.71
CA LYS E 313 36.84 -0.30 -29.71
C LYS E 313 35.57 -0.84 -30.34
N PHE E 314 35.71 -1.57 -31.45
CA PHE E 314 34.55 -2.15 -32.10
C PHE E 314 33.75 -2.99 -31.12
N PHE E 315 34.44 -3.87 -30.39
CA PHE E 315 33.73 -4.73 -29.44
C PHE E 315 33.14 -3.93 -28.27
N VAL E 316 33.85 -2.89 -27.82
CA VAL E 316 33.32 -2.05 -26.74
C VAL E 316 32.04 -1.36 -27.21
N SER E 317 31.95 -1.10 -28.52
CA SER E 317 30.82 -0.35 -29.08
C SER E 317 29.50 -1.07 -28.85
N VAL E 318 29.52 -2.39 -28.75
CA VAL E 318 28.30 -3.17 -28.54
C VAL E 318 28.08 -3.55 -27.08
N GLY E 319 28.88 -2.98 -26.17
CA GLY E 319 28.71 -3.25 -24.75
C GLY E 319 29.56 -4.37 -24.22
N LEU E 320 30.47 -4.94 -25.02
CA LEU E 320 31.38 -5.93 -24.52
C LEU E 320 32.58 -5.26 -23.86
N PRO E 321 33.28 -5.95 -22.96
CA PRO E 321 34.36 -5.30 -22.21
C PRO E 321 35.63 -5.10 -23.02
N ASN E 322 36.47 -4.19 -22.50
CA ASN E 322 37.83 -3.99 -23.00
C ASN E 322 38.63 -5.28 -22.89
N MET E 323 39.72 -5.35 -23.66
CA MET E 323 40.69 -6.42 -23.45
C MET E 323 41.39 -6.19 -22.12
N THR E 324 41.76 -7.30 -21.46
CA THR E 324 42.41 -7.19 -20.17
C THR E 324 43.76 -6.49 -20.29
N GLN E 325 44.18 -5.85 -19.19
CA GLN E 325 45.54 -5.31 -19.13
C GLN E 325 46.57 -6.39 -19.46
N GLY E 326 46.34 -7.60 -18.96
CA GLY E 326 47.24 -8.68 -19.29
C GLY E 326 47.31 -8.93 -20.78
N PHE E 327 46.18 -8.78 -21.48
CA PHE E 327 46.18 -9.02 -22.93
C PHE E 327 47.19 -8.12 -23.63
N TRP E 328 47.15 -6.83 -23.32
CA TRP E 328 48.09 -5.91 -23.93
C TRP E 328 49.52 -6.16 -23.45
N GLU E 329 49.67 -6.63 -22.22
CA GLU E 329 51.01 -6.80 -21.67
C GLU E 329 51.69 -8.06 -22.18
N ASN E 330 50.92 -9.11 -22.50
CA ASN E 330 51.44 -10.46 -22.71
C ASN E 330 51.25 -11.00 -24.12
N SER E 331 50.48 -10.33 -24.95
CA SER E 331 50.26 -10.79 -26.31
C SER E 331 51.52 -10.62 -27.15
N MET E 332 51.51 -11.22 -28.33
CA MET E 332 52.52 -11.01 -29.36
C MET E 332 51.77 -10.59 -30.62
N LEU E 333 51.79 -9.30 -30.91
CA LEU E 333 51.00 -8.76 -32.02
C LEU E 333 51.84 -8.35 -33.23
N THR E 334 53.15 -8.56 -33.19
CA THR E 334 54.00 -8.34 -34.36
C THR E 334 55.08 -9.40 -34.38
N ASP E 335 55.57 -9.68 -35.59
CA ASP E 335 56.68 -10.61 -35.75
C ASP E 335 57.90 -10.11 -34.99
N PRO E 336 58.52 -10.93 -34.13
CA PRO E 336 59.74 -10.51 -33.44
C PRO E 336 60.97 -10.47 -34.33
N GLY E 337 60.84 -10.75 -35.63
CA GLY E 337 61.96 -10.57 -36.54
C GLY E 337 62.98 -11.69 -36.51
N ASN E 338 64.17 -11.38 -37.02
CA ASN E 338 65.26 -12.35 -37.09
C ASN E 338 65.81 -12.71 -35.71
N VAL E 339 65.49 -11.91 -34.68
CA VAL E 339 65.94 -12.23 -33.33
C VAL E 339 65.46 -13.62 -32.91
N GLN E 340 64.18 -13.92 -33.14
CA GLN E 340 63.62 -15.20 -32.74
C GLN E 340 62.51 -15.59 -33.69
N LYS E 341 62.35 -16.89 -33.90
CA LYS E 341 61.30 -17.40 -34.78
C LYS E 341 60.02 -17.65 -34.00
N ALA E 342 58.89 -17.42 -34.66
CA ALA E 342 57.58 -17.59 -34.06
C ALA E 342 56.63 -18.24 -35.05
N VAL E 343 55.64 -18.95 -34.52
CA VAL E 343 54.61 -19.59 -35.33
C VAL E 343 53.58 -18.52 -35.69
N CYS E 344 53.62 -18.03 -36.93
CA CYS E 344 52.91 -16.81 -37.27
C CYS E 344 51.43 -17.00 -37.57
N HIS E 345 50.91 -18.23 -37.53
CA HIS E 345 49.48 -18.44 -37.74
C HIS E 345 48.69 -17.65 -36.70
N PRO E 346 47.76 -16.78 -37.12
CA PRO E 346 46.99 -16.02 -36.14
C PRO E 346 46.15 -16.94 -35.27
N THR E 347 46.26 -16.76 -33.95
CA THR E 347 45.62 -17.64 -32.99
C THR E 347 45.21 -16.87 -31.74
N ALA E 348 44.08 -17.27 -31.15
CA ALA E 348 43.59 -16.73 -29.90
C ALA E 348 43.80 -17.73 -28.78
N TRP E 349 44.38 -17.28 -27.67
CA TRP E 349 44.78 -18.14 -26.56
C TRP E 349 43.97 -17.78 -25.33
N ASP E 350 43.45 -18.82 -24.66
CA ASP E 350 42.73 -18.73 -23.39
C ASP E 350 43.48 -19.66 -22.46
N LEU E 351 44.43 -19.12 -21.69
CA LEU E 351 45.25 -19.96 -20.84
C LEU E 351 44.56 -20.35 -19.55
N GLY E 352 43.43 -19.76 -19.25
CA GLY E 352 42.83 -19.89 -17.94
C GLY E 352 43.43 -18.91 -16.95
N LYS E 353 42.88 -18.92 -15.75
CA LYS E 353 43.35 -18.03 -14.70
C LYS E 353 43.29 -16.58 -15.15
N GLY E 354 42.29 -16.26 -15.97
CA GLY E 354 42.09 -14.89 -16.41
C GLY E 354 43.10 -14.40 -17.42
N ASP E 355 43.82 -15.31 -18.09
CA ASP E 355 44.91 -14.96 -18.99
C ASP E 355 44.46 -15.17 -20.44
N PHE E 356 44.29 -14.06 -21.17
CA PHE E 356 43.87 -14.09 -22.57
C PHE E 356 44.88 -13.37 -23.46
N ARG E 357 45.22 -13.96 -24.60
CA ARG E 357 46.24 -13.38 -25.48
C ARG E 357 45.89 -13.66 -26.94
N ILE E 358 46.52 -12.91 -27.84
CA ILE E 358 46.50 -13.22 -29.26
C ILE E 358 47.94 -13.35 -29.74
N LEU E 359 48.20 -14.37 -30.55
CA LEU E 359 49.49 -14.52 -31.22
C LEU E 359 49.29 -14.23 -32.69
N MET E 360 49.96 -13.19 -33.19
CA MET E 360 49.75 -12.77 -34.57
C MET E 360 50.95 -11.96 -35.05
N CYS E 361 51.52 -12.36 -36.18
CA CYS E 361 52.62 -11.60 -36.80
C CYS E 361 52.07 -10.50 -37.69
N THR E 362 51.37 -9.55 -37.06
CA THR E 362 50.56 -8.60 -37.80
C THR E 362 51.38 -7.77 -38.77
N LYS E 363 50.88 -7.65 -40.00
CA LYS E 363 51.35 -6.69 -40.98
C LYS E 363 50.26 -5.65 -41.18
N VAL E 364 50.65 -4.44 -41.60
CA VAL E 364 49.66 -3.38 -41.79
C VAL E 364 48.90 -3.61 -43.09
N THR E 365 47.92 -4.52 -43.07
CA THR E 365 47.17 -4.90 -44.27
C THR E 365 45.71 -5.18 -43.90
N MET E 366 44.81 -4.91 -44.84
CA MET E 366 43.38 -5.09 -44.60
C MET E 366 43.03 -6.49 -44.11
N ASP E 367 43.62 -7.52 -44.74
CA ASP E 367 43.40 -8.89 -44.31
C ASP E 367 43.73 -9.06 -42.84
N ASP E 368 44.83 -8.43 -42.39
CA ASP E 368 45.22 -8.57 -41.00
C ASP E 368 44.30 -7.80 -40.07
N PHE E 369 43.75 -6.67 -40.53
CA PHE E 369 42.71 -5.95 -39.78
C PHE E 369 41.50 -6.84 -39.53
N LEU E 370 40.99 -7.47 -40.58
CA LEU E 370 39.85 -8.36 -40.43
C LEU E 370 40.19 -9.59 -39.58
N THR E 371 41.39 -10.15 -39.77
CA THR E 371 41.74 -11.32 -38.97
C THR E 371 41.88 -10.96 -37.50
N ALA E 372 42.42 -9.77 -37.21
CA ALA E 372 42.47 -9.28 -35.84
C ALA E 372 41.08 -9.23 -35.24
N HIS E 373 40.12 -8.69 -35.98
CA HIS E 373 38.75 -8.66 -35.47
C HIS E 373 38.23 -10.07 -35.20
N HIS E 374 38.48 -11.00 -36.12
CA HIS E 374 38.06 -12.38 -35.93
C HIS E 374 38.62 -12.97 -34.64
N GLU E 375 39.94 -12.87 -34.46
CA GLU E 375 40.56 -13.49 -33.30
C GLU E 375 40.13 -12.80 -32.00
N MET E 376 39.95 -11.49 -32.03
CA MET E 376 39.47 -10.84 -30.81
C MET E 376 38.02 -11.21 -30.53
N GLY E 377 37.27 -11.55 -31.57
CA GLY E 377 35.97 -12.14 -31.33
C GLY E 377 36.09 -13.45 -30.58
N HIS E 378 37.07 -14.27 -30.96
CA HIS E 378 37.32 -15.48 -30.18
C HIS E 378 37.59 -15.13 -28.73
N ILE E 379 38.42 -14.12 -28.51
CA ILE E 379 38.79 -13.76 -27.15
C ILE E 379 37.56 -13.31 -26.37
N GLN E 380 36.69 -12.55 -27.02
CA GLN E 380 35.49 -12.11 -26.34
C GLN E 380 34.65 -13.32 -25.92
N TYR E 381 34.53 -14.30 -26.81
CA TYR E 381 33.85 -15.54 -26.47
C TYR E 381 34.48 -16.16 -25.25
N ASP E 382 35.81 -16.36 -25.28
CA ASP E 382 36.53 -16.97 -24.18
C ASP E 382 36.28 -16.24 -22.86
N MET E 383 36.37 -14.91 -22.90
CA MET E 383 36.16 -14.12 -21.69
C MET E 383 34.74 -14.28 -21.17
N ALA E 384 33.77 -14.37 -22.09
CA ALA E 384 32.37 -14.43 -21.69
C ALA E 384 32.08 -15.65 -20.84
N TYR E 385 32.58 -16.81 -21.25
CA TYR E 385 32.26 -18.03 -20.53
C TYR E 385 33.35 -18.42 -19.53
N ALA E 386 34.23 -17.49 -19.19
CA ALA E 386 35.32 -17.82 -18.27
C ALA E 386 34.82 -18.12 -16.86
N ALA E 387 33.60 -17.69 -16.52
CA ALA E 387 33.05 -17.99 -15.19
C ALA E 387 32.43 -19.37 -15.09
N GLN E 388 32.34 -20.12 -16.19
CA GLN E 388 31.80 -21.47 -16.17
C GLN E 388 32.84 -22.45 -15.65
N PRO E 389 32.39 -23.62 -15.17
CA PRO E 389 33.35 -24.66 -14.78
C PRO E 389 34.31 -24.96 -15.93
N PHE E 390 35.51 -25.42 -15.55
CA PHE E 390 36.58 -25.68 -16.52
C PHE E 390 36.07 -26.45 -17.73
N LEU E 391 35.36 -27.56 -17.49
CA LEU E 391 34.92 -28.45 -18.55
C LEU E 391 33.78 -27.88 -19.37
N LEU E 392 33.18 -26.77 -18.96
CA LEU E 392 32.13 -26.16 -19.76
C LEU E 392 32.59 -24.89 -20.46
N ARG E 393 33.89 -24.63 -20.47
CA ARG E 393 34.48 -23.46 -21.12
C ARG E 393 34.81 -23.77 -22.57
N ASN E 394 33.82 -23.61 -23.46
CA ASN E 394 34.03 -23.85 -24.87
C ASN E 394 32.81 -23.36 -25.63
N GLY E 395 32.87 -23.46 -26.96
CA GLY E 395 31.72 -23.13 -27.78
C GLY E 395 30.56 -24.07 -27.52
N ALA E 396 29.34 -23.59 -27.81
CA ALA E 396 28.16 -24.41 -27.54
C ALA E 396 28.21 -25.74 -28.27
N ASN E 397 28.77 -25.75 -29.48
CA ASN E 397 29.16 -26.98 -30.15
C ASN E 397 30.32 -26.62 -31.09
N GLU E 398 30.76 -27.60 -31.87
CA GLU E 398 32.00 -27.45 -32.64
C GLU E 398 31.96 -26.31 -33.65
N GLY E 399 30.80 -25.75 -33.95
CA GLY E 399 30.73 -24.70 -34.96
C GLY E 399 30.59 -23.27 -34.44
N PHE E 400 30.35 -23.11 -33.13
CA PHE E 400 29.93 -21.81 -32.60
C PHE E 400 31.05 -20.78 -32.66
N HIS E 401 32.23 -21.14 -32.15
CA HIS E 401 33.36 -20.23 -32.02
C HIS E 401 33.72 -19.59 -33.36
N GLU E 402 33.98 -20.41 -34.38
CA GLU E 402 34.42 -19.85 -35.65
C GLU E 402 33.34 -18.98 -36.28
N ALA E 403 32.06 -19.30 -36.03
CA ALA E 403 30.99 -18.42 -36.52
C ALA E 403 31.07 -17.05 -35.83
N VAL E 404 31.25 -17.06 -34.49
CA VAL E 404 31.44 -15.82 -33.76
C VAL E 404 32.60 -15.03 -34.35
N GLY E 405 33.69 -15.72 -34.66
CA GLY E 405 34.83 -15.03 -35.26
C GLY E 405 34.48 -14.40 -36.59
N GLU E 406 33.83 -15.17 -37.47
CA GLU E 406 33.57 -14.72 -38.84
C GLU E 406 32.65 -13.50 -38.88
N ILE E 407 31.63 -13.46 -38.00
CA ILE E 407 30.68 -12.34 -38.08
C ILE E 407 31.38 -11.01 -37.74
N MET E 408 32.45 -11.05 -36.95
CA MET E 408 33.17 -9.81 -36.65
C MET E 408 33.81 -9.25 -37.92
N SER E 409 34.59 -10.07 -38.63
CA SER E 409 35.18 -9.64 -39.89
C SER E 409 34.11 -9.21 -40.89
N LEU E 410 32.96 -9.88 -40.88
CA LEU E 410 31.84 -9.44 -41.72
C LEU E 410 31.49 -7.98 -41.45
N SER E 411 31.22 -7.67 -40.17
CA SER E 411 30.84 -6.29 -39.83
C SER E 411 31.98 -5.31 -40.08
N ALA E 412 33.23 -5.74 -39.90
CA ALA E 412 34.36 -4.83 -40.04
C ALA E 412 34.61 -4.43 -41.48
N ALA E 413 34.29 -5.31 -42.44
CA ALA E 413 34.63 -5.09 -43.84
C ALA E 413 33.61 -4.23 -44.60
N THR E 414 32.43 -3.97 -44.03
CA THR E 414 31.37 -3.27 -44.77
C THR E 414 31.72 -1.80 -44.95
N PRO E 415 31.36 -1.22 -46.10
CA PRO E 415 31.81 0.16 -46.36
C PRO E 415 31.33 1.14 -45.32
N LYS E 416 30.13 0.91 -44.77
CA LYS E 416 29.63 1.71 -43.65
C LYS E 416 30.67 1.79 -42.54
N HIS E 417 31.21 0.64 -42.13
CA HIS E 417 32.14 0.60 -41.01
C HIS E 417 33.46 1.28 -41.35
N LEU E 418 34.04 1.00 -42.53
CA LEU E 418 35.31 1.64 -42.87
C LEU E 418 35.16 3.16 -42.94
N LYS E 419 34.04 3.65 -43.49
CA LYS E 419 33.76 5.09 -43.40
C LYS E 419 33.70 5.55 -41.94
N SER E 420 32.98 4.79 -41.10
CA SER E 420 32.77 5.17 -39.71
C SER E 420 34.09 5.30 -38.95
N ILE E 421 35.04 4.40 -39.22
CA ILE E 421 36.34 4.40 -38.53
C ILE E 421 37.42 5.11 -39.35
N GLY E 422 37.04 5.78 -40.44
CA GLY E 422 37.94 6.67 -41.15
C GLY E 422 38.90 6.03 -42.12
N LEU E 423 38.61 4.82 -42.62
CA LEU E 423 39.44 4.17 -43.64
C LEU E 423 38.95 4.39 -45.07
N LEU E 424 37.69 4.81 -45.25
CA LEU E 424 37.14 5.22 -46.54
C LEU E 424 36.70 6.68 -46.47
N SER E 425 36.84 7.41 -47.58
CA SER E 425 36.42 8.81 -47.63
C SER E 425 34.91 8.89 -47.42
N PRO E 426 34.42 9.84 -46.63
CA PRO E 426 32.98 9.88 -46.32
C PRO E 426 32.05 9.94 -47.53
N ASP E 427 32.48 10.53 -48.64
CA ASP E 427 31.70 10.56 -49.86
C ASP E 427 31.97 9.35 -50.77
N PHE E 428 32.77 8.37 -50.30
CA PHE E 428 33.03 7.19 -51.13
C PHE E 428 31.70 6.62 -51.57
N GLN E 429 31.48 6.60 -52.87
CA GLN E 429 30.20 6.17 -53.42
C GLN E 429 30.23 4.67 -53.61
N GLU E 430 29.13 4.02 -53.29
CA GLU E 430 29.00 2.59 -53.46
C GLU E 430 28.88 2.30 -54.95
N ASP E 431 28.83 1.02 -55.28
CA ASP E 431 28.64 0.62 -56.67
C ASP E 431 28.07 -0.80 -56.69
N ASN E 432 26.99 -1.02 -57.45
CA ASN E 432 26.41 -2.36 -57.53
C ASN E 432 27.38 -3.36 -58.13
N GLU E 433 28.18 -2.93 -59.11
CA GLU E 433 29.09 -3.84 -59.79
C GLU E 433 30.17 -4.35 -58.82
N THR E 434 30.77 -3.45 -58.03
CA THR E 434 31.76 -3.86 -57.05
C THR E 434 31.14 -4.73 -55.97
N GLU E 435 29.91 -4.40 -55.55
CA GLU E 435 29.22 -5.19 -54.54
C GLU E 435 28.94 -6.60 -55.06
N ILE E 436 28.54 -6.71 -56.33
CA ILE E 436 28.28 -8.02 -56.92
C ILE E 436 29.58 -8.82 -57.07
N ASN E 437 30.69 -8.15 -57.41
CA ASN E 437 32.00 -8.80 -57.39
C ASN E 437 32.29 -9.42 -56.03
N PHE E 438 32.17 -8.59 -54.98
CA PHE E 438 32.43 -9.06 -53.63
C PHE E 438 31.50 -10.23 -53.27
N LEU E 439 30.22 -10.11 -53.62
CA LEU E 439 29.25 -11.16 -53.32
C LEU E 439 29.57 -12.44 -54.08
N LEU E 440 30.06 -12.31 -55.31
CA LEU E 440 30.49 -13.48 -56.06
C LEU E 440 31.60 -14.21 -55.32
N LYS E 441 32.69 -13.49 -54.98
CA LYS E 441 33.79 -14.11 -54.23
C LYS E 441 33.28 -14.85 -52.99
N GLN E 442 32.46 -14.15 -52.20
CA GLN E 442 31.85 -14.77 -51.02
C GLN E 442 31.09 -16.05 -51.39
N ALA E 443 30.40 -16.04 -52.54
CA ALA E 443 29.68 -17.25 -52.98
C ALA E 443 30.65 -18.37 -53.32
N LEU E 444 31.65 -18.06 -54.16
CA LEU E 444 32.67 -19.04 -54.57
C LEU E 444 33.24 -19.79 -53.38
N THR E 445 33.48 -19.08 -52.28
CA THR E 445 33.99 -19.75 -51.09
C THR E 445 32.86 -20.44 -50.31
N ILE E 446 31.91 -19.67 -49.83
CA ILE E 446 30.91 -20.15 -48.86
C ILE E 446 29.93 -21.13 -49.52
N VAL E 447 29.21 -20.63 -50.54
CA VAL E 447 28.25 -21.44 -51.25
C VAL E 447 28.96 -22.58 -51.96
N GLY E 448 30.13 -22.29 -52.52
CA GLY E 448 30.87 -23.33 -53.21
C GLY E 448 31.20 -24.50 -52.31
N THR E 449 31.71 -24.22 -51.11
CA THR E 449 32.16 -25.31 -50.26
C THR E 449 31.02 -26.04 -49.60
N LEU E 450 29.81 -25.46 -49.52
CA LEU E 450 28.76 -26.18 -48.80
C LEU E 450 28.40 -27.53 -49.44
N PRO E 451 28.08 -27.63 -50.75
CA PRO E 451 27.82 -28.97 -51.32
C PRO E 451 29.01 -29.90 -51.24
N PHE E 452 30.22 -29.39 -51.45
CA PHE E 452 31.43 -30.19 -51.30
C PHE E 452 31.47 -30.83 -49.92
N THR E 453 31.29 -30.00 -48.88
CA THR E 453 31.38 -30.49 -47.51
C THR E 453 30.31 -31.52 -47.23
N TYR E 454 29.07 -31.22 -47.61
CA TYR E 454 27.98 -32.16 -47.37
C TYR E 454 28.22 -33.48 -48.10
N MET E 455 28.67 -33.43 -49.35
CA MET E 455 28.88 -34.65 -50.11
C MET E 455 30.00 -35.49 -49.48
N LEU E 456 31.11 -34.85 -49.12
CA LEU E 456 32.21 -35.57 -48.49
C LEU E 456 31.74 -36.26 -47.22
N GLU E 457 31.08 -35.51 -46.33
CA GLU E 457 30.71 -36.11 -45.07
C GLU E 457 29.63 -37.17 -45.27
N LYS E 458 28.77 -37.02 -46.27
CA LYS E 458 27.78 -38.07 -46.49
C LYS E 458 28.44 -39.34 -47.01
N TRP E 459 29.41 -39.21 -47.91
CA TRP E 459 30.15 -40.40 -48.33
C TRP E 459 30.80 -41.10 -47.14
N ARG E 460 31.41 -40.33 -46.23
CA ARG E 460 32.03 -40.95 -45.07
C ARG E 460 30.99 -41.59 -44.15
N TRP E 461 29.88 -40.89 -43.91
CA TRP E 461 28.79 -41.45 -43.11
C TRP E 461 28.33 -42.77 -43.69
N MET E 462 28.20 -42.83 -45.01
CA MET E 462 27.70 -44.02 -45.68
C MET E 462 28.72 -45.16 -45.62
N VAL E 463 30.00 -44.84 -45.72
CA VAL E 463 31.03 -45.88 -45.60
C VAL E 463 31.03 -46.44 -44.18
N PHE E 464 30.95 -45.56 -43.17
CA PHE E 464 30.93 -46.04 -41.79
C PHE E 464 29.67 -46.85 -41.50
N LYS E 465 28.53 -46.42 -42.01
CA LYS E 465 27.28 -47.14 -41.82
C LYS E 465 27.28 -48.50 -42.52
N GLY E 466 28.19 -48.71 -43.47
CA GLY E 466 28.24 -49.96 -44.20
C GLY E 466 27.36 -50.03 -45.43
N GLU E 467 27.00 -48.89 -46.01
CA GLU E 467 26.15 -48.88 -47.18
C GLU E 467 26.93 -48.86 -48.48
N ILE E 468 28.24 -48.69 -48.43
CA ILE E 468 29.07 -48.65 -49.63
C ILE E 468 30.12 -49.74 -49.52
N PRO E 469 29.94 -50.86 -50.21
CA PRO E 469 30.98 -51.89 -50.25
C PRO E 469 32.23 -51.35 -50.91
N LYS E 470 33.38 -51.89 -50.52
CA LYS E 470 34.65 -51.40 -51.04
C LYS E 470 34.66 -51.38 -52.56
N ASP E 471 34.04 -52.40 -53.19
CA ASP E 471 33.98 -52.50 -54.64
C ASP E 471 33.30 -51.29 -55.28
N GLN E 472 32.52 -50.52 -54.53
CA GLN E 472 31.85 -49.38 -55.11
C GLN E 472 32.31 -48.08 -54.46
N TRP E 473 33.31 -48.14 -53.57
CA TRP E 473 33.79 -46.99 -52.83
C TRP E 473 34.00 -45.83 -53.79
N MET E 474 35.04 -45.93 -54.62
CA MET E 474 35.33 -44.81 -55.51
C MET E 474 34.14 -44.52 -56.39
N LYS E 475 33.46 -45.56 -56.89
CA LYS E 475 32.32 -45.34 -57.75
C LYS E 475 31.30 -44.43 -57.07
N LYS E 476 30.85 -44.84 -55.87
CA LYS E 476 29.84 -44.03 -55.19
C LYS E 476 30.34 -42.60 -55.01
N TRP E 477 31.61 -42.46 -54.57
CA TRP E 477 32.21 -41.14 -54.43
C TRP E 477 31.95 -40.29 -55.66
N TRP E 478 32.40 -40.75 -56.84
CA TRP E 478 32.24 -39.90 -58.00
C TRP E 478 30.78 -39.80 -58.42
N GLU E 479 30.00 -40.86 -58.26
CA GLU E 479 28.55 -40.74 -58.50
C GLU E 479 27.99 -39.58 -57.69
N MET E 480 28.34 -39.53 -56.39
CA MET E 480 27.89 -38.44 -55.54
C MET E 480 28.47 -37.11 -56.03
N LYS E 481 29.76 -37.09 -56.37
CA LYS E 481 30.34 -35.88 -56.93
C LYS E 481 29.52 -35.40 -58.12
N ARG E 482 29.04 -36.35 -58.93
CA ARG E 482 28.25 -35.97 -60.09
C ARG E 482 26.86 -35.43 -59.68
N GLU E 483 26.17 -36.11 -58.76
CA GLU E 483 24.76 -35.79 -58.45
C GLU E 483 24.66 -34.60 -57.50
N ILE E 484 25.41 -34.66 -56.39
CA ILE E 484 25.25 -33.61 -55.33
C ILE E 484 25.98 -32.32 -55.67
N VAL E 485 27.24 -32.39 -56.09
CA VAL E 485 28.02 -31.17 -56.26
C VAL E 485 28.29 -30.87 -57.72
N GLY E 486 27.90 -31.73 -58.64
CA GLY E 486 28.07 -31.42 -60.05
C GLY E 486 29.52 -31.34 -60.51
N VAL E 487 30.37 -32.26 -60.07
CA VAL E 487 31.78 -32.30 -60.40
C VAL E 487 32.12 -33.70 -60.87
N VAL E 488 32.95 -33.81 -61.92
CA VAL E 488 33.32 -35.10 -62.50
C VAL E 488 34.83 -35.25 -62.52
N GLU E 489 35.26 -36.50 -62.39
CA GLU E 489 36.68 -36.80 -62.42
C GLU E 489 37.19 -36.69 -63.86
N PRO E 490 38.40 -36.16 -64.05
CA PRO E 490 38.93 -36.13 -65.43
C PRO E 490 39.32 -37.49 -65.95
N VAL E 491 39.83 -38.37 -65.09
CA VAL E 491 40.26 -39.73 -65.47
C VAL E 491 39.42 -40.80 -64.76
N PRO E 492 38.99 -41.86 -65.43
CA PRO E 492 38.33 -42.91 -64.71
C PRO E 492 39.18 -43.42 -63.57
N HIS E 493 38.57 -43.57 -62.38
CA HIS E 493 39.25 -44.06 -61.20
C HIS E 493 38.58 -45.33 -60.73
N ASP E 494 39.38 -46.31 -60.36
CA ASP E 494 38.94 -47.60 -59.85
C ASP E 494 39.14 -47.64 -58.35
N GLU E 495 38.92 -48.81 -57.75
CA GLU E 495 39.00 -48.98 -56.31
C GLU E 495 40.44 -49.14 -55.79
N THR E 496 41.44 -48.87 -56.62
CA THR E 496 42.82 -48.81 -56.13
C THR E 496 43.21 -47.44 -55.58
N TYR E 497 42.43 -46.40 -55.86
CA TYR E 497 42.70 -45.06 -55.39
C TYR E 497 42.14 -44.89 -53.99
N CYS E 498 42.23 -43.65 -53.48
CA CYS E 498 41.48 -43.26 -52.28
C CYS E 498 41.32 -41.73 -52.32
N ASP E 499 40.54 -41.27 -53.30
CA ASP E 499 40.43 -39.84 -53.55
C ASP E 499 39.93 -39.05 -52.34
N PRO E 500 38.94 -39.50 -51.55
CA PRO E 500 38.58 -38.70 -50.37
C PRO E 500 39.75 -38.52 -49.43
N ALA E 501 40.59 -39.54 -49.28
CA ALA E 501 41.77 -39.48 -48.42
C ALA E 501 42.84 -38.55 -48.95
N SER E 502 42.72 -38.06 -50.19
CA SER E 502 43.64 -37.08 -50.72
C SER E 502 43.50 -35.71 -50.08
N LEU E 503 42.49 -35.52 -49.23
CA LEU E 503 42.31 -34.29 -48.46
C LEU E 503 42.79 -34.52 -47.02
N PHE E 504 43.31 -33.44 -46.42
CA PHE E 504 43.93 -33.56 -45.10
C PHE E 504 42.95 -34.09 -44.07
N HIS E 505 41.76 -33.49 -43.98
CA HIS E 505 40.82 -33.83 -42.92
C HIS E 505 40.48 -35.32 -42.95
N VAL E 506 40.46 -35.91 -44.13
CA VAL E 506 40.08 -37.32 -44.26
C VAL E 506 41.24 -38.20 -43.85
N SER E 507 42.44 -37.90 -44.35
CA SER E 507 43.61 -38.70 -44.01
C SER E 507 44.10 -38.46 -42.59
N ASN E 508 43.65 -37.38 -41.95
CA ASN E 508 44.05 -37.06 -40.58
C ASN E 508 42.89 -37.18 -39.58
N ASP E 509 41.78 -37.79 -39.99
CA ASP E 509 40.77 -38.31 -39.04
C ASP E 509 40.00 -37.18 -38.35
N TYR E 510 39.52 -36.23 -39.13
CA TYR E 510 38.74 -35.10 -38.64
C TYR E 510 37.33 -35.15 -39.22
N SER E 511 36.35 -34.76 -38.40
CA SER E 511 35.02 -34.57 -38.95
C SER E 511 35.01 -33.35 -39.87
N PHE E 512 34.04 -33.31 -40.78
CA PHE E 512 34.00 -32.27 -41.79
C PHE E 512 32.69 -31.49 -41.81
N ILE E 513 31.59 -32.07 -41.34
CA ILE E 513 30.31 -31.40 -41.38
C ILE E 513 30.32 -30.12 -40.56
N ARG E 514 31.30 -29.98 -39.65
CA ARG E 514 31.45 -28.75 -38.87
C ARG E 514 31.44 -27.51 -39.77
N TYR E 515 31.94 -27.62 -41.00
CA TYR E 515 32.01 -26.47 -41.89
C TYR E 515 30.63 -26.06 -42.38
N TYR E 516 29.80 -27.04 -42.75
CA TYR E 516 28.41 -26.76 -43.10
C TYR E 516 27.69 -26.04 -41.96
N THR E 517 27.71 -26.66 -40.77
CA THR E 517 26.95 -26.12 -39.65
C THR E 517 27.48 -24.75 -39.24
N ARG E 518 28.80 -24.58 -39.17
CA ARG E 518 29.37 -23.31 -38.80
C ARG E 518 28.99 -22.23 -39.79
N THR E 519 29.06 -22.53 -41.08
CA THR E 519 28.70 -21.54 -42.09
C THR E 519 27.25 -21.11 -41.93
N LEU E 520 26.35 -22.05 -41.67
CA LEU E 520 24.96 -21.66 -41.50
C LEU E 520 24.76 -20.86 -40.22
N TYR E 521 25.37 -21.31 -39.11
CA TYR E 521 25.26 -20.58 -37.85
C TYR E 521 25.75 -19.14 -37.99
N GLN E 522 26.85 -18.96 -38.72
CA GLN E 522 27.44 -17.65 -38.94
C GLN E 522 26.41 -16.64 -39.46
N PHE E 523 25.71 -16.99 -40.53
CA PHE E 523 24.76 -16.05 -41.11
C PHE E 523 23.47 -15.97 -40.30
N GLN E 524 23.08 -17.04 -39.61
CA GLN E 524 22.00 -16.92 -38.64
C GLN E 524 22.34 -15.85 -37.60
N PHE E 525 23.53 -15.95 -37.02
CA PHE E 525 23.99 -14.95 -36.05
C PHE E 525 23.93 -13.56 -36.65
N GLN E 526 24.53 -13.38 -37.82
CA GLN E 526 24.65 -12.04 -38.38
C GLN E 526 23.28 -11.44 -38.65
N GLU E 527 22.36 -12.25 -39.18
CA GLU E 527 21.01 -11.75 -39.44
C GLU E 527 20.31 -11.33 -38.15
N ALA E 528 20.36 -12.20 -37.13
CA ALA E 528 19.71 -11.87 -35.87
C ALA E 528 20.28 -10.59 -35.27
N LEU E 529 21.60 -10.44 -35.31
CA LEU E 529 22.23 -9.29 -34.66
C LEU E 529 21.99 -8.01 -35.44
N CYS E 530 22.07 -8.07 -36.77
CA CYS E 530 21.74 -6.89 -37.57
C CYS E 530 20.29 -6.49 -37.38
N GLN E 531 19.41 -7.48 -37.23
CA GLN E 531 17.99 -7.18 -36.93
C GLN E 531 17.93 -6.41 -35.61
N ALA E 532 18.59 -6.93 -34.57
CA ALA E 532 18.61 -6.26 -33.27
C ALA E 532 19.20 -4.85 -33.38
N ALA E 533 20.12 -4.65 -34.33
CA ALA E 533 20.74 -3.36 -34.58
C ALA E 533 19.90 -2.50 -35.51
N LYS E 534 18.64 -2.88 -35.75
CA LYS E 534 17.71 -2.08 -36.57
C LYS E 534 18.28 -1.76 -37.94
N HIS E 535 19.14 -2.65 -38.46
CA HIS E 535 19.70 -2.46 -39.79
C HIS E 535 18.60 -2.52 -40.84
N GLU E 536 18.67 -1.62 -41.81
CA GLU E 536 17.74 -1.58 -42.93
C GLU E 536 18.50 -1.83 -44.22
N GLY E 537 17.91 -2.59 -45.13
CA GLY E 537 18.53 -2.89 -46.40
C GLY E 537 19.21 -4.25 -46.42
N PRO E 538 19.95 -4.52 -47.51
CA PRO E 538 20.58 -5.84 -47.67
C PRO E 538 21.46 -6.23 -46.49
N LEU E 539 21.47 -7.53 -46.17
CA LEU E 539 22.19 -8.02 -44.99
C LEU E 539 23.70 -7.84 -45.10
N HIS E 540 24.25 -7.91 -46.31
CA HIS E 540 25.70 -7.84 -46.49
C HIS E 540 26.26 -6.44 -46.26
N LYS E 541 25.43 -5.41 -46.22
CA LYS E 541 25.90 -4.06 -45.98
C LYS E 541 25.87 -3.67 -44.49
N CYS E 542 25.66 -4.65 -43.59
CA CYS E 542 25.35 -4.36 -42.20
C CYS E 542 26.58 -4.33 -41.30
N ASP E 543 26.59 -3.37 -40.38
CA ASP E 543 27.63 -3.22 -39.36
C ASP E 543 26.95 -3.13 -38.01
N ILE E 544 27.25 -4.07 -37.12
CA ILE E 544 26.61 -4.13 -35.81
C ILE E 544 27.18 -3.13 -34.81
N SER E 545 28.14 -2.30 -35.24
CA SER E 545 28.80 -1.34 -34.35
C SER E 545 27.78 -0.45 -33.65
N ASN E 546 28.07 -0.11 -32.40
CA ASN E 546 27.30 0.82 -31.56
C ASN E 546 25.95 0.26 -31.13
N SER E 547 25.71 -1.04 -31.33
CA SER E 547 24.43 -1.64 -30.96
C SER E 547 24.60 -2.47 -29.70
N THR E 548 24.14 -1.93 -28.56
CA THR E 548 24.12 -2.72 -27.33
C THR E 548 23.01 -3.76 -27.35
N GLU E 549 21.98 -3.57 -28.19
CA GLU E 549 20.97 -4.61 -28.38
C GLU E 549 21.59 -5.86 -29.00
N ALA E 550 22.32 -5.70 -30.10
CA ALA E 550 23.00 -6.82 -30.73
C ALA E 550 24.08 -7.39 -29.80
N GLY E 551 24.84 -6.52 -29.15
CA GLY E 551 25.84 -7.01 -28.21
C GLY E 551 25.22 -7.84 -27.11
N GLN E 552 24.09 -7.39 -26.57
CA GLN E 552 23.44 -8.13 -25.50
C GLN E 552 22.95 -9.48 -26.01
N LYS E 553 22.29 -9.49 -27.18
CA LYS E 553 21.84 -10.74 -27.78
C LYS E 553 22.99 -11.72 -27.93
N LEU E 554 24.15 -11.24 -28.40
CA LEU E 554 25.31 -12.09 -28.62
C LEU E 554 25.90 -12.59 -27.29
N PHE E 555 25.99 -11.71 -26.30
CA PHE E 555 26.58 -12.08 -25.01
C PHE E 555 25.73 -13.11 -24.27
N ASN E 556 24.40 -13.01 -24.40
CA ASN E 556 23.52 -13.98 -23.76
C ASN E 556 23.82 -15.40 -24.20
N MET E 557 24.44 -15.58 -25.36
CA MET E 557 24.90 -16.88 -25.82
C MET E 557 26.35 -17.14 -25.41
N LEU E 558 27.23 -16.16 -25.66
CA LEU E 558 28.65 -16.36 -25.38
C LEU E 558 28.87 -16.81 -23.93
N ARG E 559 28.16 -16.18 -22.99
CA ARG E 559 28.38 -16.47 -21.58
C ARG E 559 28.06 -17.93 -21.20
N LEU E 560 27.23 -18.62 -21.98
CA LEU E 560 26.84 -19.99 -21.62
C LEU E 560 27.97 -20.98 -21.83
N GLY E 561 28.85 -20.70 -22.76
CA GLY E 561 29.84 -21.67 -23.17
C GLY E 561 29.18 -22.97 -23.60
N LYS E 562 29.57 -24.05 -22.94
CA LYS E 562 29.14 -25.41 -23.24
C LYS E 562 28.17 -25.93 -22.18
N SER E 563 27.66 -25.04 -21.32
CA SER E 563 26.82 -25.44 -20.20
C SER E 563 25.38 -25.76 -20.62
N GLU E 564 24.88 -25.14 -21.67
CA GLU E 564 23.53 -25.41 -22.11
C GLU E 564 23.52 -26.12 -23.43
N PRO E 565 22.42 -26.79 -23.79
CA PRO E 565 22.30 -27.36 -25.14
C PRO E 565 22.62 -26.32 -26.21
N TRP E 566 23.30 -26.76 -27.26
CA TRP E 566 23.62 -25.83 -28.35
C TRP E 566 22.35 -25.31 -29.01
N THR E 567 21.28 -26.11 -29.00
CA THR E 567 19.99 -25.62 -29.49
C THR E 567 19.56 -24.37 -28.72
N LEU E 568 19.71 -24.40 -27.40
CA LEU E 568 19.33 -23.23 -26.61
C LEU E 568 20.31 -22.09 -26.85
N ALA E 569 21.61 -22.38 -26.92
CA ALA E 569 22.58 -21.33 -27.20
C ALA E 569 22.22 -20.59 -28.48
N LEU E 570 21.84 -21.33 -29.51
CA LEU E 570 21.41 -20.70 -30.76
C LEU E 570 20.13 -19.89 -30.56
N GLU E 571 19.16 -20.45 -29.81
CA GLU E 571 17.91 -19.74 -29.56
C GLU E 571 18.17 -18.39 -28.89
N ASN E 572 19.17 -18.33 -28.00
CA ASN E 572 19.47 -17.09 -27.29
C ASN E 572 19.89 -15.99 -28.26
N VAL E 573 20.43 -16.34 -29.41
CA VAL E 573 20.86 -15.34 -30.39
C VAL E 573 19.77 -15.08 -31.43
N VAL E 574 19.15 -16.13 -31.96
CA VAL E 574 18.29 -16.00 -33.13
C VAL E 574 16.82 -16.24 -32.84
N GLY E 575 16.46 -16.66 -31.62
CA GLY E 575 15.07 -16.87 -31.29
C GLY E 575 14.49 -18.19 -31.74
N ALA E 576 15.26 -19.03 -32.44
CA ALA E 576 14.82 -20.35 -32.86
C ALA E 576 15.85 -21.38 -32.40
N LYS E 577 15.38 -22.62 -32.22
CA LYS E 577 16.22 -23.68 -31.64
C LYS E 577 16.95 -24.52 -32.67
N ASN E 578 16.90 -24.16 -33.96
CA ASN E 578 17.38 -25.08 -34.99
C ASN E 578 18.22 -24.36 -36.04
N MET E 579 19.06 -25.16 -36.70
CA MET E 579 19.82 -24.67 -37.83
C MET E 579 18.89 -24.29 -38.97
N ASN E 580 19.22 -23.18 -39.64
CA ASN E 580 18.38 -22.63 -40.70
C ASN E 580 19.26 -21.94 -41.72
N VAL E 581 19.08 -22.30 -43.00
CA VAL E 581 19.90 -21.74 -44.08
C VAL E 581 19.30 -20.45 -44.65
N ARG E 582 18.09 -20.10 -44.25
CA ARG E 582 17.45 -18.90 -44.78
C ARG E 582 18.30 -17.64 -44.64
N PRO E 583 19.01 -17.39 -43.52
CA PRO E 583 19.83 -16.17 -43.46
C PRO E 583 20.97 -16.14 -44.48
N LEU E 584 21.56 -17.29 -44.77
CA LEU E 584 22.59 -17.34 -45.80
C LEU E 584 22.01 -16.95 -47.16
N LEU E 585 20.81 -17.44 -47.47
CA LEU E 585 20.11 -17.05 -48.68
C LEU E 585 19.78 -15.57 -48.68
N ASN E 586 19.46 -15.00 -47.51
CA ASN E 586 19.23 -13.56 -47.41
C ASN E 586 20.50 -12.79 -47.76
N TYR E 587 21.62 -13.20 -47.16
CA TYR E 587 22.91 -12.60 -47.46
C TYR E 587 23.20 -12.63 -48.96
N PHE E 588 22.85 -13.72 -49.62
CA PHE E 588 23.20 -13.86 -51.02
C PHE E 588 22.08 -13.48 -52.00
N GLU E 589 20.92 -13.04 -51.52
CA GLU E 589 19.77 -12.82 -52.41
C GLU E 589 20.04 -11.84 -53.54
N PRO E 590 20.71 -10.72 -53.35
CA PRO E 590 21.08 -9.91 -54.53
C PRO E 590 21.86 -10.71 -55.56
N LEU E 591 22.84 -11.53 -55.13
CA LEU E 591 23.59 -12.35 -56.07
C LEU E 591 22.74 -13.45 -56.67
N PHE E 592 21.85 -14.06 -55.87
CA PHE E 592 20.95 -15.08 -56.41
C PHE E 592 20.09 -14.51 -57.53
N THR E 593 19.50 -13.33 -57.31
CA THR E 593 18.66 -12.72 -58.34
C THR E 593 19.50 -12.33 -59.56
N TRP E 594 20.68 -11.72 -59.34
CA TRP E 594 21.53 -11.34 -60.45
C TRP E 594 21.94 -12.56 -61.29
N LEU E 595 22.20 -13.68 -60.62
CA LEU E 595 22.55 -14.92 -61.32
C LEU E 595 21.37 -15.42 -62.13
N LYS E 596 20.17 -15.49 -61.50
CA LYS E 596 18.97 -15.91 -62.22
C LYS E 596 18.74 -15.05 -63.45
N ASP E 597 19.10 -13.77 -63.38
CA ASP E 597 19.01 -12.90 -64.56
C ASP E 597 20.06 -13.27 -65.60
N GLN E 598 21.28 -13.59 -65.15
CA GLN E 598 22.33 -13.95 -66.09
C GLN E 598 22.04 -15.27 -66.80
N ASN E 599 21.45 -16.22 -66.10
CA ASN E 599 21.26 -17.58 -66.61
C ASN E 599 19.92 -17.81 -67.30
N LYS E 600 19.06 -16.77 -67.42
CA LYS E 600 17.70 -17.00 -67.88
C LYS E 600 17.64 -17.67 -69.24
N ASN E 601 18.60 -17.37 -70.12
CA ASN E 601 18.68 -18.01 -71.43
C ASN E 601 19.78 -19.07 -71.49
N SER E 602 19.98 -19.81 -70.39
CA SER E 602 21.04 -20.78 -70.27
C SER E 602 20.55 -21.98 -69.46
N PHE E 603 21.14 -23.14 -69.71
CA PHE E 603 20.75 -24.34 -68.97
C PHE E 603 21.30 -24.28 -67.55
N VAL E 604 20.43 -24.56 -66.58
CA VAL E 604 20.79 -24.60 -65.17
C VAL E 604 20.57 -26.02 -64.66
N GLY E 605 21.47 -26.49 -63.81
CA GLY E 605 21.53 -27.89 -63.46
C GLY E 605 22.58 -28.60 -64.26
N TRP E 606 22.59 -29.93 -64.14
CA TRP E 606 23.63 -30.71 -64.82
C TRP E 606 23.20 -32.16 -64.97
N SER E 607 23.70 -32.79 -66.04
CA SER E 607 23.49 -34.21 -66.27
C SER E 607 24.67 -34.99 -65.70
N THR E 608 24.36 -36.07 -64.97
CA THR E 608 25.38 -36.93 -64.37
C THR E 608 26.02 -37.87 -65.39
N ASP E 609 25.51 -37.91 -66.63
CA ASP E 609 26.00 -38.87 -67.61
C ASP E 609 27.29 -38.42 -68.29
N TRP E 610 27.49 -37.10 -68.42
CA TRP E 610 28.62 -36.59 -69.17
C TRP E 610 29.94 -36.91 -68.49
N SER E 611 31.02 -36.98 -69.31
CA SER E 611 32.38 -37.26 -68.89
C SER E 611 33.34 -36.70 -69.92
N PRO E 612 34.44 -36.05 -69.51
CA PRO E 612 35.42 -35.49 -70.45
C PRO E 612 36.11 -36.56 -71.29
N SER F 19 -12.65 24.57 37.60
CA SER F 19 -14.01 24.85 37.15
C SER F 19 -14.18 26.25 36.55
N THR F 20 -14.08 26.37 35.22
CA THR F 20 -14.20 27.66 34.58
C THR F 20 -15.66 28.12 34.56
N ILE F 21 -15.87 29.37 34.18
CA ILE F 21 -17.24 29.88 34.04
C ILE F 21 -17.94 29.14 32.92
N GLU F 22 -17.24 28.87 31.83
CA GLU F 22 -17.86 28.18 30.71
C GLU F 22 -18.26 26.76 31.08
N GLU F 23 -17.44 26.07 31.88
CA GLU F 23 -17.81 24.71 32.29
C GLU F 23 -19.06 24.74 33.16
N GLN F 24 -19.11 25.67 34.12
CA GLN F 24 -20.32 25.86 34.93
C GLN F 24 -21.52 26.15 34.05
N ALA F 25 -21.33 27.00 33.03
CA ALA F 25 -22.46 27.37 32.19
C ALA F 25 -22.97 26.17 31.39
N LYS F 26 -22.04 25.32 30.92
CA LYS F 26 -22.43 24.08 30.23
C LYS F 26 -23.26 23.19 31.14
N THR F 27 -22.79 23.00 32.39
CA THR F 27 -23.55 22.18 33.34
C THR F 27 -24.93 22.77 33.59
N PHE F 28 -24.97 24.09 33.82
CA PHE F 28 -26.24 24.77 34.06
C PHE F 28 -27.19 24.50 32.92
N LEU F 29 -26.70 24.61 31.68
CA LEU F 29 -27.55 24.40 30.53
C LEU F 29 -28.03 22.97 30.45
N ASP F 30 -27.18 22.01 30.83
CA ASP F 30 -27.62 20.62 30.90
C ASP F 30 -28.85 20.48 31.79
N LYS F 31 -28.72 20.95 33.04
CA LYS F 31 -29.86 20.91 33.97
C LYS F 31 -31.07 21.65 33.40
N PHE F 32 -30.83 22.83 32.81
CA PHE F 32 -31.92 23.61 32.27
C PHE F 32 -32.65 22.85 31.18
N ASN F 33 -31.91 22.26 30.25
CA ASN F 33 -32.53 21.50 29.17
C ASN F 33 -33.40 20.39 29.73
N HIS F 34 -32.88 19.63 30.69
CA HIS F 34 -33.67 18.50 31.16
C HIS F 34 -34.94 18.97 31.87
N GLU F 35 -34.88 20.05 32.66
CA GLU F 35 -36.09 20.55 33.31
C GLU F 35 -37.05 21.20 32.30
N ALA F 36 -36.48 21.95 31.37
CA ALA F 36 -37.28 22.74 30.45
C ALA F 36 -38.04 21.86 29.48
N GLU F 37 -37.40 20.81 28.95
CA GLU F 37 -38.06 19.96 27.98
C GLU F 37 -39.34 19.36 28.58
N ASP F 38 -39.26 18.92 29.84
CA ASP F 38 -40.40 18.32 30.51
C ASP F 38 -41.50 19.34 30.74
N LEU F 39 -41.13 20.50 31.32
CA LEU F 39 -42.14 21.49 31.62
C LEU F 39 -42.78 22.04 30.34
N PHE F 40 -41.98 22.27 29.31
CA PHE F 40 -42.49 22.75 28.04
C PHE F 40 -43.43 21.74 27.41
N TYR F 41 -43.12 20.44 27.53
CA TYR F 41 -44.04 19.42 27.02
C TYR F 41 -45.38 19.48 27.76
N GLN F 42 -45.34 19.56 29.09
CA GLN F 42 -46.58 19.62 29.86
C GLN F 42 -47.42 20.82 29.43
N SER F 43 -46.78 21.98 29.23
CA SER F 43 -47.52 23.16 28.82
C SER F 43 -48.09 22.99 27.42
N SER F 44 -47.30 22.42 26.50
CA SER F 44 -47.75 22.25 25.12
C SER F 44 -48.93 21.30 25.06
N LEU F 45 -48.91 20.27 25.90
CA LEU F 45 -50.01 19.31 25.95
C LEU F 45 -51.26 19.94 26.54
N ALA F 46 -51.11 20.72 27.60
CA ALA F 46 -52.27 21.45 28.14
C ALA F 46 -52.87 22.35 27.08
N SER F 47 -52.03 23.08 26.36
CA SER F 47 -52.50 23.99 25.32
C SER F 47 -53.18 23.22 24.19
N TRP F 48 -52.63 22.06 23.82
CA TRP F 48 -53.25 21.25 22.79
C TRP F 48 -54.61 20.74 23.23
N ASN F 49 -54.70 20.26 24.48
CA ASN F 49 -55.98 19.80 25.02
C ASN F 49 -57.01 20.91 24.99
N TYR F 50 -56.59 22.15 25.25
CA TYR F 50 -57.53 23.25 25.14
C TYR F 50 -57.93 23.47 23.68
N ASN F 51 -56.94 23.59 22.79
CA ASN F 51 -57.20 23.99 21.41
C ASN F 51 -57.97 22.93 20.65
N THR F 52 -57.98 21.68 21.10
CA THR F 52 -58.74 20.63 20.44
C THR F 52 -60.03 20.30 21.17
N ASN F 53 -60.30 20.97 22.29
CA ASN F 53 -61.42 20.65 23.15
C ASN F 53 -61.67 21.85 24.06
N ILE F 54 -62.31 22.88 23.50
CA ILE F 54 -62.48 24.14 24.21
C ILE F 54 -63.49 23.96 25.32
N THR F 55 -63.03 24.09 26.57
CA THR F 55 -63.84 23.97 27.79
C THR F 55 -63.13 24.77 28.89
N GLU F 56 -63.89 25.15 29.91
CA GLU F 56 -63.30 25.94 31.00
C GLU F 56 -62.25 25.14 31.76
N GLU F 57 -62.49 23.85 31.97
CA GLU F 57 -61.51 23.01 32.65
C GLU F 57 -60.18 23.03 31.90
N ASN F 58 -60.25 22.88 30.57
CA ASN F 58 -59.02 22.85 29.79
C ASN F 58 -58.34 24.20 29.75
N VAL F 59 -59.11 25.30 29.75
CA VAL F 59 -58.49 26.63 29.81
C VAL F 59 -57.76 26.81 31.14
N GLN F 60 -58.35 26.33 32.24
CA GLN F 60 -57.67 26.46 33.52
C GLN F 60 -56.37 25.67 33.52
N ASN F 61 -56.41 24.44 32.99
CA ASN F 61 -55.19 23.64 32.89
C ASN F 61 -54.14 24.33 32.03
N MET F 62 -54.56 24.85 30.87
CA MET F 62 -53.63 25.49 29.96
C MET F 62 -52.98 26.71 30.60
N ASN F 63 -53.79 27.55 31.26
CA ASN F 63 -53.27 28.76 31.88
C ASN F 63 -52.33 28.43 33.03
N ASN F 64 -52.68 27.43 33.86
CA ASN F 64 -51.80 27.03 34.94
C ASN F 64 -50.45 26.53 34.42
N ALA F 65 -50.48 25.67 33.40
CA ALA F 65 -49.22 25.14 32.84
C ALA F 65 -48.40 26.25 32.19
N GLY F 66 -49.05 27.18 31.48
CA GLY F 66 -48.32 28.29 30.89
C GLY F 66 -47.70 29.19 31.94
N ASP F 67 -48.41 29.42 33.05
CA ASP F 67 -47.84 30.18 34.15
C ASP F 67 -46.62 29.48 34.73
N LYS F 68 -46.72 28.16 34.94
CA LYS F 68 -45.57 27.43 35.45
C LYS F 68 -44.39 27.58 34.49
N TRP F 69 -44.65 27.50 33.19
CA TRP F 69 -43.57 27.65 32.22
C TRP F 69 -42.94 29.05 32.30
N SER F 70 -43.77 30.09 32.37
CA SER F 70 -43.25 31.45 32.45
C SER F 70 -42.44 31.68 33.72
N ALA F 71 -42.93 31.16 34.84
CA ALA F 71 -42.21 31.31 36.10
C ALA F 71 -40.87 30.60 36.06
N PHE F 72 -40.85 29.38 35.51
CA PHE F 72 -39.61 28.65 35.30
C PHE F 72 -38.63 29.46 34.49
N LEU F 73 -39.10 30.06 33.40
CA LEU F 73 -38.20 30.83 32.55
C LEU F 73 -37.65 32.04 33.29
N LYS F 74 -38.48 32.68 34.12
CA LYS F 74 -38.00 33.80 34.92
C LYS F 74 -36.86 33.36 35.85
N GLU F 75 -37.06 32.26 36.58
CA GLU F 75 -36.02 31.80 37.50
C GLU F 75 -34.75 31.37 36.74
N GLN F 76 -34.92 30.67 35.62
CA GLN F 76 -33.75 30.23 34.86
C GLN F 76 -33.02 31.39 34.23
N SER F 77 -33.72 32.45 33.82
CA SER F 77 -33.03 33.61 33.28
C SER F 77 -32.26 34.32 34.39
N THR F 78 -32.85 34.42 35.58
CA THR F 78 -32.11 34.94 36.72
C THR F 78 -30.82 34.17 36.92
N LEU F 79 -30.89 32.84 36.90
CA LEU F 79 -29.68 32.06 37.11
C LEU F 79 -28.70 32.22 35.94
N ALA F 80 -29.20 32.22 34.71
CA ALA F 80 -28.34 32.32 33.53
C ALA F 80 -27.56 33.63 33.53
N GLN F 81 -28.17 34.70 34.04
CA GLN F 81 -27.49 35.99 34.04
C GLN F 81 -26.23 35.98 34.89
N MET F 82 -26.07 35.00 35.77
CA MET F 82 -24.89 34.95 36.62
C MET F 82 -23.68 34.34 35.94
N TYR F 83 -23.77 33.98 34.67
CA TYR F 83 -22.61 33.52 33.94
C TYR F 83 -22.22 34.61 32.94
N PRO F 84 -21.15 35.38 33.19
CA PRO F 84 -20.81 36.47 32.28
C PRO F 84 -20.48 35.96 30.89
N LEU F 85 -21.16 36.51 29.89
CA LEU F 85 -20.98 36.04 28.52
C LEU F 85 -19.56 36.29 28.02
N GLN F 86 -18.97 37.41 28.43
CA GLN F 86 -17.65 37.78 27.96
C GLN F 86 -16.59 36.80 28.39
N GLU F 87 -16.91 35.89 29.30
CA GLU F 87 -15.98 34.84 29.70
C GLU F 87 -16.27 33.52 29.00
N ILE F 88 -17.25 33.49 28.11
CA ILE F 88 -17.61 32.29 27.38
C ILE F 88 -17.05 32.42 25.98
N GLN F 89 -16.20 31.47 25.60
CA GLN F 89 -15.61 31.47 24.27
C GLN F 89 -16.38 30.57 23.30
N ASN F 90 -17.02 29.51 23.79
CA ASN F 90 -17.76 28.58 22.94
C ASN F 90 -19.06 29.23 22.48
N LEU F 91 -19.21 29.40 21.16
CA LEU F 91 -20.31 30.21 20.65
C LEU F 91 -21.68 29.53 20.82
N THR F 92 -21.73 28.19 20.81
CA THR F 92 -23.00 27.49 21.03
C THR F 92 -23.51 27.72 22.44
N VAL F 93 -22.63 27.55 23.42
CA VAL F 93 -22.95 27.88 24.79
C VAL F 93 -23.37 29.34 24.89
N LYS F 94 -22.66 30.23 24.18
CA LYS F 94 -23.01 31.65 24.21
C LYS F 94 -24.41 31.89 23.68
N LEU F 95 -24.74 31.28 22.55
CA LEU F 95 -26.06 31.46 21.96
C LEU F 95 -27.15 31.03 22.95
N GLN F 96 -26.97 29.86 23.57
CA GLN F 96 -28.00 29.41 24.49
C GLN F 96 -28.13 30.34 25.69
N LEU F 97 -27.01 30.64 26.35
CA LEU F 97 -27.05 31.54 27.50
C LEU F 97 -27.69 32.86 27.13
N GLN F 98 -27.39 33.37 25.94
CA GLN F 98 -27.93 34.66 25.53
C GLN F 98 -29.44 34.57 25.36
N ALA F 99 -29.92 33.54 24.65
CA ALA F 99 -31.36 33.34 24.54
C ALA F 99 -32.03 33.29 25.90
N LEU F 100 -31.32 32.78 26.90
CA LEU F 100 -31.95 32.65 28.21
C LEU F 100 -31.89 33.94 29.01
N GLN F 101 -30.78 34.70 28.91
CA GLN F 101 -30.56 35.85 29.78
C GLN F 101 -31.15 37.14 29.23
N GLN F 102 -32.15 37.04 28.34
CA GLN F 102 -32.85 38.19 27.82
C GLN F 102 -33.52 39.00 28.93
N ASN F 103 -33.27 40.31 28.95
CA ASN F 103 -33.81 41.17 29.99
C ASN F 103 -35.15 41.79 29.60
N GLY F 104 -35.19 42.47 28.47
CA GLY F 104 -36.42 43.08 28.01
C GLY F 104 -36.98 44.09 29.01
N SER F 105 -38.32 44.14 29.06
CA SER F 105 -39.03 45.12 29.88
C SER F 105 -38.55 45.14 31.33
N SER F 106 -37.86 44.10 31.79
CA SER F 106 -37.42 44.04 33.18
C SER F 106 -36.40 45.12 33.53
N VAL F 107 -35.74 45.74 32.54
CA VAL F 107 -34.83 46.83 32.89
C VAL F 107 -35.58 48.05 33.38
N LEU F 108 -36.87 48.17 33.07
CA LEU F 108 -37.65 49.30 33.58
C LEU F 108 -37.97 49.08 35.05
N SER F 109 -38.19 50.18 35.77
CA SER F 109 -38.69 50.09 37.13
C SER F 109 -40.01 49.34 37.16
N GLU F 110 -40.36 48.83 38.34
CA GLU F 110 -41.62 48.10 38.48
C GLU F 110 -42.81 48.94 38.02
N ASP F 111 -42.77 50.25 38.31
CA ASP F 111 -43.89 51.12 37.94
C ASP F 111 -43.95 51.34 36.43
N LYS F 112 -42.80 51.56 35.78
CA LYS F 112 -42.81 51.82 34.34
C LYS F 112 -43.21 50.57 33.56
N SER F 113 -42.72 49.40 33.97
CA SER F 113 -43.14 48.16 33.33
C SER F 113 -44.63 47.93 33.55
N LYS F 114 -45.14 48.20 34.76
CA LYS F 114 -46.58 48.08 35.01
C LYS F 114 -47.37 48.99 34.06
N ARG F 115 -46.93 50.24 33.92
CA ARG F 115 -47.61 51.17 33.03
C ARG F 115 -47.58 50.69 31.59
N LEU F 116 -46.42 50.19 31.14
CA LEU F 116 -46.29 49.74 29.76
C LEU F 116 -47.19 48.53 29.51
N ASN F 117 -47.30 47.63 30.49
CA ASN F 117 -48.21 46.49 30.35
C ASN F 117 -49.65 46.95 30.29
N THR F 118 -50.03 47.93 31.11
CA THR F 118 -51.38 48.48 30.99
C THR F 118 -51.61 49.07 29.61
N ILE F 119 -50.62 49.81 29.09
CA ILE F 119 -50.74 50.43 27.76
C ILE F 119 -50.94 49.35 26.71
N LEU F 120 -50.10 48.32 26.75
CA LEU F 120 -50.14 47.27 25.74
C LEU F 120 -51.48 46.55 25.79
N ASN F 121 -51.94 46.18 26.99
CA ASN F 121 -53.21 45.49 27.11
C ASN F 121 -54.35 46.38 26.62
N THR F 122 -54.31 47.67 26.97
CA THR F 122 -55.36 48.59 26.57
C THR F 122 -55.42 48.74 25.05
N MET F 123 -54.27 48.89 24.41
CA MET F 123 -54.23 48.99 22.95
C MET F 123 -54.76 47.72 22.32
N SER F 124 -54.33 46.56 22.83
CA SER F 124 -54.80 45.29 22.31
C SER F 124 -56.33 45.18 22.40
N THR F 125 -56.87 45.55 23.56
CA THR F 125 -58.30 45.43 23.79
C THR F 125 -59.08 46.44 22.95
N ILE F 126 -58.53 47.65 22.76
CA ILE F 126 -59.23 48.64 21.97
C ILE F 126 -59.29 48.21 20.51
N TYR F 127 -58.22 47.59 20.01
CA TYR F 127 -58.28 47.05 18.65
C TYR F 127 -59.25 45.89 18.55
N SER F 128 -59.25 44.99 19.53
CA SER F 128 -60.04 43.76 19.41
C SER F 128 -61.53 43.98 19.65
N THR F 129 -61.89 44.91 20.53
CA THR F 129 -63.29 45.18 20.86
C THR F 129 -63.84 46.40 20.15
N GLY F 130 -63.04 47.10 19.36
CA GLY F 130 -63.53 48.28 18.68
C GLY F 130 -64.63 47.97 17.69
N LYS F 131 -65.73 48.72 17.73
CA LYS F 131 -66.83 48.54 16.81
C LYS F 131 -67.46 49.90 16.52
N VAL F 132 -67.87 50.10 15.28
CA VAL F 132 -68.50 51.35 14.87
C VAL F 132 -69.98 51.10 14.63
N CYS F 133 -70.81 52.05 15.04
CA CYS F 133 -72.26 51.89 14.97
C CYS F 133 -72.82 52.73 13.84
N ASN F 134 -73.71 52.15 13.05
CA ASN F 134 -74.23 52.77 11.83
C ASN F 134 -74.93 54.08 12.14
N PRO F 135 -74.47 55.22 11.59
CA PRO F 135 -75.10 56.51 11.87
C PRO F 135 -76.56 56.54 11.43
N GLU F 140 -77.63 49.07 15.11
CA GLU F 140 -76.72 48.14 14.45
C GLU F 140 -75.28 48.63 14.49
N CYS F 141 -74.35 47.75 14.89
CA CYS F 141 -72.94 48.08 14.97
C CYS F 141 -72.11 46.97 14.34
N LEU F 142 -71.03 47.36 13.67
CA LEU F 142 -70.16 46.46 12.94
C LEU F 142 -68.79 46.40 13.63
N LEU F 143 -68.29 45.18 13.82
CA LEU F 143 -66.97 44.90 14.37
C LEU F 143 -66.01 44.62 13.22
N LEU F 144 -64.73 44.99 13.41
CA LEU F 144 -63.75 44.90 12.32
C LEU F 144 -63.81 43.54 11.63
N GLU F 145 -63.76 42.47 12.42
CA GLU F 145 -64.00 41.14 11.93
C GLU F 145 -65.36 40.68 12.45
N PRO F 146 -66.31 40.27 11.60
CA PRO F 146 -66.20 40.20 10.14
C PRO F 146 -66.73 41.40 9.36
N GLY F 147 -67.47 42.32 9.99
CA GLY F 147 -68.19 43.36 9.28
C GLY F 147 -67.38 44.27 8.37
N LEU F 148 -66.56 45.13 8.99
CA LEU F 148 -65.79 46.09 8.21
C LEU F 148 -64.84 45.41 7.24
N ASN F 149 -64.26 44.27 7.64
CA ASN F 149 -63.43 43.49 6.73
C ASN F 149 -64.24 43.01 5.52
N GLU F 150 -65.47 42.54 5.75
CA GLU F 150 -66.34 42.15 4.65
C GLU F 150 -66.57 43.31 3.69
N ILE F 151 -66.86 44.49 4.23
CA ILE F 151 -67.02 45.68 3.41
C ILE F 151 -65.76 45.91 2.57
N MET F 152 -64.60 45.94 3.21
CA MET F 152 -63.37 46.28 2.50
C MET F 152 -62.93 45.19 1.54
N ALA F 153 -63.44 43.96 1.69
CA ALA F 153 -63.12 42.88 0.78
C ALA F 153 -64.04 42.84 -0.43
N ASN F 154 -65.34 43.09 -0.24
CA ASN F 154 -66.31 42.80 -1.28
C ASN F 154 -67.14 43.98 -1.73
N SER F 155 -67.17 45.08 -0.96
CA SER F 155 -67.99 46.22 -1.37
C SER F 155 -67.36 46.92 -2.56
N LEU F 156 -68.20 47.30 -3.52
CA LEU F 156 -67.81 48.09 -4.67
C LEU F 156 -68.37 49.50 -4.64
N ASP F 157 -68.95 49.91 -3.51
CA ASP F 157 -69.47 51.25 -3.33
C ASP F 157 -68.38 52.14 -2.75
N TYR F 158 -68.03 53.21 -3.47
CA TYR F 158 -66.98 54.13 -3.00
C TYR F 158 -67.32 54.67 -1.62
N ASN F 159 -68.57 55.09 -1.42
CA ASN F 159 -68.95 55.73 -0.16
C ASN F 159 -68.92 54.74 1.00
N GLU F 160 -69.45 53.53 0.78
CA GLU F 160 -69.46 52.53 1.85
C GLU F 160 -68.04 52.23 2.32
N ARG F 161 -67.15 51.94 1.36
CA ARG F 161 -65.77 51.63 1.69
C ARG F 161 -65.12 52.79 2.42
N LEU F 162 -65.33 54.02 1.91
CA LEU F 162 -64.76 55.19 2.57
C LEU F 162 -65.22 55.30 4.01
N TRP F 163 -66.51 55.07 4.24
CA TRP F 163 -67.05 55.17 5.60
C TRP F 163 -66.38 54.17 6.52
N ALA F 164 -66.30 52.91 6.09
CA ALA F 164 -65.69 51.90 6.95
C ALA F 164 -64.23 52.25 7.25
N TRP F 165 -63.48 52.65 6.22
CA TRP F 165 -62.09 53.02 6.38
C TRP F 165 -61.92 54.14 7.39
N GLU F 166 -62.61 55.27 7.16
CA GLU F 166 -62.50 56.42 8.06
C GLU F 166 -63.01 56.10 9.45
N SER F 167 -64.09 55.33 9.51
CA SER F 167 -64.68 54.94 10.79
C SER F 167 -63.69 54.18 11.64
N TRP F 168 -63.00 53.19 11.06
CA TRP F 168 -62.01 52.46 11.84
C TRP F 168 -60.89 53.40 12.24
N ARG F 169 -60.41 54.22 11.30
CA ARG F 169 -59.32 55.13 11.61
C ARG F 169 -59.67 56.04 12.78
N SER F 170 -60.93 56.50 12.82
CA SER F 170 -61.32 57.44 13.85
C SER F 170 -61.70 56.77 15.16
N GLU F 171 -62.57 55.76 15.08
CA GLU F 171 -63.04 55.08 16.28
C GLU F 171 -61.87 54.50 17.07
N VAL F 172 -60.87 53.95 16.39
CA VAL F 172 -59.79 53.28 17.07
C VAL F 172 -58.49 54.09 17.08
N GLY F 173 -58.05 54.57 15.91
CA GLY F 173 -56.79 55.28 15.84
C GLY F 173 -56.72 56.49 16.76
N LYS F 174 -57.80 57.28 16.82
CA LYS F 174 -57.75 58.47 17.70
C LYS F 174 -57.58 58.06 19.14
N GLN F 175 -58.24 56.98 19.55
CA GLN F 175 -58.06 56.49 20.91
C GLN F 175 -56.64 56.00 21.13
N LEU F 176 -56.07 55.32 20.14
CA LEU F 176 -54.77 54.71 20.34
C LEU F 176 -53.64 55.73 20.34
N ARG F 177 -53.81 56.85 19.63
CA ARG F 177 -52.79 57.88 19.44
C ARG F 177 -52.05 58.20 20.74
N PRO F 178 -52.72 58.62 21.82
CA PRO F 178 -51.97 58.95 23.05
C PRO F 178 -51.29 57.72 23.66
N LEU F 179 -52.00 56.59 23.71
CA LEU F 179 -51.37 55.37 24.19
C LEU F 179 -50.12 55.06 23.38
N TYR F 180 -50.18 55.25 22.04
CA TYR F 180 -49.01 54.96 21.22
C TYR F 180 -47.87 55.92 21.51
N GLU F 181 -48.17 57.19 21.77
CA GLU F 181 -47.11 58.13 22.11
C GLU F 181 -46.36 57.67 23.36
N GLU F 182 -47.13 57.29 24.38
CA GLU F 182 -46.51 56.80 25.61
C GLU F 182 -45.76 55.51 25.37
N TYR F 183 -46.32 54.63 24.54
CA TYR F 183 -45.68 53.37 24.22
C TYR F 183 -44.32 53.59 23.58
N VAL F 184 -44.23 54.55 22.65
CA VAL F 184 -42.93 54.84 22.02
C VAL F 184 -41.93 55.25 23.07
N VAL F 185 -42.31 56.18 23.96
CA VAL F 185 -41.34 56.64 24.97
C VAL F 185 -40.84 55.47 25.82
N LEU F 186 -41.78 54.66 26.35
CA LEU F 186 -41.38 53.62 27.30
C LEU F 186 -40.58 52.51 26.62
N LYS F 187 -40.96 52.13 25.39
CA LYS F 187 -40.20 51.13 24.67
C LYS F 187 -38.79 51.63 24.37
N ASN F 188 -38.64 52.92 24.08
CA ASN F 188 -37.31 53.45 23.81
C ASN F 188 -36.45 53.45 25.08
N GLU F 189 -37.05 53.77 26.23
CA GLU F 189 -36.30 53.68 27.48
C GLU F 189 -35.83 52.26 27.73
N MET F 190 -36.72 51.29 27.51
CA MET F 190 -36.35 49.88 27.68
C MET F 190 -35.16 49.54 26.76
N ALA F 191 -35.24 49.97 25.51
CA ALA F 191 -34.22 49.61 24.52
C ALA F 191 -32.87 50.21 24.88
N ARG F 192 -32.84 51.50 25.22
CA ARG F 192 -31.60 52.14 25.58
C ARG F 192 -31.04 51.60 26.89
N ALA F 193 -31.89 51.14 27.80
CA ALA F 193 -31.38 50.49 28.99
C ALA F 193 -30.71 49.18 28.66
N ASN F 194 -31.11 48.55 27.56
CA ASN F 194 -30.40 47.36 27.10
C ASN F 194 -29.29 47.68 26.10
N HIS F 195 -28.89 48.94 25.98
CA HIS F 195 -27.76 49.38 25.18
C HIS F 195 -28.07 49.40 23.69
N TYR F 196 -29.34 49.36 23.31
CA TYR F 196 -29.70 49.60 21.92
C TYR F 196 -29.94 51.10 21.71
N GLU F 197 -29.84 51.52 20.46
CA GLU F 197 -30.06 52.94 20.18
C GLU F 197 -31.52 53.33 20.34
N ASP F 198 -32.45 52.44 20.01
CA ASP F 198 -33.87 52.70 20.15
C ASP F 198 -34.62 51.37 20.02
N TYR F 199 -35.94 51.42 20.09
CA TYR F 199 -36.73 50.20 19.95
C TYR F 199 -36.61 49.60 18.56
N GLY F 200 -36.46 50.43 17.54
CA GLY F 200 -36.25 49.90 16.20
C GLY F 200 -34.94 49.14 16.09
N ASP F 201 -33.86 49.71 16.65
CA ASP F 201 -32.58 49.01 16.75
C ASP F 201 -32.74 47.69 17.51
N TYR F 202 -33.51 47.74 18.60
CA TYR F 202 -33.83 46.54 19.36
C TYR F 202 -34.40 45.46 18.46
N TRP F 203 -35.41 45.80 17.65
CA TRP F 203 -36.04 44.81 16.79
C TRP F 203 -35.07 44.30 15.74
N ARG F 204 -34.34 45.23 15.11
CA ARG F 204 -33.37 44.81 14.10
C ARG F 204 -32.33 43.87 14.69
N GLY F 205 -32.16 43.86 16.01
CA GLY F 205 -31.32 42.87 16.64
C GLY F 205 -31.70 41.43 16.31
N ASP F 206 -32.94 41.19 15.92
CA ASP F 206 -33.37 39.84 15.61
C ASP F 206 -32.75 39.29 14.34
N TYR F 207 -31.91 40.06 13.64
CA TYR F 207 -31.12 39.57 12.52
C TYR F 207 -29.62 39.65 12.79
N GLU F 208 -29.23 40.11 13.98
CA GLU F 208 -27.82 40.36 14.27
C GLU F 208 -27.03 39.06 14.44
N VAL F 209 -25.78 39.07 13.98
CA VAL F 209 -24.87 37.93 14.15
C VAL F 209 -23.49 38.49 14.47
N ASN F 210 -22.85 37.94 15.51
CA ASN F 210 -21.52 38.34 15.92
C ASN F 210 -20.68 37.09 16.17
N GLY F 211 -19.36 37.27 16.18
CA GLY F 211 -18.43 36.23 16.57
C GLY F 211 -18.10 35.17 15.52
N VAL F 212 -18.76 35.16 14.37
CA VAL F 212 -18.52 34.15 13.34
C VAL F 212 -17.93 34.87 12.12
N ASP F 213 -16.61 34.82 11.98
CA ASP F 213 -15.97 35.56 10.90
C ASP F 213 -16.49 35.08 9.55
N GLY F 214 -16.73 36.03 8.65
CA GLY F 214 -17.29 35.69 7.36
C GLY F 214 -18.79 35.49 7.35
N TYR F 215 -19.46 35.66 8.48
CA TYR F 215 -20.90 35.43 8.58
C TYR F 215 -21.60 36.45 9.44
N ASP F 216 -20.87 37.42 10.02
CA ASP F 216 -21.46 38.40 10.91
C ASP F 216 -22.43 39.31 10.16
N TYR F 217 -23.37 39.87 10.92
CA TYR F 217 -24.41 40.71 10.32
C TYR F 217 -24.81 41.77 11.33
N SER F 218 -24.66 43.04 10.96
CA SER F 218 -24.96 44.13 11.88
C SER F 218 -26.42 44.56 11.76
N ARG F 219 -26.94 45.15 12.85
CA ARG F 219 -28.34 45.58 12.88
C ARG F 219 -28.61 46.69 11.87
N GLY F 220 -27.62 47.54 11.60
CA GLY F 220 -27.81 48.55 10.58
C GLY F 220 -27.84 47.95 9.19
N GLN F 221 -27.10 46.85 8.99
CA GLN F 221 -27.05 46.21 7.68
C GLN F 221 -28.43 45.85 7.18
N LEU F 222 -29.35 45.51 8.10
CA LEU F 222 -30.70 45.15 7.69
C LEU F 222 -31.37 46.28 6.91
N ILE F 223 -31.23 47.52 7.37
CA ILE F 223 -31.84 48.65 6.66
C ILE F 223 -31.24 48.79 5.27
N GLU F 224 -29.91 48.72 5.18
CA GLU F 224 -29.25 48.86 3.88
C GLU F 224 -29.72 47.78 2.91
N ASP F 225 -29.82 46.54 3.39
CA ASP F 225 -30.13 45.44 2.48
C ASP F 225 -31.61 45.46 2.10
N VAL F 226 -32.50 45.77 3.05
CA VAL F 226 -33.92 45.92 2.75
C VAL F 226 -34.13 47.01 1.72
N GLU F 227 -33.44 48.15 1.90
CA GLU F 227 -33.62 49.27 0.98
C GLU F 227 -33.05 48.94 -0.40
N HIS F 228 -31.93 48.21 -0.44
CA HIS F 228 -31.36 47.80 -1.72
C HIS F 228 -32.33 46.89 -2.50
N THR F 229 -32.78 45.81 -1.85
CA THR F 229 -33.70 44.89 -2.52
C THR F 229 -35.01 45.57 -2.90
N PHE F 230 -35.48 46.53 -2.10
CA PHE F 230 -36.70 47.22 -2.47
C PHE F 230 -36.48 48.14 -3.67
N GLU F 231 -35.31 48.77 -3.76
CA GLU F 231 -34.97 49.51 -4.97
C GLU F 231 -35.02 48.59 -6.17
N GLU F 232 -34.60 47.34 -6.00
CA GLU F 232 -34.67 46.43 -7.14
C GLU F 232 -36.11 45.99 -7.43
N ILE F 233 -36.97 45.94 -6.42
CA ILE F 233 -38.38 45.59 -6.65
C ILE F 233 -39.18 46.73 -7.27
N LYS F 234 -38.71 47.96 -7.13
CA LYS F 234 -39.48 49.12 -7.59
C LYS F 234 -40.04 49.00 -9.00
N PRO F 235 -39.31 48.56 -10.03
CA PRO F 235 -39.90 48.54 -11.39
C PRO F 235 -41.13 47.65 -11.51
N LEU F 236 -41.03 46.42 -10.98
CA LEU F 236 -42.15 45.49 -11.01
C LEU F 236 -43.35 46.06 -10.28
N TYR F 237 -43.13 46.65 -9.11
CA TYR F 237 -44.25 47.21 -8.35
C TYR F 237 -44.87 48.38 -9.10
N GLU F 238 -44.06 49.24 -9.71
CA GLU F 238 -44.62 50.36 -10.46
C GLU F 238 -45.52 49.86 -11.59
N HIS F 239 -45.08 48.81 -12.30
CA HIS F 239 -45.89 48.36 -13.44
C HIS F 239 -47.16 47.65 -12.95
N LEU F 240 -47.05 46.86 -11.89
CA LEU F 240 -48.25 46.26 -11.30
C LEU F 240 -49.22 47.33 -10.83
N HIS F 241 -48.69 48.38 -10.19
CA HIS F 241 -49.47 49.53 -9.74
C HIS F 241 -50.22 50.18 -10.89
N ALA F 242 -49.53 50.43 -12.00
CA ALA F 242 -50.18 51.06 -13.14
C ALA F 242 -51.32 50.20 -13.65
N TYR F 243 -51.08 48.89 -13.77
CA TYR F 243 -52.12 47.98 -14.22
C TYR F 243 -53.34 48.02 -13.29
N VAL F 244 -53.10 47.90 -11.98
CA VAL F 244 -54.20 47.85 -11.02
C VAL F 244 -54.96 49.18 -11.03
N ARG F 245 -54.24 50.30 -11.19
CA ARG F 245 -54.91 51.60 -11.24
C ARG F 245 -55.82 51.68 -12.45
N ALA F 246 -55.35 51.22 -13.61
CA ALA F 246 -56.21 51.24 -14.79
C ALA F 246 -57.50 50.45 -14.55
N LYS F 247 -57.36 49.23 -14.04
CA LYS F 247 -58.56 48.41 -13.82
C LYS F 247 -59.49 49.05 -12.79
N LEU F 248 -58.93 49.58 -11.70
CA LEU F 248 -59.75 50.25 -10.68
C LEU F 248 -60.46 51.46 -11.24
N MET F 249 -59.80 52.19 -12.15
CA MET F 249 -60.45 53.27 -12.86
C MET F 249 -61.68 52.76 -13.61
N ASN F 250 -61.54 51.61 -14.27
CA ASN F 250 -62.72 51.02 -14.90
C ASN F 250 -63.80 50.66 -13.87
N ALA F 251 -63.41 50.29 -12.65
CA ALA F 251 -64.37 49.92 -11.61
C ALA F 251 -64.91 51.11 -10.82
N TYR F 252 -64.11 52.15 -10.60
CA TYR F 252 -64.56 53.36 -9.90
C TYR F 252 -64.25 54.52 -10.83
N PRO F 253 -65.16 54.81 -11.77
CA PRO F 253 -64.79 55.71 -12.89
C PRO F 253 -64.38 57.12 -12.47
N SER F 254 -65.23 57.84 -11.73
CA SER F 254 -64.95 59.25 -11.50
C SER F 254 -63.91 59.51 -10.40
N TYR F 255 -63.58 58.51 -9.60
CA TYR F 255 -62.87 58.77 -8.36
C TYR F 255 -61.35 58.67 -8.44
N ILE F 256 -60.80 58.08 -9.50
CA ILE F 256 -59.38 57.77 -9.56
C ILE F 256 -58.72 58.54 -10.68
N SER F 257 -57.52 59.07 -10.39
CA SER F 257 -56.70 59.78 -11.36
C SER F 257 -55.75 58.80 -12.04
N PRO F 258 -55.50 59.01 -13.34
CA PRO F 258 -54.64 58.09 -14.09
C PRO F 258 -53.16 58.34 -13.88
N ILE F 259 -52.79 59.34 -13.07
CA ILE F 259 -51.38 59.61 -12.79
C ILE F 259 -51.17 59.75 -11.29
N GLY F 260 -52.21 59.48 -10.50
CA GLY F 260 -52.16 59.68 -9.06
C GLY F 260 -52.08 58.38 -8.27
N CYS F 261 -51.96 58.54 -6.95
CA CYS F 261 -51.91 57.39 -6.06
C CYS F 261 -53.29 56.76 -5.93
N LEU F 262 -53.36 55.62 -5.25
CA LEU F 262 -54.61 54.87 -5.21
C LEU F 262 -55.33 55.21 -3.93
N PRO F 263 -56.62 55.52 -3.96
CA PRO F 263 -57.33 55.78 -2.70
C PRO F 263 -57.26 54.57 -1.76
N ALA F 264 -56.86 54.84 -0.51
CA ALA F 264 -56.51 53.78 0.42
C ALA F 264 -57.66 52.82 0.67
N HIS F 265 -58.90 53.30 0.58
CA HIS F 265 -60.06 52.48 0.91
C HIS F 265 -60.53 51.61 -0.25
N LEU F 266 -59.77 51.52 -1.34
CA LEU F 266 -60.20 50.79 -2.52
C LEU F 266 -59.28 49.62 -2.84
N LEU F 267 -58.45 49.21 -1.88
CA LEU F 267 -57.34 48.31 -2.17
C LEU F 267 -57.61 46.87 -1.73
N GLY F 268 -58.82 46.55 -1.32
CA GLY F 268 -59.20 45.17 -1.12
C GLY F 268 -59.17 44.67 0.31
N ASP F 269 -58.53 45.39 1.24
CA ASP F 269 -58.66 45.10 2.67
C ASP F 269 -58.67 46.43 3.42
N MET F 270 -58.63 46.36 4.76
CA MET F 270 -58.80 47.57 5.55
C MET F 270 -57.60 48.51 5.44
N TRP F 271 -56.45 48.03 4.98
CA TRP F 271 -55.27 48.88 4.93
C TRP F 271 -54.54 48.87 3.60
N GLY F 272 -54.93 48.03 2.66
CA GLY F 272 -54.10 47.83 1.49
C GLY F 272 -52.88 47.02 1.80
N ARG F 273 -52.95 46.16 2.83
CA ARG F 273 -51.82 45.31 3.16
C ARG F 273 -51.58 44.28 2.07
N PHE F 274 -52.64 43.63 1.58
CA PHE F 274 -52.59 42.78 0.39
C PHE F 274 -53.62 43.27 -0.59
N TRP F 275 -53.30 43.17 -1.87
CA TRP F 275 -54.23 43.53 -2.94
C TRP F 275 -55.01 42.32 -3.45
N THR F 276 -55.12 41.26 -2.65
CA THR F 276 -55.65 39.99 -3.14
C THR F 276 -57.08 40.12 -3.64
N ASN F 277 -57.97 40.68 -2.83
CA ASN F 277 -59.38 40.75 -3.22
C ASN F 277 -59.62 41.70 -4.40
N LEU F 278 -58.58 42.35 -4.91
CA LEU F 278 -58.69 43.11 -6.16
C LEU F 278 -58.66 42.22 -7.39
N TYR F 279 -58.39 40.91 -7.22
CA TYR F 279 -58.35 40.00 -8.36
C TYR F 279 -59.64 40.05 -9.16
N SER F 280 -60.79 40.04 -8.46
CA SER F 280 -62.08 40.12 -9.13
C SER F 280 -62.17 41.32 -10.05
N LEU F 281 -61.53 42.43 -9.69
CA LEU F 281 -61.55 43.65 -10.48
C LEU F 281 -60.39 43.75 -11.46
N THR F 282 -59.40 42.86 -11.37
CA THR F 282 -58.19 43.02 -12.16
C THR F 282 -57.80 41.79 -12.96
N VAL F 283 -58.53 40.68 -12.85
CA VAL F 283 -58.18 39.44 -13.54
C VAL F 283 -57.95 39.75 -15.01
N PRO F 284 -56.78 39.41 -15.55
CA PRO F 284 -56.48 39.80 -16.94
C PRO F 284 -57.34 39.08 -17.97
N PHE F 285 -57.68 37.81 -17.74
CA PHE F 285 -58.43 37.00 -18.71
C PHE F 285 -59.59 36.38 -17.95
N GLY F 286 -60.66 37.16 -17.80
CA GLY F 286 -61.80 36.76 -16.98
C GLY F 286 -62.55 35.56 -17.51
N GLN F 287 -62.37 35.21 -18.79
CA GLN F 287 -63.03 34.04 -19.36
C GLN F 287 -62.23 32.75 -19.18
N LYS F 288 -61.01 32.82 -18.63
CA LYS F 288 -60.18 31.65 -18.40
C LYS F 288 -60.30 31.26 -16.93
N PRO F 289 -60.93 30.14 -16.60
CA PRO F 289 -61.06 29.76 -15.19
C PRO F 289 -59.73 29.37 -14.59
N ASN F 290 -59.65 29.49 -13.26
CA ASN F 290 -58.46 29.04 -12.55
C ASN F 290 -58.52 27.54 -12.32
N ILE F 291 -57.36 26.95 -12.09
CA ILE F 291 -57.26 25.50 -11.87
C ILE F 291 -57.70 25.19 -10.44
N ASP F 292 -58.69 24.31 -10.30
CA ASP F 292 -59.24 23.94 -8.99
C ASP F 292 -59.58 22.45 -9.02
N VAL F 293 -58.73 21.62 -8.40
CA VAL F 293 -58.89 20.17 -8.50
C VAL F 293 -59.80 19.64 -7.40
N THR F 294 -60.46 20.54 -6.66
CA THR F 294 -61.39 20.14 -5.59
C THR F 294 -62.40 19.13 -6.08
N ASP F 295 -63.02 19.40 -7.23
CA ASP F 295 -64.00 18.48 -7.78
C ASP F 295 -63.38 17.12 -8.08
N ALA F 296 -62.13 17.09 -8.55
CA ALA F 296 -61.45 15.82 -8.79
C ALA F 296 -61.17 15.09 -7.48
N MET F 297 -60.91 15.84 -6.42
CA MET F 297 -60.70 15.24 -5.11
C MET F 297 -61.98 14.61 -4.59
N VAL F 298 -63.11 15.28 -4.82
CA VAL F 298 -64.37 14.75 -4.29
C VAL F 298 -64.83 13.57 -5.14
N ASP F 299 -64.59 13.63 -6.45
CA ASP F 299 -64.99 12.53 -7.33
C ASP F 299 -64.20 11.26 -7.05
N GLN F 300 -62.94 11.41 -6.64
CA GLN F 300 -62.10 10.28 -6.24
C GLN F 300 -62.25 9.92 -4.75
N ALA F 301 -63.23 10.52 -4.06
CA ALA F 301 -63.58 10.16 -2.68
C ALA F 301 -62.41 10.37 -1.72
N TRP F 302 -61.81 11.56 -1.79
CA TRP F 302 -60.71 11.90 -0.91
C TRP F 302 -61.21 12.26 0.49
N ASP F 303 -60.33 12.09 1.47
CA ASP F 303 -60.57 12.47 2.85
C ASP F 303 -59.32 13.16 3.38
N ALA F 304 -59.42 13.69 4.60
CA ALA F 304 -58.28 14.39 5.18
C ALA F 304 -57.06 13.49 5.23
N GLN F 305 -57.25 12.22 5.61
CA GLN F 305 -56.15 11.27 5.65
C GLN F 305 -55.43 11.20 4.32
N ARG F 306 -56.18 11.09 3.22
CA ARG F 306 -55.54 11.00 1.90
C ARG F 306 -54.70 12.24 1.62
N ILE F 307 -55.23 13.41 1.94
CA ILE F 307 -54.48 14.64 1.73
C ILE F 307 -53.15 14.57 2.46
N PHE F 308 -53.19 14.20 3.75
CA PHE F 308 -51.95 14.22 4.51
C PHE F 308 -51.01 13.09 4.08
N LYS F 309 -51.56 11.98 3.61
CA LYS F 309 -50.69 10.92 3.10
C LYS F 309 -50.00 11.35 1.81
N GLU F 310 -50.70 12.09 0.96
CA GLU F 310 -50.08 12.63 -0.25
C GLU F 310 -49.00 13.65 0.09
N ALA F 311 -49.24 14.50 1.10
CA ALA F 311 -48.18 15.43 1.52
C ALA F 311 -46.95 14.67 2.05
N GLU F 312 -47.19 13.67 2.89
CA GLU F 312 -46.10 12.84 3.40
C GLU F 312 -45.32 12.21 2.26
N LYS F 313 -46.04 11.70 1.25
CA LYS F 313 -45.39 11.15 0.07
C LYS F 313 -44.54 12.20 -0.62
N PHE F 314 -45.06 13.42 -0.74
CA PHE F 314 -44.30 14.51 -1.37
C PHE F 314 -42.95 14.69 -0.67
N PHE F 315 -42.97 14.77 0.65
CA PHE F 315 -41.71 14.99 1.37
C PHE F 315 -40.80 13.78 1.26
N VAL F 316 -41.37 12.58 1.29
CA VAL F 316 -40.52 11.41 1.14
C VAL F 316 -39.84 11.40 -0.21
N SER F 317 -40.51 11.98 -1.22
CA SER F 317 -39.96 11.93 -2.57
C SER F 317 -38.64 12.71 -2.66
N VAL F 318 -38.42 13.71 -1.80
CA VAL F 318 -37.18 14.47 -1.82
C VAL F 318 -36.18 13.95 -0.79
N GLY F 319 -36.44 12.78 -0.22
CA GLY F 319 -35.51 12.16 0.70
C GLY F 319 -35.75 12.47 2.15
N LEU F 320 -36.81 13.18 2.46
CA LEU F 320 -37.13 13.49 3.85
C LEU F 320 -37.92 12.34 4.46
N PRO F 321 -37.95 12.26 5.79
CA PRO F 321 -38.61 11.11 6.45
C PRO F 321 -40.12 11.20 6.43
N ASN F 322 -40.73 10.02 6.66
CA ASN F 322 -42.15 9.87 6.93
C ASN F 322 -42.55 10.66 8.18
N MET F 323 -43.85 10.91 8.31
CA MET F 323 -44.37 11.39 9.57
C MET F 323 -44.30 10.28 10.61
N THR F 324 -44.09 10.67 11.87
CA THR F 324 -43.99 9.70 12.94
C THR F 324 -45.32 8.99 13.14
N GLN F 325 -45.26 7.76 13.65
CA GLN F 325 -46.48 7.06 14.03
C GLN F 325 -47.31 7.90 14.97
N GLY F 326 -46.64 8.56 15.92
CA GLY F 326 -47.34 9.43 16.84
C GLY F 326 -48.07 10.56 16.13
N PHE F 327 -47.50 11.08 15.05
CA PHE F 327 -48.16 12.14 14.31
C PHE F 327 -49.53 11.67 13.83
N TRP F 328 -49.58 10.48 13.23
CA TRP F 328 -50.85 9.95 12.75
C TRP F 328 -51.78 9.62 13.90
N GLU F 329 -51.24 9.20 15.05
CA GLU F 329 -52.10 8.82 16.14
C GLU F 329 -52.65 10.02 16.90
N ASN F 330 -51.93 11.12 16.95
CA ASN F 330 -52.22 12.19 17.90
C ASN F 330 -52.65 13.50 17.27
N SER F 331 -52.48 13.67 15.96
CA SER F 331 -52.92 14.91 15.34
C SER F 331 -54.44 14.96 15.35
N MET F 332 -54.97 16.13 15.03
CA MET F 332 -56.40 16.30 14.79
C MET F 332 -56.50 16.91 13.40
N LEU F 333 -56.91 16.08 12.44
CA LEU F 333 -56.92 16.45 11.03
C LEU F 333 -58.33 16.68 10.47
N THR F 334 -59.37 16.60 11.30
CA THR F 334 -60.72 16.99 10.90
C THR F 334 -61.41 17.65 12.09
N ASP F 335 -62.41 18.46 11.79
CA ASP F 335 -63.23 19.03 12.85
C ASP F 335 -63.86 17.89 13.64
N PRO F 336 -63.77 17.92 14.98
CA PRO F 336 -64.39 16.86 15.79
C PRO F 336 -65.90 16.93 15.89
N GLY F 337 -66.55 17.87 15.21
CA GLY F 337 -68.00 17.93 15.19
C GLY F 337 -68.58 18.57 16.44
N ASN F 338 -69.89 18.34 16.64
CA ASN F 338 -70.61 18.94 17.75
C ASN F 338 -70.23 18.39 19.12
N VAL F 339 -69.53 17.25 19.18
CA VAL F 339 -69.07 16.71 20.46
C VAL F 339 -68.22 17.73 21.21
N GLN F 340 -67.31 18.41 20.51
CA GLN F 340 -66.40 19.33 21.17
C GLN F 340 -66.05 20.45 20.21
N LYS F 341 -65.78 21.63 20.78
CA LYS F 341 -65.38 22.79 20.00
C LYS F 341 -63.86 22.80 19.87
N ALA F 342 -63.38 23.25 18.71
CA ALA F 342 -61.94 23.27 18.47
C ALA F 342 -61.57 24.54 17.71
N VAL F 343 -60.32 24.97 17.92
CA VAL F 343 -59.75 26.14 17.24
C VAL F 343 -59.24 25.67 15.89
N CYS F 344 -59.97 26.00 14.83
CA CYS F 344 -59.75 25.37 13.53
C CYS F 344 -58.62 25.98 12.73
N HIS F 345 -57.96 27.01 13.24
CA HIS F 345 -56.80 27.58 12.56
C HIS F 345 -55.74 26.51 12.34
N PRO F 346 -55.30 26.29 11.11
CA PRO F 346 -54.29 25.25 10.87
C PRO F 346 -52.98 25.61 11.56
N THR F 347 -52.43 24.66 12.30
CA THR F 347 -51.22 24.91 13.08
C THR F 347 -50.37 23.65 13.14
N ALA F 348 -49.05 23.84 13.13
CA ALA F 348 -48.10 22.75 13.28
C ALA F 348 -47.51 22.82 14.68
N TRP F 349 -47.52 21.69 15.39
CA TRP F 349 -47.16 21.64 16.80
C TRP F 349 -45.92 20.78 16.99
N ASP F 350 -44.97 21.30 17.76
CA ASP F 350 -43.75 20.62 18.17
C ASP F 350 -43.76 20.64 19.69
N LEU F 351 -44.27 19.57 20.28
CA LEU F 351 -44.41 19.53 21.73
C LEU F 351 -43.11 19.18 22.45
N GLY F 352 -42.06 18.80 21.72
CA GLY F 352 -40.88 18.23 22.34
C GLY F 352 -41.07 16.74 22.56
N LYS F 353 -40.01 16.12 23.10
CA LYS F 353 -40.02 14.69 23.42
C LYS F 353 -40.39 13.84 22.21
N GLY F 354 -40.03 14.32 21.01
CA GLY F 354 -40.32 13.57 19.80
C GLY F 354 -41.77 13.60 19.38
N ASP F 355 -42.56 14.56 19.87
CA ASP F 355 -44.00 14.60 19.63
C ASP F 355 -44.31 15.71 18.63
N PHE F 356 -44.76 15.33 17.43
CA PHE F 356 -45.10 16.28 16.39
C PHE F 356 -46.54 16.06 15.99
N ARG F 357 -47.27 17.16 15.79
CA ARG F 357 -48.70 17.07 15.49
C ARG F 357 -49.10 18.19 14.54
N ILE F 358 -50.24 18.01 13.90
CA ILE F 358 -50.90 19.09 13.16
C ILE F 358 -52.32 19.19 13.67
N LEU F 359 -52.79 20.42 13.87
CA LEU F 359 -54.18 20.71 14.16
C LEU F 359 -54.79 21.37 12.93
N MET F 360 -55.78 20.72 12.34
CA MET F 360 -56.38 21.23 11.10
C MET F 360 -57.78 20.68 10.92
N CYS F 361 -58.76 21.56 10.75
CA CYS F 361 -60.13 21.12 10.46
C CYS F 361 -60.30 20.92 8.95
N THR F 362 -59.54 19.95 8.42
CA THR F 362 -59.39 19.81 6.98
C THR F 362 -60.72 19.57 6.30
N LYS F 363 -60.93 20.29 5.19
CA LYS F 363 -62.02 20.03 4.26
C LYS F 363 -61.43 19.48 2.97
N VAL F 364 -62.24 18.73 2.23
CA VAL F 364 -61.77 18.14 0.97
C VAL F 364 -61.75 19.25 -0.08
N THR F 365 -60.69 20.06 -0.06
CA THR F 365 -60.58 21.23 -0.91
C THR F 365 -59.13 21.42 -1.31
N MET F 366 -58.93 21.99 -2.51
CA MET F 366 -57.59 22.26 -3.01
C MET F 366 -56.79 23.13 -2.06
N ASP F 367 -57.42 24.19 -1.55
CA ASP F 367 -56.74 25.08 -0.61
C ASP F 367 -56.25 24.31 0.61
N ASP F 368 -57.08 23.40 1.13
CA ASP F 368 -56.67 22.66 2.32
C ASP F 368 -55.59 21.63 2.00
N PHE F 369 -55.60 21.07 0.78
CA PHE F 369 -54.50 20.23 0.31
C PHE F 369 -53.17 21.01 0.35
N LEU F 370 -53.17 22.22 -0.21
CA LEU F 370 -51.95 23.03 -0.19
C LEU F 370 -51.57 23.43 1.23
N THR F 371 -52.57 23.74 2.07
CA THR F 371 -52.26 24.13 3.45
C THR F 371 -51.68 22.97 4.23
N ALA F 372 -52.18 21.75 3.99
CA ALA F 372 -51.58 20.56 4.59
C ALA F 372 -50.11 20.46 4.21
N HIS F 373 -49.78 20.70 2.94
CA HIS F 373 -48.37 20.67 2.53
C HIS F 373 -47.55 21.73 3.29
N HIS F 374 -48.07 22.96 3.38
CA HIS F 374 -47.38 24.03 4.11
C HIS F 374 -47.10 23.62 5.56
N GLU F 375 -48.14 23.18 6.26
CA GLU F 375 -47.99 22.86 7.68
C GLU F 375 -47.08 21.66 7.86
N MET F 376 -47.12 20.72 6.94
CA MET F 376 -46.20 19.60 7.08
C MET F 376 -44.76 20.03 6.77
N GLY F 377 -44.58 21.07 5.96
CA GLY F 377 -43.26 21.64 5.84
C GLY F 377 -42.75 22.18 7.16
N HIS F 378 -43.63 22.85 7.91
CA HIS F 378 -43.27 23.25 9.28
C HIS F 378 -42.84 22.05 10.11
N ILE F 379 -43.59 20.95 10.00
CA ILE F 379 -43.27 19.75 10.79
C ILE F 379 -41.91 19.18 10.38
N GLN F 380 -41.63 19.15 9.08
CA GLN F 380 -40.34 18.66 8.61
C GLN F 380 -39.21 19.50 9.16
N TYR F 381 -39.38 20.83 9.17
CA TYR F 381 -38.40 21.71 9.79
C TYR F 381 -38.20 21.34 11.25
N ASP F 382 -39.30 21.25 12.03
CA ASP F 382 -39.21 20.90 13.45
C ASP F 382 -38.46 19.59 13.65
N MET F 383 -38.80 18.57 12.87
CA MET F 383 -38.16 17.26 12.99
C MET F 383 -36.68 17.33 12.68
N ALA F 384 -36.29 18.15 11.70
CA ALA F 384 -34.88 18.19 11.29
C ALA F 384 -34.00 18.71 12.42
N TYR F 385 -34.44 19.77 13.11
CA TYR F 385 -33.60 20.36 14.14
C TYR F 385 -33.96 19.85 15.54
N ALA F 386 -34.67 18.73 15.62
CA ALA F 386 -35.01 18.17 16.93
C ALA F 386 -33.77 17.66 17.65
N ALA F 387 -32.68 17.41 16.93
CA ALA F 387 -31.44 16.96 17.55
C ALA F 387 -30.62 18.10 18.12
N GLN F 388 -31.03 19.35 17.90
CA GLN F 388 -30.33 20.48 18.46
C GLN F 388 -30.70 20.69 19.93
N PRO F 389 -29.84 21.37 20.70
CA PRO F 389 -30.22 21.72 22.07
C PRO F 389 -31.55 22.47 22.10
N PHE F 390 -32.25 22.33 23.23
CA PHE F 390 -33.60 22.87 23.34
C PHE F 390 -33.69 24.31 22.84
N LEU F 391 -32.84 25.19 23.35
CA LEU F 391 -32.93 26.62 23.04
C LEU F 391 -32.51 26.95 21.62
N LEU F 392 -31.95 26.00 20.86
CA LEU F 392 -31.60 26.24 19.47
C LEU F 392 -32.58 25.58 18.50
N ARG F 393 -33.70 25.07 19.01
CA ARG F 393 -34.72 24.43 18.17
C ARG F 393 -35.69 25.50 17.70
N ASN F 394 -35.36 26.14 16.57
CA ASN F 394 -36.19 27.15 15.95
C ASN F 394 -35.62 27.50 14.58
N GLY F 395 -36.33 28.34 13.84
CA GLY F 395 -35.81 28.80 12.56
C GLY F 395 -34.55 29.64 12.74
N ALA F 396 -33.74 29.66 11.67
CA ALA F 396 -32.48 30.43 11.70
C ALA F 396 -32.72 31.89 12.02
N ASN F 397 -33.84 32.45 11.57
CA ASN F 397 -34.31 33.74 12.05
C ASN F 397 -35.81 33.74 11.90
N GLU F 398 -36.43 34.89 12.17
CA GLU F 398 -37.88 34.94 12.25
C GLU F 398 -38.58 34.63 10.92
N GLY F 399 -37.86 34.68 9.81
CA GLY F 399 -38.52 34.50 8.53
C GLY F 399 -38.38 33.12 7.92
N PHE F 400 -37.54 32.27 8.51
CA PHE F 400 -37.17 31.03 7.85
C PHE F 400 -38.33 30.04 7.80
N HIS F 401 -39.00 29.82 8.94
CA HIS F 401 -40.03 28.81 9.04
C HIS F 401 -41.14 29.01 8.02
N GLU F 402 -41.74 30.19 7.98
CA GLU F 402 -42.85 30.41 7.07
C GLU F 402 -42.41 30.31 5.62
N ALA F 403 -41.16 30.66 5.32
CA ALA F 403 -40.66 30.50 3.96
C ALA F 403 -40.60 29.02 3.57
N VAL F 404 -40.08 28.20 4.48
CA VAL F 404 -40.07 26.76 4.27
C VAL F 404 -41.49 26.26 4.00
N GLY F 405 -42.44 26.74 4.80
CA GLY F 405 -43.82 26.34 4.58
C GLY F 405 -44.31 26.71 3.19
N GLU F 406 -44.07 27.96 2.77
CA GLU F 406 -44.65 28.45 1.52
C GLU F 406 -44.11 27.71 0.31
N ILE F 407 -42.81 27.37 0.29
CA ILE F 407 -42.26 26.75 -0.92
C ILE F 407 -42.91 25.39 -1.16
N MET F 408 -43.38 24.74 -0.09
CA MET F 408 -44.08 23.46 -0.23
C MET F 408 -45.36 23.63 -1.03
N SER F 409 -46.24 24.55 -0.59
CA SER F 409 -47.47 24.83 -1.32
C SER F 409 -47.16 25.27 -2.74
N LEU F 410 -46.04 25.98 -2.94
CA LEU F 410 -45.63 26.36 -4.28
C LEU F 410 -45.47 25.13 -5.18
N SER F 411 -44.66 24.16 -4.73
CA SER F 411 -44.45 22.96 -5.55
C SER F 411 -45.71 22.12 -5.70
N ALA F 412 -46.55 22.08 -4.66
CA ALA F 412 -47.71 21.19 -4.71
C ALA F 412 -48.78 21.67 -5.69
N ALA F 413 -48.90 22.99 -5.87
CA ALA F 413 -49.99 23.55 -6.65
C ALA F 413 -49.75 23.54 -8.16
N THR F 414 -48.53 23.20 -8.61
CA THR F 414 -48.19 23.32 -10.01
C THR F 414 -48.97 22.29 -10.84
N PRO F 415 -49.24 22.58 -12.11
CA PRO F 415 -49.96 21.59 -12.91
C PRO F 415 -49.16 20.32 -13.11
N LYS F 416 -47.83 20.45 -13.17
CA LYS F 416 -46.95 19.29 -13.21
C LYS F 416 -47.27 18.33 -12.06
N HIS F 417 -47.32 18.86 -10.83
CA HIS F 417 -47.51 18.01 -9.65
C HIS F 417 -48.93 17.44 -9.60
N LEU F 418 -49.95 18.27 -9.86
CA LEU F 418 -51.33 17.80 -9.83
C LEU F 418 -51.57 16.71 -10.86
N LYS F 419 -51.00 16.86 -12.06
CA LYS F 419 -51.03 15.78 -13.04
C LYS F 419 -50.34 14.54 -12.48
N SER F 420 -49.15 14.71 -11.88
CA SER F 420 -48.37 13.57 -11.40
C SER F 420 -49.12 12.73 -10.37
N ILE F 421 -49.93 13.37 -9.51
CA ILE F 421 -50.66 12.66 -8.47
C ILE F 421 -52.11 12.36 -8.88
N GLY F 422 -52.46 12.59 -10.15
CA GLY F 422 -53.73 12.12 -10.65
C GLY F 422 -54.91 13.01 -10.35
N LEU F 423 -54.66 14.30 -10.07
CA LEU F 423 -55.76 15.24 -9.88
C LEU F 423 -56.08 16.03 -11.13
N LEU F 424 -55.16 16.08 -12.09
CA LEU F 424 -55.41 16.61 -13.42
C LEU F 424 -55.18 15.50 -14.44
N SER F 425 -56.01 15.46 -15.47
CA SER F 425 -55.85 14.47 -16.52
C SER F 425 -54.54 14.71 -17.26
N PRO F 426 -53.81 13.64 -17.64
CA PRO F 426 -52.56 13.83 -18.40
C PRO F 426 -52.77 14.62 -19.68
N ASP F 427 -54.02 14.69 -20.17
CA ASP F 427 -54.29 15.48 -21.36
C ASP F 427 -54.52 16.95 -21.06
N PHE F 428 -54.52 17.35 -19.79
CA PHE F 428 -54.68 18.76 -19.44
C PHE F 428 -53.62 19.63 -20.08
N GLN F 429 -54.03 20.59 -20.92
CA GLN F 429 -53.12 21.54 -21.57
C GLN F 429 -53.08 22.85 -20.80
N GLU F 430 -51.88 23.34 -20.46
CA GLU F 430 -51.75 24.67 -19.90
C GLU F 430 -51.80 25.71 -21.03
N ASP F 431 -51.96 26.96 -20.64
CA ASP F 431 -52.07 28.04 -21.61
C ASP F 431 -51.61 29.35 -20.98
N ASN F 432 -51.00 30.19 -21.82
CA ASN F 432 -50.37 31.41 -21.33
C ASN F 432 -51.34 32.30 -20.56
N GLU F 433 -52.59 32.38 -21.00
CA GLU F 433 -53.53 33.30 -20.36
C GLU F 433 -53.83 32.87 -18.92
N THR F 434 -54.09 31.59 -18.68
CA THR F 434 -54.35 31.13 -17.32
C THR F 434 -53.13 31.30 -16.43
N GLU F 435 -51.93 31.07 -16.98
CA GLU F 435 -50.71 31.26 -16.21
C GLU F 435 -50.54 32.72 -15.82
N ILE F 436 -50.85 33.63 -16.73
CA ILE F 436 -50.76 35.05 -16.39
C ILE F 436 -51.80 35.42 -15.35
N ASN F 437 -52.99 34.83 -15.44
CA ASN F 437 -54.00 34.99 -14.39
C ASN F 437 -53.41 34.63 -13.03
N PHE F 438 -52.87 33.41 -12.93
CA PHE F 438 -52.31 32.91 -11.67
C PHE F 438 -51.17 33.80 -11.16
N LEU F 439 -50.27 34.21 -12.06
CA LEU F 439 -49.16 35.05 -11.65
C LEU F 439 -49.64 36.42 -11.19
N LEU F 440 -50.67 36.98 -11.84
CA LEU F 440 -51.23 38.24 -11.38
C LEU F 440 -51.78 38.13 -9.97
N LYS F 441 -52.64 37.14 -9.72
CA LYS F 441 -53.16 36.92 -8.37
C LYS F 441 -52.00 36.82 -7.36
N GLN F 442 -51.03 35.95 -7.67
CA GLN F 442 -49.85 35.80 -6.80
C GLN F 442 -49.16 37.12 -6.54
N ALA F 443 -49.07 37.99 -7.56
CA ALA F 443 -48.45 39.30 -7.39
C ALA F 443 -49.29 40.18 -6.47
N LEU F 444 -50.60 40.27 -6.75
CA LEU F 444 -51.51 41.07 -5.93
C LEU F 444 -51.29 40.79 -4.46
N THR F 445 -51.05 39.53 -4.11
CA THR F 445 -50.75 39.24 -2.71
C THR F 445 -49.29 39.57 -2.37
N ILE F 446 -48.36 38.88 -3.02
CA ILE F 446 -46.96 38.87 -2.62
C ILE F 446 -46.28 40.22 -2.93
N VAL F 447 -46.28 40.62 -4.20
CA VAL F 447 -45.66 41.89 -4.60
C VAL F 447 -46.41 43.06 -3.99
N GLY F 448 -47.74 42.95 -3.91
CA GLY F 448 -48.51 44.03 -3.33
C GLY F 448 -48.08 44.35 -1.91
N THR F 449 -47.89 43.31 -1.07
CA THR F 449 -47.62 43.59 0.34
C THR F 449 -46.22 44.11 0.62
N LEU F 450 -45.27 43.97 -0.33
CA LEU F 450 -43.88 44.35 -0.03
C LEU F 450 -43.69 45.85 0.20
N PRO F 451 -44.15 46.75 -0.67
CA PRO F 451 -44.00 48.19 -0.35
C PRO F 451 -44.76 48.60 0.91
N PHE F 452 -45.96 48.05 1.11
CA PHE F 452 -46.73 48.29 2.33
C PHE F 452 -45.92 47.94 3.58
N THR F 453 -45.35 46.74 3.61
CA THR F 453 -44.59 46.27 4.75
C THR F 453 -43.34 47.13 4.97
N TYR F 454 -42.58 47.40 3.91
CA TYR F 454 -41.38 48.20 4.07
C TYR F 454 -41.72 49.59 4.59
N MET F 455 -42.75 50.24 4.00
CA MET F 455 -43.10 51.59 4.40
C MET F 455 -43.57 51.65 5.85
N LEU F 456 -44.42 50.70 6.27
CA LEU F 456 -44.85 50.65 7.66
C LEU F 456 -43.65 50.54 8.59
N GLU F 457 -42.77 49.57 8.33
CA GLU F 457 -41.67 49.38 9.25
C GLU F 457 -40.68 50.53 9.17
N LYS F 458 -40.58 51.18 8.03
CA LYS F 458 -39.69 52.33 7.92
C LYS F 458 -40.24 53.48 8.77
N TRP F 459 -41.54 53.71 8.70
CA TRP F 459 -42.14 54.72 9.57
C TRP F 459 -41.89 54.42 11.03
N ARG F 460 -42.06 53.15 11.43
CA ARG F 460 -41.86 52.81 12.84
C ARG F 460 -40.39 52.96 13.24
N TRP F 461 -39.47 52.51 12.39
CA TRP F 461 -38.05 52.68 12.67
C TRP F 461 -37.71 54.15 12.88
N MET F 462 -38.24 55.02 12.03
CA MET F 462 -37.93 56.44 12.14
C MET F 462 -38.57 57.06 13.38
N VAL F 463 -39.78 56.62 13.73
CA VAL F 463 -40.43 57.14 14.95
C VAL F 463 -39.64 56.70 16.18
N PHE F 464 -39.18 55.46 16.21
CA PHE F 464 -38.39 55.00 17.34
C PHE F 464 -37.06 55.74 17.43
N LYS F 465 -36.39 55.94 16.29
CA LYS F 465 -35.13 56.67 16.28
C LYS F 465 -35.30 58.14 16.65
N GLY F 466 -36.53 58.65 16.57
CA GLY F 466 -36.78 60.05 16.88
C GLY F 466 -36.65 60.99 15.72
N GLU F 467 -36.80 60.51 14.48
CA GLU F 467 -36.63 61.34 13.29
C GLU F 467 -37.93 61.97 12.81
N ILE F 468 -39.07 61.56 13.36
CA ILE F 468 -40.37 62.09 12.96
C ILE F 468 -41.04 62.73 14.17
N PRO F 469 -41.15 64.06 14.22
CA PRO F 469 -41.84 64.70 15.34
C PRO F 469 -43.28 64.24 15.41
N LYS F 470 -43.81 64.20 16.63
CA LYS F 470 -45.20 63.76 16.79
C LYS F 470 -46.14 64.61 15.94
N ASP F 471 -45.91 65.93 15.92
CA ASP F 471 -46.68 66.86 15.10
C ASP F 471 -46.65 66.49 13.62
N GLN F 472 -45.72 65.65 13.19
CA GLN F 472 -45.66 65.25 11.79
C GLN F 472 -45.90 63.76 11.59
N TRP F 473 -46.23 63.03 12.66
CA TRP F 473 -46.41 61.58 12.58
C TRP F 473 -47.28 61.22 11.41
N MET F 474 -48.57 61.54 11.52
CA MET F 474 -49.49 61.20 10.45
C MET F 474 -49.06 61.85 9.15
N LYS F 475 -48.57 63.09 9.21
CA LYS F 475 -48.15 63.75 7.99
C LYS F 475 -47.13 62.86 7.29
N LYS F 476 -46.03 62.54 7.97
CA LYS F 476 -45.02 61.73 7.34
C LYS F 476 -45.61 60.40 6.88
N TRP F 477 -46.42 59.77 7.75
CA TRP F 477 -47.07 58.52 7.37
C TRP F 477 -47.67 58.66 5.98
N TRP F 478 -48.59 59.61 5.80
CA TRP F 478 -49.25 59.66 4.50
C TRP F 478 -48.28 60.08 3.41
N GLU F 479 -47.34 60.98 3.70
CA GLU F 479 -46.30 61.28 2.73
C GLU F 479 -45.63 60.00 2.27
N MET F 480 -45.20 59.15 3.20
CA MET F 480 -44.56 57.92 2.79
C MET F 480 -45.53 57.03 2.02
N LYS F 481 -46.78 56.92 2.50
CA LYS F 481 -47.78 56.17 1.76
C LYS F 481 -47.87 56.65 0.32
N ARG F 482 -47.86 57.97 0.11
CA ARG F 482 -47.91 58.49 -1.25
C ARG F 482 -46.62 58.20 -1.99
N GLU F 483 -45.47 58.42 -1.35
CA GLU F 483 -44.20 58.33 -2.06
C GLU F 483 -43.78 56.88 -2.27
N ILE F 484 -43.78 56.09 -1.20
CA ILE F 484 -43.21 54.75 -1.26
C ILE F 484 -44.18 53.77 -1.92
N VAL F 485 -45.43 53.74 -1.46
CA VAL F 485 -46.34 52.67 -1.86
C VAL F 485 -47.41 53.14 -2.85
N GLY F 486 -47.41 54.42 -3.21
CA GLY F 486 -48.34 54.91 -4.22
C GLY F 486 -49.79 54.87 -3.80
N VAL F 487 -50.07 55.24 -2.55
CA VAL F 487 -51.42 55.23 -1.98
C VAL F 487 -51.65 56.57 -1.31
N VAL F 488 -52.85 57.12 -1.48
CA VAL F 488 -53.20 58.42 -0.94
C VAL F 488 -54.43 58.26 -0.06
N GLU F 489 -54.50 59.07 1.01
CA GLU F 489 -55.64 59.06 1.92
C GLU F 489 -56.82 59.77 1.26
N PRO F 490 -58.02 59.22 1.38
CA PRO F 490 -59.19 59.91 0.82
C PRO F 490 -59.63 61.11 1.64
N VAL F 491 -59.43 61.07 2.96
CA VAL F 491 -59.81 62.15 3.87
C VAL F 491 -58.52 62.69 4.47
N PRO F 492 -58.34 64.01 4.60
CA PRO F 492 -57.17 64.51 5.33
C PRO F 492 -57.19 64.06 6.78
N HIS F 493 -56.05 63.59 7.27
CA HIS F 493 -55.91 63.14 8.64
C HIS F 493 -54.88 64.01 9.35
N ASP F 494 -55.20 64.44 10.56
CA ASP F 494 -54.32 65.28 11.36
C ASP F 494 -53.66 64.44 12.46
N GLU F 495 -52.91 65.12 13.33
CA GLU F 495 -52.17 64.43 14.36
C GLU F 495 -53.02 64.00 15.55
N THR F 496 -54.34 64.08 15.43
CA THR F 496 -55.23 63.47 16.40
C THR F 496 -55.51 62.01 16.07
N TYR F 497 -55.20 61.59 14.85
CA TYR F 497 -55.39 60.23 14.39
C TYR F 497 -54.15 59.38 14.73
N CYS F 498 -54.24 58.10 14.40
CA CYS F 498 -53.06 57.23 14.47
C CYS F 498 -53.25 56.04 13.54
N ASP F 499 -53.23 56.30 12.24
CA ASP F 499 -53.58 55.28 11.26
C ASP F 499 -52.72 54.01 11.34
N PRO F 500 -51.40 54.07 11.54
CA PRO F 500 -50.66 52.80 11.64
C PRO F 500 -51.15 51.90 12.76
N ALA F 501 -51.53 52.47 13.90
CA ALA F 501 -52.03 51.63 15.00
C ALA F 501 -53.38 51.00 14.68
N SER F 502 -54.05 51.43 13.61
CA SER F 502 -55.27 50.76 13.19
C SER F 502 -54.99 49.37 12.61
N LEU F 503 -53.72 48.99 12.45
CA LEU F 503 -53.35 47.64 12.04
C LEU F 503 -52.96 46.84 13.28
N PHE F 504 -53.29 45.55 13.26
CA PHE F 504 -53.12 44.68 14.43
C PHE F 504 -51.67 44.65 14.90
N HIS F 505 -50.74 44.44 13.98
CA HIS F 505 -49.34 44.29 14.35
C HIS F 505 -48.80 45.52 15.07
N VAL F 506 -49.31 46.70 14.73
CA VAL F 506 -48.79 47.92 15.32
C VAL F 506 -49.35 48.12 16.72
N SER F 507 -50.66 47.97 16.88
CA SER F 507 -51.30 48.14 18.18
C SER F 507 -51.00 46.99 19.13
N ASN F 508 -50.52 45.86 18.62
CA ASN F 508 -50.21 44.70 19.45
C ASN F 508 -48.71 44.43 19.53
N ASP F 509 -47.87 45.35 19.06
CA ASP F 509 -46.45 45.39 19.40
C ASP F 509 -45.67 44.22 18.77
N TYR F 510 -45.87 44.03 17.47
CA TYR F 510 -45.16 43.02 16.71
C TYR F 510 -44.29 43.70 15.65
N SER F 511 -43.09 43.18 15.46
CA SER F 511 -42.30 43.66 14.33
C SER F 511 -42.95 43.18 13.03
N PHE F 512 -42.65 43.88 11.95
CA PHE F 512 -43.36 43.68 10.69
C PHE F 512 -42.45 43.32 9.53
N ILE F 513 -41.17 43.67 9.57
CA ILE F 513 -40.29 43.42 8.44
C ILE F 513 -40.13 41.92 8.17
N ARG F 514 -40.46 41.07 9.14
CA ARG F 514 -40.43 39.62 8.96
C ARG F 514 -41.18 39.20 7.70
N TYR F 515 -42.24 39.91 7.34
CA TYR F 515 -43.03 39.52 6.18
C TYR F 515 -42.27 39.78 4.89
N TYR F 516 -41.62 40.95 4.80
CA TYR F 516 -40.73 41.26 3.69
C TYR F 516 -39.64 40.20 3.55
N THR F 517 -38.96 39.94 4.67
CA THR F 517 -37.81 39.04 4.69
C THR F 517 -38.22 37.62 4.30
N ARG F 518 -39.30 37.12 4.89
CA ARG F 518 -39.79 35.79 4.56
C ARG F 518 -40.17 35.68 3.09
N THR F 519 -40.83 36.71 2.56
CA THR F 519 -41.22 36.67 1.16
C THR F 519 -40.01 36.56 0.25
N LEU F 520 -38.94 37.31 0.54
CA LEU F 520 -37.75 37.19 -0.31
C LEU F 520 -37.09 35.83 -0.15
N TYR F 521 -36.97 35.35 1.11
CA TYR F 521 -36.38 34.04 1.37
C TYR F 521 -37.10 32.94 0.61
N GLN F 522 -38.43 33.03 0.51
CA GLN F 522 -39.23 32.02 -0.17
C GLN F 522 -38.67 31.69 -1.55
N PHE F 523 -38.54 32.72 -2.38
CA PHE F 523 -38.11 32.51 -3.74
C PHE F 523 -36.62 32.28 -3.82
N GLN F 524 -35.83 32.80 -2.88
CA GLN F 524 -34.43 32.37 -2.83
C GLN F 524 -34.35 30.85 -2.70
N PHE F 525 -35.05 30.31 -1.70
CA PHE F 525 -35.11 28.88 -1.47
C PHE F 525 -35.58 28.15 -2.72
N GLN F 526 -36.71 28.59 -3.28
CA GLN F 526 -37.30 27.86 -4.41
C GLN F 526 -36.38 27.87 -5.63
N GLU F 527 -35.73 29.01 -5.90
CA GLU F 527 -34.80 29.05 -7.03
C GLU F 527 -33.66 28.08 -6.81
N ALA F 528 -33.08 28.10 -5.61
CA ALA F 528 -31.96 27.21 -5.33
C ALA F 528 -32.37 25.74 -5.48
N LEU F 529 -33.55 25.39 -4.98
CA LEU F 529 -33.96 23.99 -5.00
C LEU F 529 -34.35 23.55 -6.40
N CYS F 530 -35.03 24.42 -7.15
CA CYS F 530 -35.34 24.10 -8.55
C CYS F 530 -34.07 23.95 -9.37
N GLN F 531 -33.05 24.76 -9.08
CA GLN F 531 -31.77 24.54 -9.73
C GLN F 531 -31.22 23.16 -9.41
N ALA F 532 -31.17 22.81 -8.12
CA ALA F 532 -30.71 21.47 -7.74
C ALA F 532 -31.57 20.37 -8.37
N ALA F 533 -32.86 20.65 -8.60
CA ALA F 533 -33.76 19.70 -9.23
C ALA F 533 -33.74 19.79 -10.75
N LYS F 534 -32.74 20.47 -11.33
CA LYS F 534 -32.53 20.51 -12.78
C LYS F 534 -33.80 20.93 -13.53
N HIS F 535 -34.65 21.72 -12.89
CA HIS F 535 -35.91 22.14 -13.49
C HIS F 535 -35.66 22.98 -14.74
N GLU F 536 -36.48 22.77 -15.77
CA GLU F 536 -36.37 23.52 -17.00
C GLU F 536 -37.60 24.40 -17.19
N GLY F 537 -37.36 25.64 -17.64
CA GLY F 537 -38.43 26.58 -17.88
C GLY F 537 -38.64 27.54 -16.72
N PRO F 538 -39.70 28.35 -16.83
CA PRO F 538 -39.98 29.36 -15.80
C PRO F 538 -40.10 28.80 -14.39
N LEU F 539 -39.65 29.59 -13.41
CA LEU F 539 -39.58 29.10 -12.04
C LEU F 539 -40.96 28.82 -11.46
N HIS F 540 -41.99 29.54 -11.91
CA HIS F 540 -43.31 29.35 -11.30
C HIS F 540 -43.92 27.99 -11.68
N LYS F 541 -43.40 27.32 -12.72
CA LYS F 541 -43.89 26.01 -13.13
C LYS F 541 -43.10 24.86 -12.51
N CYS F 542 -42.27 25.13 -11.49
CA CYS F 542 -41.31 24.15 -10.97
C CYS F 542 -41.91 23.34 -9.82
N ASP F 543 -41.64 22.03 -9.85
CA ASP F 543 -42.06 21.11 -8.80
C ASP F 543 -40.84 20.30 -8.36
N ILE F 544 -40.46 20.41 -7.08
CA ILE F 544 -39.25 19.75 -6.61
C ILE F 544 -39.44 18.28 -6.30
N SER F 545 -40.62 17.71 -6.57
CA SER F 545 -40.88 16.31 -6.26
C SER F 545 -39.82 15.40 -6.88
N ASN F 546 -39.46 14.34 -6.15
CA ASN F 546 -38.52 13.29 -6.55
C ASN F 546 -37.08 13.76 -6.66
N SER F 547 -36.75 14.95 -6.14
CA SER F 547 -35.38 15.48 -6.21
C SER F 547 -34.73 15.33 -4.83
N THR F 548 -33.91 14.29 -4.69
CA THR F 548 -33.15 14.14 -3.44
C THR F 548 -32.00 15.13 -3.33
N GLU F 549 -31.53 15.67 -4.46
CA GLU F 549 -30.55 16.74 -4.40
C GLU F 549 -31.11 17.96 -3.69
N ALA F 550 -32.30 18.41 -4.13
CA ALA F 550 -32.96 19.55 -3.50
C ALA F 550 -33.32 19.25 -2.05
N GLY F 551 -33.80 18.04 -1.79
CA GLY F 551 -34.07 17.65 -0.42
C GLY F 551 -32.83 17.75 0.45
N GLN F 552 -31.68 17.32 -0.08
CA GLN F 552 -30.45 17.38 0.68
C GLN F 552 -30.05 18.83 0.96
N LYS F 553 -30.08 19.68 -0.08
CA LYS F 553 -29.79 21.10 0.12
C LYS F 553 -30.69 21.72 1.17
N LEU F 554 -31.99 21.41 1.13
CA LEU F 554 -32.94 21.98 2.08
C LEU F 554 -32.69 21.47 3.49
N PHE F 555 -32.41 20.16 3.62
CA PHE F 555 -32.18 19.56 4.93
C PHE F 555 -30.88 20.08 5.55
N ASN F 556 -29.87 20.38 4.73
CA ASN F 556 -28.62 20.92 5.26
C ASN F 556 -28.84 22.22 6.03
N MET F 557 -29.93 22.93 5.74
CA MET F 557 -30.33 24.12 6.49
C MET F 557 -31.31 23.76 7.60
N LEU F 558 -32.34 22.98 7.28
CA LEU F 558 -33.34 22.64 8.28
C LEU F 558 -32.68 22.08 9.54
N ARG F 559 -31.67 21.23 9.36
CA ARG F 559 -31.01 20.55 10.47
C ARG F 559 -30.33 21.51 11.43
N LEU F 560 -29.98 22.72 10.98
CA LEU F 560 -29.25 23.65 11.85
C LEU F 560 -30.16 24.25 12.91
N GLY F 561 -31.44 24.46 12.60
CA GLY F 561 -32.28 25.25 13.47
C GLY F 561 -31.66 26.62 13.72
N LYS F 562 -31.41 26.96 14.98
CA LYS F 562 -30.85 28.26 15.37
C LYS F 562 -29.40 28.17 15.83
N SER F 563 -28.72 27.06 15.53
CA SER F 563 -27.36 26.84 16.02
C SER F 563 -26.32 27.62 15.21
N GLU F 564 -26.57 27.90 13.95
CA GLU F 564 -25.62 28.65 13.15
C GLU F 564 -26.20 30.01 12.73
N PRO F 565 -25.35 30.98 12.38
CA PRO F 565 -25.84 32.24 11.82
C PRO F 565 -26.80 32.03 10.67
N TRP F 566 -27.84 32.86 10.61
CA TRP F 566 -28.83 32.71 9.54
C TRP F 566 -28.20 32.96 8.18
N THR F 567 -27.16 33.79 8.13
CA THR F 567 -26.39 33.95 6.90
C THR F 567 -25.86 32.60 6.41
N LEU F 568 -25.34 31.78 7.34
CA LEU F 568 -24.87 30.45 6.95
C LEU F 568 -26.03 29.52 6.62
N ALA F 569 -27.11 29.58 7.41
CA ALA F 569 -28.27 28.75 7.10
C ALA F 569 -28.73 29.00 5.68
N LEU F 570 -28.82 30.27 5.32
CA LEU F 570 -29.23 30.63 3.97
C LEU F 570 -28.21 30.15 2.95
N GLU F 571 -26.92 30.31 3.25
CA GLU F 571 -25.87 29.86 2.33
C GLU F 571 -25.96 28.37 2.05
N ASN F 572 -26.36 27.57 3.06
CA ASN F 572 -26.46 26.13 2.88
C ASN F 572 -27.48 25.76 1.81
N VAL F 573 -28.49 26.61 1.61
CA VAL F 573 -29.55 26.36 0.63
C VAL F 573 -29.23 27.02 -0.70
N VAL F 574 -28.82 28.27 -0.67
CA VAL F 574 -28.76 29.09 -1.88
C VAL F 574 -27.34 29.45 -2.30
N GLY F 575 -26.33 29.12 -1.49
CA GLY F 575 -24.95 29.38 -1.84
C GLY F 575 -24.46 30.78 -1.61
N ALA F 576 -25.32 31.69 -1.15
CA ALA F 576 -24.96 33.06 -0.83
C ALA F 576 -25.38 33.37 0.60
N LYS F 577 -24.67 34.32 1.21
CA LYS F 577 -24.87 34.67 2.61
C LYS F 577 -25.85 35.81 2.79
N ASN F 578 -26.56 36.24 1.75
CA ASN F 578 -27.27 37.50 1.80
C ASN F 578 -28.69 37.39 1.24
N MET F 579 -29.56 38.26 1.73
CA MET F 579 -30.89 38.38 1.18
C MET F 579 -30.82 38.94 -0.23
N ASN F 580 -31.66 38.39 -1.11
CA ASN F 580 -31.61 38.77 -2.51
C ASN F 580 -33.01 38.70 -3.09
N VAL F 581 -33.45 39.80 -3.71
CA VAL F 581 -34.80 39.84 -4.25
C VAL F 581 -34.88 39.32 -5.68
N ARG F 582 -33.74 39.13 -6.34
CA ARG F 582 -33.73 38.68 -7.73
C ARG F 582 -34.48 37.36 -7.94
N PRO F 583 -34.42 36.36 -7.05
CA PRO F 583 -35.23 35.16 -7.32
C PRO F 583 -36.72 35.45 -7.38
N LEU F 584 -37.21 36.37 -6.55
CA LEU F 584 -38.60 36.79 -6.66
C LEU F 584 -38.86 37.45 -8.02
N LEU F 585 -37.95 38.29 -8.48
CA LEU F 585 -38.14 38.91 -9.79
C LEU F 585 -38.16 37.84 -10.89
N ASN F 586 -37.35 36.80 -10.75
CA ASN F 586 -37.37 35.68 -11.69
C ASN F 586 -38.74 34.98 -11.68
N TYR F 587 -39.24 34.66 -10.47
CA TYR F 587 -40.55 34.02 -10.35
C TYR F 587 -41.63 34.80 -11.09
N PHE F 588 -41.56 36.13 -11.02
CA PHE F 588 -42.58 36.98 -11.61
C PHE F 588 -42.22 37.55 -12.98
N GLU F 589 -41.05 37.19 -13.54
CA GLU F 589 -40.58 37.84 -14.76
C GLU F 589 -41.57 37.72 -15.92
N PRO F 590 -42.19 36.56 -16.19
CA PRO F 590 -43.25 36.55 -17.23
C PRO F 590 -44.36 37.57 -16.98
N LEU F 591 -44.79 37.71 -15.72
CA LEU F 591 -45.82 38.71 -15.44
C LEU F 591 -45.28 40.12 -15.58
N PHE F 592 -44.01 40.34 -15.22
CA PHE F 592 -43.39 41.65 -15.43
C PHE F 592 -43.40 42.01 -16.91
N THR F 593 -43.04 41.06 -17.78
CA THR F 593 -43.05 41.32 -19.21
C THR F 593 -44.46 41.61 -19.72
N TRP F 594 -45.43 40.77 -19.30
CA TRP F 594 -46.81 40.99 -19.71
C TRP F 594 -47.32 42.35 -19.24
N LEU F 595 -46.92 42.76 -18.04
CA LEU F 595 -47.33 44.06 -17.49
C LEU F 595 -46.73 45.20 -18.30
N LYS F 596 -45.42 45.18 -18.51
CA LYS F 596 -44.77 46.24 -19.29
C LYS F 596 -45.42 46.38 -20.66
N ASP F 597 -45.87 45.27 -21.24
CA ASP F 597 -46.57 45.36 -22.51
C ASP F 597 -47.97 45.94 -22.33
N GLN F 598 -48.67 45.54 -21.27
CA GLN F 598 -50.04 45.97 -21.03
C GLN F 598 -50.12 47.48 -20.75
N ASN F 599 -49.09 48.06 -20.15
CA ASN F 599 -49.11 49.44 -19.71
C ASN F 599 -48.67 50.43 -20.80
N LYS F 600 -48.40 49.95 -22.01
CA LYS F 600 -47.81 50.80 -23.05
C LYS F 600 -48.67 52.04 -23.31
N ASN F 601 -49.98 51.93 -23.15
CA ASN F 601 -50.88 53.06 -23.28
C ASN F 601 -51.29 53.62 -21.94
N SER F 602 -50.38 53.58 -20.96
CA SER F 602 -50.74 53.98 -19.61
C SER F 602 -49.51 54.61 -18.95
N PHE F 603 -49.78 55.54 -18.02
CA PHE F 603 -48.71 56.13 -17.24
C PHE F 603 -48.23 55.16 -16.16
N VAL F 604 -46.91 55.06 -16.00
CA VAL F 604 -46.31 54.22 -14.97
C VAL F 604 -45.60 55.15 -13.98
N GLY F 605 -45.75 54.85 -12.69
CA GLY F 605 -45.39 55.80 -11.65
C GLY F 605 -46.62 56.55 -11.15
N TRP F 606 -46.37 57.55 -10.31
CA TRP F 606 -47.49 58.29 -9.74
C TRP F 606 -47.02 59.64 -9.24
N SER F 607 -47.94 60.60 -9.26
CA SER F 607 -47.71 61.93 -8.71
C SER F 607 -48.14 61.95 -7.25
N THR F 608 -47.28 62.49 -6.39
CA THR F 608 -47.60 62.54 -4.97
C THR F 608 -48.54 63.68 -4.60
N ASP F 609 -48.82 64.59 -5.52
CA ASP F 609 -49.60 65.77 -5.16
C ASP F 609 -51.10 65.53 -5.22
N TRP F 610 -51.56 64.59 -6.04
CA TRP F 610 -52.99 64.38 -6.22
C TRP F 610 -53.63 63.84 -4.93
N SER F 611 -54.93 64.14 -4.76
CA SER F 611 -55.67 63.72 -3.59
C SER F 611 -57.16 63.72 -3.86
N PRO F 612 -57.89 62.68 -3.43
CA PRO F 612 -59.34 62.62 -3.71
C PRO F 612 -60.12 63.76 -3.09
N TYR F 613 -59.63 64.36 -2.00
CA TYR F 613 -60.31 65.51 -1.42
C TYR F 613 -59.80 66.85 -1.98
N ALA F 614 -58.68 66.84 -2.71
CA ALA F 614 -58.05 68.02 -3.38
C ALA F 614 -58.32 69.39 -2.74
N GLN G 1 20.39 28.21 11.44
CA GLN G 1 19.81 27.30 10.45
C GLN G 1 20.88 26.76 9.46
N VAL G 2 21.06 25.44 9.49
CA VAL G 2 21.96 24.77 8.56
C VAL G 2 21.46 24.95 7.13
N GLN G 3 22.35 25.35 6.22
CA GLN G 3 22.03 25.44 4.80
C GLN G 3 23.18 24.89 3.97
N LEU G 4 22.85 24.16 2.91
CA LEU G 4 23.80 23.71 1.91
C LEU G 4 23.28 24.13 0.53
N VAL G 5 24.15 24.69 -0.30
CA VAL G 5 23.73 25.22 -1.60
C VAL G 5 24.70 24.78 -2.69
N GLU G 6 24.24 23.95 -3.62
CA GLU G 6 25.05 23.45 -4.72
C GLU G 6 25.10 24.45 -5.88
N SER G 7 26.21 24.40 -6.61
CA SER G 7 26.41 25.22 -7.81
C SER G 7 27.26 24.42 -8.79
N GLY G 8 27.17 24.79 -10.06
CA GLY G 8 28.09 24.31 -11.08
C GLY G 8 27.55 23.26 -12.03
N GLY G 9 26.33 22.76 -11.83
CA GLY G 9 25.78 21.81 -12.78
C GLY G 9 25.37 22.46 -14.09
N GLY G 10 25.31 21.66 -15.15
CA GLY G 10 24.87 22.19 -16.43
C GLY G 10 25.22 21.23 -17.55
N LEU G 11 25.32 21.77 -18.76
CA LEU G 11 25.64 20.97 -19.93
C LEU G 11 27.14 20.72 -20.01
N VAL G 12 27.53 19.49 -20.35
CA VAL G 12 28.94 19.17 -20.54
C VAL G 12 29.05 18.03 -21.53
N GLN G 13 30.00 18.15 -22.47
CA GLN G 13 30.17 17.15 -23.52
C GLN G 13 30.76 15.85 -22.96
N PRO G 14 30.42 14.71 -23.55
CA PRO G 14 31.08 13.45 -23.17
C PRO G 14 32.59 13.58 -23.25
N GLY G 15 33.28 12.96 -22.31
CA GLY G 15 34.71 13.09 -22.18
C GLY G 15 35.17 14.38 -21.53
N GLY G 16 34.28 15.34 -21.31
CA GLY G 16 34.65 16.61 -20.71
C GLY G 16 34.71 16.52 -19.19
N SER G 17 35.00 17.66 -18.56
CA SER G 17 35.17 17.74 -17.12
C SER G 17 34.40 18.94 -16.57
N LEU G 18 34.16 18.95 -15.25
CA LEU G 18 33.29 19.94 -14.64
C LEU G 18 33.49 19.93 -13.13
N ARG G 19 33.41 21.09 -12.50
CA ARG G 19 33.51 21.18 -11.04
C ARG G 19 32.18 21.60 -10.43
N LEU G 20 31.74 20.85 -9.41
CA LEU G 20 30.58 21.20 -8.61
C LEU G 20 31.03 21.81 -7.30
N SER G 21 30.28 22.80 -6.83
CA SER G 21 30.55 23.47 -5.56
C SER G 21 29.36 23.29 -4.64
N CYS G 22 29.63 23.35 -3.35
CA CYS G 22 28.58 23.36 -2.34
C CYS G 22 29.03 24.34 -1.28
N ALA G 23 28.21 25.35 -1.03
CA ALA G 23 28.48 26.34 0.00
C ALA G 23 27.64 26.02 1.22
N ALA G 24 28.29 25.92 2.38
CA ALA G 24 27.64 25.56 3.63
C ALA G 24 27.52 26.79 4.52
N SER G 25 26.47 26.82 5.34
CA SER G 25 26.32 27.85 6.36
C SER G 25 25.53 27.29 7.52
N GLY G 26 25.64 27.97 8.66
CA GLY G 26 24.84 27.62 9.83
C GLY G 26 25.40 26.53 10.71
N PHE G 27 26.61 26.04 10.41
CA PHE G 27 27.27 25.10 11.31
C PHE G 27 28.79 25.27 11.19
N THR G 28 29.50 24.67 12.14
CA THR G 28 30.95 24.61 12.06
C THR G 28 31.35 23.61 10.99
N PHE G 29 31.58 24.11 9.77
CA PHE G 29 31.81 23.24 8.61
C PHE G 29 32.95 22.27 8.86
N SER G 30 34.07 22.73 9.43
CA SER G 30 35.23 21.89 9.62
C SER G 30 34.95 20.68 10.50
N SER G 31 33.86 20.70 11.27
CA SER G 31 33.60 19.64 12.24
C SER G 31 32.83 18.47 11.67
N TYR G 32 32.46 18.49 10.38
CA TYR G 32 31.56 17.48 9.84
C TYR G 32 32.13 16.85 8.56
N ASP G 33 31.81 15.58 8.37
CA ASP G 33 32.07 14.96 7.08
C ASP G 33 31.11 15.55 6.02
N MET G 34 31.56 15.55 4.78
CA MET G 34 30.72 16.02 3.68
C MET G 34 30.67 14.96 2.59
N HIS G 35 29.56 14.92 1.84
CA HIS G 35 29.29 13.84 0.92
C HIS G 35 28.63 14.36 -0.35
N TRP G 36 28.82 13.62 -1.43
CA TRP G 36 28.08 13.82 -2.67
C TRP G 36 27.27 12.57 -2.93
N VAL G 37 25.98 12.76 -3.18
CA VAL G 37 25.06 11.68 -3.49
C VAL G 37 24.29 12.11 -4.73
N ARG G 38 24.22 11.23 -5.72
CA ARG G 38 23.52 11.56 -6.96
C ARG G 38 22.20 10.78 -7.03
N GLN G 39 21.29 11.28 -7.86
CA GLN G 39 19.99 10.66 -8.03
C GLN G 39 19.63 10.70 -9.51
N THR G 40 19.16 9.55 -10.00
CA THR G 40 18.66 9.36 -11.36
C THR G 40 17.33 8.64 -11.30
N THR G 41 16.49 8.86 -12.31
CA THR G 41 15.20 8.18 -12.33
C THR G 41 15.36 6.66 -12.38
N GLY G 42 16.41 6.18 -13.03
CA GLY G 42 16.54 4.74 -13.25
C GLY G 42 17.17 3.97 -12.10
N LYS G 43 18.09 4.60 -11.37
CA LYS G 43 18.88 3.92 -10.34
C LYS G 43 18.72 4.54 -8.96
N GLY G 44 17.80 5.52 -8.79
CA GLY G 44 17.53 6.07 -7.46
C GLY G 44 18.71 6.80 -6.87
N LEU G 45 18.78 6.81 -5.53
CA LEU G 45 19.83 7.50 -4.78
C LEU G 45 21.10 6.66 -4.74
N GLU G 46 22.23 7.28 -5.03
CA GLU G 46 23.51 6.58 -5.17
C GLU G 46 24.62 7.42 -4.55
N TRP G 47 25.38 6.82 -3.64
CA TRP G 47 26.50 7.54 -3.03
C TRP G 47 27.62 7.75 -4.05
N VAL G 48 28.10 8.99 -4.17
CA VAL G 48 29.14 9.32 -5.13
C VAL G 48 30.50 9.53 -4.47
N SER G 49 30.54 10.24 -3.34
CA SER G 49 31.85 10.47 -2.75
C SER G 49 31.71 11.02 -1.34
N THR G 50 32.79 10.89 -0.57
CA THR G 50 32.81 11.33 0.81
C THR G 50 34.18 11.92 1.16
N ILE G 51 34.18 12.99 1.96
CA ILE G 51 35.40 13.55 2.54
C ILE G 51 35.18 13.73 4.04
N GLY G 52 36.13 13.23 4.83
CA GLY G 52 36.07 13.35 6.27
C GLY G 52 36.72 14.63 6.75
N THR G 53 37.01 14.66 8.04
CA THR G 53 37.63 15.82 8.65
C THR G 53 39.14 15.64 8.81
N ALA G 54 39.69 14.53 8.35
CA ALA G 54 41.13 14.29 8.41
C ALA G 54 41.76 14.23 7.02
N GLY G 55 41.13 14.84 6.03
CA GLY G 55 41.61 14.79 4.66
C GLY G 55 41.34 13.50 3.93
N ASP G 56 40.62 12.56 4.56
CA ASP G 56 40.36 11.26 3.98
C ASP G 56 39.22 11.34 2.95
N THR G 57 39.45 10.73 1.78
CA THR G 57 38.48 10.74 0.70
C THR G 57 38.10 9.31 0.36
N TYR G 58 36.85 9.14 -0.05
CA TYR G 58 36.30 7.83 -0.38
C TYR G 58 35.44 7.91 -1.62
N TYR G 59 35.57 6.92 -2.49
CA TYR G 59 34.85 6.86 -3.75
C TYR G 59 34.42 5.44 -4.04
N PRO G 60 33.26 5.26 -4.68
CA PRO G 60 32.93 3.94 -5.26
C PRO G 60 33.77 3.64 -6.50
N ASP G 61 33.88 2.35 -6.82
CA ASP G 61 34.73 1.94 -7.93
C ASP G 61 34.32 2.61 -9.24
N SER G 62 33.01 2.78 -9.47
CA SER G 62 32.49 3.44 -10.65
C SER G 62 33.01 4.87 -10.82
N VAL G 63 33.52 5.45 -9.74
CA VAL G 63 33.90 6.85 -9.72
C VAL G 63 35.39 7.05 -9.47
N LYS G 64 36.10 6.06 -8.91
CA LYS G 64 37.50 6.24 -8.56
C LYS G 64 38.33 6.40 -9.82
N GLY G 65 39.25 7.36 -9.79
CA GLY G 65 40.02 7.70 -10.96
C GLY G 65 39.42 8.82 -11.79
N ARG G 66 38.13 9.09 -11.65
CA ARG G 66 37.45 10.09 -12.47
C ARG G 66 37.02 11.31 -11.68
N PHE G 67 36.49 11.12 -10.47
CA PHE G 67 36.02 12.22 -9.64
C PHE G 67 36.97 12.43 -8.46
N THR G 68 37.03 13.66 -7.97
CA THR G 68 37.85 14.02 -6.82
C THR G 68 37.06 14.97 -5.94
N ILE G 69 36.86 14.61 -4.69
CA ILE G 69 36.18 15.48 -3.73
C ILE G 69 37.25 16.27 -3.00
N SER G 70 36.91 17.47 -2.55
CA SER G 70 37.84 18.27 -1.75
C SER G 70 37.04 19.28 -0.95
N ARG G 71 37.71 19.92 -0.01
CA ARG G 71 37.00 20.89 0.81
C ARG G 71 37.92 22.05 1.15
N GLU G 72 37.33 23.23 1.26
CA GLU G 72 38.01 24.46 1.64
C GLU G 72 37.26 24.96 2.86
N ASP G 73 37.74 24.55 4.05
CA ASP G 73 37.06 24.90 5.29
C ASP G 73 37.12 26.39 5.55
N ALA G 74 38.16 27.07 5.06
CA ALA G 74 38.25 28.50 5.26
C ALA G 74 37.08 29.23 4.58
N LYS G 75 36.54 28.66 3.52
CA LYS G 75 35.40 29.22 2.82
C LYS G 75 34.13 28.36 3.00
N ASN G 76 34.11 27.49 4.02
CA ASN G 76 32.97 26.61 4.29
C ASN G 76 32.46 25.94 3.02
N SER G 77 33.38 25.43 2.20
CA SER G 77 33.04 25.01 0.84
C SER G 77 33.47 23.58 0.56
N LEU G 78 32.68 22.93 -0.29
CA LEU G 78 32.93 21.57 -0.76
C LEU G 78 32.99 21.57 -2.29
N TYR G 79 33.85 20.73 -2.87
CA TYR G 79 34.00 20.66 -4.31
C TYR G 79 34.03 19.21 -4.78
N LEU G 80 33.49 19.00 -5.99
CA LEU G 80 33.61 17.72 -6.70
C LEU G 80 34.11 18.00 -8.12
N GLN G 81 35.38 17.67 -8.37
CA GLN G 81 35.92 17.72 -9.72
C GLN G 81 35.54 16.44 -10.43
N MET G 82 35.08 16.55 -11.67
CA MET G 82 34.62 15.42 -12.46
C MET G 82 35.33 15.41 -13.80
N ASN G 83 36.05 14.34 -14.11
CA ASN G 83 36.71 14.16 -15.38
C ASN G 83 36.15 12.95 -16.12
N SER G 84 36.38 12.91 -17.43
CA SER G 84 36.00 11.77 -18.25
C SER G 84 34.52 11.43 -18.08
N LEU G 85 33.67 12.43 -18.30
CA LEU G 85 32.25 12.26 -18.02
C LEU G 85 31.58 11.45 -19.13
N ARG G 86 30.68 10.55 -18.71
CA ARG G 86 29.94 9.69 -19.62
C ARG G 86 28.45 9.98 -19.45
N ALA G 87 27.68 9.61 -20.49
CA ALA G 87 26.24 9.88 -20.47
C ALA G 87 25.60 9.37 -19.18
N GLY G 88 26.06 8.22 -18.68
CA GLY G 88 25.48 7.67 -17.48
C GLY G 88 25.75 8.47 -16.22
N ASP G 89 26.57 9.52 -16.28
CA ASP G 89 26.78 10.41 -15.14
C ASP G 89 25.73 11.50 -15.04
N THR G 90 24.86 11.64 -16.04
CA THR G 90 23.76 12.59 -15.97
C THR G 90 22.88 12.29 -14.76
N ALA G 91 22.70 13.29 -13.89
CA ALA G 91 22.00 13.04 -12.63
C ALA G 91 21.80 14.35 -11.88
N VAL G 92 21.01 14.29 -10.81
CA VAL G 92 20.99 15.38 -9.85
C VAL G 92 22.04 15.08 -8.79
N TYR G 93 22.94 16.03 -8.54
CA TYR G 93 24.01 15.86 -7.58
C TYR G 93 23.70 16.68 -6.34
N TYR G 94 23.60 16.01 -5.19
CA TYR G 94 23.38 16.64 -3.90
C TYR G 94 24.68 16.61 -3.09
N CYS G 95 24.99 17.70 -2.40
CA CYS G 95 25.92 17.61 -1.29
C CYS G 95 25.13 17.31 -0.03
N ALA G 96 25.77 16.64 0.93
CA ALA G 96 25.07 16.18 2.11
C ALA G 96 26.02 16.16 3.29
N ARG G 97 25.54 16.66 4.43
CA ARG G 97 26.29 16.58 5.67
C ARG G 97 26.08 15.22 6.31
N GLY G 98 27.16 14.66 6.83
CA GLY G 98 27.13 13.41 7.58
C GLY G 98 27.30 13.67 9.06
N ASP G 99 26.63 12.87 9.88
CA ASP G 99 26.79 12.98 11.32
C ASP G 99 26.48 11.62 11.91
N SER G 100 26.71 11.49 13.21
CA SER G 100 26.49 10.21 13.86
C SER G 100 25.92 10.42 15.26
N SER G 101 25.07 9.49 15.68
CA SER G 101 24.62 9.38 17.06
C SER G 101 25.12 8.05 17.57
N GLY G 102 26.07 8.08 18.50
CA GLY G 102 26.79 6.85 18.82
C GLY G 102 27.54 6.35 17.59
N TYR G 103 27.41 5.07 17.29
CA TYR G 103 28.02 4.51 16.09
C TYR G 103 27.17 4.66 14.84
N TYR G 104 25.97 5.22 14.94
CA TYR G 104 25.02 5.23 13.84
C TYR G 104 25.16 6.49 13.00
N TYR G 105 25.49 6.31 11.72
CA TYR G 105 25.76 7.40 10.78
C TYR G 105 24.54 7.71 9.90
N TYR G 106 24.38 8.99 9.58
CA TYR G 106 23.24 9.38 8.76
C TYR G 106 23.58 10.67 7.98
N PHE G 107 22.76 10.95 6.98
CA PHE G 107 22.87 12.18 6.20
C PHE G 107 21.79 13.14 6.70
N ASP G 108 22.14 14.05 7.60
CA ASP G 108 21.11 14.87 8.24
C ASP G 108 20.76 16.14 7.47
N TYR G 109 21.59 16.57 6.52
CA TYR G 109 21.25 17.79 5.78
C TYR G 109 21.68 17.65 4.33
N TRP G 110 20.79 18.04 3.42
CA TRP G 110 21.04 17.90 1.99
C TRP G 110 20.88 19.26 1.32
N GLY G 111 21.61 19.48 0.23
CA GLY G 111 21.41 20.66 -0.59
C GLY G 111 20.14 20.59 -1.42
N GLN G 112 19.99 21.44 -2.43
CA GLN G 112 18.81 21.34 -3.27
C GLN G 112 19.04 20.49 -4.51
N GLY G 113 20.27 20.09 -4.77
CA GLY G 113 20.59 19.35 -5.98
C GLY G 113 21.01 20.27 -7.10
N THR G 114 21.89 19.78 -7.95
CA THR G 114 22.25 20.51 -9.15
C THR G 114 22.27 19.49 -10.28
N LEU G 115 21.63 19.81 -11.39
CA LEU G 115 21.46 18.86 -12.47
C LEU G 115 22.68 18.88 -13.38
N LEU G 116 23.27 17.71 -13.58
CA LEU G 116 24.35 17.52 -14.53
C LEU G 116 23.78 16.79 -15.74
N THR G 117 23.93 17.39 -16.93
CA THR G 117 23.50 16.79 -18.18
C THR G 117 24.74 16.56 -19.03
N VAL G 118 25.00 15.31 -19.40
CA VAL G 118 26.16 14.96 -20.20
C VAL G 118 25.63 14.64 -21.59
N SER G 119 25.84 15.54 -22.53
CA SER G 119 25.33 15.34 -23.89
C SER G 119 26.17 16.16 -24.87
N SER G 120 26.29 15.64 -26.08
CA SER G 120 27.02 16.37 -27.10
C SER G 120 26.15 17.44 -27.76
N ALA G 121 24.86 17.46 -27.50
CA ALA G 121 24.00 18.52 -28.03
C ALA G 121 24.42 19.87 -27.46
N SER G 122 23.90 20.93 -28.07
CA SER G 122 24.27 22.29 -27.70
C SER G 122 23.18 22.94 -26.86
N THR G 123 23.57 23.96 -26.10
CA THR G 123 22.61 24.72 -25.30
C THR G 123 21.71 25.58 -26.16
N LYS G 124 20.43 25.62 -25.81
CA LYS G 124 19.52 26.61 -26.37
C LYS G 124 18.65 27.19 -25.27
N GLY G 125 18.49 28.51 -25.28
CA GLY G 125 17.68 29.19 -24.31
C GLY G 125 16.23 29.24 -24.74
N PRO G 126 15.32 29.28 -23.76
CA PRO G 126 13.89 29.23 -24.05
C PRO G 126 13.34 30.54 -24.58
N SER G 127 12.26 30.43 -25.33
CA SER G 127 11.38 31.56 -25.60
C SER G 127 10.26 31.55 -24.58
N VAL G 128 9.89 32.73 -24.10
CA VAL G 128 8.91 32.86 -23.04
C VAL G 128 7.71 33.63 -23.60
N PHE G 129 6.53 33.02 -23.53
CA PHE G 129 5.32 33.58 -24.10
C PHE G 129 4.22 33.69 -23.04
N PRO G 130 3.39 34.73 -23.10
CA PRO G 130 2.28 34.82 -22.15
C PRO G 130 1.13 33.91 -22.54
N LEU G 131 0.51 33.32 -21.53
CA LEU G 131 -0.77 32.62 -21.64
C LEU G 131 -1.76 33.57 -21.00
N ALA G 132 -2.48 34.35 -21.84
CA ALA G 132 -3.28 35.48 -21.37
C ALA G 132 -4.60 35.01 -20.80
N PRO G 133 -5.04 35.59 -19.68
CA PRO G 133 -6.34 35.21 -19.11
C PRO G 133 -7.46 35.80 -19.97
N SER G 134 -8.46 34.99 -20.27
CA SER G 134 -9.58 35.47 -21.07
C SER G 134 -10.90 35.26 -20.35
N GLY G 141 -15.68 34.77 -9.34
CA GLY G 141 -15.05 34.08 -10.45
C GLY G 141 -13.57 33.81 -10.30
N THR G 142 -13.06 32.80 -10.98
CA THR G 142 -11.64 32.45 -10.94
C THR G 142 -11.08 32.47 -12.36
N ALA G 143 -9.89 33.06 -12.52
CA ALA G 143 -9.24 33.14 -13.83
C ALA G 143 -7.88 32.47 -13.77
N ALA G 144 -7.40 32.00 -14.92
CA ALA G 144 -6.09 31.35 -15.00
C ALA G 144 -5.22 32.08 -16.00
N LEU G 145 -3.92 32.17 -15.69
CA LEU G 145 -2.99 32.82 -16.59
C LEU G 145 -1.64 32.12 -16.43
N GLY G 146 -0.69 32.44 -17.31
CA GLY G 146 0.57 31.75 -17.18
C GLY G 146 1.60 32.20 -18.18
N CYS G 147 2.65 31.40 -18.26
CA CYS G 147 3.79 31.58 -19.14
C CYS G 147 4.14 30.25 -19.78
N LEU G 148 4.48 30.28 -21.06
CA LEU G 148 4.94 29.13 -21.82
C LEU G 148 6.43 29.32 -22.09
N VAL G 149 7.24 28.37 -21.64
CA VAL G 149 8.68 28.39 -21.79
C VAL G 149 9.03 27.29 -22.79
N LYS G 150 9.34 27.65 -24.03
CA LYS G 150 9.43 26.70 -25.14
C LYS G 150 10.84 26.64 -25.71
N ASP G 151 11.24 25.43 -26.15
CA ASP G 151 12.44 25.20 -26.98
C ASP G 151 13.73 25.60 -26.25
N TYR G 152 14.10 24.80 -25.27
CA TYR G 152 15.34 25.03 -24.54
C TYR G 152 16.03 23.69 -24.25
N PHE G 153 17.35 23.77 -24.07
CA PHE G 153 18.17 22.62 -23.74
C PHE G 153 19.42 23.15 -23.07
N PRO G 154 19.93 22.50 -22.03
CA PRO G 154 19.35 21.35 -21.33
C PRO G 154 18.40 21.78 -20.26
N GLU G 155 17.85 20.82 -19.51
CA GLU G 155 17.14 21.15 -18.30
C GLU G 155 18.13 21.67 -17.25
N PRO G 156 17.67 22.47 -16.28
CA PRO G 156 16.28 22.90 -16.08
C PRO G 156 16.05 24.39 -16.31
N VAL G 157 14.78 24.77 -16.41
CA VAL G 157 14.37 26.16 -16.20
C VAL G 157 13.65 26.21 -14.87
N THR G 158 13.79 27.35 -14.19
CA THR G 158 13.06 27.63 -12.97
C THR G 158 12.13 28.80 -13.24
N VAL G 159 10.92 28.75 -12.68
CA VAL G 159 9.93 29.80 -12.88
C VAL G 159 9.39 30.27 -11.54
N SER G 160 9.36 31.58 -11.32
CA SER G 160 8.68 32.19 -10.19
C SER G 160 7.65 33.21 -10.69
N TRP G 161 6.84 33.74 -9.76
CA TRP G 161 5.83 34.73 -10.13
C TRP G 161 5.94 35.95 -9.24
N ASN G 162 5.92 37.14 -9.86
CA ASN G 162 6.05 38.43 -9.17
C ASN G 162 7.24 38.44 -8.24
N SER G 163 8.35 37.88 -8.74
CA SER G 163 9.60 37.78 -8.00
C SER G 163 9.41 36.94 -6.74
N GLY G 164 8.63 35.87 -6.86
CA GLY G 164 8.44 34.99 -5.73
C GLY G 164 7.41 35.46 -4.74
N ALA G 165 6.84 36.66 -4.93
CA ALA G 165 5.76 37.14 -4.07
C ALA G 165 4.46 36.39 -4.31
N LEU G 166 4.35 35.67 -5.43
CA LEU G 166 3.14 34.92 -5.78
C LEU G 166 3.48 33.44 -5.76
N THR G 167 2.90 32.71 -4.81
CA THR G 167 3.13 31.28 -4.69
C THR G 167 1.83 30.48 -4.63
N SER G 168 0.80 31.01 -3.98
CA SER G 168 -0.45 30.27 -3.85
C SER G 168 -1.16 30.14 -5.19
N GLY G 169 -1.47 28.90 -5.57
CA GLY G 169 -2.16 28.60 -6.80
C GLY G 169 -1.29 28.40 -8.01
N VAL G 170 0.01 28.43 -7.86
CA VAL G 170 0.92 28.29 -8.98
C VAL G 170 1.20 26.81 -9.23
N HIS G 171 1.18 26.43 -10.50
CA HIS G 171 1.56 25.10 -10.96
C HIS G 171 2.59 25.28 -12.07
N THR G 172 3.83 24.94 -11.80
CA THR G 172 4.83 24.86 -12.86
C THR G 172 4.93 23.40 -13.27
N PHE G 173 4.56 23.11 -14.50
CA PHE G 173 4.47 21.72 -14.90
C PHE G 173 5.86 21.14 -15.13
N PRO G 174 6.03 19.83 -14.94
CA PRO G 174 7.28 19.19 -15.36
C PRO G 174 7.48 19.37 -16.85
N ALA G 175 8.74 19.56 -17.25
CA ALA G 175 9.04 19.82 -18.65
C ALA G 175 8.70 18.61 -19.51
N VAL G 176 8.44 18.88 -20.79
CA VAL G 176 8.14 17.85 -21.77
C VAL G 176 9.23 17.88 -22.85
N LEU G 177 9.69 16.69 -23.27
CA LEU G 177 10.69 16.61 -24.33
C LEU G 177 9.99 16.56 -25.67
N GLN G 178 10.20 17.58 -26.50
CA GLN G 178 9.56 17.65 -27.80
C GLN G 178 10.30 16.77 -28.80
N SER G 179 9.65 16.53 -29.94
CA SER G 179 10.26 15.70 -30.98
C SER G 179 11.56 16.29 -31.50
N SER G 180 11.82 17.56 -31.23
CA SER G 180 13.04 18.25 -31.64
C SER G 180 14.22 18.00 -30.70
N GLY G 181 14.02 17.31 -29.60
CA GLY G 181 15.08 17.23 -28.63
C GLY G 181 15.16 18.42 -27.69
N LEU G 182 14.31 19.42 -27.87
CA LEU G 182 14.28 20.58 -26.98
C LEU G 182 13.17 20.40 -25.96
N TYR G 183 13.32 21.04 -24.82
CA TYR G 183 12.32 20.97 -23.77
C TYR G 183 11.36 22.14 -23.83
N SER G 184 10.16 21.92 -23.28
CA SER G 184 9.11 22.92 -23.21
C SER G 184 8.30 22.66 -21.95
N LEU G 185 7.81 23.74 -21.36
CA LEU G 185 7.26 23.77 -20.02
C LEU G 185 6.26 24.91 -19.92
N SER G 186 5.36 24.85 -18.95
CA SER G 186 4.40 25.91 -18.77
C SER G 186 4.17 26.09 -17.28
N SER G 187 4.13 27.34 -16.84
CA SER G 187 3.79 27.68 -15.47
C SER G 187 2.48 28.45 -15.51
N VAL G 188 1.52 28.05 -14.68
CA VAL G 188 0.23 28.72 -14.63
C VAL G 188 -0.08 29.11 -13.19
N VAL G 189 -1.01 30.06 -13.05
CA VAL G 189 -1.50 30.48 -11.75
C VAL G 189 -2.97 30.84 -11.91
N THR G 190 -3.77 30.43 -10.92
CA THR G 190 -5.18 30.77 -10.83
C THR G 190 -5.32 31.89 -9.80
N VAL G 191 -6.15 32.88 -10.13
CA VAL G 191 -6.32 34.07 -9.29
C VAL G 191 -7.78 34.46 -9.28
N PRO G 192 -8.19 35.33 -8.35
CA PRO G 192 -9.52 35.95 -8.46
C PRO G 192 -9.64 36.73 -9.75
N SER G 193 -10.75 36.53 -10.46
CA SER G 193 -11.00 37.29 -11.68
C SER G 193 -10.89 38.79 -11.44
N SER G 194 -11.53 39.27 -10.37
CA SER G 194 -11.51 40.69 -10.04
C SER G 194 -10.09 41.23 -9.93
N SER G 195 -9.14 40.38 -9.55
CA SER G 195 -7.77 40.84 -9.37
C SER G 195 -7.03 41.10 -10.67
N LEU G 196 -7.63 40.75 -11.83
CA LEU G 196 -6.94 40.95 -13.11
C LEU G 196 -6.75 42.42 -13.45
N GLY G 197 -7.54 43.31 -12.87
CA GLY G 197 -7.34 44.74 -12.99
C GLY G 197 -6.79 45.40 -11.76
N THR G 198 -6.36 44.65 -10.75
CA THR G 198 -5.81 45.23 -9.54
C THR G 198 -4.45 44.64 -9.17
N GLN G 199 -3.98 43.64 -9.89
CA GLN G 199 -2.67 43.06 -9.67
C GLN G 199 -2.00 42.84 -11.01
N THR G 200 -0.75 43.29 -11.15
CA THR G 200 0.04 43.00 -12.34
C THR G 200 0.71 41.65 -12.16
N TYR G 201 0.69 40.81 -13.20
CA TYR G 201 1.21 39.45 -13.11
C TYR G 201 2.42 39.28 -14.04
N ILE G 202 3.57 38.95 -13.44
CA ILE G 202 4.84 38.79 -14.16
C ILE G 202 5.46 37.45 -13.80
N CYS G 203 5.84 36.67 -14.81
CA CYS G 203 6.59 35.46 -14.57
C CYS G 203 8.08 35.71 -14.78
N ASN G 204 8.88 35.17 -13.86
CA ASN G 204 10.34 35.30 -13.89
C ASN G 204 10.91 33.94 -14.24
N VAL G 205 11.50 33.82 -15.42
CA VAL G 205 12.03 32.57 -15.95
C VAL G 205 13.55 32.63 -15.94
N ASN G 206 14.18 31.53 -15.53
CA ASN G 206 15.62 31.45 -15.50
C ASN G 206 16.08 30.14 -16.12
N HIS G 207 17.05 30.24 -17.02
CA HIS G 207 17.68 29.10 -17.67
C HIS G 207 19.17 29.38 -17.63
N LYS G 208 19.81 28.95 -16.53
CA LYS G 208 21.22 29.24 -16.35
C LYS G 208 22.12 28.66 -17.43
N PRO G 209 21.92 27.42 -17.93
CA PRO G 209 22.83 26.90 -18.97
C PRO G 209 22.99 27.81 -20.17
N SER G 210 22.00 28.65 -20.47
CA SER G 210 22.15 29.65 -21.53
C SER G 210 22.23 31.07 -20.97
N ASN G 211 22.30 31.21 -19.65
CA ASN G 211 22.31 32.51 -18.99
C ASN G 211 21.11 33.35 -19.43
N THR G 212 19.96 32.71 -19.53
CA THR G 212 18.73 33.39 -19.92
C THR G 212 17.94 33.77 -18.67
N LYS G 213 17.68 35.05 -18.51
CA LYS G 213 16.77 35.53 -17.48
C LYS G 213 15.72 36.36 -18.20
N VAL G 214 14.45 36.03 -18.02
CA VAL G 214 13.35 36.72 -18.68
C VAL G 214 12.29 37.10 -17.65
N ASP G 215 11.79 38.33 -17.76
CA ASP G 215 10.62 38.75 -17.01
C ASP G 215 9.53 39.05 -18.04
N LYS G 216 8.45 38.26 -18.01
CA LYS G 216 7.37 38.40 -18.99
C LYS G 216 6.07 38.81 -18.28
N LYS G 217 5.47 39.92 -18.71
CA LYS G 217 4.19 40.38 -18.17
C LYS G 217 3.03 39.72 -18.90
N VAL G 218 2.06 39.21 -18.13
CA VAL G 218 0.88 38.57 -18.69
C VAL G 218 -0.29 39.50 -18.51
N GLU G 219 -0.90 39.91 -19.62
CA GLU G 219 -1.98 40.87 -19.64
C GLU G 219 -3.16 40.27 -20.41
N PRO G 220 -4.40 40.58 -20.02
CA PRO G 220 -5.55 40.14 -20.82
C PRO G 220 -5.44 40.63 -22.26
N LYS G 221 -5.70 39.71 -23.19
CA LYS G 221 -5.48 39.98 -24.62
C LYS G 221 -6.53 40.91 -25.23
N ALA G 222 -6.09 41.80 -26.12
CA ALA G 222 -7.01 42.47 -27.05
C ALA G 222 -7.23 41.57 -28.25
N CYS G 223 -8.49 41.29 -28.55
CA CYS G 223 -8.92 40.46 -29.69
C CYS G 223 -8.21 40.68 -31.02
N ASP H 1 27.90 -4.62 -2.59
CA ASP H 1 27.64 -4.23 -1.21
C ASP H 1 26.37 -4.90 -0.63
N ILE H 2 25.68 -4.20 0.26
CA ILE H 2 24.41 -4.65 0.82
C ILE H 2 23.27 -4.08 -0.01
N GLN H 3 22.40 -4.95 -0.51
CA GLN H 3 21.28 -4.54 -1.34
C GLN H 3 20.06 -4.30 -0.46
N MET H 4 19.35 -3.22 -0.73
CA MET H 4 18.15 -2.84 0.01
C MET H 4 16.93 -2.93 -0.88
N THR H 5 15.85 -3.47 -0.33
CA THR H 5 14.63 -3.68 -1.07
C THR H 5 13.49 -3.10 -0.25
N GLN H 6 12.54 -2.45 -0.92
CA GLN H 6 11.37 -1.88 -0.24
C GLN H 6 10.06 -2.45 -0.76
N SER H 7 9.07 -2.44 0.13
CA SER H 7 7.72 -2.90 -0.20
C SER H 7 6.71 -2.04 0.55
N PRO H 8 5.59 -1.67 -0.08
CA PRO H 8 5.20 -1.92 -1.45
C PRO H 8 5.92 -0.98 -2.39
N SER H 9 5.67 -1.12 -3.67
CA SER H 9 6.23 -0.15 -4.60
C SER H 9 5.49 1.17 -4.46
N SER H 10 4.17 1.13 -4.31
CA SER H 10 3.34 2.32 -4.23
C SER H 10 2.11 1.98 -3.39
N LEU H 11 1.45 3.03 -2.90
CA LEU H 11 0.42 2.88 -1.88
C LEU H 11 -0.49 4.08 -1.95
N SER H 12 -1.80 3.85 -2.02
CA SER H 12 -2.81 4.91 -1.94
C SER H 12 -3.54 4.78 -0.61
N ALA H 13 -3.58 5.86 0.17
CA ALA H 13 -4.22 5.85 1.47
C ALA H 13 -4.96 7.17 1.71
N ALA H 14 -5.89 7.15 2.65
CA ALA H 14 -6.67 8.33 2.94
C ALA H 14 -6.06 9.12 4.09
N VAL H 15 -6.42 10.40 4.18
CA VAL H 15 -5.93 11.22 5.26
C VAL H 15 -6.45 10.67 6.59
N GLY H 16 -5.55 10.54 7.56
CA GLY H 16 -5.88 9.91 8.82
C GLY H 16 -5.57 8.43 8.87
N ASP H 17 -5.26 7.83 7.72
CA ASP H 17 -5.00 6.40 7.64
C ASP H 17 -3.63 6.05 8.22
N ARG H 18 -3.50 4.83 8.71
CA ARG H 18 -2.21 4.32 9.12
C ARG H 18 -1.48 3.81 7.89
N VAL H 19 -0.28 4.34 7.61
CA VAL H 19 0.52 3.88 6.48
C VAL H 19 1.68 3.08 7.01
N THR H 20 1.98 1.95 6.36
CA THR H 20 3.03 1.05 6.81
C THR H 20 3.84 0.60 5.60
N ILE H 21 5.12 0.95 5.56
CA ILE H 21 5.99 0.53 4.48
C ILE H 21 7.17 -0.21 5.11
N THR H 22 7.71 -1.17 4.39
CA THR H 22 8.74 -2.04 4.92
C THR H 22 10.00 -2.01 4.06
N CYS H 23 11.12 -2.28 4.71
CA CYS H 23 12.45 -2.27 4.11
C CYS H 23 13.16 -3.56 4.51
N ARG H 24 13.87 -4.18 3.55
CA ARG H 24 14.63 -5.40 3.81
C ARG H 24 16.07 -5.25 3.36
N ALA H 25 17.00 -5.68 4.22
CA ALA H 25 18.42 -5.69 3.89
C ALA H 25 18.85 -7.08 3.43
N SER H 26 19.74 -7.12 2.44
CA SER H 26 20.22 -8.38 1.91
C SER H 26 20.99 -9.20 2.93
N GLN H 27 21.41 -8.59 4.04
CA GLN H 27 21.98 -9.36 5.15
C GLN H 27 21.70 -8.59 6.42
N SER H 28 21.99 -9.23 7.55
CA SER H 28 21.68 -8.61 8.84
C SER H 28 22.51 -7.35 9.04
N ILE H 29 21.83 -6.27 9.46
CA ILE H 29 22.50 -5.00 9.66
C ILE H 29 22.12 -4.40 11.01
N GLY H 30 21.63 -5.23 11.92
CA GLY H 30 21.29 -4.75 13.25
C GLY H 30 20.27 -3.63 13.19
N SER H 31 20.64 -2.47 13.74
CA SER H 31 19.80 -1.27 13.73
C SER H 31 20.40 -0.17 12.87
N TYR H 32 21.34 -0.50 12.00
CA TYR H 32 22.04 0.48 11.16
C TYR H 32 21.18 0.81 9.95
N LEU H 33 20.05 1.44 10.22
CA LEU H 33 19.10 1.75 9.16
C LEU H 33 18.46 3.11 9.40
N ASN H 34 18.43 3.93 8.35
CA ASN H 34 17.79 5.25 8.35
C ASN H 34 16.65 5.32 7.34
N TRP H 35 15.70 6.20 7.59
CA TRP H 35 14.61 6.48 6.66
C TRP H 35 14.60 7.95 6.27
N TYR H 36 14.42 8.19 4.95
CA TYR H 36 14.35 9.51 4.35
C TYR H 36 13.03 9.73 3.60
N GLN H 37 12.59 10.98 3.57
CA GLN H 37 11.40 11.38 2.85
C GLN H 37 11.79 12.33 1.74
N GLN H 38 11.20 12.17 0.55
CA GLN H 38 11.54 13.06 -0.56
C GLN H 38 10.26 13.46 -1.27
N LYS H 39 10.03 14.76 -1.34
CA LYS H 39 8.90 15.38 -2.02
C LYS H 39 9.36 15.93 -3.36
N PRO H 40 8.45 16.10 -4.31
CA PRO H 40 8.86 16.47 -5.67
C PRO H 40 9.69 17.74 -5.72
N GLY H 41 10.83 17.65 -6.40
CA GLY H 41 11.71 18.78 -6.57
C GLY H 41 12.56 19.12 -5.36
N LYS H 42 12.48 18.33 -4.28
CA LYS H 42 13.19 18.61 -3.04
C LYS H 42 14.22 17.51 -2.80
N ALA H 43 15.19 17.79 -1.94
CA ALA H 43 16.15 16.77 -1.56
C ALA H 43 15.55 15.83 -0.51
N PRO H 44 16.14 14.65 -0.33
CA PRO H 44 15.67 13.78 0.75
C PRO H 44 15.80 14.49 2.08
N LYS H 45 14.92 14.11 3.00
CA LYS H 45 14.91 14.68 4.34
C LYS H 45 15.02 13.52 5.31
N LEU H 46 15.95 13.60 6.25
CA LEU H 46 16.14 12.52 7.21
C LEU H 46 14.95 12.48 8.15
N LEU H 47 14.29 11.30 8.27
CA LEU H 47 13.22 11.09 9.24
C LEU H 47 13.65 10.24 10.42
N ILE H 48 14.28 9.10 10.16
CA ILE H 48 14.61 8.15 11.22
C ILE H 48 16.07 7.74 11.05
N TYR H 49 16.78 7.58 12.16
CA TYR H 49 18.10 6.96 12.16
C TYR H 49 18.14 5.91 13.25
N ALA H 50 19.11 4.99 13.14
CA ALA H 50 19.27 3.87 14.09
C ALA H 50 18.01 3.03 14.18
N ALA H 51 17.30 2.91 13.06
CA ALA H 51 16.10 2.09 12.91
C ALA H 51 14.88 2.68 13.61
N SER H 52 15.07 3.36 14.73
CA SER H 52 13.90 3.79 15.48
C SER H 52 14.00 5.16 16.12
N SER H 53 15.12 5.87 16.03
CA SER H 53 15.22 7.20 16.63
C SER H 53 14.62 8.26 15.70
N LEU H 54 13.69 9.05 16.23
CA LEU H 54 13.05 10.10 15.47
C LEU H 54 13.99 11.30 15.37
N GLN H 55 14.32 11.72 14.15
CA GLN H 55 15.19 12.89 13.99
C GLN H 55 14.52 14.12 14.57
N SER H 56 15.34 15.03 15.10
CA SER H 56 14.81 16.25 15.70
C SER H 56 13.95 17.01 14.70
N GLY H 57 12.81 17.51 15.16
CA GLY H 57 11.92 18.29 14.31
C GLY H 57 10.98 17.50 13.43
N VAL H 58 11.15 16.18 13.34
CA VAL H 58 10.26 15.39 12.52
C VAL H 58 9.01 15.12 13.36
N PRO H 59 7.80 15.21 12.77
CA PRO H 59 6.57 14.97 13.55
C PRO H 59 6.52 13.56 14.11
N SER H 60 5.86 13.42 15.26
CA SER H 60 5.83 12.16 15.99
C SER H 60 5.00 11.08 15.31
N ARG H 61 4.17 11.44 14.33
CA ARG H 61 3.45 10.43 13.59
C ARG H 61 4.39 9.52 12.80
N PHE H 62 5.62 9.95 12.52
CA PHE H 62 6.59 9.07 11.88
C PHE H 62 7.31 8.23 12.93
N SER H 63 7.41 6.92 12.67
CA SER H 63 8.13 6.07 13.60
C SER H 63 8.76 4.92 12.83
N GLY H 64 9.88 4.43 13.35
CA GLY H 64 10.61 3.34 12.75
C GLY H 64 10.77 2.19 13.74
N SER H 65 10.65 0.97 13.22
CA SER H 65 10.88 -0.21 14.05
C SER H 65 11.69 -1.22 13.26
N GLY H 66 12.25 -2.20 13.98
CA GLY H 66 12.92 -3.29 13.32
C GLY H 66 14.37 -3.48 13.67
N SER H 67 14.89 -4.67 13.39
CA SER H 67 16.28 -4.98 13.64
C SER H 67 16.65 -6.18 12.78
N GLY H 68 17.93 -6.30 12.47
CA GLY H 68 18.40 -7.40 11.66
C GLY H 68 18.23 -7.17 10.18
N THR H 69 17.18 -7.73 9.59
CA THR H 69 17.02 -7.64 8.15
C THR H 69 15.75 -6.96 7.70
N ASP H 70 14.70 -6.94 8.51
CA ASP H 70 13.41 -6.36 8.17
C ASP H 70 13.11 -5.16 9.06
N PHE H 71 12.68 -4.05 8.45
CA PHE H 71 12.44 -2.81 9.16
C PHE H 71 11.14 -2.20 8.63
N THR H 72 10.53 -1.35 9.45
CA THR H 72 9.24 -0.76 9.11
C THR H 72 9.21 0.71 9.45
N LEU H 73 8.70 1.51 8.52
CA LEU H 73 8.35 2.89 8.76
C LEU H 73 6.84 2.98 8.83
N THR H 74 6.34 3.75 9.80
CA THR H 74 4.91 3.87 10.04
C THR H 74 4.54 5.33 10.15
N ILE H 75 3.49 5.72 9.44
CA ILE H 75 2.84 7.01 9.64
C ILE H 75 1.53 6.73 10.34
N SER H 76 1.41 7.20 11.57
CA SER H 76 0.25 6.84 12.37
C SER H 76 -1.02 7.43 11.78
N SER H 77 -0.93 8.62 11.17
CA SER H 77 -2.11 9.32 10.65
C SER H 77 -1.65 10.13 9.43
N LEU H 78 -1.89 9.59 8.24
CA LEU H 78 -1.38 10.20 7.01
C LEU H 78 -1.92 11.61 6.85
N GLN H 79 -1.01 12.57 6.69
CA GLN H 79 -1.42 13.94 6.39
C GLN H 79 -1.16 14.25 4.92
N PRO H 80 -1.89 15.22 4.34
CA PRO H 80 -1.66 15.52 2.92
C PRO H 80 -0.22 15.88 2.61
N GLU H 81 0.44 16.61 3.50
CA GLU H 81 1.82 16.96 3.22
C GLU H 81 2.76 15.77 3.29
N ASP H 82 2.27 14.57 3.56
CA ASP H 82 3.13 13.41 3.63
C ASP H 82 3.27 12.71 2.29
N PHE H 83 2.56 13.17 1.27
CA PHE H 83 2.75 12.61 -0.06
C PHE H 83 4.19 12.79 -0.47
N ALA H 84 4.87 11.68 -0.76
CA ALA H 84 6.29 11.65 -1.03
C ALA H 84 6.75 10.24 -1.33
N ILE H 85 8.02 10.07 -1.67
CA ILE H 85 8.66 8.77 -1.79
C ILE H 85 9.55 8.59 -0.58
N TYR H 86 9.47 7.44 0.05
CA TYR H 86 10.25 7.17 1.24
C TYR H 86 11.31 6.13 0.92
N TYR H 87 12.54 6.39 1.33
CA TYR H 87 13.68 5.52 1.07
C TYR H 87 14.25 5.03 2.38
N CYS H 88 14.69 3.78 2.41
CA CYS H 88 15.51 3.35 3.51
C CYS H 88 16.98 3.33 3.09
N GLN H 89 17.87 3.31 4.07
CA GLN H 89 19.30 3.35 3.80
C GLN H 89 20.06 2.63 4.91
N GLN H 90 20.85 1.61 4.54
CA GLN H 90 21.68 0.91 5.52
C GLN H 90 22.94 1.74 5.82
N SER H 91 23.22 1.89 7.12
CA SER H 91 24.41 2.60 7.59
C SER H 91 25.44 1.64 8.18
N TYR H 92 25.34 0.34 7.84
CA TYR H 92 26.23 -0.64 8.45
C TYR H 92 27.58 -0.71 7.74
N VAL H 93 27.59 -0.65 6.41
CA VAL H 93 28.83 -0.76 5.64
C VAL H 93 29.20 0.61 5.09
N SER H 94 30.37 1.09 5.48
CA SER H 94 30.84 2.35 4.94
C SER H 94 32.16 2.12 4.23
N PRO H 95 32.52 2.99 3.28
CA PRO H 95 31.78 4.19 2.88
C PRO H 95 30.63 3.91 1.93
N THR H 96 30.40 2.64 1.65
CA THR H 96 29.47 2.27 0.58
C THR H 96 28.04 2.17 1.12
N TYR H 97 27.52 3.30 1.59
CA TYR H 97 26.13 3.35 2.00
C TYR H 97 25.22 3.11 0.80
N THR H 98 24.15 2.35 1.01
CA THR H 98 23.25 2.01 -0.08
C THR H 98 21.81 2.30 0.33
N PHE H 99 21.00 2.68 -0.66
CA PHE H 99 19.62 3.10 -0.48
C PHE H 99 18.66 2.08 -1.08
N GLY H 100 17.49 1.97 -0.47
CA GLY H 100 16.39 1.22 -1.04
C GLY H 100 15.85 1.94 -2.26
N PRO H 101 14.97 1.26 -3.02
CA PRO H 101 14.46 1.88 -4.25
C PRO H 101 13.36 2.91 -4.02
N GLY H 102 12.74 2.91 -2.85
CA GLY H 102 11.73 3.89 -2.53
C GLY H 102 10.31 3.33 -2.60
N THR H 103 9.43 3.91 -1.78
CA THR H 103 8.01 3.58 -1.76
C THR H 103 7.24 4.89 -1.94
N LYS H 104 6.36 4.96 -2.94
CA LYS H 104 5.57 6.16 -3.17
C LYS H 104 4.27 6.10 -2.38
N VAL H 105 3.97 7.17 -1.65
CA VAL H 105 2.77 7.25 -0.83
C VAL H 105 1.87 8.31 -1.44
N ASP H 106 0.81 7.86 -2.12
CA ASP H 106 -0.20 8.72 -2.70
C ASP H 106 -1.35 8.92 -1.73
N ILE H 107 -2.02 10.05 -1.84
CA ILE H 107 -3.14 10.37 -0.98
C ILE H 107 -4.43 10.10 -1.76
N LYS H 108 -5.34 9.36 -1.13
CA LYS H 108 -6.68 9.12 -1.74
C LYS H 108 -7.62 10.16 -1.13
N ARG H 109 -8.40 10.84 -1.96
CA ARG H 109 -9.29 11.92 -1.50
C ARG H 109 -10.56 11.85 -2.33
N THR H 110 -11.50 12.75 -2.04
CA THR H 110 -12.77 12.73 -2.77
C THR H 110 -12.57 13.18 -4.21
N VAL H 111 -13.52 12.78 -5.06
CA VAL H 111 -13.47 13.18 -6.45
C VAL H 111 -13.61 14.70 -6.54
N ALA H 112 -12.76 15.32 -7.35
CA ALA H 112 -12.82 16.75 -7.60
C ALA H 112 -12.72 16.98 -9.11
N ALA H 113 -13.71 17.66 -9.69
CA ALA H 113 -13.70 17.89 -11.13
C ALA H 113 -12.67 18.96 -11.49
N PRO H 114 -12.07 18.87 -12.67
CA PRO H 114 -11.10 19.90 -13.07
C PRO H 114 -11.80 21.20 -13.43
N SER H 115 -11.10 22.32 -13.18
CA SER H 115 -11.46 23.60 -13.79
C SER H 115 -10.73 23.69 -15.12
N VAL H 116 -11.44 24.00 -16.21
CA VAL H 116 -10.83 23.93 -17.54
C VAL H 116 -10.67 25.34 -18.11
N PHE H 117 -9.48 25.64 -18.62
CA PHE H 117 -9.17 26.91 -19.26
C PHE H 117 -8.43 26.67 -20.56
N ILE H 118 -8.58 27.57 -21.51
CA ILE H 118 -7.90 27.44 -22.80
C ILE H 118 -7.23 28.76 -23.15
N PHE H 119 -6.03 28.67 -23.70
CA PHE H 119 -5.16 29.80 -23.96
C PHE H 119 -4.81 29.79 -25.44
N PRO H 120 -5.16 30.85 -26.17
CA PRO H 120 -4.74 30.95 -27.55
C PRO H 120 -3.26 31.32 -27.62
N PRO H 121 -2.62 31.12 -28.76
CA PRO H 121 -1.20 31.49 -28.87
C PRO H 121 -1.03 33.01 -28.83
N SER H 122 0.07 33.45 -28.22
CA SER H 122 0.37 34.88 -28.15
C SER H 122 0.76 35.41 -29.53
N ASP H 123 0.56 36.72 -29.73
CA ASP H 123 0.96 37.35 -30.98
C ASP H 123 2.48 37.35 -31.13
N GLU H 124 3.18 37.50 -30.01
CA GLU H 124 4.64 37.43 -30.00
C GLU H 124 5.13 36.10 -30.55
N GLN H 125 4.50 35.00 -30.14
CA GLN H 125 4.86 33.69 -30.68
C GLN H 125 4.52 33.58 -32.16
N LEU H 126 3.34 34.07 -32.55
CA LEU H 126 2.92 33.97 -33.94
C LEU H 126 3.90 34.69 -34.87
N LYS H 127 4.51 35.78 -34.42
CA LYS H 127 5.55 36.42 -35.23
C LYS H 127 6.68 35.45 -35.58
N SER H 128 6.97 34.48 -34.71
CA SER H 128 8.03 33.50 -34.93
C SER H 128 7.66 32.39 -35.91
N GLY H 129 6.39 32.19 -36.23
CA GLY H 129 6.02 31.19 -37.21
C GLY H 129 5.45 29.89 -36.66
N THR H 130 5.17 29.81 -35.36
CA THR H 130 4.55 28.63 -34.78
C THR H 130 3.49 29.08 -33.77
N ALA H 131 2.44 28.25 -33.60
CA ALA H 131 1.34 28.55 -32.70
C ALA H 131 1.20 27.45 -31.66
N SER H 132 1.12 27.84 -30.38
CA SER H 132 0.88 26.90 -29.29
C SER H 132 -0.45 27.23 -28.64
N VAL H 133 -1.34 26.25 -28.58
CA VAL H 133 -2.62 26.39 -27.88
C VAL H 133 -2.55 25.53 -26.63
N VAL H 134 -2.92 26.09 -25.48
CA VAL H 134 -2.74 25.36 -24.21
C VAL H 134 -4.09 25.16 -23.53
N CYS H 135 -4.32 23.96 -23.04
CA CYS H 135 -5.52 23.61 -22.29
C CYS H 135 -5.10 23.23 -20.88
N LEU H 136 -5.70 23.85 -19.88
CA LEU H 136 -5.32 23.64 -18.50
C LEU H 136 -6.49 23.01 -17.75
N LEU H 137 -6.24 21.86 -17.13
CA LEU H 137 -7.19 21.22 -16.22
C LEU H 137 -6.62 21.38 -14.82
N ASN H 138 -7.33 22.10 -13.97
CA ASN H 138 -6.80 22.53 -12.68
C ASN H 138 -7.46 21.82 -11.51
N ASN H 139 -6.62 21.27 -10.63
CA ASN H 139 -6.98 20.81 -9.30
C ASN H 139 -8.11 19.79 -9.34
N PHE H 140 -7.80 18.63 -9.93
CA PHE H 140 -8.77 17.56 -10.04
C PHE H 140 -8.24 16.32 -9.33
N TYR H 141 -9.17 15.40 -9.04
CA TYR H 141 -8.85 14.08 -8.49
C TYR H 141 -10.01 13.17 -8.85
N PRO H 142 -9.77 11.93 -9.29
CA PRO H 142 -8.47 11.26 -9.43
C PRO H 142 -7.65 11.73 -10.63
N ARG H 143 -6.48 11.11 -10.82
CA ARG H 143 -5.52 11.58 -11.82
C ARG H 143 -5.96 11.28 -13.25
N GLU H 144 -6.85 10.30 -13.45
CA GLU H 144 -7.24 9.87 -14.77
C GLU H 144 -8.06 10.95 -15.46
N ALA H 145 -7.61 11.40 -16.63
CA ALA H 145 -8.31 12.46 -17.35
C ALA H 145 -7.99 12.34 -18.84
N LYS H 146 -8.97 12.72 -19.66
CA LYS H 146 -8.85 12.66 -21.11
C LYS H 146 -9.05 14.05 -21.68
N VAL H 147 -8.16 14.45 -22.59
CA VAL H 147 -8.23 15.72 -23.27
C VAL H 147 -8.18 15.48 -24.77
N GLN H 148 -9.10 16.11 -25.52
CA GLN H 148 -9.17 15.96 -26.97
C GLN H 148 -9.21 17.34 -27.60
N TRP H 149 -8.36 17.56 -28.61
CA TRP H 149 -8.33 18.85 -29.32
C TRP H 149 -9.17 18.76 -30.57
N LYS H 150 -9.94 19.82 -30.83
CA LYS H 150 -10.73 19.96 -32.04
C LYS H 150 -10.38 21.29 -32.67
N VAL H 151 -9.98 21.26 -33.94
CA VAL H 151 -9.76 22.46 -34.75
C VAL H 151 -10.85 22.47 -35.82
N ASP H 152 -11.76 23.44 -35.72
CA ASP H 152 -12.97 23.46 -36.55
C ASP H 152 -13.71 22.10 -36.50
N ASN H 153 -13.76 21.50 -35.31
CA ASN H 153 -14.41 20.18 -35.11
C ASN H 153 -13.80 19.12 -36.01
N ALA H 154 -12.53 19.26 -36.30
CA ALA H 154 -11.73 18.16 -36.80
C ALA H 154 -10.90 17.69 -35.61
N LEU H 155 -11.07 16.42 -35.25
CA LEU H 155 -10.34 15.88 -34.11
C LEU H 155 -8.85 15.85 -34.44
N GLN H 156 -8.02 16.24 -33.47
CA GLN H 156 -6.58 16.31 -33.69
C GLN H 156 -5.90 15.08 -33.08
N SER H 157 -4.83 14.64 -33.74
CA SER H 157 -4.03 13.54 -33.22
C SER H 157 -2.57 13.78 -33.54
N GLY H 158 -1.70 13.40 -32.61
CA GLY H 158 -0.28 13.44 -32.85
C GLY H 158 0.35 14.81 -32.80
N ASN H 159 -0.42 15.87 -32.54
CA ASN H 159 0.12 17.23 -32.49
C ASN H 159 -0.06 17.86 -31.12
N SER H 160 -0.11 17.04 -30.06
CA SER H 160 -0.30 17.55 -28.72
C SER H 160 0.58 16.78 -27.74
N GLN H 161 0.96 17.47 -26.66
CA GLN H 161 1.73 16.85 -25.59
C GLN H 161 1.11 17.21 -24.23
N GLU H 162 1.10 16.27 -23.31
CA GLU H 162 0.51 16.49 -21.99
C GLU H 162 1.56 16.46 -20.88
N SER H 163 1.27 17.20 -19.80
CA SER H 163 2.10 17.22 -18.60
C SER H 163 1.17 17.25 -17.39
N VAL H 164 1.55 16.53 -16.33
CA VAL H 164 0.74 16.42 -15.12
C VAL H 164 1.60 16.76 -13.91
N THR H 165 1.05 17.54 -12.99
CA THR H 165 1.80 17.84 -11.78
C THR H 165 1.83 16.63 -10.86
N GLU H 166 2.81 16.61 -9.96
CA GLU H 166 2.76 15.70 -8.83
C GLU H 166 1.60 16.11 -7.91
N GLN H 167 1.16 15.18 -7.06
CA GLN H 167 0.03 15.44 -6.18
C GLN H 167 0.32 16.67 -5.32
N ASP H 168 -0.68 17.54 -5.20
CA ASP H 168 -0.52 18.75 -4.39
C ASP H 168 -0.43 18.42 -2.91
N SER H 169 0.49 19.07 -2.21
CA SER H 169 0.73 18.73 -0.81
C SER H 169 -0.32 19.27 0.14
N LYS H 170 -1.13 20.25 -0.29
CA LYS H 170 -2.19 20.82 0.53
C LYS H 170 -3.53 20.12 0.30
N ASP H 171 -4.01 20.11 -0.94
CA ASP H 171 -5.35 19.61 -1.24
C ASP H 171 -5.35 18.28 -1.98
N SER H 172 -4.18 17.69 -2.24
CA SER H 172 -4.06 16.35 -2.78
C SER H 172 -4.61 16.22 -4.21
N THR H 173 -4.68 17.31 -4.97
CA THR H 173 -5.19 17.23 -6.34
C THR H 173 -4.06 17.17 -7.36
N TYR H 174 -4.45 17.00 -8.63
CA TYR H 174 -3.54 17.03 -9.77
C TYR H 174 -3.95 18.13 -10.73
N SER H 175 -2.99 18.59 -11.52
CA SER H 175 -3.25 19.51 -12.62
C SER H 175 -2.54 19.04 -13.88
N LEU H 176 -3.12 19.39 -15.03
CA LEU H 176 -2.66 18.87 -16.31
C LEU H 176 -2.67 19.98 -17.35
N SER H 177 -1.63 20.02 -18.16
CA SER H 177 -1.59 20.90 -19.33
C SER H 177 -1.49 20.05 -20.58
N SER H 178 -2.23 20.45 -21.61
CA SER H 178 -2.12 19.87 -22.94
C SER H 178 -1.75 20.99 -23.90
N THR H 179 -0.70 20.80 -24.68
CA THR H 179 -0.22 21.81 -25.61
C THR H 179 -0.36 21.27 -27.02
N LEU H 180 -1.21 21.93 -27.81
CA LEU H 180 -1.38 21.68 -29.24
C LEU H 180 -0.42 22.58 -30.01
N THR H 181 0.35 21.97 -30.92
CA THR H 181 1.36 22.68 -31.69
C THR H 181 0.94 22.72 -33.15
N LEU H 182 0.84 23.92 -33.71
CA LEU H 182 0.43 24.10 -35.09
C LEU H 182 1.40 25.03 -35.79
N SER H 183 1.48 24.90 -37.10
CA SER H 183 2.15 25.92 -37.89
C SER H 183 1.33 27.21 -37.88
N LYS H 184 2.03 28.35 -37.98
CA LYS H 184 1.34 29.63 -38.06
C LYS H 184 0.34 29.62 -39.21
N ALA H 185 0.70 29.02 -40.33
CA ALA H 185 -0.20 28.95 -41.47
C ALA H 185 -1.46 28.16 -41.13
N ASP H 186 -1.29 26.99 -40.53
CA ASP H 186 -2.46 26.21 -40.13
C ASP H 186 -3.28 26.97 -39.11
N TYR H 187 -2.62 27.65 -38.16
CA TYR H 187 -3.38 28.35 -37.13
C TYR H 187 -4.24 29.44 -37.74
N GLU H 188 -3.73 30.13 -38.75
CA GLU H 188 -4.52 31.17 -39.36
C GLU H 188 -5.46 30.65 -40.46
N LYS H 189 -5.33 29.40 -40.86
CA LYS H 189 -6.29 28.86 -41.83
C LYS H 189 -7.63 28.47 -41.20
N HIS H 190 -7.67 28.25 -39.90
CA HIS H 190 -8.88 27.77 -39.24
C HIS H 190 -9.25 28.74 -38.12
N LYS H 191 -10.46 28.58 -37.57
CA LYS H 191 -10.99 29.58 -36.65
C LYS H 191 -11.29 29.05 -35.27
N VAL H 192 -12.00 27.92 -35.16
CA VAL H 192 -12.50 27.46 -33.86
C VAL H 192 -11.51 26.46 -33.26
N TYR H 193 -11.05 26.74 -32.04
CA TYR H 193 -10.09 25.89 -31.35
C TYR H 193 -10.68 25.48 -30.00
N ALA H 194 -10.77 24.17 -29.78
CA ALA H 194 -11.47 23.67 -28.61
C ALA H 194 -10.71 22.51 -27.98
N CYS H 195 -10.79 22.41 -26.66
CA CYS H 195 -10.36 21.21 -25.96
C CYS H 195 -11.53 20.68 -25.12
N GLU H 196 -11.78 19.39 -25.30
CA GLU H 196 -12.89 18.67 -24.67
C GLU H 196 -12.30 17.75 -23.60
N VAL H 197 -12.79 17.89 -22.38
CA VAL H 197 -12.21 17.28 -21.19
C VAL H 197 -13.20 16.29 -20.62
N THR H 198 -12.75 15.05 -20.42
CA THR H 198 -13.52 13.99 -19.78
C THR H 198 -12.82 13.63 -18.48
N HIS H 199 -13.57 13.66 -17.38
CA HIS H 199 -13.06 13.32 -16.06
C HIS H 199 -14.20 12.81 -15.19
N GLN H 200 -13.87 11.88 -14.28
CA GLN H 200 -14.91 11.22 -13.51
C GLN H 200 -15.74 12.19 -12.67
N GLY H 201 -15.21 13.36 -12.34
CA GLY H 201 -15.96 14.33 -11.59
C GLY H 201 -16.94 15.15 -12.39
N LEU H 202 -17.02 14.93 -13.69
CA LEU H 202 -17.92 15.68 -14.56
C LEU H 202 -19.03 14.75 -15.06
N SER H 203 -20.26 15.25 -15.04
CA SER H 203 -21.39 14.46 -15.52
C SER H 203 -21.34 14.24 -17.03
N SER H 204 -20.64 15.10 -17.76
CA SER H 204 -20.57 15.05 -19.21
C SER H 204 -19.35 15.83 -19.66
N PRO H 205 -18.74 15.48 -20.79
CA PRO H 205 -17.53 16.18 -21.24
C PRO H 205 -17.70 17.69 -21.25
N VAL H 206 -16.64 18.41 -20.88
CA VAL H 206 -16.62 19.87 -20.77
C VAL H 206 -15.74 20.42 -21.88
N THR H 207 -16.27 21.33 -22.69
CA THR H 207 -15.48 21.91 -23.78
C THR H 207 -15.16 23.36 -23.48
N LYS H 208 -13.90 23.74 -23.61
CA LYS H 208 -13.52 25.13 -23.60
C LYS H 208 -12.94 25.46 -24.97
N SER H 209 -13.44 26.54 -25.59
CA SER H 209 -13.06 26.88 -26.95
C SER H 209 -12.90 28.39 -27.10
N PHE H 210 -12.29 28.78 -28.21
CA PHE H 210 -12.19 30.19 -28.61
C PHE H 210 -12.11 30.29 -30.13
N ASN H 211 -12.57 31.42 -30.67
CA ASN H 211 -12.42 31.74 -32.09
C ASN H 211 -11.23 32.65 -32.30
N ARG H 212 -10.51 32.44 -33.40
CA ARG H 212 -9.17 33.00 -33.54
C ARG H 212 -9.16 34.52 -33.34
N GLY H 213 -9.99 35.24 -34.08
CA GLY H 213 -9.96 36.68 -33.99
C GLY H 213 -11.16 37.28 -33.28
N GLU H 214 -11.56 36.73 -32.14
CA GLU H 214 -12.80 37.14 -31.51
C GLU H 214 -12.61 37.24 -30.01
N CYS H 215 -13.42 38.10 -29.40
CA CYS H 215 -13.42 38.32 -27.96
C CYS H 215 -14.10 37.20 -27.20
N GLN I 1 -16.23 -32.32 -0.25
CA GLN I 1 -16.05 -30.89 -0.52
C GLN I 1 -17.33 -30.12 -0.20
N VAL I 2 -17.25 -29.18 0.74
CA VAL I 2 -18.41 -28.34 1.02
C VAL I 2 -18.72 -27.50 -0.21
N GLN I 3 -19.99 -27.48 -0.61
CA GLN I 3 -20.40 -26.62 -1.71
C GLN I 3 -21.72 -25.95 -1.37
N LEU I 4 -21.82 -24.68 -1.73
CA LEU I 4 -23.05 -23.89 -1.61
C LEU I 4 -23.34 -23.27 -2.97
N VAL I 5 -24.60 -23.34 -3.39
CA VAL I 5 -25.00 -22.84 -4.71
C VAL I 5 -26.29 -22.05 -4.56
N GLU I 6 -26.22 -20.73 -4.81
CA GLU I 6 -27.38 -19.84 -4.77
C GLU I 6 -28.19 -19.94 -6.05
N SER I 7 -29.49 -19.68 -5.93
CA SER I 7 -30.38 -19.62 -7.09
C SER I 7 -31.47 -18.60 -6.82
N GLY I 8 -32.04 -18.07 -7.91
CA GLY I 8 -33.23 -17.24 -7.81
C GLY I 8 -33.03 -15.75 -8.00
N GLY I 9 -31.80 -15.26 -8.16
CA GLY I 9 -31.61 -13.86 -8.40
C GLY I 9 -32.05 -13.45 -9.80
N GLY I 10 -32.36 -12.16 -9.95
CA GLY I 10 -32.74 -11.67 -11.26
C GLY I 10 -33.39 -10.29 -11.17
N LEU I 11 -34.19 -9.98 -12.20
CA LEU I 11 -34.90 -8.72 -12.27
C LEU I 11 -36.20 -8.77 -11.49
N VAL I 12 -36.47 -7.70 -10.73
CA VAL I 12 -37.73 -7.59 -9.99
C VAL I 12 -38.06 -6.11 -9.83
N GLN I 13 -39.33 -5.78 -10.05
CA GLN I 13 -39.78 -4.41 -9.98
C GLN I 13 -39.77 -3.90 -8.55
N PRO I 14 -39.55 -2.59 -8.36
CA PRO I 14 -39.68 -2.00 -7.02
C PRO I 14 -41.01 -2.35 -6.38
N GLY I 15 -41.00 -2.56 -5.07
CA GLY I 15 -42.18 -3.01 -4.37
C GLY I 15 -42.46 -4.49 -4.53
N GLY I 16 -41.75 -5.16 -5.43
CA GLY I 16 -41.99 -6.57 -5.67
C GLY I 16 -41.28 -7.45 -4.67
N SER I 17 -41.46 -8.75 -4.88
CA SER I 17 -40.93 -9.77 -3.99
C SER I 17 -40.22 -10.84 -4.80
N LEU I 18 -39.39 -11.62 -4.12
CA LEU I 18 -38.56 -12.61 -4.79
C LEU I 18 -37.95 -13.50 -3.72
N ARG I 19 -37.80 -14.78 -4.01
CA ARG I 19 -37.17 -15.71 -3.07
C ARG I 19 -35.85 -16.19 -3.64
N LEU I 20 -34.81 -16.18 -2.80
CA LEU I 20 -33.52 -16.78 -3.10
C LEU I 20 -33.39 -18.14 -2.39
N SER I 21 -32.71 -19.06 -3.05
CA SER I 21 -32.44 -20.39 -2.54
C SER I 21 -30.93 -20.60 -2.45
N CYS I 22 -30.54 -21.50 -1.55
CA CYS I 22 -29.15 -21.94 -1.45
C CYS I 22 -29.16 -23.43 -1.21
N ALA I 23 -28.52 -24.18 -2.09
CA ALA I 23 -28.39 -25.63 -1.95
C ALA I 23 -27.01 -25.95 -1.41
N ALA I 24 -26.98 -26.75 -0.34
CA ALA I 24 -25.75 -27.15 0.33
C ALA I 24 -25.45 -28.61 0.05
N SER I 25 -24.15 -28.93 0.04
CA SER I 25 -23.70 -30.31 -0.02
C SER I 25 -22.33 -30.41 0.66
N GLY I 26 -21.96 -31.64 1.04
CA GLY I 26 -20.65 -31.89 1.60
C GLY I 26 -20.53 -31.68 3.10
N PHE I 27 -21.62 -31.41 3.81
CA PHE I 27 -21.58 -31.40 5.27
C PHE I 27 -22.96 -31.72 5.82
N THR I 28 -23.01 -31.93 7.14
CA THR I 28 -24.29 -32.05 7.83
C THR I 28 -24.94 -30.68 7.94
N PHE I 29 -25.79 -30.36 6.96
CA PHE I 29 -26.39 -29.03 6.87
C PHE I 29 -27.06 -28.61 8.18
N SER I 30 -27.83 -29.52 8.78
CA SER I 30 -28.58 -29.18 9.98
C SER I 30 -27.68 -28.76 11.15
N SER I 31 -26.40 -29.08 11.10
CA SER I 31 -25.53 -28.85 12.23
C SER I 31 -24.86 -27.50 12.22
N TYR I 32 -25.12 -26.66 11.22
CA TYR I 32 -24.42 -25.40 11.08
C TYR I 32 -25.40 -24.26 10.93
N ASP I 33 -25.00 -23.10 11.44
CA ASP I 33 -25.74 -21.90 11.16
C ASP I 33 -25.56 -21.53 9.69
N MET I 34 -26.55 -20.83 9.14
CA MET I 34 -26.50 -20.38 7.76
C MET I 34 -26.78 -18.88 7.72
N HIS I 35 -26.25 -18.21 6.69
CA HIS I 35 -26.30 -16.76 6.65
C HIS I 35 -26.52 -16.25 5.22
N TRP I 36 -27.10 -15.07 5.13
CA TRP I 36 -27.15 -14.31 3.89
C TRP I 36 -26.33 -13.05 4.10
N VAL I 37 -25.41 -12.80 3.17
CA VAL I 37 -24.53 -11.62 3.17
C VAL I 37 -24.57 -11.04 1.77
N ARG I 38 -24.81 -9.74 1.66
CA ARG I 38 -24.91 -9.09 0.36
C ARG I 38 -23.73 -8.16 0.13
N GLN I 39 -23.48 -7.87 -1.14
CA GLN I 39 -22.35 -7.06 -1.57
C GLN I 39 -22.80 -6.09 -2.65
N THR I 40 -22.41 -4.83 -2.48
CA THR I 40 -22.62 -3.76 -3.44
C THR I 40 -21.32 -3.02 -3.60
N THR I 41 -21.10 -2.43 -4.77
CA THR I 41 -19.86 -1.67 -4.95
C THR I 41 -19.77 -0.50 -3.98
N GLY I 42 -20.91 0.09 -3.61
CA GLY I 42 -20.90 1.31 -2.82
C GLY I 42 -20.74 1.10 -1.33
N LYS I 43 -21.27 0.00 -0.79
CA LYS I 43 -21.28 -0.24 0.65
C LYS I 43 -20.56 -1.53 1.05
N GLY I 44 -19.88 -2.19 0.10
CA GLY I 44 -19.08 -3.36 0.43
C GLY I 44 -19.91 -4.54 0.92
N LEU I 45 -19.30 -5.36 1.77
CA LEU I 45 -19.95 -6.56 2.30
C LEU I 45 -20.83 -6.17 3.47
N GLU I 46 -22.06 -6.69 3.50
CA GLU I 46 -23.06 -6.32 4.50
C GLU I 46 -23.83 -7.56 4.91
N TRP I 47 -23.92 -7.78 6.20
CA TRP I 47 -24.69 -8.92 6.70
C TRP I 47 -26.18 -8.69 6.47
N VAL I 48 -26.87 -9.68 5.90
CA VAL I 48 -28.29 -9.57 5.60
C VAL I 48 -29.14 -10.38 6.58
N SER I 49 -28.75 -11.61 6.92
CA SER I 49 -29.64 -12.39 7.78
C SER I 49 -28.93 -13.63 8.30
N THR I 50 -29.46 -14.19 9.39
CA THR I 50 -28.86 -15.37 10.00
C THR I 50 -29.94 -16.32 10.50
N ILE I 51 -29.69 -17.61 10.34
CA ILE I 51 -30.54 -18.65 10.93
C ILE I 51 -29.63 -19.64 11.64
N GLY I 52 -29.94 -19.92 12.90
CA GLY I 52 -29.18 -20.86 13.68
C GLY I 52 -29.72 -22.27 13.51
N THR I 53 -29.32 -23.14 14.41
CA THR I 53 -29.73 -24.54 14.36
C THR I 53 -30.90 -24.82 15.28
N ALA I 54 -31.44 -23.79 15.94
CA ALA I 54 -32.59 -23.93 16.81
C ALA I 54 -33.81 -23.19 16.28
N GLY I 55 -33.83 -22.91 14.98
CA GLY I 55 -34.90 -22.11 14.39
C GLY I 55 -34.80 -20.62 14.65
N ASP I 56 -33.75 -20.15 15.31
CA ASP I 56 -33.61 -18.74 15.65
C ASP I 56 -33.17 -17.95 14.43
N THR I 57 -33.82 -16.80 14.19
CA THR I 57 -33.52 -15.96 13.04
C THR I 57 -33.13 -14.56 13.51
N TYR I 58 -32.22 -13.94 12.75
CA TYR I 58 -31.65 -12.65 13.08
C TYR I 58 -31.59 -11.79 11.84
N TYR I 59 -31.92 -10.51 12.01
CA TYR I 59 -31.96 -9.57 10.90
C TYR I 59 -31.42 -8.23 11.37
N PRO I 60 -30.73 -7.50 10.49
CA PRO I 60 -30.46 -6.09 10.76
C PRO I 60 -31.75 -5.32 10.67
N ASP I 61 -31.75 -4.15 11.31
CA ASP I 61 -32.97 -3.33 11.33
C ASP I 61 -33.41 -2.92 9.92
N SER I 62 -32.45 -2.63 9.03
CA SER I 62 -32.77 -2.23 7.66
C SER I 62 -33.60 -3.28 6.93
N VAL I 63 -33.61 -4.50 7.43
CA VAL I 63 -34.20 -5.63 6.73
C VAL I 63 -35.36 -6.26 7.50
N LYS I 64 -35.47 -6.02 8.81
CA LYS I 64 -36.54 -6.67 9.59
C LYS I 64 -37.90 -6.16 9.14
N GLY I 65 -38.82 -7.09 8.95
CA GLY I 65 -40.11 -6.76 8.40
C GLY I 65 -40.22 -6.93 6.89
N ARG I 66 -39.10 -6.96 6.18
CA ARG I 66 -39.11 -7.08 4.72
C ARG I 66 -38.61 -8.43 4.24
N PHE I 67 -37.52 -8.93 4.81
CA PHE I 67 -36.94 -10.21 4.42
C PHE I 67 -37.20 -11.23 5.52
N THR I 68 -37.24 -12.50 5.10
CA THR I 68 -37.43 -13.61 6.02
C THR I 68 -36.49 -14.74 5.61
N ILE I 69 -35.65 -15.16 6.53
CA ILE I 69 -34.78 -16.31 6.30
C ILE I 69 -35.49 -17.56 6.82
N SER I 70 -35.19 -18.70 6.18
CA SER I 70 -35.75 -19.99 6.61
C SER I 70 -34.85 -21.11 6.11
N ARG I 71 -35.07 -22.32 6.61
CA ARG I 71 -34.24 -23.44 6.20
C ARG I 71 -35.05 -24.72 6.15
N GLU I 72 -34.69 -25.58 5.21
CA GLU I 72 -35.31 -26.89 5.00
C GLU I 72 -34.20 -27.92 5.10
N ASP I 73 -33.99 -28.44 6.31
CA ASP I 73 -32.87 -29.34 6.52
C ASP I 73 -33.04 -30.64 5.73
N ALA I 74 -34.27 -31.08 5.53
CA ALA I 74 -34.50 -32.30 4.76
C ALA I 74 -34.02 -32.16 3.33
N LYS I 75 -33.99 -30.94 2.80
CA LYS I 75 -33.49 -30.71 1.45
C LYS I 75 -32.15 -29.97 1.43
N ASN I 76 -31.44 -29.94 2.57
CA ASN I 76 -30.16 -29.23 2.69
C ASN I 76 -30.27 -27.85 2.07
N SER I 77 -31.35 -27.14 2.36
CA SER I 77 -31.68 -25.93 1.63
C SER I 77 -31.86 -24.73 2.55
N LEU I 78 -31.48 -23.56 2.05
CA LEU I 78 -31.64 -22.31 2.76
C LEU I 78 -32.45 -21.36 1.89
N TYR I 79 -33.30 -20.55 2.52
CA TYR I 79 -34.16 -19.66 1.76
C TYR I 79 -34.12 -18.25 2.35
N LEU I 80 -34.25 -17.28 1.45
CA LEU I 80 -34.49 -15.88 1.83
C LEU I 80 -35.66 -15.35 1.00
N GLN I 81 -36.81 -15.18 1.65
CA GLN I 81 -37.93 -14.48 1.03
C GLN I 81 -37.70 -12.98 1.20
N MET I 82 -37.93 -12.21 0.14
CA MET I 82 -37.71 -10.78 0.19
C MET I 82 -38.97 -10.10 -0.35
N ASN I 83 -39.61 -9.28 0.48
CA ASN I 83 -40.77 -8.49 0.07
C ASN I 83 -40.44 -7.01 0.15
N SER I 84 -41.23 -6.19 -0.54
CA SER I 84 -41.07 -4.75 -0.53
C SER I 84 -39.66 -4.34 -0.97
N LEU I 85 -39.26 -4.84 -2.13
CA LEU I 85 -37.89 -4.61 -2.59
C LEU I 85 -37.72 -3.19 -3.12
N ARG I 86 -36.58 -2.60 -2.81
CA ARG I 86 -36.27 -1.23 -3.22
C ARG I 86 -35.03 -1.26 -4.08
N ALA I 87 -34.84 -0.20 -4.87
CA ALA I 87 -33.66 -0.12 -5.72
C ALA I 87 -32.38 -0.38 -4.94
N GLY I 88 -32.33 0.09 -3.70
CA GLY I 88 -31.16 -0.08 -2.86
C GLY I 88 -30.91 -1.51 -2.42
N ASP I 89 -31.83 -2.44 -2.72
CA ASP I 89 -31.55 -3.83 -2.42
C ASP I 89 -30.77 -4.51 -3.53
N THR I 90 -30.63 -3.86 -4.68
CA THR I 90 -29.81 -4.42 -5.76
C THR I 90 -28.43 -4.74 -5.22
N ALA I 91 -28.02 -6.00 -5.40
CA ALA I 91 -26.74 -6.45 -4.84
C ALA I 91 -26.50 -7.89 -5.27
N VAL I 92 -25.29 -8.37 -4.98
CA VAL I 92 -24.98 -9.79 -5.06
C VAL I 92 -25.25 -10.40 -3.69
N TYR I 93 -26.05 -11.47 -3.66
CA TYR I 93 -26.42 -12.15 -2.43
C TYR I 93 -25.68 -13.47 -2.33
N TYR I 94 -24.93 -13.65 -1.24
CA TYR I 94 -24.22 -14.88 -0.93
C TYR I 94 -24.91 -15.61 0.23
N CYS I 95 -25.00 -16.93 0.12
CA CYS I 95 -25.21 -17.72 1.33
C CYS I 95 -23.86 -18.14 1.87
N ALA I 96 -23.79 -18.33 3.19
CA ALA I 96 -22.52 -18.61 3.84
C ALA I 96 -22.73 -19.46 5.07
N ARG I 97 -21.86 -20.45 5.23
CA ARG I 97 -21.88 -21.26 6.44
C ARG I 97 -21.13 -20.52 7.55
N GLY I 98 -21.69 -20.59 8.75
CA GLY I 98 -21.04 -20.04 9.93
C GLY I 98 -20.53 -21.21 10.76
N ASP I 99 -19.36 -21.01 11.35
CA ASP I 99 -18.79 -22.03 12.23
C ASP I 99 -17.95 -21.30 13.26
N SER I 100 -17.52 -22.05 14.28
CA SER I 100 -16.80 -21.44 15.38
C SER I 100 -15.70 -22.37 15.88
N SER I 101 -14.60 -21.75 16.30
CA SER I 101 -13.54 -22.45 17.04
C SER I 101 -13.44 -21.76 18.41
N GLY I 102 -13.80 -22.47 19.47
CA GLY I 102 -13.95 -21.80 20.75
C GLY I 102 -15.08 -20.77 20.69
N TYR I 103 -14.82 -19.58 21.20
CA TYR I 103 -15.80 -18.52 21.05
C TYR I 103 -15.67 -17.76 19.71
N TYR I 104 -14.70 -18.06 18.85
CA TYR I 104 -14.45 -17.20 17.68
C TYR I 104 -15.23 -17.70 16.47
N TYR I 105 -16.20 -16.89 16.03
CA TYR I 105 -17.11 -17.23 14.94
C TYR I 105 -16.57 -16.66 13.64
N TYR I 106 -16.82 -17.37 12.54
CA TYR I 106 -16.36 -16.97 11.22
C TYR I 106 -17.27 -17.59 10.16
N PHE I 107 -17.15 -17.08 8.93
CA PHE I 107 -17.87 -17.61 7.77
C PHE I 107 -16.88 -18.41 6.94
N ASP I 108 -16.88 -19.75 7.09
CA ASP I 108 -15.82 -20.54 6.46
C ASP I 108 -16.12 -20.96 5.02
N TYR I 109 -17.37 -20.86 4.57
CA TYR I 109 -17.71 -21.30 3.23
C TYR I 109 -18.77 -20.38 2.65
N TRP I 110 -18.57 -19.98 1.40
CA TRP I 110 -19.47 -19.05 0.73
C TRP I 110 -19.95 -19.66 -0.57
N GLY I 111 -21.17 -19.31 -0.97
CA GLY I 111 -21.63 -19.68 -2.29
C GLY I 111 -20.94 -18.82 -3.35
N GLN I 112 -21.50 -18.86 -4.56
CA GLN I 112 -20.94 -18.03 -5.62
C GLN I 112 -21.66 -16.69 -5.74
N GLY I 113 -22.77 -16.50 -5.06
CA GLY I 113 -23.49 -15.25 -5.25
C GLY I 113 -24.55 -15.33 -6.32
N THR I 114 -25.61 -14.55 -6.14
CA THR I 114 -26.64 -14.40 -7.15
C THR I 114 -27.04 -12.92 -7.20
N LEU I 115 -27.12 -12.37 -8.40
CA LEU I 115 -27.35 -10.93 -8.55
C LEU I 115 -28.85 -10.63 -8.55
N LEU I 116 -29.25 -9.73 -7.65
CA LEU I 116 -30.60 -9.20 -7.59
C LEU I 116 -30.55 -7.77 -8.14
N THR I 117 -31.36 -7.50 -9.17
CA THR I 117 -31.49 -6.19 -9.77
C THR I 117 -32.91 -5.71 -9.57
N VAL I 118 -33.06 -4.57 -8.92
CA VAL I 118 -34.36 -3.99 -8.63
C VAL I 118 -34.52 -2.83 -9.59
N SER I 119 -35.35 -3.00 -10.61
CA SER I 119 -35.51 -1.97 -11.62
C SER I 119 -36.88 -2.11 -12.26
N SER I 120 -37.43 -0.98 -12.67
CA SER I 120 -38.69 -0.98 -13.40
C SER I 120 -38.50 -1.22 -14.89
N ALA I 121 -37.27 -1.16 -15.37
CA ALA I 121 -36.99 -1.45 -16.78
C ALA I 121 -37.30 -2.91 -17.07
N SER I 122 -37.35 -3.25 -18.35
CA SER I 122 -37.74 -4.58 -18.78
C SER I 122 -36.53 -5.41 -19.20
N THR I 123 -36.71 -6.73 -19.12
CA THR I 123 -35.68 -7.66 -19.57
C THR I 123 -35.55 -7.61 -21.08
N LYS I 124 -34.30 -7.64 -21.57
CA LYS I 124 -34.02 -7.89 -22.98
C LYS I 124 -32.88 -8.88 -23.07
N GLY I 125 -33.02 -9.85 -23.98
CA GLY I 125 -31.99 -10.84 -24.20
C GLY I 125 -30.98 -10.35 -25.21
N PRO I 126 -29.75 -10.85 -25.11
CA PRO I 126 -28.67 -10.37 -25.98
C PRO I 126 -28.77 -10.90 -27.41
N SER I 127 -28.16 -10.14 -28.32
CA SER I 127 -27.77 -10.67 -29.62
C SER I 127 -26.30 -11.07 -29.56
N VAL I 128 -25.96 -12.21 -30.15
CA VAL I 128 -24.61 -12.77 -30.07
C VAL I 128 -24.02 -12.84 -31.47
N PHE I 129 -22.92 -12.14 -31.69
CA PHE I 129 -22.29 -12.01 -32.98
C PHE I 129 -20.86 -12.55 -32.92
N PRO I 130 -20.39 -13.17 -34.00
CA PRO I 130 -18.99 -13.62 -34.00
C PRO I 130 -18.00 -12.50 -34.29
N LEU I 131 -16.87 -12.53 -33.59
CA LEU I 131 -15.71 -11.69 -33.89
C LEU I 131 -14.72 -12.61 -34.57
N ALA I 132 -14.71 -12.58 -35.90
CA ALA I 132 -14.07 -13.61 -36.70
C ALA I 132 -12.56 -13.42 -36.72
N PRO I 133 -11.81 -14.52 -36.69
CA PRO I 133 -10.35 -14.40 -36.70
C PRO I 133 -9.82 -13.95 -38.05
N SER I 134 -8.90 -12.99 -38.01
CA SER I 134 -8.30 -12.43 -39.21
C SER I 134 -7.73 -13.52 -40.11
N SER I 135 -8.06 -13.44 -41.40
CA SER I 135 -7.39 -14.25 -42.40
C SER I 135 -5.89 -13.98 -42.45
N LYS I 136 -5.47 -12.81 -41.99
CA LYS I 136 -4.07 -12.41 -41.99
C LYS I 136 -3.44 -12.70 -40.62
N SER I 137 -2.19 -13.15 -40.64
CA SER I 137 -1.47 -13.52 -39.41
C SER I 137 0.06 -13.40 -39.57
N GLY I 141 2.73 -18.48 -34.75
CA GLY I 141 1.81 -17.34 -34.74
C GLY I 141 0.62 -17.48 -33.79
N THR I 142 0.06 -16.32 -33.40
CA THR I 142 -1.09 -16.24 -32.53
C THR I 142 -2.21 -15.48 -33.23
N ALA I 143 -3.43 -15.99 -33.11
CA ALA I 143 -4.64 -15.42 -33.67
C ALA I 143 -5.63 -15.11 -32.54
N ALA I 144 -6.53 -14.17 -32.80
CA ALA I 144 -7.55 -13.80 -31.83
C ALA I 144 -8.94 -13.96 -32.45
N LEU I 145 -9.90 -14.41 -31.63
CA LEU I 145 -11.28 -14.51 -32.08
C LEU I 145 -12.21 -14.28 -30.89
N GLY I 146 -13.50 -14.16 -31.15
CA GLY I 146 -14.38 -13.93 -30.03
C GLY I 146 -15.86 -13.87 -30.38
N CYS I 147 -16.63 -13.39 -29.41
CA CYS I 147 -18.07 -13.22 -29.46
C CYS I 147 -18.47 -11.90 -28.83
N LEU I 148 -19.41 -11.20 -29.48
CA LEU I 148 -19.95 -9.96 -28.97
C LEU I 148 -21.39 -10.21 -28.53
N VAL I 149 -21.68 -9.90 -27.27
CA VAL I 149 -22.98 -10.08 -26.65
C VAL I 149 -23.52 -8.68 -26.45
N LYS I 150 -24.45 -8.24 -27.31
CA LYS I 150 -24.87 -6.85 -27.35
C LYS I 150 -26.33 -6.72 -26.94
N ASP I 151 -26.66 -5.61 -26.25
CA ASP I 151 -28.03 -5.18 -25.99
C ASP I 151 -28.80 -6.21 -25.15
N TYR I 152 -28.44 -6.27 -23.86
CA TYR I 152 -29.11 -7.17 -22.94
C TYR I 152 -29.33 -6.49 -21.58
N PHE I 153 -30.37 -6.93 -20.87
CA PHE I 153 -30.67 -6.40 -19.54
C PHE I 153 -31.49 -7.42 -18.78
N PRO I 154 -31.28 -7.57 -17.47
CA PRO I 154 -30.24 -6.93 -16.66
C PRO I 154 -28.98 -7.78 -16.69
N GLU I 155 -27.97 -7.40 -15.90
CA GLU I 155 -26.84 -8.27 -15.68
C GLU I 155 -27.28 -9.53 -14.92
N PRO I 156 -26.56 -10.64 -15.09
CA PRO I 156 -25.37 -10.85 -15.90
C PRO I 156 -25.59 -11.78 -17.10
N VAL I 157 -24.63 -11.80 -18.03
CA VAL I 157 -24.52 -12.90 -18.97
C VAL I 157 -23.28 -13.68 -18.57
N THR I 158 -23.32 -14.99 -18.80
CA THR I 158 -22.14 -15.83 -18.62
C THR I 158 -21.72 -16.39 -19.96
N VAL I 159 -20.41 -16.44 -20.20
CA VAL I 159 -19.85 -16.89 -21.46
C VAL I 159 -18.81 -17.98 -21.19
N SER I 160 -18.95 -19.10 -21.88
CA SER I 160 -17.93 -20.16 -21.90
C SER I 160 -17.51 -20.40 -23.34
N TRP I 161 -16.48 -21.24 -23.51
CA TRP I 161 -15.96 -21.60 -24.82
C TRP I 161 -15.84 -23.11 -24.94
N ASN I 162 -16.36 -23.65 -26.06
CA ASN I 162 -16.36 -25.10 -26.32
C ASN I 162 -16.91 -25.87 -25.13
N SER I 163 -17.98 -25.33 -24.57
CA SER I 163 -18.65 -25.91 -23.40
C SER I 163 -17.68 -26.02 -22.23
N GLY I 164 -16.83 -25.01 -22.08
CA GLY I 164 -15.90 -24.95 -20.98
C GLY I 164 -14.62 -25.72 -21.17
N ALA I 165 -14.47 -26.45 -22.29
CA ALA I 165 -13.20 -27.12 -22.55
C ALA I 165 -12.07 -26.13 -22.85
N LEU I 166 -12.40 -24.89 -23.21
CA LEU I 166 -11.42 -23.87 -23.55
C LEU I 166 -11.48 -22.79 -22.48
N THR I 167 -10.43 -22.67 -21.71
CA THR I 167 -10.33 -21.66 -20.66
C THR I 167 -9.05 -20.86 -20.78
N SER I 168 -7.95 -21.48 -21.20
CA SER I 168 -6.67 -20.81 -21.31
C SER I 168 -6.71 -19.74 -22.41
N GLY I 169 -6.35 -18.50 -22.07
CA GLY I 169 -6.32 -17.42 -23.03
C GLY I 169 -7.62 -16.67 -23.21
N VAL I 170 -8.64 -17.00 -22.44
CA VAL I 170 -9.95 -16.37 -22.57
C VAL I 170 -10.02 -15.11 -21.71
N HIS I 171 -10.59 -14.06 -22.27
CA HIS I 171 -10.91 -12.83 -21.57
C HIS I 171 -12.38 -12.52 -21.84
N THR I 172 -13.22 -12.68 -20.84
CA THR I 172 -14.59 -12.17 -20.93
C THR I 172 -14.58 -10.79 -20.27
N PHE I 173 -14.83 -9.76 -21.06
CA PHE I 173 -14.68 -8.41 -20.55
C PHE I 173 -15.84 -8.02 -19.63
N PRO I 174 -15.61 -7.11 -18.69
CA PRO I 174 -16.72 -6.56 -17.90
C PRO I 174 -17.75 -5.87 -18.78
N ALA I 175 -19.02 -6.04 -18.44
CA ALA I 175 -20.06 -5.46 -19.27
C ALA I 175 -19.98 -3.93 -19.23
N VAL I 176 -20.46 -3.31 -20.29
CA VAL I 176 -20.52 -1.86 -20.38
C VAL I 176 -21.96 -1.43 -20.58
N LEU I 177 -22.37 -0.38 -19.88
CA LEU I 177 -23.72 0.14 -20.01
C LEU I 177 -23.73 1.16 -21.12
N GLN I 178 -24.47 0.86 -22.19
CA GLN I 178 -24.55 1.75 -23.33
C GLN I 178 -25.56 2.85 -23.04
N SER I 179 -25.52 3.90 -23.86
CA SER I 179 -26.43 5.04 -23.64
C SER I 179 -27.90 4.63 -23.69
N SER I 180 -28.21 3.47 -24.27
CA SER I 180 -29.57 2.99 -24.41
C SER I 180 -30.11 2.37 -23.13
N GLY I 181 -29.31 2.28 -22.07
CA GLY I 181 -29.70 1.55 -20.89
C GLY I 181 -29.48 0.06 -20.96
N LEU I 182 -28.97 -0.45 -22.08
CA LEU I 182 -28.69 -1.86 -22.25
C LEU I 182 -27.19 -2.11 -22.04
N TYR I 183 -26.87 -3.34 -21.65
CA TYR I 183 -25.48 -3.75 -21.46
C TYR I 183 -24.93 -4.44 -22.69
N SER I 184 -23.61 -4.42 -22.81
CA SER I 184 -22.93 -5.08 -23.91
C SER I 184 -21.56 -5.52 -23.45
N LEU I 185 -21.10 -6.62 -24.02
CA LEU I 185 -19.95 -7.36 -23.51
C LEU I 185 -19.33 -8.10 -24.67
N SER I 186 -18.07 -8.47 -24.53
CA SER I 186 -17.44 -9.25 -25.58
C SER I 186 -16.44 -10.18 -24.92
N SER I 187 -16.43 -11.43 -25.36
CA SER I 187 -15.49 -12.43 -24.86
C SER I 187 -14.56 -12.80 -25.99
N VAL I 188 -13.25 -12.77 -25.72
CA VAL I 188 -12.26 -13.07 -26.74
C VAL I 188 -11.35 -14.19 -26.24
N VAL I 189 -10.67 -14.82 -27.18
CA VAL I 189 -9.69 -15.87 -26.86
C VAL I 189 -8.58 -15.82 -27.89
N THR I 190 -7.34 -15.97 -27.42
CA THR I 190 -6.18 -16.07 -28.29
C THR I 190 -5.76 -17.53 -28.40
N VAL I 191 -5.46 -17.95 -29.62
CA VAL I 191 -5.14 -19.35 -29.92
C VAL I 191 -3.99 -19.35 -30.91
N PRO I 192 -3.32 -20.48 -31.08
CA PRO I 192 -2.35 -20.59 -32.17
C PRO I 192 -3.04 -20.37 -33.51
N SER I 193 -2.42 -19.56 -34.37
CA SER I 193 -2.95 -19.38 -35.73
C SER I 193 -3.16 -20.72 -36.41
N SER I 194 -2.17 -21.60 -36.32
CA SER I 194 -2.26 -22.92 -36.92
C SER I 194 -3.53 -23.67 -36.49
N SER I 195 -4.03 -23.40 -35.28
CA SER I 195 -5.20 -24.12 -34.80
C SER I 195 -6.51 -23.66 -35.44
N LEU I 196 -6.50 -22.58 -36.22
CA LEU I 196 -7.73 -22.09 -36.82
C LEU I 196 -8.32 -23.06 -37.82
N GLY I 197 -7.51 -23.99 -38.35
CA GLY I 197 -7.99 -25.05 -39.21
C GLY I 197 -7.97 -26.43 -38.60
N THR I 198 -7.72 -26.56 -37.30
CA THR I 198 -7.70 -27.85 -36.61
C THR I 198 -8.52 -27.85 -35.33
N GLN I 199 -9.08 -26.71 -34.91
CA GLN I 199 -9.94 -26.64 -33.74
C GLN I 199 -11.20 -25.81 -34.05
N THR I 200 -12.36 -26.34 -33.67
CA THR I 200 -13.62 -25.61 -33.76
C THR I 200 -13.81 -24.78 -32.49
N TYR I 201 -14.19 -23.51 -32.65
CA TYR I 201 -14.34 -22.59 -31.53
C TYR I 201 -15.78 -22.12 -31.47
N ILE I 202 -16.46 -22.42 -30.36
CA ILE I 202 -17.86 -22.07 -30.15
C ILE I 202 -17.98 -21.34 -28.83
N CYS I 203 -18.62 -20.19 -28.84
CA CYS I 203 -18.91 -19.50 -27.58
C CYS I 203 -20.32 -19.84 -27.14
N ASN I 204 -20.46 -20.11 -25.84
CA ASN I 204 -21.74 -20.46 -25.23
C ASN I 204 -22.14 -19.31 -24.32
N VAL I 205 -23.16 -18.57 -24.71
CA VAL I 205 -23.64 -17.39 -23.99
C VAL I 205 -24.95 -17.75 -23.32
N ASN I 206 -25.09 -17.35 -22.07
CA ASN I 206 -26.29 -17.64 -21.30
C ASN I 206 -26.72 -16.37 -20.56
N HIS I 207 -28.01 -16.05 -20.65
CA HIS I 207 -28.62 -14.89 -20.00
C HIS I 207 -29.90 -15.41 -19.36
N LYS I 208 -29.80 -15.81 -18.08
CA LYS I 208 -30.94 -16.43 -17.42
C LYS I 208 -32.17 -15.52 -17.32
N PRO I 209 -32.05 -14.22 -16.98
CA PRO I 209 -33.27 -13.39 -16.85
C PRO I 209 -34.17 -13.41 -18.08
N SER I 210 -33.61 -13.63 -19.27
CA SER I 210 -34.39 -13.75 -20.49
C SER I 210 -34.43 -15.19 -21.02
N ASN I 211 -33.91 -16.14 -20.26
CA ASN I 211 -33.90 -17.55 -20.67
C ASN I 211 -33.27 -17.69 -22.05
N THR I 212 -32.18 -16.95 -22.29
CA THR I 212 -31.47 -16.97 -23.56
C THR I 212 -30.23 -17.85 -23.44
N LYS I 213 -30.16 -18.88 -24.27
CA LYS I 213 -28.95 -19.68 -24.40
C LYS I 213 -28.58 -19.71 -25.88
N VAL I 214 -27.37 -19.28 -26.21
CA VAL I 214 -26.91 -19.23 -27.60
C VAL I 214 -25.55 -19.90 -27.67
N ASP I 215 -25.36 -20.73 -28.69
CA ASP I 215 -24.05 -21.28 -29.00
C ASP I 215 -23.69 -20.79 -30.39
N LYS I 216 -22.66 -19.96 -30.47
CA LYS I 216 -22.26 -19.36 -31.73
C LYS I 216 -20.89 -19.89 -32.14
N LYS I 217 -20.83 -20.47 -33.35
CA LYS I 217 -19.57 -20.94 -33.89
C LYS I 217 -18.85 -19.78 -34.57
N VAL I 218 -17.58 -19.60 -34.24
CA VAL I 218 -16.77 -18.51 -34.77
C VAL I 218 -15.83 -19.10 -35.80
N GLU I 219 -15.91 -18.62 -37.04
CA GLU I 219 -15.15 -19.21 -38.13
C GLU I 219 -14.37 -18.14 -38.89
N PRO I 220 -13.16 -18.46 -39.35
CA PRO I 220 -12.48 -17.60 -40.32
C PRO I 220 -13.33 -17.46 -41.59
N LYS I 221 -13.41 -16.25 -42.12
CA LYS I 221 -14.31 -15.97 -43.25
C LYS I 221 -13.80 -16.54 -44.57
N ASP J 1 -23.08 0.24 15.17
CA ASP J 1 -22.33 -0.93 15.59
C ASP J 1 -20.82 -0.66 15.68
N ILE J 2 -20.01 -1.69 15.44
CA ILE J 2 -18.56 -1.51 15.40
C ILE J 2 -18.15 -1.23 13.98
N GLN J 3 -17.51 -0.08 13.77
CA GLN J 3 -17.10 0.32 12.44
C GLN J 3 -15.69 -0.22 12.19
N MET J 4 -15.48 -0.75 10.99
CA MET J 4 -14.19 -1.31 10.62
C MET J 4 -13.56 -0.47 9.51
N THR J 5 -12.28 -0.19 9.66
CA THR J 5 -11.54 0.65 8.73
C THR J 5 -10.27 -0.09 8.33
N GLN J 6 -9.92 0.00 7.06
CA GLN J 6 -8.73 -0.66 6.54
C GLN J 6 -7.77 0.34 5.93
N SER J 7 -6.48 -0.01 5.95
CA SER J 7 -5.46 0.81 5.31
C SER J 7 -4.40 -0.10 4.72
N PRO J 8 -3.86 0.21 3.52
CA PRO J 8 -4.22 1.32 2.64
C PRO J 8 -5.47 1.03 1.81
N SER J 9 -5.88 1.97 0.94
CA SER J 9 -7.03 1.68 0.05
C SER J 9 -6.59 0.72 -1.05
N SER J 10 -5.37 0.88 -1.55
CA SER J 10 -4.79 0.05 -2.61
C SER J 10 -3.28 0.12 -2.54
N LEU J 11 -2.63 -0.87 -3.15
CA LEU J 11 -1.18 -0.98 -3.04
C LEU J 11 -0.69 -1.80 -4.20
N SER J 12 0.43 -1.39 -4.77
CA SER J 12 1.07 -2.15 -5.82
C SER J 12 2.38 -2.69 -5.29
N ALA J 13 2.60 -4.00 -5.45
CA ALA J 13 3.83 -4.65 -5.00
C ALA J 13 4.24 -5.72 -6.01
N ALA J 14 5.51 -6.11 -5.96
CA ALA J 14 6.07 -7.09 -6.88
C ALA J 14 6.01 -8.50 -6.29
N VAL J 15 6.06 -9.50 -7.18
CA VAL J 15 6.04 -10.89 -6.72
C VAL J 15 7.27 -11.11 -5.84
N GLY J 16 7.07 -11.77 -4.69
CA GLY J 16 8.12 -11.96 -3.72
C GLY J 16 8.19 -10.90 -2.64
N ASP J 17 7.49 -9.79 -2.80
CA ASP J 17 7.51 -8.70 -1.83
C ASP J 17 6.67 -9.05 -0.59
N ARG J 18 7.07 -8.51 0.54
CA ARG J 18 6.26 -8.61 1.74
C ARG J 18 5.18 -7.55 1.67
N VAL J 19 3.90 -7.97 1.69
CA VAL J 19 2.77 -7.04 1.68
C VAL J 19 2.18 -6.97 3.08
N THR J 20 1.83 -5.76 3.53
CA THR J 20 1.35 -5.54 4.88
C THR J 20 0.12 -4.64 4.86
N ILE J 21 -1.01 -5.16 5.35
CA ILE J 21 -2.29 -4.46 5.39
C ILE J 21 -2.77 -4.35 6.83
N THR J 22 -3.45 -3.25 7.17
CA THR J 22 -3.90 -3.05 8.54
C THR J 22 -5.41 -2.86 8.59
N CYS J 23 -5.95 -3.22 9.75
CA CYS J 23 -7.37 -3.17 10.06
C CYS J 23 -7.55 -2.51 11.42
N ARG J 24 -8.52 -1.62 11.54
CA ARG J 24 -8.83 -0.96 12.81
C ARG J 24 -10.31 -1.11 13.14
N ALA J 25 -10.60 -1.46 14.38
CA ALA J 25 -11.97 -1.53 14.88
C ALA J 25 -12.26 -0.29 15.70
N SER J 26 -13.49 0.22 15.57
CA SER J 26 -13.89 1.43 16.27
C SER J 26 -13.84 1.29 17.80
N GLN J 27 -13.74 0.08 18.32
CA GLN J 27 -13.53 -0.15 19.74
C GLN J 27 -12.80 -1.46 19.88
N SER J 28 -12.37 -1.76 21.10
CA SER J 28 -11.59 -2.96 21.34
C SER J 28 -12.43 -4.20 21.02
N ILE J 29 -11.83 -5.15 20.30
CA ILE J 29 -12.55 -6.37 19.97
C ILE J 29 -11.67 -7.56 20.31
N GLY J 30 -10.66 -7.36 21.15
CA GLY J 30 -9.80 -8.46 21.55
C GLY J 30 -9.17 -9.12 20.35
N SER J 31 -9.40 -10.43 20.19
CA SER J 31 -8.90 -11.17 19.04
C SER J 31 -10.02 -11.64 18.10
N TYR J 32 -11.23 -11.08 18.25
CA TYR J 32 -12.40 -11.46 17.47
C TYR J 32 -12.32 -10.80 16.09
N LEU J 33 -11.34 -11.23 15.30
CA LEU J 33 -11.13 -10.64 13.99
C LEU J 33 -10.78 -11.72 12.98
N ASN J 34 -11.45 -11.66 11.83
CA ASN J 34 -11.25 -12.56 10.71
C ASN J 34 -10.77 -11.75 9.50
N TRP J 35 -10.05 -12.42 8.61
CA TRP J 35 -9.63 -11.86 7.35
C TRP J 35 -10.12 -12.74 6.21
N TYR J 36 -10.64 -12.09 5.17
CA TYR J 36 -11.14 -12.74 3.96
C TYR J 36 -10.44 -12.17 2.73
N GLN J 37 -10.30 -13.01 1.72
CA GLN J 37 -9.75 -12.66 0.42
C GLN J 37 -10.85 -12.80 -0.64
N GLN J 38 -10.92 -11.84 -1.56
CA GLN J 38 -11.90 -11.92 -2.63
C GLN J 38 -11.21 -11.58 -3.94
N LYS J 39 -11.28 -12.50 -4.87
CA LYS J 39 -10.76 -12.32 -6.22
C LYS J 39 -11.90 -11.96 -7.15
N PRO J 40 -11.60 -11.30 -8.27
CA PRO J 40 -12.67 -10.78 -9.13
C PRO J 40 -13.66 -11.85 -9.54
N GLY J 41 -14.95 -11.55 -9.37
CA GLY J 41 -16.02 -12.45 -9.75
C GLY J 41 -16.27 -13.61 -8.80
N LYS J 42 -15.50 -13.73 -7.73
CA LYS J 42 -15.59 -14.88 -6.84
C LYS J 42 -16.08 -14.41 -5.47
N ALA J 43 -16.54 -15.37 -4.68
CA ALA J 43 -16.98 -15.07 -3.32
C ALA J 43 -15.81 -14.86 -2.39
N PRO J 44 -16.03 -14.21 -1.25
CA PRO J 44 -14.98 -14.10 -0.24
C PRO J 44 -14.47 -15.47 0.17
N LYS J 45 -13.21 -15.52 0.56
CA LYS J 45 -12.55 -16.74 1.00
C LYS J 45 -11.94 -16.45 2.36
N LEU J 46 -12.25 -17.28 3.35
CA LEU J 46 -11.71 -17.04 4.69
C LEU J 46 -10.22 -17.39 4.71
N LEU J 47 -9.40 -16.43 5.16
CA LEU J 47 -7.98 -16.66 5.34
C LEU J 47 -7.60 -16.83 6.81
N ILE J 48 -8.08 -15.93 7.67
CA ILE J 48 -7.64 -15.90 9.06
C ILE J 48 -8.88 -15.77 9.95
N TYR J 49 -8.87 -16.48 11.08
CA TYR J 49 -9.88 -16.25 12.11
C TYR J 49 -9.18 -16.10 13.46
N ALA J 50 -9.91 -15.50 14.41
CA ALA J 50 -9.37 -15.28 15.76
C ALA J 50 -8.09 -14.45 15.73
N ALA J 51 -8.01 -13.53 14.77
CA ALA J 51 -6.91 -12.57 14.60
C ALA J 51 -5.63 -13.22 14.07
N SER J 52 -5.35 -14.47 14.43
CA SER J 52 -4.07 -15.04 14.00
C SER J 52 -4.13 -16.50 13.56
N SER J 53 -5.26 -17.17 13.64
CA SER J 53 -5.33 -18.57 13.25
C SER J 53 -5.51 -18.69 11.73
N LEU J 54 -4.61 -19.43 11.10
CA LEU J 54 -4.64 -19.66 9.67
C LEU J 54 -5.65 -20.76 9.35
N GLN J 55 -6.67 -20.43 8.55
CA GLN J 55 -7.67 -21.43 8.19
C GLN J 55 -7.04 -22.58 7.40
N SER J 56 -7.59 -23.78 7.60
CA SER J 56 -7.06 -24.98 6.99
C SER J 56 -7.00 -24.83 5.47
N GLY J 57 -5.89 -25.27 4.87
CA GLY J 57 -5.71 -25.21 3.44
C GLY J 57 -5.20 -23.87 2.90
N VAL J 58 -5.12 -22.84 3.74
CA VAL J 58 -4.63 -21.54 3.28
C VAL J 58 -3.10 -21.59 3.26
N PRO J 59 -2.45 -21.05 2.23
CA PRO J 59 -0.99 -21.10 2.18
C PRO J 59 -0.36 -20.36 3.34
N SER J 60 0.81 -20.85 3.74
CA SER J 60 1.44 -20.38 4.97
C SER J 60 1.98 -18.95 4.87
N ARG J 61 2.11 -18.41 3.66
CA ARG J 61 2.56 -17.03 3.51
C ARG J 61 1.56 -16.02 4.07
N PHE J 62 0.31 -16.40 4.24
CA PHE J 62 -0.67 -15.53 4.86
C PHE J 62 -0.55 -15.65 6.36
N SER J 63 -0.55 -14.52 7.05
CA SER J 63 -0.52 -14.56 8.51
C SER J 63 -1.23 -13.34 9.07
N GLY J 64 -1.82 -13.51 10.25
CA GLY J 64 -2.54 -12.44 10.91
C GLY J 64 -1.98 -12.18 12.28
N SER J 65 -1.86 -10.90 12.64
CA SER J 65 -1.40 -10.49 13.96
C SER J 65 -2.30 -9.36 14.45
N GLY J 66 -2.19 -9.05 15.74
CA GLY J 66 -2.92 -7.90 16.24
C GLY J 66 -3.86 -8.22 17.39
N SER J 67 -4.26 -7.20 18.14
CA SER J 67 -5.17 -7.43 19.26
C SER J 67 -5.75 -6.10 19.70
N GLY J 68 -6.94 -6.16 20.31
CA GLY J 68 -7.61 -4.95 20.77
C GLY J 68 -8.33 -4.23 19.65
N THR J 69 -7.70 -3.20 19.07
CA THR J 69 -8.29 -2.41 18.01
C THR J 69 -7.52 -2.44 16.70
N ASP J 70 -6.22 -2.71 16.71
CA ASP J 70 -5.40 -2.71 15.51
C ASP J 70 -4.91 -4.12 15.17
N PHE J 71 -5.02 -4.47 13.89
CA PHE J 71 -4.72 -5.80 13.38
C PHE J 71 -4.00 -5.69 12.05
N THR J 72 -3.23 -6.72 11.71
CA THR J 72 -2.42 -6.70 10.51
C THR J 72 -2.54 -8.04 9.80
N LEU J 73 -2.74 -7.99 8.48
CA LEU J 73 -2.64 -9.15 7.62
C LEU J 73 -1.35 -9.00 6.83
N THR J 74 -0.55 -10.06 6.76
CA THR J 74 0.75 -10.00 6.10
C THR J 74 0.81 -11.13 5.10
N ILE J 75 1.25 -10.79 3.88
CA ILE J 75 1.60 -11.78 2.87
C ILE J 75 3.13 -11.78 2.80
N SER J 76 3.74 -12.88 3.25
CA SER J 76 5.19 -12.89 3.42
C SER J 76 5.90 -12.76 2.08
N SER J 77 5.33 -13.34 1.02
CA SER J 77 5.94 -13.32 -0.30
C SER J 77 4.79 -13.30 -1.31
N LEU J 78 4.49 -12.12 -1.82
CA LEU J 78 3.36 -11.96 -2.70
C LEU J 78 3.52 -12.86 -3.91
N GLN J 79 2.48 -13.63 -4.23
CA GLN J 79 2.38 -14.42 -5.43
C GLN J 79 1.39 -13.78 -6.41
N PRO J 80 1.54 -14.05 -7.72
CA PRO J 80 0.61 -13.44 -8.70
C PRO J 80 -0.86 -13.74 -8.42
N GLU J 81 -1.16 -14.94 -7.94
CA GLU J 81 -2.54 -15.31 -7.69
C GLU J 81 -3.11 -14.61 -6.47
N ASP J 82 -2.34 -13.77 -5.80
CA ASP J 82 -2.82 -13.06 -4.63
C ASP J 82 -3.44 -11.72 -4.95
N PHE J 83 -3.44 -11.32 -6.22
CA PHE J 83 -4.09 -10.09 -6.61
C PHE J 83 -5.56 -10.16 -6.21
N ALA J 84 -5.96 -9.23 -5.35
CA ALA J 84 -7.29 -9.42 -4.75
C ALA J 84 -7.65 -8.27 -3.82
N ILE J 85 -8.88 -8.26 -3.31
CA ILE J 85 -9.27 -7.34 -2.25
C ILE J 85 -9.35 -8.14 -0.96
N TYR J 86 -8.75 -7.61 0.10
CA TYR J 86 -8.73 -8.29 1.40
C TYR J 86 -9.61 -7.48 2.34
N TYR J 87 -10.49 -8.18 3.07
CA TYR J 87 -11.42 -7.56 4.01
C TYR J 87 -11.18 -8.12 5.40
N CYS J 88 -11.27 -7.28 6.41
CA CYS J 88 -11.34 -7.77 7.78
C CYS J 88 -12.79 -7.73 8.26
N GLN J 89 -13.06 -8.48 9.32
CA GLN J 89 -14.41 -8.58 9.86
C GLN J 89 -14.35 -8.87 11.35
N GLN J 90 -15.03 -8.04 12.16
CA GLN J 90 -15.08 -8.24 13.61
C GLN J 90 -16.11 -9.31 13.96
N SER J 91 -15.69 -10.26 14.80
CA SER J 91 -16.60 -11.31 15.27
C SER J 91 -16.99 -11.11 16.73
N TYR J 92 -16.82 -9.90 17.26
CA TYR J 92 -17.10 -9.68 18.68
C TYR J 92 -18.59 -9.44 18.94
N VAL J 93 -19.27 -8.65 18.11
CA VAL J 93 -20.69 -8.33 18.30
C VAL J 93 -21.51 -9.08 17.27
N SER J 94 -22.42 -9.92 17.74
CA SER J 94 -23.34 -10.67 16.90
C SER J 94 -24.77 -10.32 17.29
N PRO J 95 -25.74 -10.50 16.36
CA PRO J 95 -25.56 -11.06 15.02
C PRO J 95 -25.02 -10.04 14.04
N THR J 96 -24.74 -8.85 14.54
CA THR J 96 -24.40 -7.72 13.66
C THR J 96 -22.91 -7.69 13.33
N TYR J 97 -22.45 -8.73 12.64
CA TYR J 97 -21.06 -8.75 12.18
C TYR J 97 -20.85 -7.66 11.13
N THR J 98 -19.69 -7.01 11.18
CA THR J 98 -19.38 -5.92 10.25
C THR J 98 -18.03 -6.13 9.56
N PHE J 99 -17.95 -5.69 8.31
CA PHE J 99 -16.75 -5.90 7.51
C PHE J 99 -16.06 -4.56 7.27
N GLY J 100 -14.74 -4.62 7.11
CA GLY J 100 -13.98 -3.48 6.63
C GLY J 100 -14.25 -3.19 5.16
N PRO J 101 -13.79 -2.04 4.68
CA PRO J 101 -14.10 -1.63 3.30
C PRO J 101 -13.27 -2.32 2.24
N GLY J 102 -12.17 -2.96 2.61
CA GLY J 102 -11.33 -3.70 1.71
C GLY J 102 -10.04 -2.96 1.36
N THR J 103 -8.99 -3.74 1.09
CA THR J 103 -7.71 -3.22 0.62
C THR J 103 -7.41 -3.94 -0.68
N LYS J 104 -7.18 -3.18 -1.75
CA LYS J 104 -6.83 -3.79 -3.04
C LYS J 104 -5.32 -4.01 -3.14
N VAL J 105 -4.93 -5.24 -3.50
CA VAL J 105 -3.54 -5.63 -3.70
C VAL J 105 -3.35 -5.96 -5.18
N ASP J 106 -2.71 -5.03 -5.91
CA ASP J 106 -2.29 -5.13 -7.30
C ASP J 106 -0.84 -5.58 -7.40
N ILE J 107 -0.52 -6.26 -8.48
CA ILE J 107 0.81 -6.80 -8.71
C ILE J 107 1.58 -5.86 -9.63
N LYS J 108 2.80 -5.50 -9.22
CA LYS J 108 3.70 -4.79 -10.11
C LYS J 108 4.56 -5.79 -10.87
N ARG J 109 4.67 -5.62 -12.18
CA ARG J 109 5.42 -6.54 -13.03
C ARG J 109 6.11 -5.73 -14.12
N THR J 110 6.86 -6.43 -14.97
CA THR J 110 7.60 -5.76 -16.04
C THR J 110 6.65 -5.25 -17.13
N VAL J 111 7.14 -4.27 -17.89
CA VAL J 111 6.33 -3.73 -18.97
C VAL J 111 6.09 -4.80 -20.01
N ALA J 112 4.84 -4.94 -20.45
CA ALA J 112 4.44 -5.89 -21.47
C ALA J 112 3.57 -5.16 -22.49
N ALA J 113 4.02 -5.15 -23.75
CA ALA J 113 3.26 -4.46 -24.78
C ALA J 113 2.01 -5.26 -25.17
N PRO J 114 0.94 -4.59 -25.57
CA PRO J 114 -0.27 -5.31 -25.97
C PRO J 114 -0.11 -6.03 -27.29
N SER J 115 -0.81 -7.15 -27.42
CA SER J 115 -1.05 -7.73 -28.75
C SER J 115 -2.33 -7.10 -29.29
N VAL J 116 -2.29 -6.57 -30.51
CA VAL J 116 -3.41 -5.78 -31.03
C VAL J 116 -4.11 -6.56 -32.14
N PHE J 117 -5.43 -6.58 -32.07
CA PHE J 117 -6.28 -7.23 -33.07
C PHE J 117 -7.46 -6.34 -33.40
N ILE J 118 -7.98 -6.46 -34.62
CA ILE J 118 -9.16 -5.70 -35.02
C ILE J 118 -10.18 -6.66 -35.63
N PHE J 119 -11.46 -6.41 -35.36
CA PHE J 119 -12.56 -7.27 -35.75
C PHE J 119 -13.59 -6.45 -36.51
N PRO J 120 -13.90 -6.80 -37.75
CA PRO J 120 -14.98 -6.13 -38.48
C PRO J 120 -16.33 -6.62 -37.99
N PRO J 121 -17.41 -5.88 -38.28
CA PRO J 121 -18.74 -6.34 -37.86
C PRO J 121 -19.19 -7.58 -38.62
N SER J 122 -19.93 -8.45 -37.91
CA SER J 122 -20.48 -9.64 -38.53
C SER J 122 -21.56 -9.26 -39.52
N ASP J 123 -21.80 -10.11 -40.50
CA ASP J 123 -22.84 -9.81 -41.49
C ASP J 123 -24.23 -9.85 -40.87
N GLU J 124 -24.48 -10.77 -39.94
CA GLU J 124 -25.77 -10.85 -39.27
C GLU J 124 -26.12 -9.54 -38.57
N GLN J 125 -25.14 -8.95 -37.87
CA GLN J 125 -25.36 -7.67 -37.21
C GLN J 125 -25.67 -6.58 -38.23
N LEU J 126 -24.94 -6.57 -39.34
CA LEU J 126 -25.23 -5.58 -40.37
C LEU J 126 -26.65 -5.74 -40.88
N LYS J 127 -27.13 -6.99 -41.01
CA LYS J 127 -28.54 -7.22 -41.33
C LYS J 127 -29.45 -6.61 -40.28
N SER J 128 -29.03 -6.58 -39.03
CA SER J 128 -29.88 -5.94 -38.02
C SER J 128 -29.88 -4.42 -38.10
N GLY J 129 -28.96 -3.80 -38.84
CA GLY J 129 -28.93 -2.36 -39.05
C GLY J 129 -27.87 -1.58 -38.27
N THR J 130 -26.96 -2.25 -37.58
CA THR J 130 -25.91 -1.61 -36.80
C THR J 130 -24.60 -2.34 -37.03
N ALA J 131 -23.49 -1.61 -36.92
CA ALA J 131 -22.15 -2.14 -37.13
C ALA J 131 -21.31 -1.92 -35.88
N SER J 132 -20.68 -2.98 -35.39
CA SER J 132 -19.77 -2.90 -34.26
C SER J 132 -18.38 -3.31 -34.72
N VAL J 133 -17.41 -2.43 -34.53
CA VAL J 133 -16.00 -2.71 -34.83
C VAL J 133 -15.26 -2.82 -33.51
N VAL J 134 -14.48 -3.88 -33.34
CA VAL J 134 -13.86 -4.16 -32.05
C VAL J 134 -12.35 -4.15 -32.20
N CYS J 135 -11.67 -3.48 -31.27
CA CYS J 135 -10.22 -3.47 -31.19
C CYS J 135 -9.84 -4.12 -29.87
N LEU J 136 -8.94 -5.10 -29.93
CA LEU J 136 -8.52 -5.85 -28.76
C LEU J 136 -7.04 -5.61 -28.47
N LEU J 137 -6.74 -5.19 -27.24
CA LEU J 137 -5.38 -5.10 -26.75
C LEU J 137 -5.20 -6.19 -25.70
N ASN J 138 -4.32 -7.14 -25.98
CA ASN J 138 -4.24 -8.35 -25.18
C ASN J 138 -2.96 -8.42 -24.36
N ASN J 139 -3.13 -8.66 -23.05
CA ASN J 139 -2.07 -9.05 -22.12
C ASN J 139 -0.92 -8.05 -22.11
N PHE J 140 -1.22 -6.85 -21.59
CA PHE J 140 -0.24 -5.77 -21.49
C PHE J 140 -0.10 -5.31 -20.06
N TYR J 141 1.01 -4.62 -19.79
CA TYR J 141 1.24 -3.99 -18.50
C TYR J 141 2.22 -2.85 -18.67
N PRO J 142 2.01 -1.68 -18.04
CA PRO J 142 0.94 -1.34 -17.09
C PRO J 142 -0.39 -1.08 -17.76
N ARG J 143 -1.38 -0.74 -16.93
CA ARG J 143 -2.75 -0.65 -17.39
C ARG J 143 -3.00 0.54 -18.31
N GLU J 144 -2.18 1.59 -18.21
CA GLU J 144 -2.43 2.79 -19.01
C GLU J 144 -2.23 2.48 -20.48
N ALA J 145 -3.25 2.73 -21.29
CA ALA J 145 -3.17 2.52 -22.73
C ALA J 145 -4.16 3.45 -23.42
N LYS J 146 -3.84 3.87 -24.63
CA LYS J 146 -4.71 4.75 -25.41
C LYS J 146 -5.03 4.11 -26.76
N VAL J 147 -6.29 4.07 -27.13
CA VAL J 147 -6.67 3.58 -28.46
C VAL J 147 -7.49 4.64 -29.15
N GLN J 148 -7.19 4.87 -30.43
CA GLN J 148 -7.87 5.87 -31.22
C GLN J 148 -8.37 5.23 -32.51
N TRP J 149 -9.63 5.52 -32.85
CA TRP J 149 -10.25 4.98 -34.05
C TRP J 149 -10.11 5.95 -35.21
N LYS J 150 -9.83 5.42 -36.40
CA LYS J 150 -9.80 6.21 -37.62
C LYS J 150 -10.66 5.53 -38.68
N VAL J 151 -11.62 6.28 -39.21
CA VAL J 151 -12.45 5.85 -40.33
C VAL J 151 -12.04 6.66 -41.55
N ASP J 152 -11.49 5.99 -42.57
CA ASP J 152 -10.89 6.67 -43.73
C ASP J 152 -9.92 7.75 -43.27
N ASN J 153 -9.12 7.40 -42.26
CA ASN J 153 -8.13 8.30 -41.65
C ASN J 153 -8.79 9.54 -41.04
N ALA J 154 -10.07 9.44 -40.66
CA ALA J 154 -10.74 10.46 -39.87
C ALA J 154 -10.90 9.99 -38.43
N LEU J 155 -10.35 10.76 -37.50
CA LEU J 155 -10.42 10.39 -36.09
C LEU J 155 -11.85 10.44 -35.57
N GLN J 156 -12.19 9.46 -34.74
CA GLN J 156 -13.52 9.30 -34.18
C GLN J 156 -13.58 9.78 -32.74
N SER J 157 -14.73 10.31 -32.35
CA SER J 157 -14.99 10.70 -30.97
C SER J 157 -16.43 10.42 -30.59
N GLY J 158 -16.64 9.98 -29.34
CA GLY J 158 -17.96 9.81 -28.79
C GLY J 158 -18.74 8.61 -29.29
N ASN J 159 -18.18 7.79 -30.16
CA ASN J 159 -18.88 6.63 -30.69
C ASN J 159 -18.17 5.32 -30.34
N SER J 160 -17.42 5.32 -29.24
CA SER J 160 -16.68 4.15 -28.81
C SER J 160 -16.75 4.00 -27.30
N GLN J 161 -16.69 2.75 -26.85
CA GLN J 161 -16.66 2.42 -25.43
C GLN J 161 -15.58 1.38 -25.15
N GLU J 162 -14.86 1.53 -24.04
CA GLU J 162 -13.77 0.62 -23.71
C GLU J 162 -14.12 -0.16 -22.45
N SER J 163 -13.54 -1.36 -22.35
CA SER J 163 -13.66 -2.19 -21.16
C SER J 163 -12.31 -2.83 -20.88
N VAL J 164 -11.94 -2.94 -19.59
CA VAL J 164 -10.63 -3.45 -19.18
C VAL J 164 -10.83 -4.59 -18.19
N THR J 165 -10.08 -5.68 -18.38
CA THR J 165 -10.17 -6.79 -17.45
C THR J 165 -9.45 -6.47 -16.15
N GLU J 166 -9.84 -7.18 -15.10
CA GLU J 166 -9.04 -7.19 -13.89
C GLU J 166 -7.72 -7.90 -14.14
N GLN J 167 -6.76 -7.63 -13.28
CA GLN J 167 -5.42 -8.18 -13.45
C GLN J 167 -5.48 -9.71 -13.51
N ASP J 168 -4.75 -10.30 -14.46
CA ASP J 168 -4.70 -11.75 -14.61
C ASP J 168 -3.95 -12.41 -13.47
N SER J 169 -4.52 -13.50 -12.94
CA SER J 169 -3.93 -14.10 -11.75
C SER J 169 -2.67 -14.90 -12.06
N LYS J 170 -2.45 -15.25 -13.32
CA LYS J 170 -1.24 -16.00 -13.69
C LYS J 170 -0.12 -15.05 -14.11
N ASP J 171 -0.35 -14.17 -15.09
CA ASP J 171 0.74 -13.33 -15.60
C ASP J 171 0.63 -11.86 -15.21
N SER J 172 -0.40 -11.47 -14.46
CA SER J 172 -0.54 -10.14 -13.90
C SER J 172 -0.68 -9.07 -14.96
N THR J 173 -1.16 -9.41 -16.16
CA THR J 173 -1.34 -8.41 -17.20
C THR J 173 -2.80 -7.97 -17.26
N TYR J 174 -3.06 -7.00 -18.13
CA TYR J 174 -4.40 -6.50 -18.40
C TYR J 174 -4.71 -6.70 -19.88
N SER J 175 -6.01 -6.76 -20.18
CA SER J 175 -6.50 -6.76 -21.55
C SER J 175 -7.62 -5.74 -21.64
N LEU J 176 -7.80 -5.20 -22.84
CA LEU J 176 -8.72 -4.09 -23.08
C LEU J 176 -9.45 -4.30 -24.40
N SER J 177 -10.74 -3.99 -24.41
CA SER J 177 -11.51 -3.94 -25.64
C SER J 177 -12.04 -2.51 -25.87
N SER J 178 -12.02 -2.09 -27.13
CA SER J 178 -12.66 -0.86 -27.56
C SER J 178 -13.68 -1.22 -28.63
N THR J 179 -14.92 -0.77 -28.46
CA THR J 179 -16.01 -1.05 -29.40
C THR J 179 -16.51 0.24 -30.02
N LEU J 180 -16.34 0.35 -31.34
CA LEU J 180 -16.86 1.44 -32.15
C LEU J 180 -18.22 1.06 -32.68
N THR J 181 -19.21 1.92 -32.47
CA THR J 181 -20.57 1.65 -32.91
C THR J 181 -20.98 2.63 -33.99
N LEU J 182 -21.40 2.11 -35.14
CA LEU J 182 -21.84 2.91 -36.26
C LEU J 182 -23.19 2.41 -36.74
N SER J 183 -23.96 3.29 -37.36
CA SER J 183 -25.12 2.83 -38.10
C SER J 183 -24.66 2.07 -39.34
N LYS J 184 -25.45 1.08 -39.77
CA LYS J 184 -25.11 0.35 -40.98
C LYS J 184 -24.86 1.30 -42.15
N ALA J 185 -25.63 2.38 -42.22
CA ALA J 185 -25.46 3.37 -43.27
C ALA J 185 -24.08 4.04 -43.17
N ASP J 186 -23.74 4.54 -42.00
CA ASP J 186 -22.43 5.17 -41.81
C ASP J 186 -21.31 4.18 -42.09
N TYR J 187 -21.49 2.92 -41.66
CA TYR J 187 -20.46 1.92 -41.87
C TYR J 187 -20.26 1.67 -43.36
N GLU J 188 -21.34 1.68 -44.13
CA GLU J 188 -21.22 1.43 -45.55
C GLU J 188 -20.77 2.65 -46.34
N LYS J 189 -20.72 3.83 -45.72
CA LYS J 189 -20.19 5.00 -46.44
C LYS J 189 -18.66 4.99 -46.57
N HIS J 190 -17.92 4.24 -45.74
CA HIS J 190 -16.46 4.34 -45.70
C HIS J 190 -15.80 2.96 -45.89
N LYS J 191 -14.48 3.00 -46.09
CA LYS J 191 -13.71 1.81 -46.48
C LYS J 191 -12.66 1.40 -45.45
N VAL J 192 -11.84 2.33 -44.96
CA VAL J 192 -10.72 1.99 -44.07
C VAL J 192 -11.16 2.14 -42.62
N TYR J 193 -11.00 1.08 -41.84
CA TYR J 193 -11.31 1.09 -40.41
C TYR J 193 -10.06 0.68 -39.68
N ALA J 194 -9.55 1.54 -38.79
CA ALA J 194 -8.29 1.29 -38.12
C ALA J 194 -8.37 1.70 -36.65
N CYS J 195 -7.65 0.96 -35.80
CA CYS J 195 -7.41 1.41 -34.44
C CYS J 195 -5.91 1.52 -34.22
N GLU J 196 -5.50 2.66 -33.66
CA GLU J 196 -4.13 3.02 -33.39
C GLU J 196 -3.93 2.95 -31.88
N VAL J 197 -2.93 2.20 -31.44
CA VAL J 197 -2.74 1.83 -30.04
C VAL J 197 -1.42 2.44 -29.57
N THR J 198 -1.50 3.16 -28.45
CA THR J 198 -0.34 3.71 -27.77
C THR J 198 -0.21 3.05 -26.40
N HIS J 199 0.97 2.51 -26.12
CA HIS J 199 1.27 1.89 -24.85
C HIS J 199 2.75 2.02 -24.58
N GLN J 200 3.11 2.11 -23.30
CA GLN J 200 4.50 2.37 -22.93
C GLN J 200 5.43 1.25 -23.39
N GLY J 201 4.91 0.04 -23.62
CA GLY J 201 5.74 -1.04 -24.10
C GLY J 201 6.02 -1.04 -25.58
N LEU J 202 5.51 -0.06 -26.33
CA LEU J 202 5.72 0.02 -27.77
C LEU J 202 6.56 1.24 -28.11
N SER J 203 7.56 1.04 -28.98
CA SER J 203 8.43 2.15 -29.39
C SER J 203 7.68 3.19 -30.21
N SER J 204 6.58 2.81 -30.84
CA SER J 204 5.79 3.70 -31.69
C SER J 204 4.39 3.14 -31.77
N PRO J 205 3.37 3.99 -31.95
CA PRO J 205 1.99 3.51 -32.00
C PRO J 205 1.80 2.39 -33.01
N VAL J 206 0.94 1.42 -32.67
CA VAL J 206 0.67 0.26 -33.52
C VAL J 206 -0.75 0.38 -34.05
N THR J 207 -0.90 0.33 -35.37
CA THR J 207 -2.21 0.42 -35.99
C THR J 207 -2.59 -0.91 -36.62
N LYS J 208 -3.79 -1.37 -36.33
CA LYS J 208 -4.40 -2.51 -37.03
C LYS J 208 -5.62 -1.99 -37.79
N SER J 209 -5.71 -2.34 -39.08
CA SER J 209 -6.75 -1.80 -39.94
C SER J 209 -7.29 -2.89 -40.86
N PHE J 210 -8.42 -2.58 -41.49
CA PHE J 210 -9.01 -3.43 -42.51
C PHE J 210 -9.85 -2.58 -43.46
N ASN J 211 -10.01 -3.08 -44.69
CA ASN J 211 -10.91 -2.51 -45.66
C ASN J 211 -12.25 -3.21 -45.64
N ARG J 212 -13.32 -2.44 -45.88
CA ARG J 212 -14.68 -2.91 -45.62
C ARG J 212 -14.97 -4.24 -46.30
N GLY J 213 -14.70 -4.35 -47.58
CA GLY J 213 -15.09 -5.53 -48.31
C GLY J 213 -13.99 -6.51 -48.65
N GLU J 214 -12.81 -6.39 -48.05
CA GLU J 214 -11.69 -7.28 -48.35
C GLU J 214 -11.46 -8.27 -47.20
N CYS J 215 -10.86 -9.41 -47.54
CA CYS J 215 -10.54 -10.45 -46.55
C CYS J 215 -9.05 -10.81 -46.57
N PRO K 35 43.51 7.62 30.34
CA PRO K 35 44.10 6.64 29.44
C PRO K 35 45.50 7.06 29.00
N ASN K 36 46.52 6.76 29.81
CA ASN K 36 47.89 7.17 29.52
C ASN K 36 48.43 6.35 28.34
N ILE K 37 48.39 6.93 27.15
CA ILE K 37 48.90 6.28 25.95
C ILE K 37 49.74 7.30 25.18
N THR K 38 50.94 6.87 24.77
CA THR K 38 51.80 7.69 23.93
C THR K 38 52.47 6.89 22.81
N ASN K 39 52.46 5.56 22.85
CA ASN K 39 53.00 4.75 21.77
C ASN K 39 51.99 4.61 20.64
N LEU K 40 52.47 4.71 19.41
CA LEU K 40 51.60 4.56 18.25
C LEU K 40 51.38 3.09 17.94
N CYS K 41 50.15 2.76 17.53
CA CYS K 41 49.83 1.38 17.20
C CYS K 41 50.66 0.94 15.98
N PRO K 42 51.15 -0.31 15.97
CA PRO K 42 52.12 -0.75 14.95
C PRO K 42 51.47 -1.14 13.63
N PHE K 43 50.68 -0.22 13.06
CA PHE K 43 49.99 -0.53 11.81
C PHE K 43 50.95 -0.85 10.67
N GLY K 44 52.06 -0.11 10.59
CA GLY K 44 53.06 -0.41 9.59
C GLY K 44 53.64 -1.81 9.71
N GLU K 45 53.74 -2.33 10.93
CA GLU K 45 54.28 -3.67 11.05
C GLU K 45 53.35 -4.67 10.40
N VAL K 46 52.05 -4.40 10.42
CA VAL K 46 51.07 -5.28 9.82
C VAL K 46 51.02 -5.09 8.31
N PHE K 47 50.74 -3.86 7.87
CA PHE K 47 50.58 -3.60 6.45
C PHE K 47 51.87 -3.79 5.66
N ASN K 48 53.01 -3.45 6.23
CA ASN K 48 54.26 -3.46 5.48
C ASN K 48 55.16 -4.68 5.78
N ALA K 49 54.61 -5.74 6.35
CA ALA K 49 55.38 -6.97 6.55
C ALA K 49 55.82 -7.54 5.22
N THR K 50 57.01 -8.17 5.22
CA THR K 50 57.48 -8.85 4.01
C THR K 50 56.64 -10.09 3.71
N ARG K 51 56.20 -10.81 4.73
CA ARG K 51 55.57 -12.11 4.55
C ARG K 51 54.16 -12.08 5.10
N PHE K 52 53.20 -12.56 4.31
CA PHE K 52 51.83 -12.73 4.75
C PHE K 52 51.50 -14.22 4.84
N ALA K 53 50.56 -14.54 5.73
CA ALA K 53 50.19 -15.93 5.94
C ALA K 53 49.20 -16.42 4.88
N SER K 54 49.23 -17.72 4.61
CA SER K 54 48.16 -18.34 3.84
C SER K 54 46.83 -18.18 4.58
N VAL K 55 45.75 -17.99 3.81
CA VAL K 55 44.46 -17.68 4.41
C VAL K 55 44.00 -18.78 5.37
N TYR K 56 44.35 -20.05 5.11
CA TYR K 56 43.89 -21.10 6.03
C TYR K 56 44.63 -21.05 7.36
N ALA K 57 45.89 -20.61 7.36
CA ALA K 57 46.60 -20.38 8.60
C ALA K 57 46.74 -18.88 8.88
N TRP K 58 45.64 -18.14 8.78
CA TRP K 58 45.70 -16.68 8.79
C TRP K 58 46.33 -16.15 10.06
N ASN K 59 47.09 -15.05 9.92
CA ASN K 59 47.84 -14.47 11.03
C ASN K 59 46.98 -13.51 11.86
N ARG K 60 47.22 -13.50 13.17
CA ARG K 60 46.57 -12.55 14.08
C ARG K 60 47.60 -11.87 14.96
N LYS K 61 47.59 -10.53 14.97
CA LYS K 61 48.37 -9.70 15.88
C LYS K 61 47.42 -8.94 16.78
N ARG K 62 47.69 -8.92 18.08
CA ARG K 62 46.88 -8.17 19.03
C ARG K 62 47.49 -6.79 19.23
N ILE K 63 46.69 -5.75 19.02
CA ILE K 63 47.11 -4.37 19.18
C ILE K 63 46.35 -3.81 20.38
N SER K 64 47.09 -3.32 21.36
CA SER K 64 46.49 -2.76 22.56
C SER K 64 47.41 -1.67 23.10
N ASN K 65 46.88 -0.88 24.04
CA ASN K 65 47.66 0.11 24.77
C ASN K 65 48.41 1.07 23.84
N CYS K 66 47.69 1.64 22.88
CA CYS K 66 48.36 2.55 21.97
C CYS K 66 47.39 3.53 21.32
N VAL K 67 47.98 4.58 20.77
CA VAL K 67 47.27 5.55 19.96
C VAL K 67 47.28 5.05 18.52
N ALA K 68 46.11 4.96 17.92
CA ALA K 68 45.95 4.46 16.57
C ALA K 68 45.83 5.64 15.62
N ASP K 69 46.90 5.92 14.88
CA ASP K 69 46.91 6.97 13.87
C ASP K 69 46.49 6.38 12.53
N TYR K 70 45.19 6.41 12.26
CA TYR K 70 44.64 5.84 11.04
C TYR K 70 44.95 6.67 9.81
N SER K 71 45.55 7.84 9.96
CA SER K 71 45.79 8.70 8.81
C SER K 71 46.73 8.05 7.80
N VAL K 72 47.66 7.20 8.25
CA VAL K 72 48.56 6.54 7.30
C VAL K 72 47.80 5.57 6.41
N LEU K 73 46.58 5.20 6.80
CA LEU K 73 45.73 4.36 5.97
C LEU K 73 44.88 5.17 4.98
N TYR K 74 44.61 6.44 5.27
CA TYR K 74 43.77 7.29 4.43
C TYR K 74 44.47 7.62 3.10
N ASN K 75 43.66 7.73 2.05
CA ASN K 75 44.07 8.16 0.68
C ASN K 75 45.25 7.37 0.12
N SER K 76 45.23 6.06 0.32
CA SER K 76 46.29 5.20 -0.17
C SER K 76 46.12 4.96 -1.66
N ALA K 77 47.22 5.09 -2.41
CA ALA K 77 47.20 4.70 -3.80
C ALA K 77 47.23 3.18 -3.98
N SER K 78 47.39 2.43 -2.90
CA SER K 78 47.52 0.99 -2.99
C SER K 78 46.22 0.24 -2.72
N PHE K 79 45.43 0.70 -1.78
CA PHE K 79 44.28 -0.09 -1.32
C PHE K 79 43.21 -0.11 -2.39
N SER K 80 42.90 -1.32 -2.87
CA SER K 80 41.74 -1.56 -3.71
C SER K 80 40.48 -1.83 -2.89
N THR K 81 40.59 -2.14 -1.59
CA THR K 81 39.39 -2.26 -0.76
C THR K 81 39.63 -1.60 0.58
N PHE K 82 38.71 -0.71 0.97
CA PHE K 82 38.68 -0.11 2.30
C PHE K 82 37.20 -0.02 2.70
N LYS K 83 36.72 -1.01 3.46
CA LYS K 83 35.33 -1.01 3.90
C LYS K 83 35.29 -1.20 5.41
N CYS K 84 34.49 -0.40 6.10
CA CYS K 84 34.31 -0.60 7.53
C CYS K 84 32.87 -1.02 7.84
N TYR K 85 32.70 -1.59 9.03
CA TYR K 85 31.50 -2.28 9.47
C TYR K 85 31.19 -1.88 10.90
N GLY K 86 30.03 -1.27 11.12
CA GLY K 86 29.61 -0.83 12.42
C GLY K 86 30.07 0.57 12.80
N VAL K 87 31.24 0.99 12.31
CA VAL K 87 31.77 2.33 12.54
C VAL K 87 32.11 2.94 11.19
N SER K 88 32.15 4.28 11.15
CA SER K 88 32.53 4.93 9.90
C SER K 88 34.05 5.16 9.85
N PRO K 89 34.69 4.97 8.69
CA PRO K 89 36.14 5.27 8.62
C PRO K 89 36.44 6.72 9.03
N THR K 90 35.61 7.66 8.60
CA THR K 90 35.82 9.07 8.93
C THR K 90 35.89 9.33 10.43
N LYS K 91 35.30 8.47 11.26
CA LYS K 91 35.26 8.69 12.71
C LYS K 91 36.32 7.89 13.47
N LEU K 92 37.19 7.18 12.77
CA LEU K 92 38.10 6.25 13.45
C LEU K 92 39.04 6.96 14.43
N ASN K 93 39.39 8.23 14.17
CA ASN K 93 40.31 8.91 15.10
C ASN K 93 39.62 9.39 16.36
N ASP K 94 38.29 9.32 16.42
CA ASP K 94 37.53 9.76 17.58
C ASP K 94 37.07 8.60 18.43
N LEU K 95 37.50 7.39 18.13
CA LEU K 95 36.96 6.18 18.74
C LEU K 95 37.99 5.53 19.65
N CYS K 96 37.51 4.87 20.70
CA CYS K 96 38.35 4.12 21.61
C CYS K 96 37.86 2.69 21.64
N PHE K 97 38.78 1.74 21.79
CA PHE K 97 38.41 0.34 21.85
C PHE K 97 39.18 -0.37 22.94
N THR K 98 38.61 -1.46 23.44
CA THR K 98 39.34 -2.25 24.43
C THR K 98 40.55 -2.91 23.80
N ASN K 99 40.37 -3.50 22.61
CA ASN K 99 41.49 -4.09 21.89
C ASN K 99 41.25 -3.93 20.40
N VAL K 100 42.32 -4.00 19.61
CA VAL K 100 42.21 -4.09 18.17
C VAL K 100 42.96 -5.34 17.72
N TYR K 101 42.41 -6.07 16.76
CA TYR K 101 43.02 -7.29 16.27
C TYR K 101 43.31 -7.13 14.80
N ALA K 102 44.52 -7.47 14.38
CA ALA K 102 44.94 -7.30 12.99
C ALA K 102 45.14 -8.69 12.42
N ASP K 103 44.17 -9.15 11.63
CA ASP K 103 44.28 -10.43 10.96
C ASP K 103 44.78 -10.18 9.53
N SER K 104 45.73 -10.98 9.09
CA SER K 104 46.22 -10.72 7.74
C SER K 104 46.53 -12.04 7.04
N PHE K 105 46.40 -12.00 5.71
CA PHE K 105 46.54 -13.17 4.85
C PHE K 105 46.48 -12.79 3.38
N VAL K 106 46.67 -13.77 2.50
CA VAL K 106 46.64 -13.55 1.05
C VAL K 106 45.56 -14.43 0.45
N ILE K 107 44.76 -13.86 -0.47
CA ILE K 107 43.81 -14.66 -1.25
C ILE K 107 43.88 -14.23 -2.70
N ARG K 108 42.96 -14.69 -3.55
CA ARG K 108 42.93 -14.08 -4.87
C ARG K 108 41.89 -12.97 -4.92
N GLY K 109 42.07 -12.08 -5.91
CA GLY K 109 41.24 -10.89 -6.00
C GLY K 109 39.76 -11.19 -5.98
N ASP K 110 39.33 -12.19 -6.78
CA ASP K 110 37.93 -12.57 -6.83
C ASP K 110 37.36 -12.94 -5.47
N GLU K 111 38.22 -13.25 -4.50
CA GLU K 111 37.77 -13.70 -3.20
C GLU K 111 37.73 -12.58 -2.17
N VAL K 112 38.22 -11.38 -2.51
CA VAL K 112 38.21 -10.30 -1.53
C VAL K 112 36.80 -10.00 -1.04
N ARG K 113 35.81 -10.10 -1.94
CA ARG K 113 34.40 -9.89 -1.58
C ARG K 113 33.94 -10.81 -0.46
N GLN K 114 34.58 -11.97 -0.28
CA GLN K 114 34.20 -12.89 0.79
C GLN K 114 34.68 -12.43 2.16
N ILE K 115 35.62 -11.50 2.22
CA ILE K 115 36.12 -11.04 3.53
C ILE K 115 35.18 -9.97 4.04
N ALA K 116 33.97 -10.37 4.41
CA ALA K 116 32.94 -9.46 4.87
C ALA K 116 31.89 -10.28 5.61
N PRO K 117 31.12 -9.66 6.50
CA PRO K 117 30.03 -10.39 7.16
C PRO K 117 29.02 -10.88 6.14
N GLY K 118 28.38 -11.99 6.45
CA GLY K 118 27.29 -12.47 5.61
C GLY K 118 27.71 -13.13 4.31
N GLN K 119 28.99 -13.28 4.05
CA GLN K 119 29.45 -13.84 2.78
C GLN K 119 29.53 -15.35 2.84
N THR K 120 29.50 -15.97 1.65
CA THR K 120 29.71 -17.39 1.48
C THR K 120 30.72 -17.63 0.36
N GLY K 121 31.32 -18.83 0.39
CA GLY K 121 32.35 -19.20 -0.57
C GLY K 121 33.41 -20.05 0.12
N ASN K 122 34.41 -20.54 -0.63
CA ASN K 122 35.44 -21.39 -0.02
C ASN K 122 36.15 -20.67 1.11
N ILE K 123 36.45 -19.38 0.92
CA ILE K 123 37.18 -18.62 1.94
C ILE K 123 36.32 -18.42 3.18
N ALA K 124 35.10 -17.91 2.99
CA ALA K 124 34.25 -17.63 4.14
C ALA K 124 33.85 -18.90 4.85
N ASP K 125 33.53 -19.96 4.11
CA ASP K 125 33.05 -21.19 4.72
C ASP K 125 34.19 -21.97 5.39
N TYR K 126 35.35 -22.06 4.75
CA TYR K 126 36.39 -22.98 5.20
C TYR K 126 37.69 -22.32 5.66
N ASN K 127 37.83 -21.00 5.52
CA ASN K 127 39.15 -20.40 5.77
C ASN K 127 39.14 -19.26 6.78
N TYR K 128 38.36 -18.23 6.52
CA TYR K 128 38.31 -17.07 7.40
C TYR K 128 36.88 -16.54 7.42
N LYS K 129 36.25 -16.56 8.59
CA LYS K 129 34.83 -16.26 8.75
C LYS K 129 34.67 -15.05 9.65
N LEU K 130 33.98 -13.94 9.12
CA LEU K 130 33.67 -12.81 9.99
C LEU K 130 32.28 -12.95 10.59
N PRO K 131 32.03 -12.48 11.81
CA PRO K 131 30.70 -12.65 12.40
C PRO K 131 29.68 -11.69 11.77
N ASP K 132 28.40 -12.02 11.96
CA ASP K 132 27.33 -11.20 11.40
C ASP K 132 27.33 -9.80 12.01
N ASP K 133 27.68 -9.70 13.29
CA ASP K 133 27.73 -8.41 13.96
C ASP K 133 29.15 -7.83 13.98
N PHE K 134 29.88 -8.00 12.88
CA PHE K 134 31.28 -7.60 12.84
C PHE K 134 31.44 -6.09 12.97
N THR K 135 32.36 -5.67 13.84
CA THR K 135 32.76 -4.27 14.00
C THR K 135 34.24 -4.18 13.65
N GLY K 136 34.55 -3.53 12.54
CA GLY K 136 35.94 -3.37 12.15
C GLY K 136 36.05 -3.03 10.67
N CYS K 137 37.28 -3.00 10.19
CA CYS K 137 37.54 -2.68 8.79
C CYS K 137 38.26 -3.79 8.08
N VAL K 138 38.07 -3.83 6.76
CA VAL K 138 38.67 -4.79 5.84
C VAL K 138 39.38 -3.98 4.77
N ILE K 139 40.69 -4.16 4.66
CA ILE K 139 41.53 -3.46 3.71
C ILE K 139 42.24 -4.51 2.87
N ALA K 140 42.43 -4.19 1.58
CA ALA K 140 43.11 -5.12 0.68
C ALA K 140 43.79 -4.37 -0.46
N TRP K 141 44.92 -4.91 -0.91
CA TRP K 141 45.64 -4.36 -2.04
C TRP K 141 46.26 -5.49 -2.87
N ASN K 142 46.39 -5.23 -4.17
CA ASN K 142 46.99 -6.19 -5.08
C ASN K 142 48.47 -6.40 -4.80
N SER K 143 48.87 -7.65 -4.61
CA SER K 143 50.25 -7.95 -4.29
C SER K 143 50.92 -8.81 -5.36
N ASN K 144 50.49 -8.65 -6.62
CA ASN K 144 51.07 -9.42 -7.72
C ASN K 144 52.59 -9.25 -7.76
N ASN K 145 53.07 -8.03 -7.59
CA ASN K 145 54.51 -7.75 -7.62
C ASN K 145 55.29 -8.47 -6.53
N LEU K 146 54.66 -8.87 -5.41
CA LEU K 146 55.39 -9.54 -4.34
C LEU K 146 55.12 -11.03 -4.25
N ASP K 147 53.93 -11.48 -4.62
CA ASP K 147 53.49 -12.82 -4.28
C ASP K 147 53.34 -13.73 -5.48
N SER K 148 53.66 -13.25 -6.68
CA SER K 148 53.66 -14.07 -7.88
C SER K 148 55.08 -14.45 -8.26
N LYS K 149 55.20 -15.54 -9.00
CA LYS K 149 56.49 -16.02 -9.47
C LYS K 149 56.23 -16.71 -10.79
N VAL K 150 57.01 -16.33 -11.79
CA VAL K 150 56.98 -17.04 -13.06
C VAL K 150 57.22 -18.50 -12.76
N GLY K 151 56.32 -19.35 -13.26
CA GLY K 151 56.33 -20.75 -12.94
C GLY K 151 55.37 -21.12 -11.83
N GLY K 152 55.01 -20.17 -10.98
CA GLY K 152 54.02 -20.40 -9.96
C GLY K 152 54.54 -20.36 -8.53
N ASN K 153 53.99 -19.48 -7.71
CA ASN K 153 54.33 -19.47 -6.29
C ASN K 153 53.34 -20.38 -5.58
N TYR K 154 53.80 -21.56 -5.20
CA TYR K 154 52.89 -22.55 -4.62
C TYR K 154 52.89 -22.52 -3.09
N ASN K 155 53.46 -21.50 -2.47
CA ASN K 155 53.53 -21.47 -1.01
C ASN K 155 52.24 -20.97 -0.35
N TYR K 156 51.37 -20.33 -1.11
CA TYR K 156 50.11 -19.81 -0.57
C TYR K 156 49.02 -20.86 -0.78
N LEU K 157 48.46 -21.37 0.32
CA LEU K 157 47.41 -22.38 0.27
C LEU K 157 46.07 -21.83 0.76
N TYR K 158 45.00 -22.56 0.42
CA TYR K 158 43.67 -22.34 0.98
C TYR K 158 43.00 -23.69 1.20
N ARG K 159 42.10 -23.75 2.17
CA ARG K 159 41.37 -24.99 2.41
C ARG K 159 40.21 -25.06 1.41
N LEU K 160 40.04 -26.21 0.79
CA LEU K 160 39.00 -26.42 -0.21
C LEU K 160 37.84 -27.27 0.27
N PHE K 161 38.10 -28.24 1.12
CA PHE K 161 37.08 -29.14 1.65
C PHE K 161 37.07 -29.06 3.17
N ARG K 162 35.88 -29.15 3.76
CA ARG K 162 35.75 -29.24 5.20
C ARG K 162 34.36 -29.76 5.55
N LYS K 163 34.30 -30.52 6.64
CA LYS K 163 33.07 -31.20 7.03
C LYS K 163 31.97 -30.20 7.37
N SER K 164 32.34 -29.03 7.83
CA SER K 164 31.36 -28.03 8.23
C SER K 164 32.00 -26.67 8.07
N ASN K 165 31.17 -25.63 8.10
CA ASN K 165 31.68 -24.27 7.95
C ASN K 165 32.36 -23.80 9.24
N LEU K 166 33.24 -22.82 9.09
CA LEU K 166 33.94 -22.25 10.24
C LEU K 166 33.02 -21.38 11.08
N LYS K 167 33.20 -21.43 12.39
CA LYS K 167 32.65 -20.42 13.25
C LYS K 167 33.42 -19.12 13.05
N PRO K 168 32.81 -17.97 13.34
CA PRO K 168 33.52 -16.70 13.15
C PRO K 168 34.83 -16.72 13.91
N PHE K 169 35.88 -16.23 13.24
CA PHE K 169 37.23 -16.12 13.79
C PHE K 169 37.86 -17.47 14.15
N GLU K 170 37.28 -18.58 13.70
CA GLU K 170 37.89 -19.88 13.87
C GLU K 170 39.02 -20.05 12.87
N ARG K 171 40.01 -20.88 13.23
CA ARG K 171 41.11 -21.17 12.32
C ARG K 171 41.33 -22.68 12.30
N ASP K 172 41.39 -23.26 11.11
CA ASP K 172 41.59 -24.69 10.92
C ASP K 172 42.88 -24.90 10.13
N ILE K 173 43.88 -25.47 10.79
CA ILE K 173 45.16 -25.74 10.16
C ILE K 173 45.41 -27.24 10.01
N SER K 174 44.38 -28.07 10.17
CA SER K 174 44.57 -29.50 10.04
C SER K 174 44.91 -29.87 8.59
N THR K 175 45.56 -31.02 8.44
CA THR K 175 45.80 -31.63 7.13
C THR K 175 45.23 -33.04 7.10
N GLU K 176 44.10 -33.25 7.77
CA GLU K 176 43.43 -34.54 7.74
C GLU K 176 42.81 -34.76 6.36
N ILE K 177 42.97 -35.95 5.81
CA ILE K 177 42.40 -36.25 4.50
C ILE K 177 40.88 -36.14 4.56
N TYR K 178 40.31 -35.36 3.66
CA TYR K 178 38.86 -35.21 3.65
C TYR K 178 38.20 -36.48 3.11
N GLN K 179 37.21 -36.99 3.84
CA GLN K 179 36.52 -38.22 3.44
C GLN K 179 35.21 -37.86 2.76
N ALA K 180 35.15 -38.09 1.45
CA ALA K 180 34.00 -37.73 0.63
C ALA K 180 33.05 -38.88 0.40
N GLY K 181 33.41 -40.09 0.83
CA GLY K 181 32.54 -41.23 0.65
C GLY K 181 32.39 -42.03 1.93
N SER K 182 31.70 -43.16 1.80
CA SER K 182 31.56 -44.11 2.89
C SER K 182 32.87 -44.82 3.21
N THR K 183 33.82 -44.80 2.31
CA THR K 183 35.06 -45.52 2.54
C THR K 183 36.00 -44.69 3.41
N PRO K 184 36.52 -45.25 4.49
CA PRO K 184 37.52 -44.53 5.28
C PRO K 184 38.76 -44.26 4.44
N CYS K 185 39.40 -43.12 4.71
CA CYS K 185 40.58 -42.73 3.95
C CYS K 185 41.89 -43.27 4.50
N ASN K 186 41.91 -43.66 5.78
CA ASN K 186 43.11 -44.19 6.44
C ASN K 186 44.34 -43.32 6.19
N GLY K 187 44.15 -41.99 6.20
CA GLY K 187 45.23 -41.05 6.05
C GLY K 187 45.85 -40.94 4.67
N VAL K 188 45.31 -41.61 3.65
CA VAL K 188 45.90 -41.64 2.32
C VAL K 188 44.93 -41.02 1.33
N LYS K 189 45.44 -40.17 0.44
CA LYS K 189 44.63 -39.62 -0.62
C LYS K 189 44.25 -40.71 -1.62
N GLY K 190 43.09 -40.56 -2.25
CA GLY K 190 42.61 -41.55 -3.20
C GLY K 190 41.22 -41.30 -3.70
N PHE K 191 40.51 -42.36 -4.05
CA PHE K 191 39.13 -42.21 -4.50
C PHE K 191 38.28 -41.68 -3.37
N ASN K 192 37.59 -40.56 -3.60
CA ASN K 192 36.73 -39.94 -2.59
C ASN K 192 37.51 -39.58 -1.32
N CYS K 193 38.82 -39.39 -1.46
CA CYS K 193 39.72 -39.13 -0.32
C CYS K 193 40.73 -38.06 -0.75
N TYR K 194 40.46 -36.80 -0.39
CA TYR K 194 41.20 -35.67 -0.90
C TYR K 194 42.03 -34.99 0.18
N PHE K 195 43.24 -34.62 -0.17
CA PHE K 195 44.01 -33.73 0.68
C PHE K 195 43.34 -32.37 0.69
N PRO K 196 43.06 -31.79 1.87
CA PRO K 196 42.11 -30.66 1.92
C PRO K 196 42.65 -29.32 1.47
N LEU K 197 43.96 -29.10 1.50
CA LEU K 197 44.50 -27.80 1.10
C LEU K 197 44.83 -27.79 -0.38
N GLN K 198 44.84 -26.60 -0.95
CA GLN K 198 45.11 -26.42 -2.36
C GLN K 198 45.94 -25.15 -2.52
N SER K 199 46.80 -25.12 -3.51
CA SER K 199 47.73 -24.01 -3.66
C SER K 199 47.26 -23.05 -4.76
N TYR K 200 47.43 -21.75 -4.49
CA TYR K 200 47.02 -20.73 -5.46
C TYR K 200 47.93 -20.73 -6.69
N GLY K 201 49.20 -21.07 -6.51
CA GLY K 201 50.14 -21.11 -7.62
C GLY K 201 50.20 -19.82 -8.40
N PHE K 202 50.22 -18.67 -7.71
CA PHE K 202 50.20 -17.37 -8.36
C PHE K 202 51.29 -17.21 -9.41
N GLN K 203 50.91 -16.70 -10.58
CA GLN K 203 51.86 -16.30 -11.62
C GLN K 203 51.59 -14.86 -12.02
N PRO K 204 52.65 -14.07 -12.25
CA PRO K 204 52.42 -12.65 -12.55
C PRO K 204 51.57 -12.42 -13.77
N THR K 205 51.48 -13.39 -14.69
CA THR K 205 50.68 -13.27 -15.90
C THR K 205 49.22 -13.63 -15.69
N TYR K 206 48.84 -14.08 -14.50
CA TYR K 206 47.44 -14.30 -14.19
C TYR K 206 46.63 -13.04 -14.40
N GLY K 207 45.35 -13.20 -14.72
CA GLY K 207 44.44 -12.08 -14.73
C GLY K 207 44.10 -11.62 -13.32
N VAL K 208 43.54 -10.41 -13.24
CA VAL K 208 43.43 -9.71 -11.96
C VAL K 208 42.65 -10.53 -10.94
N GLY K 209 41.57 -11.19 -11.38
CA GLY K 209 40.78 -12.00 -10.46
C GLY K 209 41.53 -13.17 -9.84
N TYR K 210 42.62 -13.59 -10.47
CA TYR K 210 43.43 -14.71 -9.99
C TYR K 210 44.74 -14.23 -9.36
N GLN K 211 44.94 -12.92 -9.28
CA GLN K 211 46.18 -12.40 -8.73
C GLN K 211 46.14 -12.41 -7.21
N PRO K 212 47.29 -12.42 -6.55
CA PRO K 212 47.29 -12.38 -5.09
C PRO K 212 46.93 -10.99 -4.58
N TYR K 213 46.13 -10.97 -3.51
CA TYR K 213 45.75 -9.78 -2.77
C TYR K 213 46.11 -9.99 -1.31
N ARG K 214 46.79 -8.99 -0.75
CA ARG K 214 47.05 -8.97 0.68
C ARG K 214 45.90 -8.26 1.39
N VAL K 215 45.49 -8.83 2.53
CA VAL K 215 44.28 -8.43 3.24
C VAL K 215 44.61 -8.28 4.72
N VAL K 216 44.16 -7.15 5.29
CA VAL K 216 44.23 -6.85 6.70
C VAL K 216 42.81 -6.60 7.19
N VAL K 217 42.43 -7.32 8.25
CA VAL K 217 41.14 -7.16 8.90
C VAL K 217 41.39 -6.61 10.29
N LEU K 218 40.98 -5.37 10.53
CA LEU K 218 41.07 -4.76 11.85
C LEU K 218 39.75 -4.99 12.59
N SER K 219 39.80 -5.72 13.70
CA SER K 219 38.62 -5.98 14.53
C SER K 219 38.69 -5.06 15.74
N PHE K 220 37.61 -4.30 15.97
CA PHE K 220 37.51 -3.37 17.08
C PHE K 220 36.71 -4.04 18.21
N GLU K 221 37.40 -4.51 19.23
CA GLU K 221 36.79 -5.25 20.32
C GLU K 221 36.49 -4.30 21.48
N LEU K 222 35.23 -4.32 21.92
CA LEU K 222 34.73 -3.53 23.04
C LEU K 222 34.17 -4.46 24.10
N LEU K 223 34.82 -4.50 25.27
CA LEU K 223 34.40 -5.30 26.42
C LEU K 223 34.05 -4.39 27.59
N HIS K 224 33.63 -5.01 28.68
CA HIS K 224 33.49 -4.30 29.97
C HIS K 224 34.87 -4.19 30.62
N ALA K 225 35.70 -3.37 29.99
CA ALA K 225 37.07 -3.14 30.44
C ALA K 225 37.51 -1.78 29.93
N PRO K 226 38.42 -1.11 30.62
CA PRO K 226 38.87 0.21 30.14
C PRO K 226 39.48 0.10 28.75
N ALA K 227 39.28 1.15 27.95
CA ALA K 227 39.80 1.17 26.60
C ALA K 227 41.32 1.31 26.61
N THR K 228 41.98 0.57 25.72
CA THR K 228 43.43 0.66 25.60
C THR K 228 43.90 1.20 24.26
N VAL K 229 43.04 1.28 23.27
CA VAL K 229 43.41 1.76 21.94
C VAL K 229 42.54 2.96 21.62
N CYS K 230 43.17 4.09 21.35
CA CYS K 230 42.37 5.28 21.09
C CYS K 230 42.94 6.03 19.90
N GLY K 231 42.08 6.80 19.24
CA GLY K 231 42.50 7.68 18.18
C GLY K 231 43.23 8.88 18.75
N PRO K 232 43.95 9.62 17.89
CA PRO K 232 44.64 10.82 18.38
C PRO K 232 43.71 11.88 18.95
N LYS K 233 42.46 11.95 18.50
CA LYS K 233 41.48 12.89 19.03
C LYS K 233 40.78 12.40 20.31
N LYS K 234 41.30 11.38 20.98
CA LYS K 234 40.73 10.86 22.23
C LYS K 234 41.81 10.19 23.09
N ILE L 37 -28.48 -31.45 37.71
CA ILE L 37 -29.42 -30.32 37.69
C ILE L 37 -30.61 -30.64 36.78
N THR L 38 -31.80 -30.22 37.21
CA THR L 38 -32.99 -30.38 36.41
C THR L 38 -33.90 -29.16 36.47
N ASN L 39 -33.60 -28.16 37.30
CA ASN L 39 -34.39 -26.94 37.36
C ASN L 39 -33.98 -25.99 36.25
N LEU L 40 -34.97 -25.36 35.61
CA LEU L 40 -34.68 -24.41 34.54
C LEU L 40 -34.37 -23.03 35.10
N CYS L 41 -33.50 -22.28 34.42
CA CYS L 41 -33.16 -20.95 34.88
C CYS L 41 -34.37 -20.02 34.72
N PRO L 42 -34.58 -19.11 35.67
CA PRO L 42 -35.82 -18.31 35.71
C PRO L 42 -35.85 -17.08 34.79
N PHE L 43 -35.50 -17.29 33.52
CA PHE L 43 -35.41 -16.15 32.58
C PHE L 43 -36.75 -15.43 32.47
N GLY L 44 -37.86 -16.17 32.52
CA GLY L 44 -39.15 -15.54 32.46
C GLY L 44 -39.42 -14.60 33.63
N GLU L 45 -38.86 -14.93 34.79
CA GLU L 45 -39.04 -14.04 35.94
C GLU L 45 -38.32 -12.72 35.70
N VAL L 46 -37.22 -12.75 34.96
CA VAL L 46 -36.51 -11.51 34.70
C VAL L 46 -37.21 -10.73 33.60
N PHE L 47 -37.45 -11.36 32.45
CA PHE L 47 -37.99 -10.65 31.29
C PHE L 47 -39.45 -10.23 31.48
N ASN L 48 -40.20 -10.98 32.27
CA ASN L 48 -41.64 -10.78 32.39
C ASN L 48 -42.04 -10.20 33.73
N ALA L 49 -41.10 -9.54 34.40
CA ALA L 49 -41.39 -8.87 35.66
C ALA L 49 -42.35 -7.70 35.44
N THR L 50 -43.28 -7.50 36.38
CA THR L 50 -44.15 -6.34 36.30
C THR L 50 -43.35 -5.05 36.52
N ARG L 51 -42.48 -5.02 37.50
CA ARG L 51 -41.75 -3.82 37.85
C ARG L 51 -40.30 -3.92 37.38
N PHE L 52 -39.78 -2.82 36.85
CA PHE L 52 -38.38 -2.73 36.47
C PHE L 52 -37.74 -1.58 37.22
N ALA L 53 -36.44 -1.70 37.47
CA ALA L 53 -35.72 -0.72 38.25
C ALA L 53 -35.40 0.51 37.41
N SER L 54 -35.24 1.64 38.08
CA SER L 54 -34.61 2.79 37.44
C SER L 54 -33.15 2.44 37.12
N VAL L 55 -32.65 3.04 36.04
CA VAL L 55 -31.34 2.64 35.53
C VAL L 55 -30.23 3.05 36.49
N TYR L 56 -30.41 4.13 37.25
CA TYR L 56 -29.41 4.47 38.25
C TYR L 56 -29.44 3.50 39.42
N ALA L 57 -30.56 2.82 39.63
CA ALA L 57 -30.59 1.85 40.70
C ALA L 57 -30.81 0.47 40.11
N TRP L 58 -30.07 0.12 39.05
CA TRP L 58 -30.39 -1.04 38.23
C TRP L 58 -30.47 -2.31 39.06
N ASN L 59 -31.34 -3.21 38.65
CA ASN L 59 -31.55 -4.47 39.37
C ASN L 59 -30.60 -5.54 38.85
N ARG L 60 -30.18 -6.44 39.74
CA ARG L 60 -29.34 -7.58 39.40
C ARG L 60 -29.89 -8.83 40.07
N LYS L 61 -30.06 -9.90 39.29
CA LYS L 61 -30.40 -11.23 39.80
C LYS L 61 -29.27 -12.19 39.45
N ARG L 62 -28.89 -13.05 40.38
CA ARG L 62 -27.85 -14.01 40.12
C ARG L 62 -28.50 -15.36 39.82
N ILE L 63 -28.16 -15.94 38.67
CA ILE L 63 -28.74 -17.19 38.19
C ILE L 63 -27.64 -18.23 38.20
N SER L 64 -27.83 -19.28 39.01
CA SER L 64 -26.85 -20.34 39.21
C SER L 64 -27.56 -21.67 39.38
N ASN L 65 -26.83 -22.75 39.12
CA ASN L 65 -27.29 -24.12 39.36
C ASN L 65 -28.60 -24.38 38.64
N CYS L 66 -28.56 -24.21 37.32
CA CYS L 66 -29.75 -24.42 36.53
C CYS L 66 -29.40 -24.65 35.07
N VAL L 67 -30.33 -25.31 34.40
CA VAL L 67 -30.28 -25.53 32.96
C VAL L 67 -30.97 -24.34 32.31
N ALA L 68 -30.25 -23.67 31.41
CA ALA L 68 -30.72 -22.46 30.76
C ALA L 68 -31.23 -22.78 29.36
N ASP L 69 -32.54 -22.63 29.16
CA ASP L 69 -33.13 -22.78 27.83
C ASP L 69 -33.28 -21.39 27.23
N TYR L 70 -32.29 -20.99 26.43
CA TYR L 70 -32.35 -19.68 25.83
C TYR L 70 -33.34 -19.61 24.68
N SER L 71 -33.94 -20.74 24.31
CA SER L 71 -34.84 -20.75 23.16
C SER L 71 -36.06 -19.86 23.35
N VAL L 72 -36.41 -19.56 24.61
CA VAL L 72 -37.51 -18.65 24.89
C VAL L 72 -37.24 -17.26 24.31
N LEU L 73 -35.96 -16.90 24.13
CA LEU L 73 -35.54 -15.60 23.65
C LEU L 73 -35.46 -15.52 22.13
N TYR L 74 -35.54 -16.64 21.43
CA TYR L 74 -35.45 -16.65 19.99
C TYR L 74 -36.78 -16.27 19.34
N ASN L 75 -36.70 -15.51 18.24
CA ASN L 75 -37.86 -15.05 17.45
C ASN L 75 -38.94 -14.39 18.31
N SER L 76 -38.52 -13.52 19.23
CA SER L 76 -39.50 -12.73 19.95
C SER L 76 -40.07 -11.66 19.03
N ALA L 77 -41.40 -11.50 19.07
CA ALA L 77 -42.06 -10.40 18.39
C ALA L 77 -42.01 -9.10 19.18
N SER L 78 -41.40 -9.10 20.36
CA SER L 78 -41.31 -7.91 21.20
C SER L 78 -39.95 -7.26 21.18
N PHE L 79 -38.87 -8.02 20.95
CA PHE L 79 -37.51 -7.52 21.16
C PHE L 79 -37.09 -6.61 20.03
N SER L 80 -36.72 -5.38 20.37
CA SER L 80 -36.18 -4.45 19.39
C SER L 80 -34.66 -4.51 19.34
N THR L 81 -34.03 -5.09 20.38
CA THR L 81 -32.58 -5.26 20.37
C THR L 81 -32.25 -6.62 20.93
N PHE L 82 -31.39 -7.36 20.23
CA PHE L 82 -30.85 -8.62 20.71
C PHE L 82 -29.43 -8.74 20.14
N LYS L 83 -28.44 -8.34 20.95
CA LYS L 83 -27.04 -8.39 20.58
C LYS L 83 -26.25 -9.25 21.59
N CYS L 84 -25.28 -10.02 21.12
CA CYS L 84 -24.38 -10.71 22.03
C CYS L 84 -22.93 -10.29 21.80
N TYR L 85 -22.12 -10.43 22.85
CA TYR L 85 -20.74 -9.94 22.91
C TYR L 85 -19.87 -11.07 23.39
N GLY L 86 -18.94 -11.51 22.52
CA GLY L 86 -17.99 -12.56 22.84
C GLY L 86 -18.46 -13.98 22.61
N VAL L 87 -19.78 -14.20 22.54
CA VAL L 87 -20.37 -15.48 22.18
C VAL L 87 -21.44 -15.19 21.15
N SER L 88 -21.81 -16.20 20.37
CA SER L 88 -22.88 -16.01 19.39
C SER L 88 -24.22 -16.50 19.92
N PRO L 89 -25.32 -15.77 19.67
CA PRO L 89 -26.63 -16.20 20.19
C PRO L 89 -27.01 -17.61 19.77
N THR L 90 -26.74 -17.97 18.50
CA THR L 90 -27.05 -19.31 18.00
C THR L 90 -26.41 -20.41 18.84
N LYS L 91 -25.26 -20.13 19.46
CA LYS L 91 -24.54 -21.16 20.20
C LYS L 91 -24.87 -21.17 21.70
N LEU L 92 -25.83 -20.36 22.15
CA LEU L 92 -26.04 -20.17 23.58
C LEU L 92 -26.42 -21.48 24.30
N ASN L 93 -27.22 -22.32 23.67
CA ASN L 93 -27.58 -23.57 24.34
C ASN L 93 -26.46 -24.60 24.40
N ASP L 94 -25.33 -24.36 23.75
CA ASP L 94 -24.19 -25.27 23.81
C ASP L 94 -23.10 -24.79 24.75
N LEU L 95 -23.38 -23.79 25.57
CA LEU L 95 -22.36 -23.18 26.40
C LEU L 95 -22.61 -23.46 27.88
N CYS L 96 -21.54 -23.43 28.67
CA CYS L 96 -21.64 -23.53 30.11
C CYS L 96 -20.92 -22.34 30.72
N PHE L 97 -21.45 -21.86 31.85
CA PHE L 97 -20.85 -20.74 32.57
C PHE L 97 -20.85 -21.01 34.06
N THR L 98 -19.95 -20.33 34.77
CA THR L 98 -19.96 -20.43 36.23
C THR L 98 -21.23 -19.81 36.79
N ASN L 99 -21.52 -18.56 36.40
CA ASN L 99 -22.76 -17.90 36.81
C ASN L 99 -23.29 -17.11 35.64
N VAL L 100 -24.57 -16.81 35.69
CA VAL L 100 -25.15 -15.82 34.80
C VAL L 100 -25.75 -14.73 35.67
N TYR L 101 -25.52 -13.48 35.30
CA TYR L 101 -26.12 -12.37 36.03
C TYR L 101 -27.11 -11.65 35.12
N ALA L 102 -28.25 -11.29 35.66
CA ALA L 102 -29.31 -10.66 34.89
C ALA L 102 -29.54 -9.28 35.48
N ASP L 103 -29.00 -8.26 34.83
CA ASP L 103 -29.30 -6.88 35.19
C ASP L 103 -30.49 -6.41 34.38
N SER L 104 -31.38 -5.63 35.00
CA SER L 104 -32.55 -5.13 34.29
C SER L 104 -32.87 -3.72 34.75
N PHE L 105 -33.44 -2.93 33.84
CA PHE L 105 -33.75 -1.53 34.12
C PHE L 105 -34.55 -0.95 32.96
N VAL L 106 -34.94 0.33 33.10
CA VAL L 106 -35.67 1.08 32.06
C VAL L 106 -34.85 2.31 31.65
N ILE L 107 -34.78 2.56 30.33
CA ILE L 107 -34.20 3.82 29.82
C ILE L 107 -35.07 4.30 28.66
N ARG L 108 -34.64 5.33 27.93
CA ARG L 108 -35.34 5.69 26.71
C ARG L 108 -34.71 5.03 25.49
N GLY L 109 -35.51 4.96 24.42
CA GLY L 109 -35.08 4.26 23.22
C GLY L 109 -33.76 4.78 22.69
N ASP L 110 -33.61 6.10 22.62
CA ASP L 110 -32.37 6.73 22.18
C ASP L 110 -31.16 6.26 22.95
N GLU L 111 -31.35 5.80 24.18
CA GLU L 111 -30.24 5.42 25.04
C GLU L 111 -29.91 3.94 24.98
N VAL L 112 -30.73 3.13 24.30
CA VAL L 112 -30.44 1.69 24.23
C VAL L 112 -29.04 1.45 23.64
N ARG L 113 -28.65 2.24 22.61
CA ARG L 113 -27.32 2.10 22.03
C ARG L 113 -26.21 2.19 23.08
N GLN L 114 -26.43 2.93 24.17
CA GLN L 114 -25.40 3.07 25.18
C GLN L 114 -25.18 1.81 26.01
N ILE L 115 -26.14 0.88 25.99
CA ILE L 115 -26.02 -0.34 26.77
C ILE L 115 -25.19 -1.34 25.98
N ALA L 116 -23.91 -1.05 25.84
CA ALA L 116 -22.97 -1.92 25.14
C ALA L 116 -21.56 -1.50 25.56
N PRO L 117 -20.59 -2.40 25.49
CA PRO L 117 -19.22 -1.99 25.77
C PRO L 117 -18.77 -0.88 24.82
N GLY L 118 -17.84 -0.06 25.32
CA GLY L 118 -17.23 0.98 24.51
C GLY L 118 -18.11 2.17 24.18
N GLN L 119 -19.20 2.39 24.91
CA GLN L 119 -20.12 3.48 24.64
C GLN L 119 -19.88 4.65 25.57
N THR L 120 -20.45 5.80 25.19
CA THR L 120 -20.40 7.01 26.02
C THR L 120 -21.79 7.63 26.04
N GLY L 121 -22.02 8.51 27.01
CA GLY L 121 -23.32 9.10 27.24
C GLY L 121 -23.70 9.03 28.72
N ASN L 122 -24.80 9.72 29.05
CA ASN L 122 -25.24 9.81 30.44
C ASN L 122 -25.41 8.41 31.05
N ILE L 123 -25.97 7.48 30.28
CA ILE L 123 -26.27 6.16 30.82
C ILE L 123 -24.98 5.36 31.03
N ALA L 124 -24.13 5.29 30.00
CA ALA L 124 -22.89 4.55 30.12
C ALA L 124 -21.94 5.15 31.15
N ASP L 125 -21.93 6.48 31.30
CA ASP L 125 -20.97 7.15 32.17
C ASP L 125 -21.42 7.15 33.63
N TYR L 126 -22.70 7.43 33.87
CA TYR L 126 -23.14 7.73 35.22
C TYR L 126 -24.16 6.75 35.79
N ASN L 127 -24.58 5.74 35.03
CA ASN L 127 -25.71 4.89 35.43
C ASN L 127 -25.42 3.40 35.33
N TYR L 128 -25.06 2.90 34.14
CA TYR L 128 -24.78 1.48 33.96
C TYR L 128 -23.69 1.29 32.91
N LYS L 129 -22.55 0.70 33.31
CA LYS L 129 -21.34 0.63 32.50
C LYS L 129 -20.94 -0.83 32.32
N LEU L 130 -20.80 -1.24 31.10
CA LEU L 130 -20.30 -2.57 30.72
C LEU L 130 -18.79 -2.51 30.48
N PRO L 131 -18.04 -3.59 30.73
CA PRO L 131 -16.60 -3.55 30.49
C PRO L 131 -16.25 -3.69 29.02
N ASP L 132 -15.03 -3.24 28.68
CA ASP L 132 -14.52 -3.37 27.32
C ASP L 132 -14.43 -4.83 26.86
N ASP L 133 -14.21 -5.75 27.79
CA ASP L 133 -14.18 -7.18 27.49
C ASP L 133 -15.46 -7.89 27.89
N PHE L 134 -16.61 -7.22 27.75
CA PHE L 134 -17.89 -7.79 28.16
C PHE L 134 -18.18 -9.07 27.42
N THR L 135 -18.68 -10.08 28.15
CA THR L 135 -19.16 -11.32 27.57
C THR L 135 -20.62 -11.49 28.02
N GLY L 136 -21.55 -11.29 27.10
CA GLY L 136 -22.94 -11.43 27.48
C GLY L 136 -23.85 -11.08 26.34
N CYS L 137 -25.11 -10.82 26.67
CA CYS L 137 -26.06 -10.36 25.67
C CYS L 137 -26.89 -9.24 26.27
N VAL L 138 -27.31 -8.34 25.39
CA VAL L 138 -28.15 -7.20 25.71
C VAL L 138 -29.45 -7.35 24.91
N ILE L 139 -30.59 -7.29 25.61
CA ILE L 139 -31.89 -7.40 24.97
C ILE L 139 -32.73 -6.23 25.43
N ALA L 140 -33.53 -5.67 24.52
CA ALA L 140 -34.36 -4.54 24.90
C ALA L 140 -35.65 -4.54 24.08
N TRP L 141 -36.71 -3.96 24.67
CA TRP L 141 -37.98 -3.83 23.99
C TRP L 141 -38.75 -2.60 24.48
N ASN L 142 -39.62 -2.09 23.61
CA ASN L 142 -40.41 -0.92 23.92
C ASN L 142 -41.48 -1.26 24.97
N SER L 143 -41.62 -0.39 25.98
CA SER L 143 -42.55 -0.60 27.10
C SER L 143 -43.46 0.60 27.28
N ASN L 144 -43.75 1.31 26.18
CA ASN L 144 -44.60 2.48 26.21
C ASN L 144 -45.95 2.18 26.85
N ASN L 145 -46.48 0.98 26.62
CA ASN L 145 -47.79 0.61 27.13
C ASN L 145 -47.77 0.12 28.57
N LEU L 146 -46.58 -0.01 29.19
CA LEU L 146 -46.49 -0.38 30.59
C LEU L 146 -45.95 0.72 31.48
N ASP L 147 -45.06 1.56 30.96
CA ASP L 147 -44.28 2.47 31.78
C ASP L 147 -44.55 3.93 31.47
N SER L 148 -45.33 4.23 30.44
CA SER L 148 -45.77 5.60 30.23
C SER L 148 -47.10 5.81 30.95
N LYS L 149 -47.42 7.08 31.21
CA LYS L 149 -48.70 7.44 31.79
C LYS L 149 -49.05 8.86 31.34
N VAL L 150 -50.30 9.05 30.89
CA VAL L 150 -50.76 10.39 30.53
C VAL L 150 -50.50 11.31 31.70
N GLY L 151 -49.83 12.43 31.43
CA GLY L 151 -49.40 13.32 32.49
C GLY L 151 -48.00 13.05 33.00
N GLY L 152 -47.41 11.89 32.67
CA GLY L 152 -46.04 11.61 33.05
C GLY L 152 -45.88 10.58 34.16
N ASN L 153 -45.04 9.57 33.92
CA ASN L 153 -44.65 8.63 34.98
C ASN L 153 -43.26 9.03 35.43
N TYR L 154 -43.18 9.66 36.60
CA TYR L 154 -41.92 10.21 37.09
C TYR L 154 -41.17 9.25 37.98
N ASN L 155 -41.61 7.98 38.06
CA ASN L 155 -40.90 7.02 38.90
C ASN L 155 -39.57 6.58 38.30
N TYR L 156 -39.40 6.67 36.98
CA TYR L 156 -38.15 6.25 36.35
C TYR L 156 -37.17 7.42 36.36
N LEU L 157 -36.02 7.22 36.99
CA LEU L 157 -34.99 8.27 37.07
C LEU L 157 -33.67 7.78 36.50
N TYR L 158 -32.81 8.75 36.20
CA TYR L 158 -31.45 8.50 35.74
C TYR L 158 -30.54 9.53 36.36
N ARG L 159 -29.30 9.12 36.61
CA ARG L 159 -28.31 10.05 37.13
C ARG L 159 -27.81 10.91 35.99
N LEU L 160 -27.75 12.23 36.21
CA LEU L 160 -27.38 13.19 35.19
C LEU L 160 -26.01 13.81 35.41
N PHE L 161 -25.54 13.87 36.67
CA PHE L 161 -24.27 14.48 37.04
C PHE L 161 -23.48 13.54 37.94
N ARG L 162 -22.17 13.41 37.69
CA ARG L 162 -21.31 12.63 38.56
C ARG L 162 -19.89 13.16 38.43
N LYS L 163 -19.18 13.20 39.56
CA LYS L 163 -17.78 13.66 39.54
C LYS L 163 -16.93 12.80 38.63
N SER L 164 -17.29 11.54 38.43
CA SER L 164 -16.47 10.66 37.59
C SER L 164 -17.35 9.57 36.96
N ASN L 165 -16.86 9.03 35.86
CA ASN L 165 -17.56 7.96 35.15
C ASN L 165 -17.52 6.68 35.98
N LEU L 166 -18.58 5.88 35.86
CA LEU L 166 -18.65 4.64 36.62
C LEU L 166 -17.67 3.58 36.14
N LYS L 167 -17.16 2.79 37.06
CA LYS L 167 -16.45 1.61 36.64
C LYS L 167 -17.46 0.55 36.20
N PRO L 168 -17.01 -0.46 35.44
CA PRO L 168 -17.96 -1.46 34.95
C PRO L 168 -18.67 -2.19 36.10
N PHE L 169 -20.00 -2.26 35.98
CA PHE L 169 -20.88 -2.96 36.92
C PHE L 169 -20.97 -2.25 38.27
N GLU L 170 -20.58 -1.00 38.33
CA GLU L 170 -20.74 -0.17 39.52
C GLU L 170 -22.15 0.38 39.55
N ARG L 171 -22.76 0.42 40.74
CA ARG L 171 -24.08 1.04 40.91
C ARG L 171 -23.97 2.16 41.92
N ASP L 172 -24.35 3.37 41.52
CA ASP L 172 -24.31 4.55 42.39
C ASP L 172 -25.74 4.93 42.70
N ILE L 173 -26.13 4.85 43.97
CA ILE L 173 -27.47 5.30 44.29
C ILE L 173 -27.45 6.48 45.28
N SER L 174 -26.32 7.19 45.32
CA SER L 174 -26.22 8.38 46.16
C SER L 174 -27.13 9.48 45.64
N THR L 175 -27.55 10.33 46.57
CA THR L 175 -28.38 11.49 46.22
C THR L 175 -27.71 12.76 46.71
N GLU L 176 -26.39 12.74 46.83
CA GLU L 176 -25.65 13.93 47.24
C GLU L 176 -25.75 15.03 46.18
N ILE L 177 -25.91 16.27 46.64
CA ILE L 177 -26.03 17.41 45.72
C ILE L 177 -24.76 17.54 44.88
N TYR L 178 -24.91 17.67 43.57
CA TYR L 178 -23.75 17.84 42.71
C TYR L 178 -23.20 19.26 42.83
N GLN L 179 -21.92 19.35 43.17
CA GLN L 179 -21.24 20.63 43.30
C GLN L 179 -20.54 20.95 41.99
N ALA L 180 -21.07 21.91 41.23
CA ALA L 180 -20.52 22.30 39.94
C ALA L 180 -19.54 23.46 40.03
N GLY L 181 -19.42 24.12 41.19
CA GLY L 181 -18.50 25.23 41.33
C GLY L 181 -17.64 25.07 42.56
N SER L 182 -16.92 26.13 42.91
CA SER L 182 -16.06 26.06 44.09
C SER L 182 -16.84 26.18 45.39
N THR L 183 -18.05 26.70 45.34
CA THR L 183 -18.82 26.93 46.56
C THR L 183 -19.45 25.64 47.03
N PRO L 184 -19.28 25.27 48.30
CA PRO L 184 -19.93 24.06 48.81
C PRO L 184 -21.44 24.21 48.76
N CYS L 185 -22.13 23.08 48.61
CA CYS L 185 -23.58 23.08 48.51
C CYS L 185 -24.27 22.88 49.84
N ASN L 186 -23.58 22.28 50.82
CA ASN L 186 -24.14 22.00 52.14
C ASN L 186 -25.47 21.25 52.06
N GLY L 187 -25.60 20.38 51.06
CA GLY L 187 -26.78 19.55 50.94
C GLY L 187 -28.03 20.21 50.38
N VAL L 188 -27.95 21.44 49.86
CA VAL L 188 -29.13 22.12 49.33
C VAL L 188 -28.92 22.43 47.85
N LYS L 189 -29.98 22.26 47.06
CA LYS L 189 -29.90 22.62 45.66
C LYS L 189 -29.89 24.14 45.50
N GLY L 190 -29.16 24.62 44.50
CA GLY L 190 -29.05 26.05 44.30
C GLY L 190 -28.15 26.37 43.13
N PHE L 191 -27.62 27.59 43.14
CA PHE L 191 -26.68 28.01 42.10
C PHE L 191 -25.45 27.11 42.12
N ASN L 192 -25.14 26.53 40.95
CA ASN L 192 -24.04 25.58 40.78
C ASN L 192 -24.17 24.37 41.70
N CYS L 193 -25.40 24.08 42.13
CA CYS L 193 -25.66 23.00 43.08
C CYS L 193 -26.92 22.27 42.63
N TYR L 194 -26.74 21.10 42.01
CA TYR L 194 -27.83 20.42 41.34
C TYR L 194 -28.13 19.09 42.01
N PHE L 195 -29.42 18.80 42.17
CA PHE L 195 -29.84 17.46 42.52
C PHE L 195 -29.42 16.50 41.42
N PRO L 196 -28.78 15.37 41.74
CA PRO L 196 -28.10 14.59 40.68
C PRO L 196 -29.02 13.70 39.87
N LEU L 197 -30.23 13.41 40.32
CA LEU L 197 -31.13 12.55 39.57
C LEU L 197 -32.17 13.36 38.81
N GLN L 198 -32.60 12.82 37.69
CA GLN L 198 -33.59 13.45 36.83
C GLN L 198 -34.61 12.39 36.42
N SER L 199 -35.87 12.79 36.27
CA SER L 199 -36.92 11.85 35.94
C SER L 199 -37.24 11.82 34.44
N TYR L 200 -37.54 10.62 33.94
CA TYR L 200 -37.89 10.47 32.54
C TYR L 200 -39.26 11.06 32.22
N GLY L 201 -40.18 11.03 33.19
CA GLY L 201 -41.53 11.53 32.97
C GLY L 201 -42.21 10.99 31.73
N PHE L 202 -42.09 9.67 31.48
CA PHE L 202 -42.61 9.03 30.28
C PHE L 202 -44.10 9.30 30.08
N GLN L 203 -44.45 9.73 28.86
CA GLN L 203 -45.85 9.85 28.48
C GLN L 203 -46.08 9.08 27.18
N PRO L 204 -47.24 8.43 27.04
CA PRO L 204 -47.43 7.58 25.86
C PRO L 204 -47.36 8.32 24.55
N THR L 205 -47.61 9.63 24.54
CA THR L 205 -47.54 10.37 23.29
C THR L 205 -46.12 10.78 22.91
N TYR L 206 -45.13 10.44 23.73
CA TYR L 206 -43.75 10.74 23.39
C TYR L 206 -43.36 10.03 22.09
N GLY L 207 -42.39 10.60 21.39
CA GLY L 207 -41.79 9.91 20.27
C GLY L 207 -41.01 8.70 20.72
N VAL L 208 -40.72 7.82 19.76
CA VAL L 208 -40.09 6.54 20.08
C VAL L 208 -38.77 6.74 20.81
N GLY L 209 -37.95 7.70 20.34
CA GLY L 209 -36.67 7.94 20.97
C GLY L 209 -36.77 8.28 22.44
N TYR L 210 -37.92 8.80 22.87
CA TYR L 210 -38.16 9.18 24.25
C TYR L 210 -39.04 8.18 25.01
N GLN L 211 -39.49 7.11 24.36
CA GLN L 211 -40.37 6.17 25.03
C GLN L 211 -39.57 5.23 25.94
N PRO L 212 -40.21 4.65 26.95
CA PRO L 212 -39.49 3.71 27.82
C PRO L 212 -39.19 2.42 27.09
N TYR L 213 -37.98 1.93 27.27
CA TYR L 213 -37.58 0.61 26.84
C TYR L 213 -37.09 -0.13 28.06
N ARG L 214 -37.58 -1.36 28.23
CA ARG L 214 -37.04 -2.25 29.23
C ARG L 214 -35.83 -2.98 28.65
N VAL L 215 -34.78 -3.09 29.45
CA VAL L 215 -33.51 -3.69 29.06
C VAL L 215 -33.14 -4.78 30.07
N VAL L 216 -32.63 -5.88 29.53
CA VAL L 216 -32.05 -6.97 30.29
C VAL L 216 -30.66 -7.24 29.74
N VAL L 217 -29.67 -7.24 30.62
CA VAL L 217 -28.29 -7.61 30.28
C VAL L 217 -27.97 -8.91 30.98
N LEU L 218 -27.70 -9.96 30.20
CA LEU L 218 -27.23 -11.23 30.75
C LEU L 218 -25.71 -11.28 30.62
N SER L 219 -25.02 -11.37 31.76
CA SER L 219 -23.57 -11.52 31.80
C SER L 219 -23.22 -12.97 32.06
N PHE L 220 -22.33 -13.50 31.23
CA PHE L 220 -21.89 -14.89 31.32
C PHE L 220 -20.54 -14.89 32.03
N GLU L 221 -20.50 -15.39 33.26
CA GLU L 221 -19.30 -15.31 34.08
C GLU L 221 -18.63 -16.67 34.16
N LEU L 222 -17.34 -16.71 33.79
CA LEU L 222 -16.52 -17.91 33.71
C LEU L 222 -15.32 -17.75 34.64
N LEU L 223 -15.39 -18.37 35.81
CA LEU L 223 -14.28 -18.41 36.74
C LEU L 223 -13.62 -19.78 36.70
N HIS L 224 -12.51 -19.91 37.44
CA HIS L 224 -11.91 -21.22 37.71
C HIS L 224 -12.70 -21.88 38.84
N ALA L 225 -13.90 -22.34 38.48
CA ALA L 225 -14.82 -23.02 39.37
C ALA L 225 -15.74 -23.84 38.50
N PRO L 226 -16.36 -24.90 39.03
CA PRO L 226 -17.26 -25.72 38.19
C PRO L 226 -18.43 -24.90 37.65
N ALA L 227 -18.83 -25.22 36.43
CA ALA L 227 -19.97 -24.54 35.80
C ALA L 227 -21.27 -24.93 36.49
N THR L 228 -22.07 -23.93 36.86
CA THR L 228 -23.37 -24.19 37.45
C THR L 228 -24.54 -23.92 36.53
N VAL L 229 -24.31 -23.23 35.40
CA VAL L 229 -25.39 -22.87 34.48
C VAL L 229 -25.04 -23.43 33.11
N CYS L 230 -25.85 -24.37 32.64
CA CYS L 230 -25.55 -25.00 31.35
C CYS L 230 -26.78 -25.05 30.47
N GLY L 231 -26.55 -24.97 29.16
CA GLY L 231 -27.59 -25.19 28.19
C GLY L 231 -28.09 -26.61 28.23
N PRO L 232 -29.24 -26.86 27.59
CA PRO L 232 -29.77 -28.22 27.56
C PRO L 232 -28.90 -29.19 26.80
N LYS L 233 -28.16 -28.72 25.79
CA LYS L 233 -27.23 -29.57 25.05
C LYS L 233 -25.90 -29.80 25.78
N LYS L 234 -25.77 -29.41 27.06
CA LYS L 234 -24.58 -29.68 27.86
C LYS L 234 -24.92 -29.66 29.34
C1 NAG M . 54.36 1.42 4.82
C2 NAG M . 53.65 2.42 5.73
C3 NAG M . 53.49 3.77 5.02
C4 NAG M . 54.82 4.27 4.50
C5 NAG M . 55.46 3.19 3.63
C6 NAG M . 56.86 3.54 3.17
C7 NAG M . 51.86 2.11 7.40
C8 NAG M . 50.53 1.50 7.68
N2 NAG M . 52.36 1.91 6.17
O3 NAG M . 52.93 4.73 5.92
O4 NAG M . 54.62 5.41 3.67
O5 NAG M . 55.59 1.97 4.39
O6 NAG M . 57.43 2.42 2.50
O7 NAG M . 52.47 2.77 8.25
C1 NAG M . 54.86 6.68 4.20
C2 NAG M . 55.00 7.55 3.00
C3 NAG M . 55.09 9.03 3.40
C4 NAG M . 53.94 9.40 4.32
C5 NAG M . 53.96 8.46 5.52
C6 NAG M . 52.82 8.70 6.49
C7 NAG M . 56.01 6.45 1.02
C8 NAG M . 57.30 6.16 0.31
N2 NAG M . 56.12 7.18 2.16
O3 NAG M . 55.02 9.86 2.23
O4 NAG M . 54.04 10.77 4.74
O5 NAG M . 53.87 7.10 5.05
O6 NAG M . 51.55 8.72 5.82
O7 NAG M . 54.92 6.05 0.61
C1 NAG N . -42.88 -14.24 29.10
C2 NAG N . -41.93 -15.38 28.71
C3 NAG N . -42.31 -15.94 27.34
C4 NAG N . -43.79 -16.32 27.29
C5 NAG N . -44.65 -15.13 27.74
C6 NAG N . -46.12 -15.43 27.86
C7 NAG N . -39.50 -15.68 29.01
C8 NAG N . -38.16 -15.00 28.95
N2 NAG N . -40.54 -14.92 28.69
O3 NAG N . -41.49 -17.09 27.08
O4 NAG N . -44.16 -16.68 25.97
O5 NAG N . -44.23 -14.70 29.04
O6 NAG N . -46.84 -14.27 28.28
O7 NAG N . -39.61 -16.86 29.34
C1 NAG N . -44.52 -18.06 25.86
C2 NAG N . -45.42 -18.20 24.64
C3 NAG N . -45.72 -19.68 24.41
C4 NAG N . -44.42 -20.46 24.20
C5 NAG N . -43.47 -20.23 25.39
C6 NAG N . -42.05 -20.74 25.13
C7 NAG N . -46.83 -16.19 24.45
C8 NAG N . -48.19 -15.60 24.72
N2 NAG N . -46.66 -17.46 24.84
O3 NAG N . -46.52 -19.83 23.23
O4 NAG N . -44.71 -21.84 23.99
O5 NAG N . -43.33 -18.82 25.65
O6 NAG N . -41.44 -20.25 23.93
O7 NAG N . -45.94 -15.56 23.86
C1 EDO O . 94.08 11.57 7.59
O1 EDO O . 94.35 10.16 7.76
C2 EDO O . 93.62 12.19 8.91
O2 EDO O . 94.57 11.92 9.96
C1 EDO P . 103.88 8.50 5.71
O1 EDO P . 104.30 8.72 4.36
C2 EDO P . 103.68 7.01 5.97
O2 EDO P . 102.90 6.41 4.93
CL CL Q . 101.42 30.94 -1.79
CL CL R . 63.13 2.93 28.65
CL CL S . 77.27 -7.79 7.32
C1 EDO T . 71.22 10.68 -4.15
O1 EDO T . 71.87 10.68 -5.42
C2 EDO T . 72.25 10.26 -3.10
O2 EDO T . 71.62 10.17 -1.81
C1 EDO U . 77.32 -1.11 -18.03
O1 EDO U . 75.93 -1.08 -17.69
C2 EDO U . 78.18 -0.47 -16.93
O2 EDO U . 78.05 -1.20 -15.70
C1 EDO V . 104.44 -3.46 -5.31
O1 EDO V . 105.59 -3.29 -4.48
C2 EDO V . 103.38 -2.43 -4.93
O2 EDO V . 103.85 -1.11 -5.27
C1 EDO W . 94.50 -1.13 -15.57
O1 EDO W . 94.87 -1.76 -14.33
C2 EDO W . 93.28 -1.83 -16.16
O2 EDO W . 92.14 -1.59 -15.33
C1 EDO X . 91.20 0.50 -12.43
O1 EDO X . 91.89 -0.15 -13.50
C2 EDO X . 90.13 -0.44 -11.86
O2 EDO X . 90.74 -1.44 -11.03
C1 EDO Y . 121.77 12.79 1.21
O1 EDO Y . 120.96 12.06 2.15
C2 EDO Y . 120.52 13.23 0.38
O2 EDO Y . 121.17 13.55 -0.90
C1 EDO Z . -78.03 -29.99 42.55
O1 EDO Z . -77.77 -28.97 43.55
C2 EDO Z . -77.11 -31.21 42.71
O2 EDO Z . -77.42 -31.90 43.93
CL CL AA . -49.22 -12.17 45.38
CL CL BA . -42.57 -7.06 42.13
C1 EDO CA . -89.57 -13.06 45.94
O1 EDO CA . -90.21 -13.90 44.98
C2 EDO CA . -90.25 -13.21 47.31
O2 EDO CA . -91.61 -12.79 47.22
C1 EDO DA . -81.69 -7.84 34.83
O1 EDO DA . -81.15 -9.17 34.76
C2 EDO DA . -82.68 -7.52 33.70
O2 EDO DA . -83.51 -8.66 33.42
CL CL EA . -63.03 -19.23 25.87
CL CL FA . -60.27 -11.97 46.33
ZN ZN GA . 39.28 -18.58 -35.99
C1 NAG HA . 63.73 -17.89 -25.86
C2 NAG HA . 63.96 -16.80 -24.83
C3 NAG HA . 65.41 -16.80 -24.36
C4 NAG HA . 65.81 -18.18 -23.86
C5 NAG HA . 65.51 -19.24 -24.92
C6 NAG HA . 65.76 -20.66 -24.46
C7 NAG HA . 62.72 -14.69 -24.84
C8 NAG HA . 62.46 -13.40 -25.57
N2 NAG HA . 63.60 -15.51 -25.40
O3 NAG HA . 65.53 -15.87 -23.30
O4 NAG HA . 67.19 -18.22 -23.57
O5 NAG HA . 64.12 -19.16 -25.30
O6 NAG HA . 64.77 -21.09 -23.55
O7 NAG HA . 62.15 -14.95 -23.78
C1 NAG IA . 23.61 -28.55 -10.20
C2 NAG IA . 22.59 -27.52 -9.70
C3 NAG IA . 23.23 -26.12 -9.67
C4 NAG IA . 24.52 -26.15 -8.85
C5 NAG IA . 25.45 -27.25 -9.34
C6 NAG IA . 26.64 -27.43 -8.45
C7 NAG IA . 20.18 -27.81 -10.06
C8 NAG IA . 19.06 -27.76 -11.06
N2 NAG IA . 21.39 -27.52 -10.54
O3 NAG IA . 22.32 -25.19 -9.10
O4 NAG IA . 25.24 -24.94 -8.99
O5 NAG IA . 24.77 -28.51 -9.37
O6 NAG IA . 27.47 -28.48 -8.92
O7 NAG IA . 20.00 -28.10 -8.88
C1 NAG JA . 38.19 0.83 -22.40
C2 NAG JA . 37.48 1.65 -21.30
C3 NAG JA . 37.64 3.14 -21.57
C4 NAG JA . 39.12 3.50 -21.74
C5 NAG JA . 39.75 2.62 -22.83
C6 NAG JA . 41.24 2.82 -22.96
C7 NAG JA . 35.61 0.18 -20.64
C8 NAG JA . 34.12 0.02 -20.62
N2 NAG JA . 36.07 1.30 -21.21
O3 NAG JA . 37.09 3.88 -20.49
O4 NAG JA . 39.27 4.86 -22.10
O5 NAG JA . 39.55 1.23 -22.50
O6 NAG JA . 41.78 1.96 -23.96
O7 NAG JA . 36.36 -0.67 -20.17
C1 NAG KA . 33.61 -46.08 -20.10
C2 NAG KA . 32.12 -45.76 -20.35
C3 NAG KA . 31.27 -46.25 -19.18
C4 NAG KA . 31.50 -47.74 -18.95
C5 NAG KA . 32.98 -48.01 -18.71
C6 NAG KA . 33.30 -49.49 -18.61
C7 NAG KA . 30.82 -43.87 -21.23
C8 NAG KA . 30.75 -42.38 -21.38
N2 NAG KA . 31.90 -44.34 -20.59
O3 NAG KA . 29.90 -46.01 -19.48
O4 NAG KA . 30.71 -48.24 -17.87
O5 NAG KA . 33.76 -47.50 -19.80
O6 NAG KA . 34.69 -49.75 -18.69
O7 NAG KA . 29.93 -44.60 -21.65
C1 NAG LA . 29.49 4.88 -33.32
C2 NAG LA . 29.66 5.38 -34.76
C3 NAG LA . 31.03 6.07 -34.92
C4 NAG LA . 31.20 7.15 -33.86
C5 NAG LA . 30.93 6.59 -32.46
C6 NAG LA . 30.99 7.63 -31.37
C7 NAG LA . 28.34 3.95 -36.27
C8 NAG LA . 28.39 2.82 -37.26
N2 NAG LA . 29.52 4.30 -35.73
O3 NAG LA . 31.14 6.64 -36.22
O4 NAG LA . 32.53 7.67 -33.93
O5 NAG LA . 29.62 5.99 -32.40
O6 NAG LA . 31.29 7.06 -30.10
O7 NAG LA . 27.29 4.51 -35.97
C1 NAG MA . 22.24 0.03 -58.79
C2 NAG MA . 21.86 0.37 -60.25
C3 NAG MA . 20.66 1.31 -60.29
C4 NAG MA . 19.51 0.75 -59.47
C5 NAG MA . 19.96 0.45 -58.05
C6 NAG MA . 18.89 -0.19 -57.20
C7 NAG MA . 23.96 0.23 -61.54
C8 NAG MA . 25.04 1.02 -62.22
N2 NAG MA . 22.99 0.95 -60.96
O3 NAG MA . 20.25 1.47 -61.66
O4 NAG MA . 18.43 1.69 -59.42
O5 NAG MA . 21.07 -0.46 -58.08
O6 NAG MA . 18.58 -1.51 -57.63
O7 NAG MA . 23.97 -1.00 -61.52
C1 EDO NA . 27.01 -7.36 -21.88
O1 EDO NA . 25.73 -7.27 -21.22
C2 EDO NA . 28.08 -7.21 -20.82
O2 EDO NA . 29.36 -7.26 -21.47
C1 EDO OA . 37.34 -22.27 -9.29
O1 EDO OA . 37.41 -21.09 -10.27
C2 EDO OA . 38.62 -23.18 -9.49
O2 EDO OA . 39.69 -22.19 -9.14
C1 EDO PA . 15.33 -29.27 -31.46
O1 EDO PA . 16.07 -28.55 -32.56
C2 EDO PA . 15.10 -28.18 -30.36
O2 EDO PA . 14.09 -28.85 -29.50
C1 EDO QA . 15.28 -27.92 -40.60
O1 EDO QA . 16.16 -27.77 -39.37
C2 EDO QA . 14.44 -26.60 -40.53
O2 EDO QA . 15.42 -25.69 -39.86
CL CL RA . 38.45 -36.00 -55.24
CL CL SA . 33.59 -20.76 -45.12
CL CL TA . 40.50 -22.45 -19.39
CL CL UA . 34.96 -24.15 -39.09
CL CL VA . 41.87 -19.65 -36.07
ZN ZN WA . -47.27 28.48 8.61
C1 NAG XA . -62.87 17.53 26.73
C2 NAG XA . -62.55 16.04 26.88
C3 NAG XA . -63.27 15.46 28.09
C4 NAG XA . -62.93 16.27 29.34
C5 NAG XA . -63.25 17.74 29.11
C6 NAG XA . -62.82 18.63 30.26
C7 NAG XA . -61.95 14.80 24.85
C8 NAG XA . -62.46 14.07 23.64
N2 NAG XA . -62.88 15.30 25.68
O3 NAG XA . -62.87 14.11 28.26
O4 NAG XA . -63.62 15.77 30.49
O5 NAG XA . -62.56 18.21 27.95
O6 NAG XA . -63.38 19.93 30.14
O7 NAG XA . -60.76 14.94 25.06
C1 NAG YA . -19.08 23.91 22.42
C2 NAG YA . -18.13 23.04 21.61
C3 NAG YA . -18.87 21.81 21.07
C4 NAG YA . -19.58 21.07 22.20
C5 NAG YA . -20.46 22.03 22.99
C6 NAG YA . -21.07 21.40 24.21
C7 NAG YA . -16.34 24.34 20.57
C8 NAG YA . -15.91 25.12 19.34
N2 NAG YA . -17.56 23.80 20.51
O3 NAG YA . -17.93 20.95 20.45
O4 NAG YA . -20.40 20.03 21.68
O5 NAG YA . -19.67 23.13 23.46
O6 NAG YA . -21.89 22.34 24.90
O7 NAG YA . -15.62 24.22 21.55
C1 NAG ZA . -42.18 10.94 -8.62
C2 NAG ZA . -43.24 11.26 -9.68
C3 NAG ZA . -44.43 10.32 -9.51
C4 NAG ZA . -43.97 8.87 -9.53
C5 NAG ZA . -42.88 8.64 -8.50
C6 NAG ZA . -42.28 7.25 -8.55
C7 NAG ZA . -42.98 13.64 -10.17
C8 NAG ZA . -43.58 15.02 -10.01
N2 NAG ZA . -43.67 12.64 -9.61
O3 NAG ZA . -45.36 10.58 -10.57
O4 NAG ZA . -45.08 8.01 -9.25
O5 NAG ZA . -41.79 9.56 -8.72
O6 NAG ZA . -41.29 7.13 -9.58
O7 NAG ZA . -41.93 13.46 -10.77
C1 NAG AB . -42.84 5.76 4.52
C2 NAG AB . -41.78 4.69 4.25
C3 NAG AB . -42.24 3.74 3.15
C4 NAG AB . -43.58 3.14 3.52
C5 NAG AB . -44.60 4.24 3.81
C6 NAG AB . -45.92 3.72 4.32
C7 NAG AB . -39.65 5.80 4.80
C8 NAG AB . -38.38 6.40 4.26
N2 NAG AB . -40.51 5.31 3.89
O3 NAG AB . -41.28 2.71 2.96
O4 NAG AB . -44.05 2.30 2.46
O5 NAG AB . -44.11 5.13 4.82
O6 NAG AB . -46.51 2.77 3.45
O7 NAG AB . -39.89 5.75 6.00
C1 NAG BB . -29.20 41.62 31.34
C2 NAG BB . -28.02 41.32 30.40
C3 NAG BB . -26.91 40.63 31.19
C4 NAG BB . -26.53 41.43 32.42
C5 NAG BB . -27.76 41.77 33.26
C6 NAG BB . -27.48 42.64 34.47
C7 NAG BB . -28.92 41.07 28.15
C8 NAG BB . -29.28 40.11 27.05
N2 NAG BB . -28.43 40.53 29.27
O3 NAG BB . -25.77 40.43 30.34
O4 NAG BB . -25.64 40.67 33.22
O5 NAG BB . -28.75 42.44 32.46
O6 NAG BB . -27.16 43.98 34.13
O7 NAG BB . -29.08 42.28 28.03
C1 NAG CB . -46.98 30.91 -24.77
C2 NAG CB . -47.00 31.51 -26.18
C3 NAG CB . -45.96 30.82 -27.08
C4 NAG CB . -44.58 30.87 -26.41
C5 NAG CB . -44.66 30.27 -25.01
C6 NAG CB . -43.34 30.38 -24.26
C7 NAG CB . -49.19 32.43 -26.83
C8 NAG CB . -50.51 32.15 -27.49
N2 NAG CB . -48.33 31.41 -26.78
O3 NAG CB . -45.90 31.47 -28.33
O4 NAG CB . -43.63 30.16 -27.19
O5 NAG CB . -45.64 30.96 -24.23
O6 NAG CB . -42.82 31.69 -24.28
O7 NAG CB . -48.92 33.54 -26.36
C1 EDO DB . -31.51 13.12 5.14
O1 EDO DB . -32.90 13.50 5.21
C2 EDO DB . -30.82 13.92 4.02
O2 EDO DB . -31.63 13.84 2.83
C1 EDO EB . -22.80 38.14 5.13
O1 EDO EB . -21.95 38.33 6.35
C2 EDO EB . -23.61 39.48 4.95
O2 EDO EB . -22.69 40.49 5.59
C1 EDO FB . -27.97 42.09 -0.82
O1 EDO FB . -28.64 41.85 0.52
C2 EDO FB . -27.37 43.53 -0.57
O2 EDO FB . -28.69 44.21 -0.28
C1 EDO GB . -32.99 15.46 25.96
O1 EDO GB . -32.06 14.66 25.13
C2 EDO GB . -31.85 16.08 26.86
O2 EDO GB . -32.74 16.67 27.90
CL CL HB . -53.65 53.61 7.05
CL CL IB . -38.85 21.67 21.36
CL CL JB . -53.95 41.83 9.02
CL CL KB . -49.22 29.20 10.67
CL CL LB . -28.73 41.83 -5.95
CL CL MB . 18.20 11.77 -14.40
C1 EDO NB . 7.44 15.85 7.37
O1 EDO NB . 8.32 16.40 6.37
C2 EDO NB . 5.98 15.91 6.92
O2 EDO NB . 5.79 15.40 5.58
C1 EDO OB . 10.13 -2.75 -5.02
O1 EDO OB . 9.35 -4.03 -5.15
C2 EDO OB . 10.12 -2.00 -6.45
O2 EDO OB . 11.11 -0.88 -6.33
C1 EDO PB . -9.95 2.81 3.18
O1 EDO PB . -11.00 2.33 2.19
C2 EDO PB . -9.92 4.36 3.40
O2 EDO PB . -9.94 4.82 4.84
CL CL QB . -4.48 15.82 -37.13
CL CL RB . 22.66 -12.45 7.69
C1 EDO SB . -30.95 -7.49 16.08
O1 EDO SB . -30.41 -8.44 15.16
C2 EDO SB . -29.86 -6.61 16.69
O2 EDO SB . -30.53 -5.64 17.52
C1 EDO TB . -12.89 -25.91 8.83
O1 EDO TB . -12.35 -26.57 7.60
C2 EDO TB . -13.78 -24.66 8.61
O2 EDO TB . -14.11 -24.17 9.99
C1 EDO UB . -4.09 -17.83 -2.64
O1 EDO UB . -4.27 -16.59 -3.33
C2 EDO UB . -5.05 -17.96 -1.46
O2 EDO UB . -6.41 -18.05 -1.92
C1 EDO VB . -18.27 -3.52 -25.56
O1 EDO VB . -18.05 -4.79 -26.22
C2 EDO VB . -17.02 -3.00 -24.82
O2 EDO VB . -15.97 -2.46 -25.63
C1 NAG WB . 52.42 8.01 31.43
C2 NAG WB . 52.87 8.55 32.79
C3 NAG WB . 54.24 9.23 32.67
C4 NAG WB . 55.25 8.27 32.04
C5 NAG WB . 54.71 7.76 30.70
C6 NAG WB . 55.61 6.75 30.03
C7 NAG WB . 50.81 9.13 34.00
C8 NAG WB . 49.88 10.24 34.39
N2 NAG WB . 51.89 9.50 33.28
O3 NAG WB . 54.69 9.64 33.95
O4 NAG WB . 56.49 8.94 31.84
O5 NAG WB . 53.45 7.11 30.90
O6 NAG WB . 55.16 6.41 28.73
O7 NAG WB . 50.63 7.96 34.33
C1 EDO XB . 49.84 3.26 2.49
O1 EDO XB . 49.36 2.33 1.50
C2 EDO XB . 49.60 2.68 3.88
O2 EDO XB . 50.37 1.49 4.08
C1 EDO YB . 50.22 -1.39 0.99
O1 EDO YB . 51.37 -0.84 0.34
C2 EDO YB . 50.67 -1.99 2.32
O2 EDO YB . 51.30 -0.99 3.12
C1 EDO ZB . 33.66 -8.41 15.76
O1 EDO ZB . 32.52 -7.65 16.13
C2 EDO ZB . 34.91 -7.67 16.24
O2 EDO ZB . 34.65 -7.11 17.53
CL CL AC . 37.57 -20.68 -5.54
C1 EDO BC . -37.85 16.88 34.73
O1 EDO BC . -36.86 16.02 34.14
C2 EDO BC . -38.42 16.19 35.96
O2 EDO BC . -37.34 15.78 36.80
CL CL CC . -20.70 -9.18 36.46
#